data_1Z7E
#
_entry.id   1Z7E
#
_cell.length_a   151.689
_cell.length_b   166.227
_cell.length_c   261.992
_cell.angle_alpha   90.00
_cell.angle_beta   90.00
_cell.angle_gamma   90.00
#
_symmetry.space_group_name_H-M   'P 21 21 21'
#
loop_
_entity.id
_entity.type
_entity.pdbx_description
1 polymer 'protein ArnA'
2 non-polymer "ADENOSINE-5'-TRIPHOSPHATE"
3 non-polymer "URIDINE-5'-DIPHOSPHATE-GLUCURONIC ACID"
#
_entity_poly.entity_id   1
_entity_poly.type   'polypeptide(L)'
_entity_poly.pdbx_seq_one_letter_code
;MKTVVFAYHDMGCLGIEALLAAGYEISAIFTHTDNPGEKAFYGSVARLAAERGIPVYAPDNVNHPLWVERIAQLSPDVIF
SFYYRHLIYDEILQLAPAGAFNLHGSLLPKYRGRAPLNWVLVNGETETGVTLHRMVKRADAGAIVAQLRIAIAPDDIAIT
LHHKLCHAARQLLEQTLPAIKHGNILEIAQRENEATCFGRRTPDDSFLEWHKPASVLHNMVRAVADPWPGAFSYVGNQKF
TVWSSRVHPHASKAQPGSVISVAPLLIACGDGALEIVTGQAGDGITMQGSQLAQTLGLVQGSRLNSQPACTARRRTRVLI
LGVNGFIGNHLTERLLREDHYEVYGLDIGSDAISRFLNHPHFHFVEGDISIHSEWIEYHVKKCDVVLPLVAIATPIEYTR
NPLRVFELDFEENLRIIRYCVKYRKRIIFPSTSEVYGMCSDKYFDEDHSNLIVGPVNKPRWIYSVSKQLLDRVIWAYGEK
EGLQFTLFRPFNWMGPRLDNLNAARIGSSRAITQLILNLVEGSPIKLIDGGKQKRCFTDIRDGIEALYRIIENAGNRCDG
EIINIGNPENEASIEELGEMLLASFEKHPLRHHFPPFAGFRVVESSSYYGKGYQDVEHRKPSIRNAHRCLDWEPKIDMQE
TIDETLDFFLRTVDLTDKPS
;
_entity_poly.pdbx_strand_id   A,B,C,D,E,F
#
# COMPACT_ATOMS: atom_id res chain seq x y z
N MET A 1 -66.40 15.30 38.42
CA MET A 1 -65.15 16.11 38.51
C MET A 1 -64.41 16.21 37.18
N LYS A 2 -63.25 16.85 37.21
CA LYS A 2 -62.40 17.07 36.04
C LYS A 2 -61.08 16.38 36.32
N THR A 3 -60.62 15.51 35.41
CA THR A 3 -59.37 14.80 35.67
C THR A 3 -58.41 14.60 34.50
N VAL A 4 -57.19 14.21 34.85
CA VAL A 4 -56.15 13.90 33.90
C VAL A 4 -55.78 12.47 34.27
N VAL A 5 -55.84 11.57 33.29
CA VAL A 5 -55.57 10.16 33.54
C VAL A 5 -54.25 9.64 32.94
N PHE A 6 -53.64 8.71 33.65
CA PHE A 6 -52.43 8.06 33.19
C PHE A 6 -52.74 6.58 33.11
N ALA A 7 -53.08 6.11 31.91
CA ALA A 7 -53.46 4.72 31.73
C ALA A 7 -52.74 3.98 30.63
N TYR A 8 -52.84 2.65 30.69
CA TYR A 8 -52.23 1.82 29.69
C TYR A 8 -52.80 0.41 29.76
N HIS A 9 -52.82 -0.27 28.64
CA HIS A 9 -53.32 -1.63 28.56
C HIS A 9 -54.76 -1.78 29.08
N ASP A 10 -55.15 -3.01 29.38
CA ASP A 10 -56.49 -3.33 29.85
C ASP A 10 -57.02 -2.49 31.00
N MET A 11 -56.38 -2.57 32.17
CA MET A 11 -56.84 -1.78 33.32
C MET A 11 -57.03 -0.35 32.87
N GLY A 12 -56.17 0.09 31.96
CA GLY A 12 -56.27 1.45 31.45
C GLY A 12 -57.61 1.74 30.79
N CYS A 13 -58.09 0.83 29.96
CA CYS A 13 -59.35 1.05 29.27
C CYS A 13 -60.56 0.96 30.21
N LEU A 14 -60.63 -0.07 31.03
CA LEU A 14 -61.75 -0.20 31.96
C LEU A 14 -61.75 0.99 32.90
N GLY A 15 -60.55 1.44 33.25
CA GLY A 15 -60.41 2.60 34.12
C GLY A 15 -60.98 3.85 33.49
N ILE A 16 -60.60 4.11 32.24
CA ILE A 16 -61.08 5.29 31.52
C ILE A 16 -62.59 5.21 31.33
N GLU A 17 -63.09 4.00 31.14
CA GLU A 17 -64.52 3.83 30.93
C GLU A 17 -65.30 4.04 32.20
N ALA A 18 -64.82 3.44 33.28
CA ALA A 18 -65.48 3.57 34.57
C ALA A 18 -65.55 5.04 34.89
N LEU A 19 -64.43 5.71 34.65
CA LEU A 19 -64.29 7.13 34.91
C LEU A 19 -65.31 7.92 34.08
N LEU A 20 -65.50 7.51 32.83
CA LEU A 20 -66.45 8.19 31.97
C LEU A 20 -67.88 7.97 32.44
N ALA A 21 -68.26 6.71 32.62
CA ALA A 21 -69.61 6.38 33.08
C ALA A 21 -69.94 7.01 34.43
N ALA A 22 -68.92 7.28 35.23
CA ALA A 22 -69.12 7.88 36.55
C ALA A 22 -69.33 9.38 36.46
N GLY A 23 -69.39 9.90 35.23
CA GLY A 23 -69.62 11.31 35.02
C GLY A 23 -68.40 12.21 35.08
N TYR A 24 -67.21 11.67 35.11
CA TYR A 24 -66.02 12.50 35.16
C TYR A 24 -65.75 13.12 33.81
N GLU A 25 -65.05 14.25 33.79
CA GLU A 25 -64.68 14.91 32.54
C GLU A 25 -63.18 14.68 32.40
N ILE A 26 -62.78 13.92 31.39
CA ILE A 26 -61.36 13.64 31.21
C ILE A 26 -60.71 14.69 30.31
N SER A 27 -59.88 15.53 30.91
CA SER A 27 -59.20 16.59 30.16
C SER A 27 -58.11 16.07 29.23
N ALA A 28 -57.41 15.03 29.64
CA ALA A 28 -56.35 14.47 28.81
C ALA A 28 -55.93 13.13 29.35
N ILE A 29 -55.39 12.27 28.48
CA ILE A 29 -54.94 10.96 28.89
C ILE A 29 -53.48 10.79 28.46
N PHE A 30 -52.65 10.30 29.37
CA PHE A 30 -51.25 10.06 29.06
C PHE A 30 -51.02 8.57 29.02
N THR A 31 -50.47 8.07 27.92
CA THR A 31 -50.25 6.64 27.79
C THR A 31 -48.90 6.40 27.12
N HIS A 32 -48.71 5.18 26.63
CA HIS A 32 -47.47 4.80 25.98
C HIS A 32 -47.69 4.24 24.58
N THR A 33 -46.59 4.11 23.85
CA THR A 33 -46.63 3.57 22.52
C THR A 33 -46.45 2.06 22.72
N ASP A 34 -46.41 1.29 21.64
CA ASP A 34 -46.28 -0.15 21.81
C ASP A 34 -45.06 -0.75 21.10
N GLY A 43 -56.21 -4.23 25.12
CA GLY A 43 -56.94 -3.12 24.49
C GLY A 43 -56.18 -1.81 24.52
N SER A 44 -56.00 -1.18 23.35
CA SER A 44 -55.28 0.09 23.27
C SER A 44 -55.94 1.27 23.96
N VAL A 45 -55.22 1.88 24.90
CA VAL A 45 -55.76 3.05 25.61
C VAL A 45 -55.92 4.19 24.61
N ALA A 46 -54.94 4.34 23.73
CA ALA A 46 -54.97 5.40 22.73
C ALA A 46 -56.22 5.30 21.86
N ARG A 47 -56.45 4.13 21.27
CA ARG A 47 -57.62 3.95 20.41
C ARG A 47 -58.87 4.42 21.14
N LEU A 48 -59.03 3.98 22.38
CA LEU A 48 -60.19 4.36 23.18
C LEU A 48 -60.26 5.87 23.28
N ALA A 49 -59.18 6.48 23.73
CA ALA A 49 -59.14 7.93 23.86
C ALA A 49 -59.54 8.56 22.54
N ALA A 50 -58.96 8.07 21.46
CA ALA A 50 -59.22 8.59 20.14
C ALA A 50 -60.70 8.46 19.82
N GLU A 51 -61.24 7.29 20.11
CA GLU A 51 -62.65 7.04 19.84
C GLU A 51 -63.56 7.93 20.65
N ARG A 52 -63.13 8.29 21.86
CA ARG A 52 -63.96 9.12 22.70
C ARG A 52 -63.73 10.60 22.49
N GLY A 53 -62.71 10.93 21.70
CA GLY A 53 -62.41 12.33 21.45
C GLY A 53 -61.74 12.99 22.63
N ILE A 54 -60.88 12.24 23.32
CA ILE A 54 -60.15 12.77 24.46
C ILE A 54 -58.70 12.94 24.10
N PRO A 55 -58.20 14.18 24.15
CA PRO A 55 -56.79 14.37 23.81
C PRO A 55 -55.89 13.38 24.54
N VAL A 56 -55.13 12.61 23.76
CA VAL A 56 -54.22 11.62 24.32
C VAL A 56 -52.76 11.95 23.95
N TYR A 57 -51.84 11.72 24.89
CA TYR A 57 -50.42 12.00 24.67
C TYR A 57 -49.56 10.84 25.14
N ALA A 58 -48.36 10.70 24.58
CA ALA A 58 -47.48 9.62 24.97
C ALA A 58 -46.00 10.01 25.08
N PRO A 59 -45.70 11.10 25.81
CA PRO A 59 -44.29 11.51 25.95
C PRO A 59 -43.51 10.48 26.73
N ASP A 60 -42.19 10.47 26.60
CA ASP A 60 -41.36 9.52 27.34
C ASP A 60 -41.29 9.88 28.81
N ASN A 61 -41.29 11.17 29.09
CA ASN A 61 -41.22 11.64 30.46
C ASN A 61 -42.17 12.81 30.74
N VAL A 62 -43.36 12.49 31.25
CA VAL A 62 -44.36 13.52 31.57
C VAL A 62 -43.91 14.42 32.69
N ASN A 63 -42.86 14.02 33.39
CA ASN A 63 -42.35 14.80 34.51
C ASN A 63 -41.61 16.03 34.03
N HIS A 64 -41.35 16.10 32.73
CA HIS A 64 -40.66 17.23 32.14
C HIS A 64 -41.47 18.52 32.39
N PRO A 65 -40.78 19.64 32.66
CA PRO A 65 -41.40 20.93 32.92
C PRO A 65 -42.54 21.32 31.96
N LEU A 66 -42.30 21.20 30.67
CA LEU A 66 -43.33 21.56 29.69
C LEU A 66 -44.65 20.88 30.02
N TRP A 67 -44.59 19.56 30.14
CA TRP A 67 -45.77 18.76 30.44
C TRP A 67 -46.40 19.13 31.77
N VAL A 68 -45.58 19.21 32.81
CA VAL A 68 -46.08 19.59 34.12
C VAL A 68 -46.84 20.90 33.98
N GLU A 69 -46.26 21.81 33.20
CA GLU A 69 -46.87 23.10 32.96
C GLU A 69 -48.19 22.91 32.23
N ARG A 70 -48.18 22.07 31.20
CA ARG A 70 -49.38 21.80 30.42
C ARG A 70 -50.46 21.09 31.23
N ILE A 71 -50.06 20.11 32.03
CA ILE A 71 -51.02 19.37 32.84
C ILE A 71 -51.66 20.33 33.84
N ALA A 72 -50.86 21.25 34.33
CA ALA A 72 -51.32 22.25 35.29
C ALA A 72 -52.36 23.13 34.59
N GLN A 73 -52.13 23.38 33.31
CA GLN A 73 -53.02 24.18 32.50
C GLN A 73 -54.43 23.61 32.55
N LEU A 74 -54.52 22.31 32.27
CA LEU A 74 -55.80 21.61 32.26
C LEU A 74 -56.53 21.81 33.59
N SER A 75 -55.77 22.11 34.64
CA SER A 75 -56.35 22.36 35.95
C SER A 75 -57.31 21.22 36.33
N PRO A 76 -56.74 20.05 36.65
CA PRO A 76 -57.56 18.88 37.03
C PRO A 76 -57.90 18.87 38.52
N ASP A 77 -59.06 18.32 38.86
CA ASP A 77 -59.50 18.21 40.25
C ASP A 77 -58.79 17.03 40.90
N VAL A 78 -58.75 15.92 40.19
CA VAL A 78 -58.09 14.73 40.69
C VAL A 78 -57.35 14.02 39.58
N ILE A 79 -56.33 13.25 39.96
CA ILE A 79 -55.55 12.51 39.00
C ILE A 79 -55.70 11.03 39.25
N PHE A 80 -55.76 10.25 38.16
CA PHE A 80 -55.91 8.80 38.26
C PHE A 80 -54.80 8.12 37.49
N SER A 81 -54.31 7.00 38.03
CA SER A 81 -53.26 6.22 37.38
C SER A 81 -53.71 4.76 37.25
N PHE A 82 -54.04 4.35 36.03
CA PHE A 82 -54.49 2.99 35.81
C PHE A 82 -53.44 2.24 35.00
N TYR A 83 -52.51 1.59 35.68
CA TYR A 83 -51.47 0.83 35.01
C TYR A 83 -50.55 1.60 34.07
N TYR A 84 -50.24 2.84 34.42
CA TYR A 84 -49.32 3.68 33.65
C TYR A 84 -47.95 3.10 33.98
N ARG A 85 -47.12 2.89 32.98
CA ARG A 85 -45.79 2.28 33.22
C ARG A 85 -44.66 3.20 33.70
N HIS A 86 -44.47 4.36 33.08
CA HIS A 86 -43.42 5.28 33.52
C HIS A 86 -43.84 5.79 34.90
N LEU A 87 -42.93 6.41 35.64
CA LEU A 87 -43.29 6.86 36.98
C LEU A 87 -43.63 8.33 37.09
N ILE A 88 -44.83 8.61 37.59
CA ILE A 88 -45.32 9.97 37.79
C ILE A 88 -44.82 10.44 39.14
N TYR A 89 -44.18 11.60 39.20
CA TYR A 89 -43.71 12.04 40.50
C TYR A 89 -44.20 13.37 41.05
N ASP A 90 -44.22 13.41 42.38
CA ASP A 90 -44.69 14.52 43.19
C ASP A 90 -44.99 15.81 42.46
N GLU A 91 -43.96 16.40 41.86
CA GLU A 91 -44.09 17.65 41.13
C GLU A 91 -45.50 17.81 40.53
N ILE A 92 -45.91 16.84 39.74
CA ILE A 92 -47.20 16.87 39.08
C ILE A 92 -48.35 16.34 39.95
N LEU A 93 -48.09 15.29 40.74
CA LEU A 93 -49.11 14.69 41.60
C LEU A 93 -49.94 15.68 42.41
N GLN A 94 -49.25 16.64 43.02
CA GLN A 94 -49.91 17.63 43.84
C GLN A 94 -50.64 18.74 43.10
N LEU A 95 -50.81 18.60 41.80
CA LEU A 95 -51.51 19.64 41.03
C LEU A 95 -53.01 19.40 41.12
N ALA A 96 -53.40 18.26 41.67
CA ALA A 96 -54.81 17.93 41.80
C ALA A 96 -55.22 18.08 43.25
N PRO A 97 -56.10 19.06 43.53
CA PRO A 97 -56.57 19.29 44.89
C PRO A 97 -57.21 18.05 45.52
N ALA A 98 -58.03 17.35 44.75
CA ALA A 98 -58.71 16.15 45.24
C ALA A 98 -57.74 14.98 45.45
N GLY A 99 -56.50 15.14 44.99
CA GLY A 99 -55.52 14.09 45.16
C GLY A 99 -55.27 13.24 43.92
N ALA A 100 -54.36 12.27 44.05
CA ALA A 100 -54.01 11.38 42.96
C ALA A 100 -54.07 9.94 43.45
N PHE A 101 -54.93 9.16 42.82
CA PHE A 101 -55.12 7.77 43.20
C PHE A 101 -54.59 6.83 42.13
N ASN A 102 -54.08 5.68 42.56
CA ASN A 102 -53.56 4.68 41.64
C ASN A 102 -54.27 3.36 41.89
N LEU A 103 -54.45 2.56 40.83
CA LEU A 103 -55.12 1.27 40.98
C LEU A 103 -54.06 0.18 40.89
N HIS A 104 -53.73 -0.43 42.02
CA HIS A 104 -52.73 -1.49 42.09
C HIS A 104 -53.36 -2.89 42.05
N GLY A 105 -52.68 -3.82 41.40
CA GLY A 105 -53.22 -5.16 41.27
C GLY A 105 -52.93 -6.16 42.38
N SER A 106 -53.04 -5.73 43.63
CA SER A 106 -52.82 -6.64 44.75
C SER A 106 -53.54 -6.12 45.99
N LEU A 107 -53.66 -7.00 46.99
CA LEU A 107 -54.30 -6.66 48.26
C LEU A 107 -53.26 -5.96 49.14
N LEU A 108 -53.01 -4.69 48.86
CA LEU A 108 -52.02 -3.93 49.61
C LEU A 108 -52.35 -4.00 51.09
N PRO A 109 -51.36 -3.81 51.96
CA PRO A 109 -49.96 -3.54 51.64
C PRO A 109 -49.15 -4.75 51.17
N LYS A 110 -49.83 -5.83 50.83
CA LYS A 110 -49.14 -7.03 50.38
C LYS A 110 -48.85 -6.97 48.88
N TYR A 111 -47.68 -7.45 48.47
CA TYR A 111 -47.29 -7.44 47.06
C TYR A 111 -47.32 -6.04 46.47
N ARG A 112 -46.82 -5.07 47.23
CA ARG A 112 -46.82 -3.70 46.77
C ARG A 112 -45.76 -3.40 45.71
N GLY A 113 -44.93 -4.39 45.39
CA GLY A 113 -43.92 -4.15 44.37
C GLY A 113 -44.54 -4.02 42.99
N ARG A 114 -44.04 -4.81 42.04
CA ARG A 114 -44.56 -4.82 40.68
C ARG A 114 -44.68 -6.27 40.19
N ALA A 115 -45.56 -6.48 39.23
CA ALA A 115 -45.79 -7.81 38.70
C ALA A 115 -46.47 -8.66 39.78
N PRO A 116 -47.48 -8.09 40.46
CA PRO A 116 -48.17 -8.83 41.49
C PRO A 116 -48.96 -10.01 40.92
N LEU A 117 -49.53 -9.82 39.73
CA LEU A 117 -50.30 -10.87 39.08
C LEU A 117 -49.51 -12.15 38.96
N ASN A 118 -48.20 -12.02 38.79
CA ASN A 118 -47.33 -13.17 38.63
C ASN A 118 -46.80 -13.69 39.96
N TRP A 119 -46.31 -12.77 40.77
CA TRP A 119 -45.77 -13.10 42.07
C TRP A 119 -46.75 -13.91 42.92
N VAL A 120 -47.99 -13.45 43.03
CA VAL A 120 -48.97 -14.19 43.82
C VAL A 120 -49.09 -15.63 43.31
N LEU A 121 -48.93 -15.85 42.01
CA LEU A 121 -49.00 -17.20 41.48
C LEU A 121 -47.74 -17.95 41.85
N VAL A 122 -46.60 -17.28 41.71
CA VAL A 122 -45.33 -17.90 42.04
C VAL A 122 -45.38 -18.47 43.46
N ASN A 123 -45.69 -17.62 44.44
CA ASN A 123 -45.77 -18.04 45.84
C ASN A 123 -47.05 -18.80 46.16
N GLY A 124 -47.80 -19.18 45.13
CA GLY A 124 -49.04 -19.92 45.31
C GLY A 124 -50.03 -19.38 46.35
N GLU A 125 -50.41 -18.11 46.24
CA GLU A 125 -51.36 -17.52 47.18
C GLU A 125 -52.71 -18.11 46.86
N THR A 126 -53.60 -18.08 47.85
CA THR A 126 -54.95 -18.61 47.68
C THR A 126 -55.93 -17.49 47.30
N GLU A 127 -55.47 -16.26 47.44
CA GLU A 127 -56.28 -15.09 47.11
C GLU A 127 -55.41 -13.86 46.81
N THR A 128 -56.01 -12.88 46.13
CA THR A 128 -55.36 -11.63 45.78
C THR A 128 -56.47 -10.60 45.56
N GLY A 129 -56.16 -9.49 44.91
CA GLY A 129 -57.19 -8.49 44.67
C GLY A 129 -56.71 -7.18 44.10
N VAL A 130 -57.61 -6.21 43.99
CA VAL A 130 -57.26 -4.91 43.46
C VAL A 130 -57.45 -3.84 44.53
N THR A 131 -56.56 -2.86 44.56
CA THR A 131 -56.62 -1.78 45.56
C THR A 131 -56.49 -0.40 44.94
N LEU A 132 -57.40 0.50 45.27
CA LEU A 132 -57.30 1.86 44.76
C LEU A 132 -56.82 2.67 45.95
N HIS A 133 -55.55 3.06 45.92
CA HIS A 133 -54.96 3.84 47.01
C HIS A 133 -54.49 5.20 46.52
N ARG A 134 -54.23 6.10 47.47
CA ARG A 134 -53.75 7.44 47.16
C ARG A 134 -52.26 7.34 46.85
N MET A 135 -51.78 8.21 45.96
CA MET A 135 -50.37 8.20 45.57
C MET A 135 -49.54 9.11 46.46
N VAL A 136 -48.50 8.54 47.06
CA VAL A 136 -47.62 9.28 47.95
C VAL A 136 -46.19 9.09 47.53
N LYS A 137 -45.28 9.83 48.17
CA LYS A 137 -43.86 9.74 47.86
C LYS A 137 -43.40 8.29 47.74
N ARG A 138 -43.89 7.42 48.61
CA ARG A 138 -43.51 6.02 48.56
C ARG A 138 -44.40 5.21 47.63
N ALA A 139 -43.76 4.33 46.85
CA ALA A 139 -44.46 3.49 45.89
C ALA A 139 -45.47 2.55 46.51
N ASP A 140 -46.71 2.64 46.04
CA ASP A 140 -47.79 1.80 46.50
C ASP A 140 -47.99 1.83 48.02
N ALA A 141 -47.62 2.95 48.66
CA ALA A 141 -47.77 3.07 50.10
C ALA A 141 -48.99 3.86 50.53
N GLY A 142 -49.38 4.85 49.73
CA GLY A 142 -50.54 5.67 50.05
C GLY A 142 -51.73 5.03 50.73
N ALA A 143 -52.49 5.84 51.46
CA ALA A 143 -53.68 5.37 52.17
C ALA A 143 -54.63 4.68 51.20
N ILE A 144 -55.17 3.54 51.62
CA ILE A 144 -56.11 2.79 50.81
C ILE A 144 -57.49 3.42 50.80
N VAL A 145 -58.06 3.58 49.60
CA VAL A 145 -59.38 4.16 49.44
C VAL A 145 -60.43 3.08 49.24
N ALA A 146 -60.01 1.95 48.68
CA ALA A 146 -60.90 0.81 48.43
C ALA A 146 -60.08 -0.40 48.02
N GLN A 147 -60.56 -1.58 48.38
CA GLN A 147 -59.88 -2.82 48.06
C GLN A 147 -60.94 -3.86 47.73
N LEU A 148 -60.53 -5.01 47.19
CA LEU A 148 -61.48 -6.04 46.84
C LEU A 148 -60.78 -7.39 46.63
N ARG A 149 -61.18 -8.39 47.41
CA ARG A 149 -60.57 -9.72 47.35
C ARG A 149 -60.98 -10.56 46.15
N ILE A 150 -60.08 -11.46 45.76
CA ILE A 150 -60.29 -12.36 44.63
C ILE A 150 -59.73 -13.71 45.00
N ALA A 151 -60.49 -14.76 44.73
CA ALA A 151 -60.01 -16.09 45.05
C ALA A 151 -59.23 -16.60 43.85
N ILE A 152 -58.04 -17.14 44.11
CA ILE A 152 -57.22 -17.70 43.04
C ILE A 152 -57.51 -19.19 42.98
N ALA A 153 -58.10 -19.66 41.88
CA ALA A 153 -58.42 -21.08 41.71
C ALA A 153 -57.13 -21.87 41.51
N PRO A 154 -57.11 -23.14 41.95
CA PRO A 154 -55.94 -24.04 41.83
C PRO A 154 -55.48 -24.23 40.38
N ASP A 155 -56.42 -24.03 39.48
CA ASP A 155 -56.18 -24.18 38.05
C ASP A 155 -56.16 -22.84 37.33
N ASP A 156 -55.84 -21.78 38.06
CA ASP A 156 -55.77 -20.47 37.47
C ASP A 156 -54.32 -20.22 37.01
N ILE A 157 -54.18 -19.47 35.91
CA ILE A 157 -52.87 -19.12 35.39
C ILE A 157 -52.87 -17.63 35.12
N ALA A 158 -51.68 -17.03 35.04
CA ALA A 158 -51.55 -15.59 34.82
C ALA A 158 -52.68 -14.91 34.04
N ILE A 159 -52.93 -15.40 32.83
CA ILE A 159 -53.97 -14.81 31.99
C ILE A 159 -55.39 -14.89 32.53
N THR A 160 -55.78 -16.04 33.08
CA THR A 160 -57.12 -16.23 33.64
C THR A 160 -57.32 -15.41 34.92
N LEU A 161 -56.24 -15.21 35.68
CA LEU A 161 -56.29 -14.41 36.90
C LEU A 161 -56.30 -12.94 36.48
N HIS A 162 -55.65 -12.64 35.37
CA HIS A 162 -55.61 -11.28 34.86
C HIS A 162 -57.03 -10.78 34.60
N HIS A 163 -57.86 -11.64 34.00
CA HIS A 163 -59.24 -11.24 33.73
C HIS A 163 -59.99 -11.16 35.05
N LYS A 164 -59.70 -12.09 35.95
CA LYS A 164 -60.33 -12.11 37.25
C LYS A 164 -60.14 -10.70 37.85
N LEU A 165 -58.88 -10.25 37.87
CA LEU A 165 -58.51 -8.95 38.41
C LEU A 165 -59.11 -7.78 37.64
N CYS A 166 -59.17 -7.92 36.33
CA CYS A 166 -59.75 -6.87 35.51
C CYS A 166 -61.20 -6.70 35.89
N HIS A 167 -61.91 -7.82 35.97
CA HIS A 167 -63.31 -7.80 36.31
C HIS A 167 -63.49 -7.19 37.69
N ALA A 168 -62.63 -7.57 38.61
CA ALA A 168 -62.71 -7.03 39.96
C ALA A 168 -62.54 -5.52 39.91
N ALA A 169 -61.51 -5.07 39.21
CA ALA A 169 -61.24 -3.65 39.09
C ALA A 169 -62.42 -2.92 38.48
N ARG A 170 -63.05 -3.50 37.48
CA ARG A 170 -64.19 -2.87 36.85
C ARG A 170 -65.30 -2.64 37.86
N GLN A 171 -65.42 -3.57 38.80
CA GLN A 171 -66.44 -3.48 39.83
C GLN A 171 -66.07 -2.52 40.96
N LEU A 172 -64.82 -2.56 41.39
CA LEU A 172 -64.33 -1.70 42.46
C LEU A 172 -64.47 -0.23 42.08
N LEU A 173 -64.02 0.12 40.88
CA LEU A 173 -64.11 1.49 40.40
C LEU A 173 -65.56 1.89 40.23
N GLU A 174 -66.33 1.04 39.57
CA GLU A 174 -67.74 1.30 39.36
C GLU A 174 -68.44 1.90 40.56
N GLN A 175 -68.18 1.34 41.74
CA GLN A 175 -68.83 1.82 42.94
C GLN A 175 -68.02 2.81 43.78
N THR A 176 -66.70 2.67 43.85
CA THR A 176 -65.92 3.64 44.66
C THR A 176 -65.51 4.88 43.90
N LEU A 177 -65.78 4.92 42.60
CA LEU A 177 -65.42 6.08 41.82
C LEU A 177 -66.44 7.18 42.04
N PRO A 178 -67.73 6.84 42.11
CA PRO A 178 -68.73 7.89 42.34
C PRO A 178 -68.52 8.48 43.72
N ALA A 179 -68.04 7.65 44.64
CA ALA A 179 -67.78 8.07 46.01
C ALA A 179 -66.75 9.18 46.06
N ILE A 180 -65.65 8.99 45.31
CA ILE A 180 -64.59 9.98 45.27
C ILE A 180 -65.13 11.27 44.66
N LYS A 181 -66.01 11.14 43.67
CA LYS A 181 -66.57 12.30 43.00
C LYS A 181 -67.21 13.26 43.97
N HIS A 182 -67.54 12.79 45.16
CA HIS A 182 -68.15 13.68 46.13
C HIS A 182 -67.20 13.92 47.29
N GLY A 183 -67.05 12.93 48.16
CA GLY A 183 -66.12 13.12 49.27
C GLY A 183 -66.25 12.03 50.29
N ASN A 184 -66.99 10.98 49.96
CA ASN A 184 -67.20 9.88 50.88
C ASN A 184 -66.12 8.81 50.78
N ILE A 185 -64.95 9.09 51.31
CA ILE A 185 -63.86 8.12 51.26
C ILE A 185 -63.05 8.17 52.55
N LEU A 186 -62.56 7.02 52.98
CA LEU A 186 -61.76 6.95 54.20
C LEU A 186 -60.35 6.51 53.86
N GLU A 187 -59.38 7.36 54.19
CA GLU A 187 -57.99 7.04 53.92
C GLU A 187 -57.44 6.03 54.92
N ILE A 188 -57.93 4.80 54.89
CA ILE A 188 -57.43 3.79 55.81
C ILE A 188 -55.93 3.59 55.50
N ALA A 189 -55.06 4.18 56.33
CA ALA A 189 -53.61 4.06 56.13
C ALA A 189 -53.14 2.62 56.05
N GLN A 190 -51.96 2.41 55.49
CA GLN A 190 -51.44 1.05 55.35
C GLN A 190 -50.60 0.58 56.52
N ARG A 191 -50.81 -0.67 56.94
CA ARG A 191 -50.07 -1.27 58.03
C ARG A 191 -48.63 -1.54 57.58
N GLU A 192 -47.84 -0.47 57.55
CA GLU A 192 -46.45 -0.53 57.11
C GLU A 192 -45.64 -1.74 57.51
N ASN A 193 -45.92 -2.29 58.69
CA ASN A 193 -45.18 -3.45 59.16
C ASN A 193 -45.79 -4.75 58.65
N GLU A 194 -46.49 -4.69 57.53
CA GLU A 194 -47.11 -5.87 56.93
C GLU A 194 -46.93 -5.86 55.43
N ALA A 195 -46.50 -4.72 54.92
CA ALA A 195 -46.30 -4.55 53.50
C ALA A 195 -45.23 -5.49 52.97
N THR A 196 -45.42 -5.99 51.76
CA THR A 196 -44.45 -6.87 51.12
C THR A 196 -44.18 -6.22 49.78
N CYS A 197 -42.95 -6.29 49.32
CA CYS A 197 -42.62 -5.66 48.05
C CYS A 197 -41.86 -6.63 47.15
N PHE A 198 -42.14 -6.57 45.85
CA PHE A 198 -41.46 -7.43 44.88
C PHE A 198 -41.01 -6.59 43.69
N GLY A 199 -39.95 -7.02 43.02
CA GLY A 199 -39.44 -6.27 41.89
C GLY A 199 -39.68 -6.89 40.53
N ARG A 200 -39.30 -6.16 39.49
CA ARG A 200 -39.46 -6.61 38.11
C ARG A 200 -38.92 -8.03 37.94
N ARG A 201 -39.69 -8.90 37.30
CA ARG A 201 -39.23 -10.26 37.08
C ARG A 201 -38.65 -10.30 35.67
N THR A 202 -37.49 -10.92 35.51
CA THR A 202 -36.89 -11.02 34.18
C THR A 202 -37.20 -12.44 33.70
N PRO A 203 -37.17 -12.68 32.37
CA PRO A 203 -37.47 -14.04 31.92
C PRO A 203 -36.56 -15.10 32.56
N ASP A 204 -35.44 -14.67 33.13
CA ASP A 204 -34.51 -15.60 33.78
C ASP A 204 -35.06 -16.07 35.14
N ASP A 205 -36.08 -15.37 35.63
CA ASP A 205 -36.71 -15.69 36.92
C ASP A 205 -37.72 -16.83 36.80
N SER A 206 -37.92 -17.32 35.58
CA SER A 206 -38.87 -18.39 35.37
C SER A 206 -38.13 -19.69 35.10
N PHE A 207 -36.91 -19.78 35.59
CA PHE A 207 -36.09 -20.98 35.42
C PHE A 207 -36.53 -22.05 36.41
N LEU A 208 -36.70 -23.28 35.94
CA LEU A 208 -37.14 -24.36 36.81
C LEU A 208 -35.99 -25.13 37.46
N GLU A 209 -36.02 -25.19 38.79
CA GLU A 209 -35.00 -25.89 39.58
C GLU A 209 -35.65 -27.11 40.21
N TRP A 210 -35.60 -28.22 39.47
CA TRP A 210 -36.19 -29.50 39.85
C TRP A 210 -35.97 -30.03 41.28
N HIS A 211 -35.07 -29.38 42.01
CA HIS A 211 -34.81 -29.83 43.38
C HIS A 211 -35.92 -29.35 44.30
N LYS A 212 -36.59 -28.27 43.89
CA LYS A 212 -37.70 -27.73 44.68
C LYS A 212 -38.91 -28.68 44.56
N PRO A 213 -39.96 -28.44 45.37
CA PRO A 213 -41.15 -29.29 45.34
C PRO A 213 -41.91 -29.14 44.02
N ALA A 214 -42.62 -30.20 43.64
CA ALA A 214 -43.39 -30.18 42.41
C ALA A 214 -44.42 -29.06 42.50
N SER A 215 -44.87 -28.77 43.73
CA SER A 215 -45.86 -27.72 43.96
C SER A 215 -45.28 -26.40 43.55
N VAL A 216 -44.13 -26.08 44.13
CA VAL A 216 -43.44 -24.84 43.83
C VAL A 216 -43.31 -24.66 42.32
N LEU A 217 -42.67 -25.63 41.67
CA LEU A 217 -42.43 -25.62 40.23
C LEU A 217 -43.71 -25.47 39.42
N HIS A 218 -44.75 -26.19 39.83
CA HIS A 218 -46.03 -26.13 39.17
C HIS A 218 -46.60 -24.71 39.19
N ASN A 219 -46.38 -23.99 40.29
CA ASN A 219 -46.87 -22.62 40.40
C ASN A 219 -46.07 -21.71 39.48
N MET A 220 -44.84 -22.10 39.22
CA MET A 220 -43.98 -21.32 38.35
C MET A 220 -44.55 -21.32 36.93
N VAL A 221 -44.83 -22.52 36.40
CA VAL A 221 -45.35 -22.61 35.05
C VAL A 221 -46.69 -21.89 34.92
N ARG A 222 -47.44 -21.82 36.03
CA ARG A 222 -48.75 -21.14 36.04
C ARG A 222 -48.54 -19.64 36.06
N ALA A 223 -47.62 -19.22 36.93
CA ALA A 223 -47.29 -17.81 37.11
C ALA A 223 -46.95 -17.09 35.81
N VAL A 224 -46.21 -17.78 34.94
CA VAL A 224 -45.78 -17.21 33.67
C VAL A 224 -46.27 -17.96 32.42
N ALA A 225 -47.39 -18.64 32.52
CA ALA A 225 -47.91 -19.38 31.36
C ALA A 225 -48.29 -18.38 30.25
N ASP A 226 -48.47 -18.91 29.04
CA ASP A 226 -48.86 -18.09 27.89
C ASP A 226 -50.03 -17.20 28.30
N PRO A 227 -50.08 -15.95 27.81
CA PRO A 227 -49.18 -15.26 26.89
C PRO A 227 -47.83 -14.86 27.47
N TRP A 228 -47.59 -15.16 28.74
CA TRP A 228 -46.29 -14.81 29.33
C TRP A 228 -45.18 -15.73 28.81
N PRO A 229 -43.92 -15.31 28.96
CA PRO A 229 -42.73 -16.06 28.51
C PRO A 229 -42.67 -17.54 28.88
N GLY A 230 -43.15 -17.89 30.06
CA GLY A 230 -43.17 -19.28 30.49
C GLY A 230 -41.96 -19.81 31.24
N ALA A 231 -42.17 -20.89 31.97
CA ALA A 231 -41.12 -21.55 32.75
C ALA A 231 -40.26 -22.42 31.84
N PHE A 232 -38.94 -22.39 32.04
CA PHE A 232 -38.06 -23.17 31.18
C PHE A 232 -37.02 -23.95 31.97
N SER A 233 -36.40 -24.90 31.27
CA SER A 233 -35.35 -25.73 31.84
C SER A 233 -34.44 -26.07 30.67
N TYR A 234 -33.57 -27.06 30.86
CA TYR A 234 -32.63 -27.47 29.83
C TYR A 234 -32.44 -28.98 29.73
N VAL A 235 -32.25 -29.44 28.50
CA VAL A 235 -31.96 -30.85 28.24
C VAL A 235 -30.59 -30.70 27.60
N GLY A 236 -29.56 -30.90 28.43
CA GLY A 236 -28.21 -30.74 27.94
C GLY A 236 -28.06 -29.28 27.52
N ASN A 237 -27.66 -29.08 26.27
CA ASN A 237 -27.47 -27.73 25.74
C ASN A 237 -28.82 -27.12 25.34
N GLN A 238 -29.83 -27.97 25.16
CA GLN A 238 -31.16 -27.54 24.71
C GLN A 238 -32.14 -26.96 25.74
N LYS A 239 -32.67 -25.77 25.43
CA LYS A 239 -33.63 -25.10 26.30
C LYS A 239 -35.06 -25.35 25.83
N PHE A 240 -35.92 -25.75 26.75
CA PHE A 240 -37.32 -25.98 26.39
C PHE A 240 -38.21 -25.27 27.42
N THR A 241 -39.46 -25.00 27.03
CA THR A 241 -40.42 -24.31 27.90
C THR A 241 -41.64 -25.15 28.30
N VAL A 242 -41.96 -25.15 29.59
CA VAL A 242 -43.12 -25.89 30.08
C VAL A 242 -44.32 -24.97 30.16
N TRP A 243 -45.33 -25.25 29.35
CA TRP A 243 -46.55 -24.45 29.32
C TRP A 243 -47.66 -25.00 30.24
N SER A 244 -47.81 -26.33 30.24
CA SER A 244 -48.81 -27.02 31.06
C SER A 244 -48.14 -27.97 32.03
N SER A 245 -48.39 -27.79 33.32
CA SER A 245 -47.80 -28.68 34.33
C SER A 245 -48.90 -29.47 35.04
N ARG A 246 -48.49 -30.31 35.98
CA ARG A 246 -49.44 -31.15 36.70
C ARG A 246 -48.70 -31.88 37.81
N VAL A 247 -48.93 -31.51 39.06
CA VAL A 247 -48.24 -32.15 40.19
C VAL A 247 -48.69 -33.58 40.46
N HIS A 248 -47.71 -34.46 40.68
CA HIS A 248 -47.95 -35.87 40.96
C HIS A 248 -47.40 -36.24 42.33
N PRO A 249 -48.30 -36.45 43.32
CA PRO A 249 -47.78 -36.79 44.65
C PRO A 249 -47.05 -38.13 44.50
N HIS A 250 -47.29 -38.77 43.35
CA HIS A 250 -46.67 -40.03 43.00
C HIS A 250 -45.15 -39.95 43.19
N ALA A 251 -44.67 -40.45 44.32
CA ALA A 251 -43.24 -40.44 44.64
C ALA A 251 -42.41 -41.12 43.55
N SER A 252 -41.10 -41.13 43.76
CA SER A 252 -40.17 -41.74 42.81
C SER A 252 -38.77 -41.63 43.39
N LYS A 253 -38.20 -42.77 43.79
CA LYS A 253 -36.87 -42.79 44.37
C LYS A 253 -35.84 -42.14 43.43
N ALA A 254 -36.30 -41.72 42.25
CA ALA A 254 -35.44 -41.07 41.27
C ALA A 254 -34.99 -39.71 41.81
N GLN A 255 -33.72 -39.38 41.55
CA GLN A 255 -33.18 -38.12 42.00
C GLN A 255 -33.81 -36.96 41.24
N PRO A 256 -34.00 -35.81 41.90
CA PRO A 256 -34.59 -34.62 41.27
C PRO A 256 -33.94 -34.26 39.93
N GLY A 257 -34.77 -33.92 38.95
CA GLY A 257 -34.27 -33.55 37.64
C GLY A 257 -34.28 -34.68 36.62
N SER A 258 -34.34 -35.91 37.09
CA SER A 258 -34.33 -37.07 36.20
C SER A 258 -35.71 -37.37 35.65
N VAL A 259 -35.73 -37.93 34.43
CA VAL A 259 -36.99 -38.28 33.78
C VAL A 259 -37.59 -39.61 34.24
N ILE A 260 -38.74 -39.54 34.91
CA ILE A 260 -39.43 -40.74 35.39
C ILE A 260 -40.07 -41.52 34.24
N SER A 261 -40.65 -40.80 33.28
CA SER A 261 -41.29 -41.41 32.11
C SER A 261 -41.45 -40.41 30.95
N VAL A 262 -41.69 -40.92 29.75
CA VAL A 262 -41.82 -40.06 28.60
C VAL A 262 -43.24 -40.04 28.06
N ALA A 263 -44.17 -40.66 28.77
CA ALA A 263 -45.55 -40.68 28.34
C ALA A 263 -46.48 -41.16 29.46
N PRO A 264 -46.96 -40.23 30.29
CA PRO A 264 -46.67 -38.80 30.22
C PRO A 264 -45.24 -38.44 30.58
N LEU A 265 -44.81 -37.26 30.14
CA LEU A 265 -43.47 -36.78 30.43
C LEU A 265 -43.49 -36.33 31.89
N LEU A 266 -43.01 -37.22 32.76
CA LEU A 266 -42.98 -36.97 34.20
C LEU A 266 -41.56 -36.76 34.74
N ILE A 267 -41.27 -35.55 35.20
CA ILE A 267 -39.95 -35.24 35.76
C ILE A 267 -39.98 -35.39 37.28
N ALA A 268 -38.94 -35.99 37.85
CA ALA A 268 -38.88 -36.17 39.29
C ALA A 268 -38.41 -34.87 39.96
N CYS A 269 -39.18 -34.41 40.94
CA CYS A 269 -38.85 -33.17 41.64
C CYS A 269 -38.40 -33.47 43.08
N GLY A 270 -37.89 -32.44 43.75
CA GLY A 270 -37.46 -32.60 45.14
C GLY A 270 -38.55 -33.25 45.98
N ASP A 271 -39.79 -32.89 45.70
CA ASP A 271 -40.93 -33.47 46.41
C ASP A 271 -41.99 -33.81 45.35
N GLY A 272 -42.20 -35.10 45.12
CA GLY A 272 -43.16 -35.53 44.13
C GLY A 272 -42.60 -35.27 42.74
N ALA A 273 -43.40 -35.54 41.71
CA ALA A 273 -42.97 -35.31 40.34
C ALA A 273 -43.88 -34.31 39.63
N LEU A 274 -43.35 -33.70 38.57
CA LEU A 274 -44.11 -32.73 37.80
C LEU A 274 -44.33 -33.30 36.42
N GLU A 275 -45.58 -33.24 35.93
CA GLU A 275 -45.87 -33.77 34.61
C GLU A 275 -45.92 -32.63 33.62
N ILE A 276 -45.10 -32.72 32.58
CA ILE A 276 -45.10 -31.68 31.55
C ILE A 276 -46.17 -32.05 30.54
N VAL A 277 -47.32 -31.39 30.64
CA VAL A 277 -48.46 -31.64 29.76
C VAL A 277 -48.21 -31.10 28.35
N THR A 278 -47.70 -29.88 28.26
CA THR A 278 -47.42 -29.31 26.96
C THR A 278 -46.27 -28.34 27.10
N GLY A 279 -45.52 -28.20 26.02
CA GLY A 279 -44.38 -27.30 26.01
C GLY A 279 -43.77 -27.23 24.62
N GLN A 280 -42.60 -26.59 24.49
CA GLN A 280 -41.97 -26.48 23.19
C GLN A 280 -40.47 -26.45 23.30
N ALA A 281 -39.83 -27.20 22.41
CA ALA A 281 -38.36 -27.25 22.38
C ALA A 281 -37.90 -25.99 21.64
N GLY A 282 -37.05 -25.21 22.29
CA GLY A 282 -36.57 -23.99 21.66
C GLY A 282 -37.70 -23.07 21.22
N ASP A 283 -37.57 -22.52 20.03
CA ASP A 283 -38.60 -21.61 19.51
C ASP A 283 -39.58 -22.39 18.66
N GLY A 284 -39.58 -23.70 18.86
CA GLY A 284 -40.48 -24.56 18.12
C GLY A 284 -41.93 -24.37 18.51
N ILE A 285 -42.83 -25.09 17.85
CA ILE A 285 -44.24 -25.01 18.15
C ILE A 285 -44.53 -25.78 19.44
N THR A 286 -45.68 -25.47 20.04
CA THR A 286 -46.06 -26.15 21.26
C THR A 286 -46.63 -27.51 20.90
N MET A 287 -46.38 -28.49 21.76
CA MET A 287 -46.86 -29.84 21.54
C MET A 287 -47.08 -30.55 22.87
N GLN A 288 -47.78 -31.68 22.84
CA GLN A 288 -48.02 -32.47 24.04
C GLN A 288 -46.70 -32.99 24.59
N GLY A 289 -46.64 -33.16 25.91
CA GLY A 289 -45.45 -33.62 26.59
C GLY A 289 -44.75 -34.81 25.97
N SER A 290 -45.51 -35.86 25.67
CA SER A 290 -44.91 -37.05 25.08
C SER A 290 -44.13 -36.72 23.81
N GLN A 291 -44.65 -35.81 22.99
CA GLN A 291 -43.97 -35.42 21.76
C GLN A 291 -42.76 -34.55 22.06
N LEU A 292 -42.93 -33.63 22.99
CA LEU A 292 -41.85 -32.74 23.40
C LEU A 292 -40.71 -33.62 23.92
N ALA A 293 -41.07 -34.73 24.55
CA ALA A 293 -40.09 -35.67 25.09
C ALA A 293 -39.21 -36.18 23.95
N GLN A 294 -39.85 -36.59 22.86
CA GLN A 294 -39.12 -37.11 21.72
C GLN A 294 -38.26 -36.04 21.07
N THR A 295 -38.89 -34.94 20.67
CA THR A 295 -38.15 -33.85 20.03
C THR A 295 -37.00 -33.30 20.87
N LEU A 296 -36.82 -33.81 22.09
CA LEU A 296 -35.72 -33.35 22.95
C LEU A 296 -34.72 -34.48 23.17
N GLY A 297 -35.11 -35.68 22.75
CA GLY A 297 -34.25 -36.85 22.87
C GLY A 297 -34.29 -37.48 24.26
N LEU A 298 -35.35 -37.21 25.01
CA LEU A 298 -35.47 -37.75 26.35
C LEU A 298 -35.82 -39.23 26.40
N VAL A 299 -35.39 -39.84 27.50
CA VAL A 299 -35.61 -41.24 27.85
C VAL A 299 -35.35 -41.09 29.35
N GLN A 300 -35.50 -42.15 30.13
CA GLN A 300 -35.30 -42.02 31.57
C GLN A 300 -33.92 -41.50 32.07
N GLY A 301 -33.52 -40.30 31.65
CA GLY A 301 -32.23 -39.77 32.08
C GLY A 301 -32.20 -38.27 32.33
N SER A 302 -31.76 -37.90 33.54
CA SER A 302 -31.63 -36.52 34.06
C SER A 302 -31.65 -35.28 33.15
N ARG A 303 -32.40 -34.26 33.58
CA ARG A 303 -32.57 -32.98 32.86
C ARG A 303 -31.80 -31.83 33.53
N LEU A 304 -31.38 -30.85 32.72
CA LEU A 304 -30.65 -29.70 33.23
C LEU A 304 -29.28 -30.10 33.78
N ARG A 314 -11.36 -20.75 29.88
CA ARG A 314 -9.97 -20.30 29.97
C ARG A 314 -9.97 -18.91 30.57
N ARG A 315 -8.80 -18.39 30.94
CA ARG A 315 -8.79 -17.07 31.54
C ARG A 315 -8.87 -15.91 30.56
N THR A 316 -9.24 -14.75 31.07
CA THR A 316 -9.39 -13.54 30.28
C THR A 316 -8.07 -12.99 29.80
N ARG A 317 -8.00 -12.66 28.51
CA ARG A 317 -6.79 -12.12 27.93
C ARG A 317 -6.87 -10.61 27.86
N VAL A 318 -6.03 -9.94 28.65
CA VAL A 318 -5.99 -8.48 28.67
C VAL A 318 -4.76 -8.00 27.89
N LEU A 319 -4.99 -7.10 26.93
CA LEU A 319 -3.93 -6.54 26.11
C LEU A 319 -3.64 -5.11 26.56
N ILE A 320 -2.42 -4.88 27.03
CA ILE A 320 -2.02 -3.56 27.49
C ILE A 320 -0.91 -2.97 26.63
N LEU A 321 -1.23 -1.89 25.93
CA LEU A 321 -0.24 -1.23 25.10
C LEU A 321 0.34 -0.11 25.96
N GLY A 322 1.66 -0.10 26.11
CA GLY A 322 2.32 0.90 26.96
C GLY A 322 2.32 0.34 28.37
N VAL A 323 2.46 -0.98 28.43
CA VAL A 323 2.44 -1.72 29.69
C VAL A 323 3.53 -1.34 30.69
N ASN A 324 4.61 -0.75 30.19
CA ASN A 324 5.71 -0.39 31.08
C ASN A 324 5.46 0.94 31.78
N GLY A 325 4.41 1.64 31.38
CA GLY A 325 4.11 2.92 31.98
C GLY A 325 3.65 2.99 33.44
N PHE A 326 3.43 4.22 33.90
CA PHE A 326 2.99 4.44 35.27
C PHE A 326 1.71 3.63 35.53
N ILE A 327 0.68 3.81 34.69
CA ILE A 327 -0.53 3.04 34.92
C ILE A 327 -0.26 1.58 34.56
N GLY A 328 0.37 1.39 33.40
CA GLY A 328 0.66 0.05 32.93
C GLY A 328 1.29 -0.96 33.88
N ASN A 329 2.46 -0.63 34.43
CA ASN A 329 3.13 -1.57 35.31
C ASN A 329 2.36 -1.88 36.59
N HIS A 330 1.64 -0.89 37.12
CA HIS A 330 0.87 -1.09 38.33
C HIS A 330 -0.35 -1.94 38.05
N LEU A 331 -0.95 -1.74 36.88
CA LEU A 331 -2.12 -2.51 36.51
C LEU A 331 -1.68 -3.98 36.30
N THR A 332 -0.54 -4.16 35.65
CA THR A 332 -0.01 -5.50 35.41
C THR A 332 0.19 -6.26 36.72
N GLU A 333 0.79 -5.59 37.70
CA GLU A 333 1.02 -6.20 39.00
C GLU A 333 -0.32 -6.66 39.58
N ARG A 334 -1.31 -5.79 39.53
CA ARG A 334 -2.62 -6.09 40.05
C ARG A 334 -3.31 -7.30 39.39
N LEU A 335 -3.33 -7.29 38.06
CA LEU A 335 -3.94 -8.38 37.28
C LEU A 335 -3.20 -9.69 37.49
N LEU A 336 -1.88 -9.64 37.53
CA LEU A 336 -1.11 -10.86 37.72
C LEU A 336 -1.39 -11.52 39.06
N ARG A 337 -1.94 -10.77 40.00
CA ARG A 337 -2.28 -11.33 41.31
C ARG A 337 -3.45 -12.28 41.14
N GLU A 338 -4.47 -11.85 40.42
CA GLU A 338 -5.63 -12.70 40.19
C GLU A 338 -5.23 -13.86 39.29
N ASP A 339 -5.98 -14.96 39.36
CA ASP A 339 -5.61 -16.09 38.54
C ASP A 339 -6.34 -16.16 37.21
N HIS A 340 -7.51 -15.54 37.11
CA HIS A 340 -8.27 -15.57 35.87
C HIS A 340 -7.83 -14.59 34.79
N TYR A 341 -6.60 -14.07 34.90
CA TYR A 341 -6.11 -13.13 33.89
C TYR A 341 -4.83 -13.56 33.18
N GLU A 342 -4.74 -13.21 31.92
CA GLU A 342 -3.59 -13.51 31.09
C GLU A 342 -3.23 -12.11 30.57
N VAL A 343 -2.03 -11.64 30.88
CA VAL A 343 -1.67 -10.30 30.44
C VAL A 343 -0.67 -10.25 29.28
N TYR A 344 -1.09 -9.59 28.19
CA TYR A 344 -0.25 -9.42 27.01
C TYR A 344 0.13 -7.94 26.90
N GLY A 345 1.42 -7.65 26.80
CA GLY A 345 1.81 -6.27 26.71
C GLY A 345 2.99 -5.92 25.83
N LEU A 346 2.93 -4.72 25.27
CA LEU A 346 3.99 -4.22 24.41
C LEU A 346 4.35 -2.80 24.86
N ASP A 347 5.63 -2.47 24.74
CA ASP A 347 6.08 -1.16 25.15
C ASP A 347 7.52 -0.96 24.69
N ILE A 348 7.93 0.29 24.62
CA ILE A 348 9.28 0.66 24.22
C ILE A 348 10.27 0.30 25.33
N GLY A 349 9.86 0.52 26.57
CA GLY A 349 10.71 0.21 27.71
C GLY A 349 10.22 -1.01 28.47
N SER A 350 11.00 -1.50 29.42
CA SER A 350 10.60 -2.69 30.16
C SER A 350 11.16 -2.80 31.58
N ASP A 351 11.76 -1.72 32.08
CA ASP A 351 12.35 -1.71 33.40
C ASP A 351 11.31 -1.83 34.52
N ALA A 352 10.10 -1.34 34.26
CA ALA A 352 9.07 -1.42 35.28
C ALA A 352 8.37 -2.78 35.31
N ILE A 353 8.39 -3.50 34.19
CA ILE A 353 7.72 -4.80 34.13
C ILE A 353 8.64 -5.99 34.04
N SER A 354 9.96 -5.75 34.07
CA SER A 354 10.89 -6.87 33.97
C SER A 354 10.72 -7.85 35.12
N ARG A 355 10.27 -7.37 36.29
CA ARG A 355 10.06 -8.25 37.43
C ARG A 355 8.99 -9.30 37.14
N PHE A 356 8.15 -9.04 36.14
CA PHE A 356 7.09 -9.96 35.78
C PHE A 356 7.44 -10.87 34.63
N LEU A 357 8.57 -10.64 33.99
CA LEU A 357 8.95 -11.45 32.85
C LEU A 357 8.90 -12.96 33.08
N ASN A 358 9.15 -13.39 34.32
CA ASN A 358 9.11 -14.81 34.63
C ASN A 358 7.73 -15.34 34.96
N HIS A 359 6.75 -14.45 35.09
CA HIS A 359 5.40 -14.87 35.41
C HIS A 359 4.81 -15.60 34.20
N PRO A 360 4.22 -16.78 34.43
CA PRO A 360 3.62 -17.60 33.37
C PRO A 360 2.48 -16.92 32.66
N HIS A 361 1.72 -16.09 33.35
CA HIS A 361 0.59 -15.42 32.72
C HIS A 361 0.89 -14.04 32.13
N PHE A 362 2.17 -13.67 32.13
CA PHE A 362 2.58 -12.39 31.57
C PHE A 362 3.35 -12.60 30.27
N HIS A 363 2.90 -11.97 29.19
CA HIS A 363 3.55 -12.08 27.90
C HIS A 363 3.90 -10.69 27.40
N PHE A 364 5.17 -10.34 27.56
CA PHE A 364 5.66 -9.02 27.19
C PHE A 364 6.45 -9.08 25.91
N VAL A 365 6.54 -7.97 25.22
CA VAL A 365 7.29 -7.90 23.97
C VAL A 365 7.69 -6.45 23.79
N GLU A 366 8.95 -6.20 23.46
CA GLU A 366 9.40 -4.82 23.26
C GLU A 366 9.06 -4.33 21.84
N GLY A 367 8.13 -3.37 21.78
CA GLY A 367 7.72 -2.83 20.50
C GLY A 367 7.27 -1.38 20.51
N ASP A 368 6.97 -0.89 19.32
CA ASP A 368 6.57 0.51 19.08
C ASP A 368 5.19 0.51 18.38
N ILE A 369 4.18 1.15 18.97
CA ILE A 369 2.86 1.17 18.32
C ILE A 369 2.86 1.71 16.90
N SER A 370 3.90 2.44 16.52
CA SER A 370 3.93 2.95 15.17
C SER A 370 4.68 2.03 14.21
N ILE A 371 5.27 0.96 14.72
CA ILE A 371 6.01 0.07 13.83
C ILE A 371 5.52 -1.39 13.81
N HIS A 372 5.44 -2.00 14.99
CA HIS A 372 5.06 -3.41 15.09
C HIS A 372 3.59 -3.73 14.91
N SER A 373 3.11 -3.61 13.68
CA SER A 373 1.72 -3.89 13.40
C SER A 373 1.29 -5.34 13.51
N GLU A 374 2.08 -6.26 12.95
CA GLU A 374 1.66 -7.65 13.00
C GLU A 374 1.28 -8.04 14.43
N TRP A 375 2.17 -7.75 15.39
CA TRP A 375 1.90 -8.11 16.77
C TRP A 375 0.68 -7.41 17.33
N ILE A 376 0.65 -6.10 17.22
CA ILE A 376 -0.46 -5.35 17.76
C ILE A 376 -1.80 -5.80 17.22
N GLU A 377 -1.96 -5.82 15.89
CA GLU A 377 -3.24 -6.24 15.33
C GLU A 377 -3.60 -7.66 15.75
N TYR A 378 -2.66 -8.58 15.59
CA TYR A 378 -2.92 -9.96 15.95
C TYR A 378 -3.42 -10.09 17.38
N HIS A 379 -2.84 -9.31 18.30
CA HIS A 379 -3.27 -9.40 19.70
C HIS A 379 -4.57 -8.70 20.03
N VAL A 380 -4.95 -7.70 19.25
CA VAL A 380 -6.24 -7.07 19.52
C VAL A 380 -7.22 -8.16 19.12
N LYS A 381 -6.90 -8.82 18.01
CA LYS A 381 -7.72 -9.89 17.45
C LYS A 381 -7.82 -11.07 18.40
N LYS A 382 -6.72 -11.37 19.09
CA LYS A 382 -6.64 -12.48 20.02
C LYS A 382 -7.13 -12.22 21.45
N CYS A 383 -6.90 -11.02 21.99
CA CYS A 383 -7.33 -10.78 23.36
C CYS A 383 -8.81 -10.44 23.55
N ASP A 384 -9.19 -10.20 24.79
CA ASP A 384 -10.59 -9.92 25.15
C ASP A 384 -10.85 -8.47 25.51
N VAL A 385 -9.86 -7.79 26.08
CA VAL A 385 -10.00 -6.38 26.40
C VAL A 385 -8.71 -5.71 26.00
N VAL A 386 -8.83 -4.49 25.48
CA VAL A 386 -7.67 -3.74 25.05
C VAL A 386 -7.57 -2.45 25.87
N LEU A 387 -6.38 -2.21 26.42
CA LEU A 387 -6.14 -1.00 27.19
C LEU A 387 -5.02 -0.24 26.51
N PRO A 388 -5.36 0.70 25.61
CA PRO A 388 -4.33 1.49 24.92
C PRO A 388 -3.75 2.62 25.79
N LEU A 389 -2.73 2.29 26.58
CA LEU A 389 -2.13 3.25 27.47
C LEU A 389 -0.92 3.99 26.91
N VAL A 390 -0.65 3.89 25.61
CA VAL A 390 0.49 4.59 25.03
C VAL A 390 0.15 6.05 24.85
N ALA A 391 0.99 6.93 25.39
CA ALA A 391 0.72 8.36 25.27
C ALA A 391 1.84 9.21 25.80
N ILE A 392 1.64 10.51 25.70
CA ILE A 392 2.58 11.51 26.21
C ILE A 392 1.65 12.37 27.02
N ALA A 393 1.81 12.33 28.34
CA ALA A 393 0.92 13.10 29.21
C ALA A 393 1.64 14.06 30.14
N THR A 394 2.77 14.60 29.68
CA THR A 394 3.49 15.57 30.45
C THR A 394 3.26 16.91 29.76
N PRO A 395 2.51 17.81 30.41
CA PRO A 395 2.16 19.13 29.89
C PRO A 395 3.22 19.89 29.09
N ILE A 396 4.45 19.97 29.60
CA ILE A 396 5.46 20.71 28.89
C ILE A 396 5.52 20.32 27.41
N GLU A 397 5.31 19.03 27.14
CA GLU A 397 5.33 18.52 25.77
C GLU A 397 4.19 19.02 24.89
N TYR A 398 3.08 19.46 25.49
CA TYR A 398 1.93 19.94 24.71
C TYR A 398 2.31 21.20 23.96
N THR A 399 3.05 22.07 24.64
CA THR A 399 3.49 23.30 24.00
C THR A 399 4.82 23.12 23.28
N ARG A 400 5.68 22.32 23.87
CA ARG A 400 6.98 22.07 23.28
C ARG A 400 6.91 21.23 21.99
N ASN A 401 6.15 20.13 22.01
CA ASN A 401 6.00 19.24 20.84
C ASN A 401 4.53 18.92 20.58
N PRO A 402 3.74 19.93 20.22
CA PRO A 402 2.32 19.71 19.94
C PRO A 402 2.07 18.63 18.92
N LEU A 403 2.80 18.65 17.81
CA LEU A 403 2.59 17.63 16.76
C LEU A 403 2.93 16.20 17.16
N ARG A 404 3.98 16.01 17.97
CA ARG A 404 4.37 14.66 18.41
C ARG A 404 3.24 14.17 19.29
N VAL A 405 2.73 15.03 20.17
CA VAL A 405 1.64 14.67 21.06
C VAL A 405 0.43 14.29 20.24
N PHE A 406 0.06 15.12 19.28
CA PHE A 406 -1.11 14.86 18.44
C PHE A 406 -1.04 13.52 17.74
N GLU A 407 0.10 13.26 17.12
CA GLU A 407 0.30 12.04 16.38
C GLU A 407 0.30 10.77 17.24
N LEU A 408 0.93 10.85 18.40
CA LEU A 408 1.00 9.68 19.27
C LEU A 408 -0.28 9.52 20.04
N ASP A 409 -0.65 10.56 20.79
CA ASP A 409 -1.86 10.50 21.60
C ASP A 409 -3.14 10.32 20.81
N PHE A 410 -3.23 10.94 19.64
CA PHE A 410 -4.46 10.85 18.86
C PHE A 410 -4.48 9.89 17.71
N GLU A 411 -3.63 10.11 16.71
CA GLU A 411 -3.59 9.24 15.54
C GLU A 411 -3.24 7.77 15.84
N GLU A 412 -2.13 7.54 16.54
CA GLU A 412 -1.75 6.18 16.87
C GLU A 412 -2.83 5.39 17.61
N ASN A 413 -3.52 6.06 18.53
CA ASN A 413 -4.58 5.42 19.31
C ASN A 413 -5.87 5.21 18.52
N LEU A 414 -6.21 6.15 17.64
CA LEU A 414 -7.39 6.03 16.81
C LEU A 414 -7.27 4.72 15.99
N ARG A 415 -6.04 4.37 15.64
CA ARG A 415 -5.77 3.16 14.88
C ARG A 415 -6.12 1.93 15.73
N ILE A 416 -5.76 1.95 17.01
CA ILE A 416 -6.06 0.84 17.90
C ILE A 416 -7.58 0.78 18.13
N ILE A 417 -8.19 1.94 18.35
CA ILE A 417 -9.64 2.00 18.55
C ILE A 417 -10.32 1.26 17.39
N ARG A 418 -9.86 1.54 16.19
CA ARG A 418 -10.43 0.91 15.02
C ARG A 418 -10.15 -0.59 14.92
N TYR A 419 -8.98 -1.05 15.39
CA TYR A 419 -8.70 -2.49 15.37
C TYR A 419 -9.79 -3.11 16.24
N CYS A 420 -10.10 -2.44 17.33
CA CYS A 420 -11.12 -2.92 18.26
C CYS A 420 -12.51 -3.05 17.64
N VAL A 421 -12.93 -2.07 16.86
CA VAL A 421 -14.25 -2.21 16.30
C VAL A 421 -14.20 -3.27 15.19
N LYS A 422 -13.09 -3.31 14.47
CA LYS A 422 -12.95 -4.29 13.39
C LYS A 422 -13.11 -5.72 13.91
N TYR A 423 -12.48 -6.01 15.05
CA TYR A 423 -12.54 -7.33 15.63
C TYR A 423 -13.52 -7.41 16.77
N ARG A 424 -14.42 -6.43 16.85
CA ARG A 424 -15.41 -6.38 17.91
C ARG A 424 -14.82 -6.76 19.26
N LYS A 425 -13.93 -5.94 19.80
CA LYS A 425 -13.33 -6.23 21.10
C LYS A 425 -13.70 -5.15 22.09
N ARG A 426 -13.63 -5.47 23.37
CA ARG A 426 -13.94 -4.48 24.39
C ARG A 426 -12.73 -3.59 24.57
N ILE A 427 -12.96 -2.27 24.62
CA ILE A 427 -11.85 -1.35 24.81
C ILE A 427 -12.08 -0.48 26.04
N ILE A 428 -11.11 -0.48 26.95
CA ILE A 428 -11.19 0.35 28.15
C ILE A 428 -10.20 1.45 27.84
N PHE A 429 -10.70 2.53 27.26
CA PHE A 429 -9.85 3.63 26.85
C PHE A 429 -9.60 4.62 27.96
N PRO A 430 -8.34 5.06 28.09
CA PRO A 430 -7.99 6.01 29.12
C PRO A 430 -8.19 7.44 28.67
N SER A 431 -9.26 8.07 29.17
CA SER A 431 -9.55 9.48 28.85
C SER A 431 -8.66 10.30 29.78
N THR A 432 -9.10 11.48 30.17
CA THR A 432 -8.29 12.28 31.06
C THR A 432 -9.14 13.34 31.75
N SER A 433 -8.68 13.79 32.92
CA SER A 433 -9.44 14.80 33.64
C SER A 433 -9.21 16.11 32.93
N GLU A 434 -8.20 16.14 32.07
CA GLU A 434 -7.89 17.36 31.35
C GLU A 434 -8.93 17.65 30.26
N VAL A 435 -9.78 16.67 29.99
CA VAL A 435 -10.81 16.83 28.97
C VAL A 435 -11.82 17.89 29.41
N TYR A 436 -11.95 18.06 30.73
CA TYR A 436 -12.86 19.06 31.33
C TYR A 436 -12.29 20.47 31.18
N GLY A 437 -10.97 20.55 30.98
CA GLY A 437 -10.32 21.84 30.82
C GLY A 437 -10.49 22.71 32.05
N MET A 438 -10.88 23.96 31.83
CA MET A 438 -11.08 24.91 32.90
C MET A 438 -12.56 24.94 33.27
N CYS A 439 -13.16 23.76 33.36
CA CYS A 439 -14.56 23.65 33.72
C CYS A 439 -14.75 24.41 35.03
N SER A 440 -15.92 25.02 35.19
CA SER A 440 -16.18 25.79 36.38
C SER A 440 -16.92 25.06 37.50
N ASP A 441 -17.47 23.88 37.21
CA ASP A 441 -18.20 23.15 38.24
C ASP A 441 -17.33 22.78 39.44
N LYS A 442 -17.93 22.70 40.62
CA LYS A 442 -17.18 22.32 41.82
C LYS A 442 -16.74 20.88 41.59
N TYR A 443 -17.62 20.10 40.97
CA TYR A 443 -17.33 18.71 40.67
C TYR A 443 -17.40 18.48 39.17
N PHE A 444 -16.31 17.98 38.59
CA PHE A 444 -16.31 17.69 37.16
C PHE A 444 -17.13 16.41 37.01
N ASP A 445 -18.28 16.53 36.33
CA ASP A 445 -19.19 15.43 36.13
C ASP A 445 -19.10 14.84 34.73
N GLU A 446 -18.86 13.53 34.69
CA GLU A 446 -18.73 12.79 33.43
C GLU A 446 -19.92 12.94 32.47
N ASP A 447 -21.12 13.08 33.03
CA ASP A 447 -22.31 13.14 32.22
C ASP A 447 -23.00 14.49 32.10
N HIS A 448 -22.52 15.48 32.82
CA HIS A 448 -23.18 16.79 32.79
C HIS A 448 -22.29 18.02 32.64
N SER A 449 -21.04 17.94 33.10
CA SER A 449 -20.14 19.09 33.01
C SER A 449 -19.79 19.48 31.58
N ASN A 450 -19.66 20.77 31.37
CA ASN A 450 -19.29 21.28 30.06
C ASN A 450 -17.77 21.29 30.02
N LEU A 451 -17.21 21.24 28.84
CA LEU A 451 -15.77 21.22 28.68
C LEU A 451 -15.27 22.57 28.19
N ILE A 452 -14.31 23.13 28.92
CA ILE A 452 -13.80 24.45 28.57
C ILE A 452 -12.29 24.48 28.39
N VAL A 453 -11.86 24.95 27.22
CA VAL A 453 -10.43 25.10 26.94
C VAL A 453 -10.23 26.54 26.47
N GLY A 454 -8.97 26.95 26.31
CA GLY A 454 -8.70 28.30 25.86
C GLY A 454 -8.58 28.46 24.35
N PRO A 455 -8.16 29.64 23.90
CA PRO A 455 -7.98 29.97 22.49
C PRO A 455 -6.98 29.03 21.80
N VAL A 456 -7.04 29.00 20.47
CA VAL A 456 -6.12 28.18 19.70
C VAL A 456 -4.68 28.64 19.97
N ASN A 457 -4.50 29.91 20.31
CA ASN A 457 -3.14 30.40 20.59
C ASN A 457 -2.63 29.94 21.96
N LYS A 458 -3.36 29.03 22.60
CA LYS A 458 -2.96 28.46 23.87
C LYS A 458 -2.85 26.95 23.63
N PRO A 459 -1.81 26.54 22.89
CA PRO A 459 -1.54 25.13 22.55
C PRO A 459 -1.52 24.08 23.66
N ARG A 460 -1.49 24.47 24.92
CA ARG A 460 -1.48 23.46 25.98
C ARG A 460 -2.74 22.61 25.90
N TRP A 461 -3.78 23.14 25.28
CA TRP A 461 -5.04 22.42 25.19
C TRP A 461 -5.09 21.42 24.04
N ILE A 462 -4.04 21.34 23.23
CA ILE A 462 -4.06 20.39 22.12
C ILE A 462 -4.26 18.96 22.65
N TYR A 463 -3.70 18.68 23.82
CA TYR A 463 -3.84 17.36 24.43
C TYR A 463 -5.32 17.16 24.83
N SER A 464 -5.83 18.06 25.66
CA SER A 464 -7.22 18.01 26.11
C SER A 464 -8.22 17.78 24.98
N VAL A 465 -8.13 18.63 23.96
CA VAL A 465 -9.01 18.55 22.78
C VAL A 465 -8.80 17.24 22.02
N SER A 466 -7.56 16.78 21.91
CA SER A 466 -7.27 15.53 21.21
C SER A 466 -7.91 14.34 21.89
N LYS A 467 -7.79 14.29 23.22
CA LYS A 467 -8.36 13.20 23.99
C LYS A 467 -9.88 13.29 23.93
N GLN A 468 -10.41 14.51 23.88
CA GLN A 468 -11.85 14.65 23.81
C GLN A 468 -12.42 14.13 22.49
N LEU A 469 -11.75 14.46 21.38
CA LEU A 469 -12.22 14.00 20.08
C LEU A 469 -12.20 12.46 20.06
N LEU A 470 -11.22 11.85 20.72
CA LEU A 470 -11.16 10.40 20.74
C LEU A 470 -12.31 9.84 21.53
N ASP A 471 -12.62 10.47 22.66
CA ASP A 471 -13.73 10.01 23.49
C ASP A 471 -15.01 10.05 22.66
N ARG A 472 -15.18 11.12 21.89
CA ARG A 472 -16.36 11.26 21.05
C ARG A 472 -16.44 10.22 19.95
N VAL A 473 -15.32 9.92 19.30
CA VAL A 473 -15.28 8.91 18.25
C VAL A 473 -15.62 7.53 18.84
N ILE A 474 -15.05 7.20 19.99
CA ILE A 474 -15.33 5.92 20.63
C ILE A 474 -16.82 5.87 20.94
N TRP A 475 -17.37 7.03 21.32
CA TRP A 475 -18.78 7.15 21.65
C TRP A 475 -19.64 6.91 20.42
N ALA A 476 -19.23 7.46 19.28
CA ALA A 476 -19.98 7.26 18.04
C ALA A 476 -19.90 5.78 17.62
N TYR A 477 -18.72 5.20 17.76
CA TYR A 477 -18.56 3.79 17.41
C TYR A 477 -19.43 2.95 18.32
N GLY A 478 -19.58 3.36 19.58
CA GLY A 478 -20.42 2.60 20.48
C GLY A 478 -21.88 2.67 20.06
N GLU A 479 -22.35 3.89 19.83
CA GLU A 479 -23.73 4.16 19.43
C GLU A 479 -24.10 3.65 18.07
N LYS A 480 -23.28 3.96 17.07
CA LYS A 480 -23.56 3.54 15.70
C LYS A 480 -23.01 2.19 15.25
N GLU A 481 -22.12 1.58 16.02
CA GLU A 481 -21.59 0.28 15.58
C GLU A 481 -21.39 -0.77 16.65
N GLY A 482 -22.06 -0.60 17.79
CA GLY A 482 -21.99 -1.57 18.87
C GLY A 482 -20.67 -1.81 19.56
N LEU A 483 -19.67 -0.93 19.40
CA LEU A 483 -18.40 -1.13 20.08
C LEU A 483 -18.62 -1.18 21.57
N GLN A 484 -18.06 -2.17 22.25
CA GLN A 484 -18.22 -2.23 23.71
C GLN A 484 -17.06 -1.46 24.35
N PHE A 485 -17.39 -0.39 25.07
CA PHE A 485 -16.35 0.42 25.69
C PHE A 485 -16.64 0.93 27.11
N THR A 486 -15.61 1.54 27.69
CA THR A 486 -15.67 2.16 29.01
C THR A 486 -14.54 3.15 28.97
N LEU A 487 -14.85 4.43 29.22
CA LEU A 487 -13.83 5.47 29.24
C LEU A 487 -13.52 5.79 30.70
N PHE A 488 -12.24 5.87 31.07
CA PHE A 488 -11.94 6.21 32.45
C PHE A 488 -11.03 7.43 32.48
N ARG A 489 -11.32 8.35 33.40
CA ARG A 489 -10.56 9.58 33.52
C ARG A 489 -9.84 9.68 34.85
N PRO A 490 -8.52 9.54 34.83
CA PRO A 490 -7.73 9.64 36.06
C PRO A 490 -7.55 11.09 36.51
N PHE A 491 -7.65 11.31 37.82
CA PHE A 491 -7.46 12.64 38.38
C PHE A 491 -6.16 12.67 39.19
N ASN A 492 -5.13 13.25 38.57
CA ASN A 492 -3.82 13.38 39.15
C ASN A 492 -3.42 12.24 40.03
N TRP A 493 -3.28 11.07 39.41
CA TRP A 493 -2.85 9.87 40.11
C TRP A 493 -1.36 10.05 40.33
N MET A 494 -0.87 9.60 41.47
CA MET A 494 0.56 9.65 41.70
C MET A 494 0.99 8.56 42.65
N GLY A 495 2.27 8.23 42.59
CA GLY A 495 2.84 7.19 43.41
C GLY A 495 4.15 6.82 42.76
N PRO A 496 4.78 5.72 43.20
CA PRO A 496 6.05 5.31 42.61
C PRO A 496 5.94 5.14 41.11
N ARG A 497 7.02 5.45 40.41
CA ARG A 497 7.14 5.32 38.97
C ARG A 497 6.32 6.30 38.14
N LEU A 498 5.80 7.36 38.76
CA LEU A 498 5.06 8.36 38.00
C LEU A 498 6.19 9.13 37.35
N ASP A 499 6.59 8.71 36.15
CA ASP A 499 7.68 9.35 35.42
C ASP A 499 9.00 8.98 36.13
N ASN A 500 10.06 9.72 35.85
CA ASN A 500 11.34 9.45 36.48
C ASN A 500 12.19 10.70 36.61
N LEU A 501 13.05 10.74 37.62
CA LEU A 501 13.88 11.92 37.84
C LEU A 501 14.61 12.40 36.59
N ASN A 502 14.99 11.46 35.74
CA ASN A 502 15.70 11.83 34.53
C ASN A 502 14.87 12.66 33.59
N ALA A 503 13.66 12.20 33.29
CA ALA A 503 12.78 12.94 32.38
C ALA A 503 12.44 14.30 33.00
N ALA A 504 12.41 14.33 34.33
CA ALA A 504 12.11 15.54 35.06
C ALA A 504 13.17 16.61 34.80
N ARG A 505 14.38 16.18 34.44
CA ARG A 505 15.45 17.13 34.17
C ARG A 505 15.15 17.95 32.93
N ILE A 506 14.18 17.50 32.15
CA ILE A 506 13.79 18.21 30.93
C ILE A 506 12.38 18.79 31.06
N GLY A 507 11.83 18.70 32.27
CA GLY A 507 10.49 19.20 32.53
C GLY A 507 9.44 18.20 32.11
N SER A 508 9.90 17.10 31.53
CA SER A 508 9.00 16.06 31.04
C SER A 508 8.51 15.11 32.12
N SER A 509 7.83 15.66 33.11
CA SER A 509 7.30 14.82 34.15
C SER A 509 6.26 15.62 34.88
N ARG A 510 5.39 14.92 35.60
CA ARG A 510 4.36 15.61 36.34
C ARG A 510 4.88 16.27 37.61
N ALA A 511 4.10 17.20 38.14
CA ALA A 511 4.51 17.98 39.32
C ALA A 511 5.27 17.25 40.44
N ILE A 512 4.59 16.34 41.13
CA ILE A 512 5.22 15.64 42.24
C ILE A 512 6.62 15.14 41.93
N THR A 513 6.78 14.39 40.83
CA THR A 513 8.09 13.86 40.46
C THR A 513 9.10 14.94 40.08
N GLN A 514 8.62 16.07 39.57
CA GLN A 514 9.51 17.18 39.20
C GLN A 514 10.07 17.86 40.45
N LEU A 515 9.21 18.07 41.44
CA LEU A 515 9.62 18.71 42.69
C LEU A 515 10.61 17.83 43.44
N ILE A 516 10.48 16.51 43.30
CA ILE A 516 11.41 15.63 43.96
C ILE A 516 12.79 15.81 43.32
N LEU A 517 12.83 16.01 42.01
CA LEU A 517 14.12 16.21 41.37
C LEU A 517 14.76 17.47 41.94
N ASN A 518 13.98 18.50 42.22
CA ASN A 518 14.51 19.74 42.79
C ASN A 518 15.20 19.46 44.12
N LEU A 519 14.49 18.79 45.03
CA LEU A 519 15.03 18.48 46.34
C LEU A 519 16.29 17.64 46.15
N VAL A 520 16.24 16.70 45.23
CA VAL A 520 17.39 15.83 44.98
C VAL A 520 18.60 16.60 44.47
N GLU A 521 18.44 17.40 43.41
CA GLU A 521 19.57 18.15 42.86
C GLU A 521 19.92 19.46 43.59
N GLY A 522 19.09 19.89 44.52
CA GLY A 522 19.39 21.10 45.25
C GLY A 522 18.98 22.39 44.55
N SER A 523 18.04 22.29 43.61
CA SER A 523 17.55 23.47 42.90
C SER A 523 16.22 23.86 43.54
N PRO A 524 15.83 25.15 43.44
CA PRO A 524 14.56 25.57 44.05
C PRO A 524 13.29 24.99 43.43
N ILE A 525 12.26 24.82 44.25
CA ILE A 525 10.97 24.30 43.80
C ILE A 525 10.19 25.51 43.27
N LYS A 526 9.98 25.58 41.97
CA LYS A 526 9.23 26.70 41.44
C LYS A 526 7.74 26.42 41.40
N LEU A 527 6.96 27.41 41.83
CA LEU A 527 5.51 27.34 41.85
C LEU A 527 4.97 28.14 40.67
N ILE A 528 4.70 27.45 39.55
CA ILE A 528 4.18 28.15 38.37
C ILE A 528 2.99 29.04 38.72
N ASP A 529 3.13 30.33 38.42
CA ASP A 529 2.13 31.34 38.68
C ASP A 529 1.61 31.30 40.10
N GLY A 530 2.52 31.27 41.08
CA GLY A 530 2.12 31.28 42.47
C GLY A 530 1.78 29.95 43.11
N GLY A 531 1.47 28.96 42.28
CA GLY A 531 1.14 27.65 42.78
C GLY A 531 -0.08 27.60 43.67
N LYS A 532 -0.99 28.55 43.49
CA LYS A 532 -2.21 28.59 44.28
C LYS A 532 -3.28 27.70 43.66
N GLN A 533 -3.06 27.31 42.40
CA GLN A 533 -4.02 26.44 41.73
C GLN A 533 -3.99 25.12 42.47
N LYS A 534 -5.14 24.45 42.54
CA LYS A 534 -5.21 23.18 43.25
C LYS A 534 -5.59 22.00 42.37
N ARG A 535 -5.41 20.80 42.91
CA ARG A 535 -5.72 19.54 42.23
C ARG A 535 -6.15 18.52 43.28
N CYS A 536 -6.76 17.43 42.84
CA CYS A 536 -7.14 16.37 43.77
C CYS A 536 -6.21 15.21 43.45
N PHE A 537 -5.24 14.99 44.32
CA PHE A 537 -4.27 13.92 44.13
C PHE A 537 -4.79 12.56 44.58
N THR A 538 -4.66 11.57 43.69
CA THR A 538 -5.15 10.22 43.93
C THR A 538 -4.00 9.22 44.05
N ASP A 539 -4.01 8.36 45.06
CA ASP A 539 -2.93 7.39 45.18
C ASP A 539 -3.12 6.32 44.10
N ILE A 540 -2.02 5.98 43.42
CA ILE A 540 -2.04 4.99 42.34
C ILE A 540 -2.69 3.67 42.75
N ARG A 541 -2.60 3.34 44.04
CA ARG A 541 -3.21 2.11 44.54
C ARG A 541 -4.73 2.23 44.42
N ASP A 542 -5.26 3.41 44.75
CA ASP A 542 -6.70 3.64 44.65
C ASP A 542 -7.12 3.57 43.19
N GLY A 543 -6.35 4.23 42.34
CA GLY A 543 -6.64 4.24 40.92
C GLY A 543 -6.66 2.86 40.29
N ILE A 544 -5.62 2.07 40.56
CA ILE A 544 -5.55 0.75 39.97
C ILE A 544 -6.69 -0.15 40.45
N GLU A 545 -7.13 0.03 41.69
CA GLU A 545 -8.23 -0.77 42.20
C GLU A 545 -9.51 -0.49 41.42
N ALA A 546 -9.80 0.80 41.19
CA ALA A 546 -10.97 1.18 40.45
C ALA A 546 -10.87 0.63 39.03
N LEU A 547 -9.70 0.77 38.41
CA LEU A 547 -9.48 0.30 37.03
C LEU A 547 -9.69 -1.20 36.98
N TYR A 548 -9.12 -1.90 37.96
CA TYR A 548 -9.27 -3.35 38.03
C TYR A 548 -10.76 -3.69 38.01
N ARG A 549 -11.54 -3.00 38.83
CA ARG A 549 -12.98 -3.22 38.87
C ARG A 549 -13.52 -3.08 37.45
N ILE A 550 -13.16 -2.01 36.75
CA ILE A 550 -13.64 -1.79 35.39
C ILE A 550 -13.31 -2.95 34.46
N ILE A 551 -12.12 -3.51 34.58
CA ILE A 551 -11.77 -4.67 33.75
C ILE A 551 -12.73 -5.79 34.13
N GLU A 552 -12.90 -6.03 35.43
CA GLU A 552 -13.82 -7.06 35.93
C GLU A 552 -15.21 -6.83 35.32
N ASN A 553 -15.61 -5.56 35.23
CA ASN A 553 -16.90 -5.20 34.66
C ASN A 553 -18.03 -6.10 35.17
N ALA A 554 -18.15 -6.16 36.50
CA ALA A 554 -19.18 -6.97 37.15
C ALA A 554 -20.57 -6.50 36.75
N GLY A 555 -21.36 -7.44 36.24
CA GLY A 555 -22.71 -7.14 35.81
C GLY A 555 -22.75 -6.22 34.62
N ASN A 556 -21.64 -6.08 33.90
CA ASN A 556 -21.59 -5.21 32.74
C ASN A 556 -22.03 -3.78 33.04
N ARG A 557 -21.87 -3.40 34.30
CA ARG A 557 -22.25 -2.07 34.74
C ARG A 557 -21.38 -0.93 34.20
N CYS A 558 -20.30 -1.27 33.49
CA CYS A 558 -19.41 -0.25 32.95
C CYS A 558 -19.54 -0.01 31.46
N ASP A 559 -20.38 -0.76 30.78
CA ASP A 559 -20.54 -0.61 29.36
C ASP A 559 -21.13 0.74 28.96
N GLY A 560 -20.42 1.43 28.07
CA GLY A 560 -20.87 2.74 27.61
C GLY A 560 -20.76 3.83 28.67
N GLU A 561 -20.15 3.48 29.78
CA GLU A 561 -19.96 4.39 30.90
C GLU A 561 -18.66 5.20 30.83
N ILE A 562 -18.72 6.40 31.38
CA ILE A 562 -17.52 7.24 31.46
C ILE A 562 -17.32 7.33 32.96
N ILE A 563 -16.13 6.99 33.44
CA ILE A 563 -15.88 6.98 34.88
C ILE A 563 -14.64 7.74 35.37
N ASN A 564 -14.88 8.77 36.18
CA ASN A 564 -13.78 9.53 36.76
C ASN A 564 -13.20 8.66 37.86
N ILE A 565 -11.91 8.81 38.12
CA ILE A 565 -11.28 8.07 39.20
C ILE A 565 -10.28 8.98 39.88
N GLY A 566 -10.66 9.47 41.05
CA GLY A 566 -9.81 10.37 41.80
C GLY A 566 -10.32 10.48 43.21
N ASN A 567 -9.50 11.02 44.09
CA ASN A 567 -9.92 11.19 45.46
C ASN A 567 -10.22 12.66 45.73
N PRO A 568 -11.51 13.03 45.71
CA PRO A 568 -11.94 14.41 45.94
C PRO A 568 -11.50 14.93 47.30
N GLU A 569 -11.14 14.01 48.19
CA GLU A 569 -10.70 14.36 49.53
C GLU A 569 -9.30 14.89 49.56
N ASN A 570 -8.48 14.51 48.58
CA ASN A 570 -7.10 14.96 48.55
C ASN A 570 -6.86 16.22 47.74
N GLU A 571 -7.72 17.22 47.92
CA GLU A 571 -7.54 18.47 47.20
C GLU A 571 -6.43 19.30 47.87
N ALA A 572 -5.54 19.85 47.06
CA ALA A 572 -4.43 20.64 47.59
C ALA A 572 -3.84 21.53 46.50
N SER A 573 -3.32 22.68 46.90
CA SER A 573 -2.71 23.59 45.95
C SER A 573 -1.32 23.04 45.72
N ILE A 574 -0.70 23.42 44.59
CA ILE A 574 0.63 22.95 44.29
C ILE A 574 1.59 23.42 45.37
N GLU A 575 1.32 24.59 45.92
CA GLU A 575 2.12 25.14 47.00
C GLU A 575 2.07 24.20 48.22
N GLU A 576 0.87 23.72 48.55
CA GLU A 576 0.70 22.80 49.68
C GLU A 576 1.42 21.46 49.39
N LEU A 577 1.34 21.04 48.13
CA LEU A 577 1.99 19.80 47.71
C LEU A 577 3.46 20.00 47.97
N GLY A 578 3.98 21.16 47.59
CA GLY A 578 5.38 21.43 47.78
C GLY A 578 5.82 21.44 49.23
N GLU A 579 4.96 21.93 50.11
CA GLU A 579 5.29 21.98 51.52
C GLU A 579 5.25 20.58 52.12
N MET A 580 4.20 19.83 51.80
CA MET A 580 4.04 18.46 52.30
C MET A 580 5.22 17.60 51.86
N LEU A 581 5.67 17.81 50.63
CA LEU A 581 6.81 17.07 50.10
C LEU A 581 8.04 17.45 50.91
N LEU A 582 8.30 18.76 51.03
CA LEU A 582 9.46 19.26 51.77
C LEU A 582 9.51 18.70 53.20
N ALA A 583 8.37 18.74 53.87
CA ALA A 583 8.29 18.23 55.23
C ALA A 583 8.77 16.79 55.31
N SER A 584 8.27 15.95 54.41
CA SER A 584 8.67 14.55 54.40
C SER A 584 10.15 14.44 54.11
N PHE A 585 10.59 15.17 53.09
CA PHE A 585 11.98 15.15 52.69
C PHE A 585 12.92 15.45 53.84
N GLU A 586 12.57 16.44 54.66
CA GLU A 586 13.43 16.78 55.77
C GLU A 586 13.51 15.67 56.81
N LYS A 587 12.47 14.84 56.91
CA LYS A 587 12.44 13.73 57.86
C LYS A 587 12.98 12.42 57.28
N HIS A 588 13.26 12.40 55.98
CA HIS A 588 13.74 11.18 55.34
C HIS A 588 15.16 10.76 55.71
N PRO A 589 15.35 9.47 56.02
CA PRO A 589 16.64 8.92 56.39
C PRO A 589 17.76 9.29 55.43
N LEU A 590 17.46 9.34 54.14
CA LEU A 590 18.45 9.65 53.14
C LEU A 590 18.73 11.14 52.94
N ARG A 591 17.97 11.99 53.63
CA ARG A 591 18.10 13.44 53.50
C ARG A 591 19.51 14.02 53.44
N HIS A 592 20.38 13.59 54.35
CA HIS A 592 21.74 14.10 54.39
C HIS A 592 22.54 13.89 53.10
N HIS A 593 22.05 13.04 52.20
CA HIS A 593 22.76 12.79 50.95
C HIS A 593 22.56 13.91 49.93
N PHE A 594 21.45 14.64 50.06
CA PHE A 594 21.14 15.70 49.12
C PHE A 594 21.41 17.10 49.65
N PRO A 595 21.67 18.06 48.76
CA PRO A 595 21.96 19.46 49.10
C PRO A 595 20.89 20.17 49.89
N PRO A 596 21.24 21.32 50.48
CA PRO A 596 20.26 22.08 51.27
C PRO A 596 19.16 22.66 50.39
N PHE A 597 17.96 22.76 50.95
CA PHE A 597 16.80 23.27 50.22
C PHE A 597 17.07 24.65 49.66
N ALA A 598 16.80 24.81 48.38
CA ALA A 598 17.01 26.08 47.70
C ALA A 598 15.77 26.97 47.79
N GLY A 599 14.76 26.49 48.49
CA GLY A 599 13.54 27.26 48.66
C GLY A 599 12.52 27.31 47.54
N PHE A 600 11.30 27.74 47.89
CA PHE A 600 10.22 27.88 46.94
C PHE A 600 10.36 29.20 46.22
N ARG A 601 10.00 29.22 44.93
CA ARG A 601 10.09 30.43 44.14
C ARG A 601 9.00 30.56 43.09
N VAL A 602 8.22 31.63 43.17
CA VAL A 602 7.14 31.87 42.22
C VAL A 602 7.73 32.17 40.85
N VAL A 603 7.14 31.60 39.81
CA VAL A 603 7.65 31.76 38.46
C VAL A 603 6.53 31.92 37.44
N GLU A 604 6.74 32.72 36.40
CA GLU A 604 5.73 32.90 35.35
C GLU A 604 5.66 31.58 34.59
N SER A 605 4.45 31.09 34.33
CA SER A 605 4.31 29.84 33.60
C SER A 605 5.12 29.84 32.30
N SER A 606 5.13 30.97 31.60
CA SER A 606 5.85 31.09 30.34
C SER A 606 7.33 30.73 30.42
N SER A 607 7.92 30.91 31.58
CA SER A 607 9.34 30.63 31.74
C SER A 607 9.61 29.17 32.02
N TYR A 608 8.56 28.36 32.08
CA TYR A 608 8.73 26.95 32.34
C TYR A 608 8.10 26.14 31.22
N TYR A 609 6.90 26.53 30.82
CA TYR A 609 6.19 25.84 29.76
C TYR A 609 6.33 26.54 28.41
N GLY A 610 6.85 27.76 28.42
CA GLY A 610 7.01 28.49 27.17
C GLY A 610 5.74 29.23 26.83
N LYS A 611 5.73 29.92 25.70
CA LYS A 611 4.55 30.69 25.30
C LYS A 611 3.41 29.73 25.00
N GLY A 612 2.18 30.17 25.26
CA GLY A 612 1.04 29.34 24.95
C GLY A 612 0.57 28.40 26.01
N TYR A 613 1.02 28.62 27.24
CA TYR A 613 0.59 27.76 28.32
C TYR A 613 -0.54 28.46 29.03
N GLN A 614 -1.46 27.69 29.57
CA GLN A 614 -2.60 28.20 30.33
C GLN A 614 -2.92 27.05 31.25
N ASP A 615 -3.53 27.30 32.39
CA ASP A 615 -3.78 26.18 33.26
C ASP A 615 -5.16 26.06 33.86
N VAL A 616 -5.32 25.06 34.71
CA VAL A 616 -6.56 24.77 35.39
C VAL A 616 -6.41 25.25 36.84
N GLU A 617 -7.27 26.16 37.27
CA GLU A 617 -7.22 26.69 38.62
C GLU A 617 -7.72 25.72 39.69
N HIS A 618 -8.62 24.81 39.31
CA HIS A 618 -9.11 23.80 40.25
C HIS A 618 -9.64 22.59 39.49
N ARG A 619 -9.51 21.42 40.10
CA ARG A 619 -9.94 20.17 39.48
C ARG A 619 -10.35 19.17 40.56
N LYS A 620 -11.64 18.91 40.67
CA LYS A 620 -12.16 17.95 41.64
C LYS A 620 -13.14 17.08 40.89
N PRO A 621 -13.06 15.75 41.07
CA PRO A 621 -13.98 14.89 40.34
C PRO A 621 -15.26 14.52 41.04
N SER A 622 -16.25 14.13 40.25
CA SER A 622 -17.48 13.62 40.80
C SER A 622 -17.11 12.13 40.74
N ILE A 623 -17.35 11.39 41.82
CA ILE A 623 -17.01 9.97 41.74
C ILE A 623 -18.25 9.11 41.93
N ARG A 624 -19.39 9.68 41.55
CA ARG A 624 -20.69 9.02 41.63
C ARG A 624 -20.65 7.78 40.73
N ASN A 625 -20.40 8.00 39.44
CA ASN A 625 -20.32 6.91 38.49
C ASN A 625 -19.46 5.78 39.00
N ALA A 626 -18.31 6.12 39.56
CA ALA A 626 -17.40 5.10 40.07
C ALA A 626 -18.11 4.30 41.15
N HIS A 627 -18.78 5.02 42.03
CA HIS A 627 -19.51 4.39 43.11
C HIS A 627 -20.62 3.49 42.58
N ARG A 628 -21.38 4.01 41.62
CA ARG A 628 -22.49 3.29 41.01
C ARG A 628 -22.10 2.05 40.24
N CYS A 629 -21.10 2.17 39.36
CA CYS A 629 -20.67 1.06 38.52
C CYS A 629 -19.67 0.12 39.14
N LEU A 630 -18.87 0.63 40.06
CA LEU A 630 -17.83 -0.17 40.68
C LEU A 630 -17.94 -0.37 42.18
N ASP A 631 -18.77 0.40 42.87
CA ASP A 631 -18.89 0.29 44.33
C ASP A 631 -17.49 0.57 44.85
N TRP A 632 -16.87 1.59 44.27
CA TRP A 632 -15.52 1.99 44.61
C TRP A 632 -15.50 3.31 45.36
N GLU A 633 -14.47 3.49 46.16
CA GLU A 633 -14.35 4.69 46.95
C GLU A 633 -12.89 4.87 47.30
N PRO A 634 -12.27 6.01 46.94
CA PRO A 634 -10.86 6.21 47.27
C PRO A 634 -10.62 6.07 48.77
N LYS A 635 -9.44 5.59 49.16
CA LYS A 635 -9.15 5.40 50.57
C LYS A 635 -7.86 6.04 51.05
N ILE A 636 -6.76 5.78 50.36
CA ILE A 636 -5.50 6.33 50.77
C ILE A 636 -5.44 7.85 50.78
N ASP A 637 -4.92 8.40 51.87
CA ASP A 637 -4.78 9.84 51.99
C ASP A 637 -3.49 10.33 51.35
N MET A 638 -3.57 11.54 50.81
CA MET A 638 -2.48 12.19 50.11
C MET A 638 -1.10 12.12 50.76
N GLN A 639 -1.01 12.43 52.04
CA GLN A 639 0.27 12.40 52.73
C GLN A 639 1.01 11.06 52.56
N GLU A 640 0.23 9.99 52.59
CA GLU A 640 0.79 8.66 52.45
C GLU A 640 1.35 8.46 51.04
N THR A 641 0.66 9.00 50.06
CA THR A 641 1.09 8.90 48.66
C THR A 641 2.39 9.69 48.53
N ILE A 642 2.44 10.86 49.14
CA ILE A 642 3.64 11.68 49.09
C ILE A 642 4.83 10.89 49.58
N ASP A 643 4.68 10.26 50.74
CA ASP A 643 5.76 9.49 51.33
C ASP A 643 6.22 8.37 50.41
N GLU A 644 5.28 7.57 49.92
CA GLU A 644 5.58 6.47 49.02
C GLU A 644 6.40 6.95 47.85
N THR A 645 5.85 7.94 47.15
CA THR A 645 6.50 8.52 45.98
C THR A 645 7.90 9.04 46.28
N LEU A 646 8.02 9.85 47.32
CA LEU A 646 9.31 10.41 47.68
C LEU A 646 10.32 9.29 47.91
N ASP A 647 9.93 8.32 48.74
CA ASP A 647 10.85 7.23 49.05
C ASP A 647 11.34 6.50 47.82
N PHE A 648 10.41 6.13 46.95
CA PHE A 648 10.79 5.42 45.75
C PHE A 648 11.88 6.15 44.97
N PHE A 649 11.59 7.38 44.59
CA PHE A 649 12.52 8.15 43.81
C PHE A 649 13.85 8.48 44.49
N LEU A 650 13.84 8.73 45.80
CA LEU A 650 15.08 9.03 46.49
C LEU A 650 15.99 7.81 46.42
N ARG A 651 15.39 6.61 46.47
CA ARG A 651 16.15 5.38 46.43
C ARG A 651 16.45 4.97 45.00
N THR A 652 16.26 5.92 44.10
CA THR A 652 16.50 5.71 42.68
C THR A 652 17.81 6.39 42.35
N VAL A 653 18.16 7.35 43.19
CA VAL A 653 19.38 8.14 43.04
C VAL A 653 20.59 7.32 43.45
N ASP A 654 21.56 7.25 42.55
CA ASP A 654 22.79 6.51 42.84
C ASP A 654 23.64 7.39 43.73
N LEU A 655 24.01 6.88 44.90
CA LEU A 655 24.81 7.66 45.82
C LEU A 655 26.29 7.23 45.88
N THR A 656 27.11 7.79 44.99
CA THR A 656 28.55 7.52 44.91
C THR A 656 29.20 8.30 43.74
N MET B 1 -3.11 -58.98 -47.76
CA MET B 1 -4.11 -58.37 -46.83
C MET B 1 -4.13 -56.86 -46.92
N LYS B 2 -4.98 -56.26 -46.10
CA LYS B 2 -5.14 -54.82 -46.03
C LYS B 2 -4.76 -54.41 -44.60
N THR B 3 -3.80 -53.50 -44.43
CA THR B 3 -3.38 -53.08 -43.08
C THR B 3 -3.19 -51.61 -42.83
N VAL B 4 -3.12 -51.28 -41.54
CA VAL B 4 -2.87 -49.92 -41.07
C VAL B 4 -1.61 -50.08 -40.24
N VAL B 5 -0.57 -49.32 -40.58
CA VAL B 5 0.71 -49.42 -39.90
C VAL B 5 1.06 -48.27 -38.99
N PHE B 6 1.73 -48.59 -37.89
CA PHE B 6 2.19 -47.61 -36.92
C PHE B 6 3.70 -47.77 -36.88
N ALA B 7 4.40 -46.93 -37.64
CA ALA B 7 5.86 -47.04 -37.67
C ALA B 7 6.61 -45.73 -37.50
N TYR B 8 7.88 -45.85 -37.17
CA TYR B 8 8.75 -44.70 -36.98
C TYR B 8 10.20 -45.12 -37.04
N HIS B 9 11.05 -44.19 -37.46
CA HIS B 9 12.47 -44.42 -37.56
C HIS B 9 12.82 -45.61 -38.45
N ASP B 10 14.06 -46.10 -38.35
CA ASP B 10 14.53 -47.23 -39.16
C ASP B 10 13.64 -48.45 -39.23
N MET B 11 13.43 -49.11 -38.09
CA MET B 11 12.57 -50.29 -38.11
C MET B 11 11.30 -49.96 -38.86
N GLY B 12 10.81 -48.75 -38.70
CA GLY B 12 9.61 -48.34 -39.39
C GLY B 12 9.71 -48.46 -40.90
N CYS B 13 10.82 -48.02 -41.48
CA CYS B 13 10.98 -48.09 -42.93
C CYS B 13 11.11 -49.53 -43.42
N LEU B 14 12.03 -50.28 -42.82
CA LEU B 14 12.24 -51.66 -43.23
C LEU B 14 10.96 -52.47 -43.04
N GLY B 15 10.16 -52.09 -42.06
CA GLY B 15 8.93 -52.81 -41.81
C GLY B 15 7.88 -52.48 -42.86
N ILE B 16 7.81 -51.22 -43.25
CA ILE B 16 6.84 -50.83 -44.26
C ILE B 16 7.24 -51.40 -45.59
N GLU B 17 8.53 -51.58 -45.81
CA GLU B 17 9.00 -52.13 -47.07
C GLU B 17 8.76 -53.61 -47.15
N ALA B 18 9.07 -54.31 -46.07
CA ALA B 18 8.86 -55.75 -46.01
C ALA B 18 7.37 -56.02 -46.21
N LEU B 19 6.56 -55.19 -45.58
CA LEU B 19 5.12 -55.30 -45.66
C LEU B 19 4.69 -55.14 -47.10
N LEU B 20 5.24 -54.14 -47.79
CA LEU B 20 4.89 -53.89 -49.20
C LEU B 20 5.32 -55.04 -50.09
N ALA B 21 6.60 -55.42 -49.98
CA ALA B 21 7.14 -56.51 -50.77
C ALA B 21 6.37 -57.80 -50.52
N ALA B 22 5.83 -57.97 -49.32
CA ALA B 22 5.08 -59.18 -49.00
C ALA B 22 3.69 -59.17 -49.61
N GLY B 23 3.40 -58.13 -50.36
CA GLY B 23 2.12 -58.02 -51.03
C GLY B 23 0.98 -57.39 -50.26
N TYR B 24 1.25 -56.80 -49.10
CA TYR B 24 0.17 -56.19 -48.35
C TYR B 24 -0.24 -54.84 -48.92
N GLU B 25 -1.47 -54.43 -48.64
CA GLU B 25 -1.96 -53.15 -49.08
C GLU B 25 -2.01 -52.25 -47.86
N ILE B 26 -1.21 -51.19 -47.87
CA ILE B 26 -1.18 -50.29 -46.73
C ILE B 26 -2.16 -49.12 -46.91
N SER B 27 -3.28 -49.21 -46.21
CA SER B 27 -4.32 -48.19 -46.27
C SER B 27 -3.91 -46.86 -45.66
N ALA B 28 -3.10 -46.90 -44.62
CA ALA B 28 -2.62 -45.68 -43.96
C ALA B 28 -1.47 -45.98 -43.02
N ILE B 29 -0.61 -44.98 -42.81
CA ILE B 29 0.53 -45.12 -41.92
C ILE B 29 0.48 -44.01 -40.87
N PHE B 30 0.64 -44.38 -39.60
CA PHE B 30 0.64 -43.40 -38.54
C PHE B 30 2.07 -43.30 -37.99
N THR B 31 2.61 -42.10 -37.98
CA THR B 31 3.99 -41.89 -37.51
C THR B 31 4.11 -40.67 -36.60
N HIS B 32 5.33 -40.15 -36.48
CA HIS B 32 5.60 -38.98 -35.65
C HIS B 32 6.43 -37.93 -36.39
N THR B 33 6.39 -36.72 -35.85
CA THR B 33 7.16 -35.59 -36.39
C THR B 33 8.53 -35.76 -35.76
N ASP B 34 9.44 -34.83 -35.99
CA ASP B 34 10.79 -34.98 -35.42
C ASP B 34 11.26 -33.84 -34.52
N GLY B 43 16.10 -42.91 -41.03
CA GLY B 43 15.28 -42.94 -42.23
C GLY B 43 13.84 -42.54 -41.96
N SER B 44 13.41 -41.41 -42.53
CA SER B 44 12.05 -40.92 -42.31
C SER B 44 10.90 -41.78 -42.81
N VAL B 45 10.04 -42.22 -41.89
CA VAL B 45 8.91 -43.04 -42.28
C VAL B 45 7.97 -42.23 -43.15
N ALA B 46 7.77 -40.96 -42.78
CA ALA B 46 6.91 -40.06 -43.53
C ALA B 46 7.39 -39.93 -44.98
N ARG B 47 8.69 -39.69 -45.16
CA ARG B 47 9.27 -39.55 -46.50
C ARG B 47 8.91 -40.77 -47.34
N LEU B 48 9.14 -41.95 -46.76
CA LEU B 48 8.84 -43.20 -47.46
C LEU B 48 7.37 -43.24 -47.86
N ALA B 49 6.50 -43.03 -46.88
CA ALA B 49 5.05 -43.04 -47.11
C ALA B 49 4.67 -42.12 -48.26
N ALA B 50 5.20 -40.89 -48.21
CA ALA B 50 4.93 -39.88 -49.23
C ALA B 50 5.42 -40.35 -50.60
N GLU B 51 6.63 -40.92 -50.61
CA GLU B 51 7.21 -41.44 -51.82
C GLU B 51 6.40 -42.59 -52.40
N ARG B 52 5.84 -43.43 -51.55
CA ARG B 52 5.05 -44.56 -52.04
C ARG B 52 3.59 -44.22 -52.25
N GLY B 53 3.23 -42.96 -51.99
CA GLY B 53 1.84 -42.54 -52.15
C GLY B 53 0.88 -43.16 -51.15
N ILE B 54 1.36 -43.37 -49.92
CA ILE B 54 0.53 -43.95 -48.88
C ILE B 54 0.12 -42.86 -47.91
N PRO B 55 -1.19 -42.62 -47.74
CA PRO B 55 -1.62 -41.59 -46.80
C PRO B 55 -0.98 -41.76 -45.43
N VAL B 56 -0.26 -40.74 -44.99
CA VAL B 56 0.43 -40.78 -43.71
C VAL B 56 -0.10 -39.72 -42.76
N TYR B 57 -0.19 -40.07 -41.48
CA TYR B 57 -0.71 -39.14 -40.47
C TYR B 57 0.17 -39.13 -39.23
N ALA B 58 0.14 -38.05 -38.47
CA ALA B 58 0.97 -38.00 -37.28
C ALA B 58 0.32 -37.28 -36.11
N PRO B 59 -0.91 -37.68 -35.76
CA PRO B 59 -1.58 -37.02 -34.64
C PRO B 59 -0.81 -37.28 -33.35
N ASP B 60 -1.13 -36.55 -32.28
CA ASP B 60 -0.43 -36.78 -31.03
C ASP B 60 -1.00 -38.00 -30.34
N ASN B 61 -2.31 -38.17 -30.45
CA ASN B 61 -2.97 -39.29 -29.84
C ASN B 61 -3.97 -39.94 -30.80
N VAL B 62 -3.57 -41.06 -31.39
CA VAL B 62 -4.42 -41.78 -32.34
C VAL B 62 -5.54 -42.49 -31.63
N ASN B 63 -5.49 -42.51 -30.32
CA ASN B 63 -6.51 -43.17 -29.54
C ASN B 63 -7.78 -42.31 -29.45
N HIS B 64 -7.71 -41.11 -30.02
CA HIS B 64 -8.84 -40.18 -30.02
C HIS B 64 -9.97 -40.78 -30.86
N PRO B 65 -11.22 -40.55 -30.43
CA PRO B 65 -12.40 -41.06 -31.12
C PRO B 65 -12.39 -40.87 -32.64
N LEU B 66 -12.08 -39.67 -33.10
CA LEU B 66 -12.04 -39.36 -34.55
C LEU B 66 -11.14 -40.29 -35.34
N TRP B 67 -9.96 -40.55 -34.80
CA TRP B 67 -8.99 -41.41 -35.45
C TRP B 67 -9.43 -42.86 -35.41
N VAL B 68 -9.89 -43.30 -34.24
CA VAL B 68 -10.34 -44.67 -34.09
C VAL B 68 -11.41 -44.91 -35.15
N GLU B 69 -12.36 -43.99 -35.25
CA GLU B 69 -13.44 -44.09 -36.23
C GLU B 69 -12.91 -44.06 -37.66
N ARG B 70 -11.88 -43.25 -37.91
CA ARG B 70 -11.30 -43.17 -39.25
C ARG B 70 -10.47 -44.40 -39.58
N ILE B 71 -9.78 -44.97 -38.59
CA ILE B 71 -8.97 -46.17 -38.83
C ILE B 71 -9.94 -47.30 -39.10
N ALA B 72 -11.05 -47.30 -38.38
CA ALA B 72 -12.08 -48.33 -38.55
C ALA B 72 -12.66 -48.23 -39.96
N GLN B 73 -12.68 -47.01 -40.49
CA GLN B 73 -13.17 -46.75 -41.83
C GLN B 73 -12.33 -47.48 -42.84
N LEU B 74 -11.02 -47.39 -42.68
CA LEU B 74 -10.09 -48.06 -43.58
C LEU B 74 -10.33 -49.55 -43.56
N SER B 75 -10.98 -50.03 -42.50
CA SER B 75 -11.31 -51.44 -42.34
C SER B 75 -10.12 -52.34 -42.64
N PRO B 76 -9.11 -52.33 -41.75
CA PRO B 76 -7.93 -53.16 -41.95
C PRO B 76 -8.12 -54.60 -41.49
N ASP B 77 -7.39 -55.52 -42.12
CA ASP B 77 -7.45 -56.92 -41.77
C ASP B 77 -6.54 -57.17 -40.58
N VAL B 78 -5.38 -56.51 -40.58
CA VAL B 78 -4.40 -56.65 -39.51
C VAL B 78 -3.67 -55.33 -39.24
N ILE B 79 -3.15 -55.18 -38.04
CA ILE B 79 -2.42 -53.97 -37.68
C ILE B 79 -0.98 -54.31 -37.32
N PHE B 80 -0.04 -53.47 -37.74
CA PHE B 80 1.37 -53.69 -37.46
C PHE B 80 1.96 -52.48 -36.76
N SER B 81 2.88 -52.72 -35.85
CA SER B 81 3.51 -51.66 -35.10
C SER B 81 5.01 -51.82 -35.17
N PHE B 82 5.66 -50.98 -35.97
CA PHE B 82 7.12 -51.06 -36.11
C PHE B 82 7.78 -49.86 -35.47
N TYR B 83 8.05 -49.96 -34.18
CA TYR B 83 8.70 -48.88 -33.44
C TYR B 83 7.91 -47.58 -33.34
N TYR B 84 6.60 -47.70 -33.16
CA TYR B 84 5.73 -46.53 -32.98
C TYR B 84 5.96 -46.11 -31.54
N ARG B 85 6.20 -44.82 -31.30
CA ARG B 85 6.48 -44.34 -29.95
C ARG B 85 5.27 -44.13 -29.01
N HIS B 86 4.22 -43.44 -29.46
CA HIS B 86 3.05 -43.24 -28.59
C HIS B 86 2.45 -44.64 -28.37
N LEU B 87 1.52 -44.77 -27.43
CA LEU B 87 0.94 -46.07 -27.15
C LEU B 87 -0.45 -46.28 -27.71
N ILE B 88 -0.58 -47.29 -28.57
CA ILE B 88 -1.85 -47.64 -29.20
C ILE B 88 -2.58 -48.51 -28.20
N TYR B 89 -3.87 -48.25 -27.98
CA TYR B 89 -4.55 -49.10 -27.03
C TYR B 89 -5.82 -49.78 -27.49
N ASP B 90 -6.07 -50.93 -26.85
CA ASP B 90 -7.19 -51.82 -27.12
C ASP B 90 -8.24 -51.29 -28.08
N GLU B 91 -8.95 -50.26 -27.65
CA GLU B 91 -10.00 -49.65 -28.46
C GLU B 91 -9.81 -49.86 -29.96
N ILE B 92 -8.65 -49.43 -30.47
CA ILE B 92 -8.32 -49.54 -31.87
C ILE B 92 -7.68 -50.87 -32.30
N LEU B 93 -6.86 -51.46 -31.43
CA LEU B 93 -6.21 -52.72 -31.72
C LEU B 93 -7.16 -53.79 -32.25
N GLN B 94 -8.28 -53.95 -31.57
CA GLN B 94 -9.26 -54.95 -31.96
C GLN B 94 -10.06 -54.63 -33.20
N LEU B 95 -9.65 -53.62 -33.95
CA LEU B 95 -10.37 -53.27 -35.17
C LEU B 95 -9.90 -54.14 -36.31
N ALA B 96 -8.85 -54.91 -36.05
CA ALA B 96 -8.28 -55.79 -37.06
C ALA B 96 -8.61 -57.24 -36.72
N PRO B 97 -9.41 -57.90 -37.57
CA PRO B 97 -9.78 -59.30 -37.33
C PRO B 97 -8.57 -60.24 -37.25
N ALA B 98 -7.58 -60.03 -38.11
CA ALA B 98 -6.38 -60.87 -38.12
C ALA B 98 -5.48 -60.58 -36.93
N GLY B 99 -5.80 -59.55 -36.15
CA GLY B 99 -5.00 -59.20 -35.00
C GLY B 99 -4.03 -58.03 -35.20
N ALA B 100 -3.26 -57.73 -34.17
CA ALA B 100 -2.29 -56.65 -34.22
C ALA B 100 -0.96 -57.18 -33.71
N PHE B 101 0.08 -57.03 -34.51
CA PHE B 101 1.41 -57.50 -34.14
C PHE B 101 2.40 -56.36 -33.99
N ASN B 102 3.31 -56.51 -33.04
CA ASN B 102 4.32 -55.50 -32.80
C ASN B 102 5.73 -56.11 -32.91
N LEU B 103 6.67 -55.35 -33.46
CA LEU B 103 8.05 -55.83 -33.61
C LEU B 103 8.90 -55.22 -32.50
N HIS B 104 9.27 -56.04 -31.53
CA HIS B 104 10.09 -55.63 -30.39
C HIS B 104 11.55 -56.02 -30.57
N GLY B 105 12.46 -55.13 -30.15
CA GLY B 105 13.88 -55.39 -30.32
C GLY B 105 14.62 -56.23 -29.31
N SER B 106 14.02 -57.29 -28.80
CA SER B 106 14.73 -58.14 -27.85
C SER B 106 14.20 -59.56 -27.90
N LEU B 107 14.90 -60.45 -27.21
CA LEU B 107 14.50 -61.85 -27.17
C LEU B 107 13.46 -62.05 -26.08
N LEU B 108 12.24 -61.63 -26.35
CA LEU B 108 11.13 -61.75 -25.40
C LEU B 108 11.04 -63.19 -24.90
N PRO B 109 10.50 -63.38 -23.70
CA PRO B 109 9.98 -62.34 -22.80
C PRO B 109 11.06 -61.54 -22.06
N LYS B 110 12.32 -61.72 -22.44
CA LYS B 110 13.42 -60.99 -21.80
C LYS B 110 13.52 -59.57 -22.35
N TYR B 111 13.85 -58.61 -21.49
CA TYR B 111 13.97 -57.22 -21.90
C TYR B 111 12.70 -56.73 -22.59
N ARG B 112 11.55 -57.09 -22.03
CA ARG B 112 10.30 -56.68 -22.65
C ARG B 112 10.00 -55.21 -22.38
N GLY B 113 10.88 -54.55 -21.64
CA GLY B 113 10.65 -53.15 -21.35
C GLY B 113 10.86 -52.25 -22.56
N ARG B 114 11.63 -51.18 -22.38
CA ARG B 114 11.93 -50.28 -23.47
C ARG B 114 13.43 -49.95 -23.43
N ALA B 115 13.98 -49.65 -24.61
CA ALA B 115 15.40 -49.35 -24.78
C ALA B 115 16.21 -50.63 -24.67
N PRO B 116 15.67 -51.75 -25.20
CA PRO B 116 16.38 -53.01 -25.10
C PRO B 116 17.73 -52.97 -25.79
N LEU B 117 17.84 -52.17 -26.84
CA LEU B 117 19.11 -52.07 -27.54
C LEU B 117 20.23 -51.67 -26.59
N ASN B 118 19.92 -50.74 -25.69
CA ASN B 118 20.91 -50.24 -24.73
C ASN B 118 21.07 -51.14 -23.52
N TRP B 119 19.95 -51.55 -22.93
CA TRP B 119 20.00 -52.40 -21.75
C TRP B 119 20.81 -53.67 -21.96
N VAL B 120 20.63 -54.34 -23.10
CA VAL B 120 21.39 -55.56 -23.36
C VAL B 120 22.89 -55.29 -23.35
N LEU B 121 23.30 -54.10 -23.73
CA LEU B 121 24.72 -53.74 -23.72
C LEU B 121 25.15 -53.38 -22.29
N VAL B 122 24.30 -52.68 -21.55
CA VAL B 122 24.57 -52.30 -20.16
C VAL B 122 24.86 -53.55 -19.33
N ASN B 123 23.95 -54.52 -19.38
CA ASN B 123 24.11 -55.76 -18.65
C ASN B 123 25.06 -56.71 -19.38
N GLY B 124 25.75 -56.22 -20.39
CA GLY B 124 26.69 -57.05 -21.12
C GLY B 124 26.22 -58.44 -21.55
N GLU B 125 25.12 -58.52 -22.29
CA GLU B 125 24.59 -59.79 -22.75
C GLU B 125 25.46 -60.29 -23.90
N THR B 126 25.38 -61.58 -24.19
CA THR B 126 26.16 -62.18 -25.26
C THR B 126 25.31 -62.30 -26.50
N GLU B 127 24.01 -62.13 -26.33
CA GLU B 127 23.09 -62.24 -27.43
C GLU B 127 21.77 -61.56 -27.16
N THR B 128 21.08 -61.18 -28.24
CA THR B 128 19.79 -60.50 -28.19
C THR B 128 19.06 -60.88 -29.48
N GLY B 129 18.07 -60.11 -29.89
CA GLY B 129 17.37 -60.45 -31.12
C GLY B 129 16.09 -59.67 -31.33
N VAL B 130 15.34 -60.03 -32.36
CA VAL B 130 14.07 -59.37 -32.67
C VAL B 130 12.89 -60.32 -32.48
N THR B 131 11.75 -59.80 -32.03
CA THR B 131 10.56 -60.62 -31.81
C THR B 131 9.27 -60.01 -32.34
N LEU B 132 8.53 -60.76 -33.14
CA LEU B 132 7.26 -60.26 -33.66
C LEU B 132 6.19 -60.98 -32.85
N HIS B 133 5.57 -60.26 -31.91
CA HIS B 133 4.54 -60.86 -31.07
C HIS B 133 3.21 -60.16 -31.26
N ARG B 134 2.15 -60.80 -30.78
CA ARG B 134 0.81 -60.23 -30.88
C ARG B 134 0.68 -59.19 -29.77
N MET B 135 -0.08 -58.13 -30.03
CA MET B 135 -0.27 -57.05 -29.07
C MET B 135 -1.45 -57.30 -28.15
N VAL B 136 -1.19 -57.26 -26.85
CA VAL B 136 -2.24 -57.51 -25.87
C VAL B 136 -2.29 -56.37 -24.86
N LYS B 137 -3.26 -56.43 -23.95
CA LYS B 137 -3.42 -55.40 -22.92
C LYS B 137 -2.09 -55.08 -22.25
N ARG B 138 -1.32 -56.13 -21.92
CA ARG B 138 -0.01 -55.95 -21.28
C ARG B 138 1.08 -55.66 -22.31
N ALA B 139 1.98 -54.75 -21.96
CA ALA B 139 3.08 -54.34 -22.85
C ALA B 139 4.11 -55.42 -23.16
N ASP B 140 4.28 -55.71 -24.44
CA ASP B 140 5.24 -56.71 -24.89
C ASP B 140 5.00 -58.12 -24.34
N ALA B 141 3.77 -58.42 -23.94
CA ALA B 141 3.49 -59.75 -23.39
C ALA B 141 2.84 -60.71 -24.39
N GLY B 142 2.10 -60.18 -25.37
CA GLY B 142 1.43 -61.01 -26.36
C GLY B 142 2.16 -62.23 -26.88
N ALA B 143 1.41 -63.21 -27.37
CA ALA B 143 2.01 -64.44 -27.88
C ALA B 143 3.05 -64.16 -28.95
N ILE B 144 4.18 -64.86 -28.88
CA ILE B 144 5.24 -64.67 -29.85
C ILE B 144 4.92 -65.41 -31.14
N VAL B 145 5.04 -64.70 -32.25
CA VAL B 145 4.74 -65.27 -33.56
C VAL B 145 6.03 -65.66 -34.29
N ALA B 146 7.14 -65.02 -33.92
CA ALA B 146 8.43 -65.30 -34.53
C ALA B 146 9.51 -64.55 -33.77
N GLN B 147 10.70 -65.12 -33.71
CA GLN B 147 11.81 -64.51 -32.99
C GLN B 147 13.08 -64.82 -33.78
N LEU B 148 14.19 -64.22 -33.41
CA LEU B 148 15.42 -64.47 -34.13
C LEU B 148 16.61 -63.99 -33.32
N ARG B 149 17.54 -64.87 -33.00
CA ARG B 149 18.70 -64.50 -32.20
C ARG B 149 19.78 -63.73 -32.93
N ILE B 150 20.56 -62.98 -32.17
CA ILE B 150 21.65 -62.16 -32.68
C ILE B 150 22.80 -62.20 -31.70
N ALA B 151 24.00 -62.38 -32.20
CA ALA B 151 25.17 -62.44 -31.34
C ALA B 151 25.72 -61.03 -31.13
N ILE B 152 26.01 -60.69 -29.88
CA ILE B 152 26.56 -59.38 -29.58
C ILE B 152 28.07 -59.53 -29.49
N ALA B 153 28.79 -58.88 -30.41
CA ALA B 153 30.25 -58.94 -30.43
C ALA B 153 30.82 -58.15 -29.27
N PRO B 154 31.95 -58.60 -28.71
CA PRO B 154 32.60 -57.93 -27.59
C PRO B 154 32.90 -56.47 -27.89
N ASP B 155 33.02 -56.16 -29.17
CA ASP B 155 33.33 -54.81 -29.60
C ASP B 155 32.16 -54.11 -30.28
N ASP B 156 30.95 -54.58 -30.00
CA ASP B 156 29.74 -53.97 -30.57
C ASP B 156 29.32 -52.80 -29.69
N ILE B 157 28.75 -51.77 -30.29
CA ILE B 157 28.25 -50.62 -29.54
C ILE B 157 26.83 -50.36 -30.00
N ALA B 158 26.05 -49.65 -29.19
CA ALA B 158 24.66 -49.36 -29.52
C ALA B 158 24.36 -49.24 -31.02
N ILE B 159 25.01 -48.30 -31.68
CA ILE B 159 24.76 -48.09 -33.09
C ILE B 159 25.02 -49.31 -33.98
N THR B 160 26.13 -50.03 -33.73
CA THR B 160 26.48 -51.20 -34.52
C THR B 160 25.55 -52.37 -34.25
N LEU B 161 25.05 -52.47 -33.02
CA LEU B 161 24.14 -53.53 -32.66
C LEU B 161 22.76 -53.17 -33.22
N HIS B 162 22.54 -51.88 -33.42
CA HIS B 162 21.27 -51.40 -33.96
C HIS B 162 21.11 -51.90 -35.39
N HIS B 163 22.18 -51.84 -36.17
CA HIS B 163 22.13 -52.32 -37.54
C HIS B 163 21.99 -53.83 -37.53
N LYS B 164 22.68 -54.48 -36.61
CA LYS B 164 22.60 -55.92 -36.49
C LYS B 164 21.13 -56.28 -36.35
N LEU B 165 20.44 -55.60 -35.42
CA LEU B 165 19.03 -55.83 -35.17
C LEU B 165 18.13 -55.45 -36.33
N CYS B 166 18.45 -54.36 -37.01
CA CYS B 166 17.64 -53.93 -38.14
C CYS B 166 17.70 -54.98 -39.21
N HIS B 167 18.91 -55.46 -39.47
CA HIS B 167 19.11 -56.48 -40.48
C HIS B 167 18.34 -57.73 -40.10
N ALA B 168 18.42 -58.13 -38.83
CA ALA B 168 17.72 -59.32 -38.34
C ALA B 168 16.22 -59.17 -38.52
N ALA B 169 15.71 -57.98 -38.26
CA ALA B 169 14.28 -57.72 -38.38
C ALA B 169 13.87 -57.80 -39.85
N ARG B 170 14.70 -57.24 -40.72
CA ARG B 170 14.39 -57.25 -42.15
C ARG B 170 14.19 -58.69 -42.60
N GLN B 171 15.00 -59.59 -42.05
CA GLN B 171 14.94 -61.02 -42.38
C GLN B 171 13.77 -61.75 -41.73
N LEU B 172 13.51 -61.43 -40.45
CA LEU B 172 12.41 -62.07 -39.76
C LEU B 172 11.09 -61.75 -40.42
N LEU B 173 10.87 -60.47 -40.72
CA LEU B 173 9.63 -60.06 -41.36
C LEU B 173 9.56 -60.67 -42.74
N GLU B 174 10.65 -60.54 -43.49
CA GLU B 174 10.70 -61.08 -44.84
C GLU B 174 10.07 -62.46 -44.96
N GLN B 175 10.36 -63.33 -43.99
CA GLN B 175 9.82 -64.67 -44.04
C GLN B 175 8.58 -64.95 -43.21
N THR B 176 8.46 -64.36 -42.02
CA THR B 176 7.26 -64.63 -41.22
C THR B 176 6.08 -63.75 -41.60
N LEU B 177 6.32 -62.77 -42.46
CA LEU B 177 5.26 -61.86 -42.87
C LEU B 177 4.33 -62.55 -43.86
N PRO B 178 4.88 -63.31 -44.83
CA PRO B 178 4.01 -64.00 -45.79
C PRO B 178 3.16 -65.01 -45.07
N ALA B 179 3.70 -65.50 -43.96
CA ALA B 179 3.00 -66.48 -43.15
C ALA B 179 1.72 -65.93 -42.54
N ILE B 180 1.79 -64.70 -42.06
CA ILE B 180 0.64 -64.05 -41.45
C ILE B 180 -0.37 -63.70 -42.53
N LYS B 181 0.12 -63.30 -43.69
CA LYS B 181 -0.75 -62.92 -44.78
C LYS B 181 -1.80 -63.99 -44.98
N HIS B 182 -1.41 -65.23 -44.70
CA HIS B 182 -2.35 -66.29 -44.84
C HIS B 182 -2.85 -66.67 -43.45
N GLY B 183 -2.01 -67.29 -42.62
CA GLY B 183 -2.48 -67.71 -41.29
C GLY B 183 -1.69 -68.82 -40.65
N ASN B 184 -0.57 -69.19 -41.25
CA ASN B 184 0.28 -70.24 -40.70
C ASN B 184 1.12 -69.61 -39.63
N ILE B 185 0.55 -69.40 -38.44
CA ILE B 185 1.32 -68.82 -37.35
C ILE B 185 0.97 -69.45 -36.03
N LEU B 186 2.00 -69.77 -35.24
CA LEU B 186 1.78 -70.39 -33.93
C LEU B 186 1.97 -69.35 -32.84
N GLU B 187 0.92 -69.14 -32.05
CA GLU B 187 0.95 -68.17 -30.96
C GLU B 187 1.65 -68.75 -29.75
N ILE B 188 2.95 -69.01 -29.85
CA ILE B 188 3.70 -69.56 -28.73
C ILE B 188 3.67 -68.54 -27.59
N ALA B 189 2.75 -68.74 -26.65
CA ALA B 189 2.59 -67.84 -25.50
C ALA B 189 3.91 -67.55 -24.80
N GLN B 190 3.95 -66.49 -24.00
CA GLN B 190 5.17 -66.12 -23.31
C GLN B 190 5.30 -66.66 -21.91
N ARG B 191 6.48 -67.23 -21.62
CA ARG B 191 6.77 -67.80 -20.31
C ARG B 191 6.84 -66.66 -19.28
N GLU B 192 5.66 -66.20 -18.85
CA GLU B 192 5.52 -65.11 -17.89
C GLU B 192 6.47 -65.07 -16.69
N ASN B 193 6.87 -66.22 -16.18
CA ASN B 193 7.77 -66.27 -15.04
C ASN B 193 9.22 -66.15 -15.49
N GLU B 194 9.45 -65.65 -16.69
CA GLU B 194 10.81 -65.50 -17.20
C GLU B 194 11.02 -64.13 -17.81
N ALA B 195 9.92 -63.39 -17.93
CA ALA B 195 9.95 -62.06 -18.51
C ALA B 195 10.69 -61.03 -17.64
N THR B 196 11.48 -60.20 -18.31
CA THR B 196 12.25 -59.14 -17.65
C THR B 196 11.79 -57.83 -18.29
N CYS B 197 11.60 -56.79 -17.48
CA CYS B 197 11.14 -55.52 -18.02
C CYS B 197 12.07 -54.40 -17.56
N PHE B 198 12.31 -53.43 -18.45
CA PHE B 198 13.15 -52.29 -18.14
C PHE B 198 12.44 -51.01 -18.56
N GLY B 199 12.74 -49.90 -17.91
CA GLY B 199 12.09 -48.66 -18.26
C GLY B 199 12.96 -47.67 -19.01
N ARG B 200 12.36 -46.54 -19.37
CA ARG B 200 13.06 -45.50 -20.10
C ARG B 200 14.32 -45.08 -19.37
N ARG B 201 15.43 -45.00 -20.10
CA ARG B 201 16.70 -44.60 -19.50
C ARG B 201 16.87 -43.10 -19.73
N THR B 202 17.19 -42.36 -18.69
CA THR B 202 17.41 -40.92 -18.84
C THR B 202 18.93 -40.76 -18.96
N PRO B 203 19.40 -39.65 -19.55
CA PRO B 203 20.86 -39.54 -19.66
C PRO B 203 21.59 -39.63 -18.32
N ASP B 204 20.87 -39.44 -17.22
CA ASP B 204 21.49 -39.53 -15.90
C ASP B 204 21.86 -40.98 -15.54
N ASP B 205 21.30 -41.92 -16.28
CA ASP B 205 21.56 -43.35 -16.05
C ASP B 205 22.88 -43.83 -16.66
N SER B 206 23.57 -42.94 -17.36
CA SER B 206 24.82 -43.30 -18.00
C SER B 206 26.01 -42.78 -17.19
N PHE B 207 25.75 -42.49 -15.92
CA PHE B 207 26.77 -42.01 -15.01
C PHE B 207 27.72 -43.13 -14.68
N LEU B 208 29.02 -42.85 -14.71
CA LEU B 208 30.01 -43.87 -14.41
C LEU B 208 30.41 -43.84 -12.94
N GLU B 209 30.26 -44.99 -12.29
CA GLU B 209 30.62 -45.14 -10.88
C GLU B 209 31.83 -46.06 -10.83
N TRP B 210 32.99 -45.43 -10.77
CA TRP B 210 34.26 -46.12 -10.78
C TRP B 210 34.46 -47.24 -9.78
N HIS B 211 33.61 -47.32 -8.77
CA HIS B 211 33.77 -48.38 -7.78
C HIS B 211 33.39 -49.72 -8.39
N LYS B 212 32.59 -49.69 -9.45
CA LYS B 212 32.15 -50.90 -10.12
C LYS B 212 33.32 -51.51 -10.90
N PRO B 213 33.13 -52.73 -11.45
CA PRO B 213 34.19 -53.40 -12.23
C PRO B 213 34.42 -52.72 -13.57
N ALA B 214 35.66 -52.73 -14.04
CA ALA B 214 35.98 -52.09 -15.30
C ALA B 214 35.09 -52.60 -16.42
N SER B 215 34.69 -53.87 -16.30
CA SER B 215 33.85 -54.51 -17.30
C SER B 215 32.47 -53.85 -17.35
N VAL B 216 31.85 -53.68 -16.19
CA VAL B 216 30.53 -53.06 -16.10
C VAL B 216 30.62 -51.67 -16.72
N LEU B 217 31.59 -50.88 -16.28
CA LEU B 217 31.77 -49.53 -16.77
C LEU B 217 32.00 -49.51 -18.28
N HIS B 218 32.78 -50.46 -18.75
CA HIS B 218 33.06 -50.54 -20.18
C HIS B 218 31.78 -50.79 -21.00
N ASN B 219 30.91 -51.67 -20.51
CA ASN B 219 29.67 -51.95 -21.21
C ASN B 219 28.77 -50.72 -21.22
N MET B 220 28.91 -49.88 -20.20
CA MET B 220 28.09 -48.66 -20.10
C MET B 220 28.44 -47.73 -21.24
N VAL B 221 29.74 -47.49 -21.44
CA VAL B 221 30.16 -46.59 -22.49
C VAL B 221 29.75 -47.15 -23.85
N ARG B 222 29.68 -48.47 -23.96
CA ARG B 222 29.27 -49.08 -25.22
C ARG B 222 27.77 -48.90 -25.39
N ALA B 223 27.02 -49.21 -24.34
CA ALA B 223 25.57 -49.12 -24.33
C ALA B 223 25.02 -47.80 -24.80
N VAL B 224 25.72 -46.71 -24.52
CA VAL B 224 25.25 -45.41 -24.95
C VAL B 224 26.26 -44.61 -25.75
N ALA B 225 27.15 -45.29 -26.46
CA ALA B 225 28.14 -44.60 -27.28
C ALA B 225 27.46 -43.79 -28.37
N ASP B 226 28.21 -42.92 -29.02
CA ASP B 226 27.64 -42.10 -30.09
C ASP B 226 26.93 -43.05 -31.06
N PRO B 227 25.82 -42.61 -31.67
CA PRO B 227 25.14 -41.33 -31.57
C PRO B 227 24.36 -41.10 -30.30
N TRP B 228 24.45 -42.02 -29.34
CA TRP B 228 23.73 -41.83 -28.08
C TRP B 228 24.48 -40.81 -27.20
N PRO B 229 23.80 -40.25 -26.18
CA PRO B 229 24.38 -39.26 -25.25
C PRO B 229 25.73 -39.57 -24.65
N GLY B 230 26.03 -40.85 -24.41
CA GLY B 230 27.33 -41.24 -23.87
C GLY B 230 27.43 -41.39 -22.35
N ALA B 231 28.48 -42.09 -21.90
CA ALA B 231 28.70 -42.28 -20.48
C ALA B 231 29.55 -41.11 -19.97
N PHE B 232 29.20 -40.58 -18.80
CA PHE B 232 29.93 -39.44 -18.27
C PHE B 232 30.39 -39.62 -16.82
N SER B 233 31.20 -38.67 -16.37
CA SER B 233 31.73 -38.64 -15.02
C SER B 233 32.06 -37.18 -14.71
N TYR B 234 32.77 -36.94 -13.61
CA TYR B 234 33.14 -35.59 -13.19
C TYR B 234 34.58 -35.45 -12.69
N VAL B 235 35.21 -34.36 -13.07
CA VAL B 235 36.56 -34.06 -12.65
C VAL B 235 36.27 -32.84 -11.81
N GLY B 236 36.02 -33.07 -10.52
CA GLY B 236 35.69 -31.96 -9.66
C GLY B 236 34.36 -31.43 -10.12
N ASN B 237 34.31 -30.14 -10.47
CA ASN B 237 33.07 -29.51 -10.93
C ASN B 237 32.78 -29.82 -12.40
N GLN B 238 33.83 -30.12 -13.17
CA GLN B 238 33.72 -30.39 -14.59
C GLN B 238 33.16 -31.77 -14.98
N LYS B 239 32.26 -31.79 -15.95
CA LYS B 239 31.67 -33.04 -16.44
C LYS B 239 32.26 -33.39 -17.80
N PHE B 240 32.65 -34.64 -17.97
CA PHE B 240 33.21 -35.07 -19.23
C PHE B 240 32.56 -36.39 -19.63
N THR B 241 32.61 -36.71 -20.92
CA THR B 241 32.01 -37.92 -21.45
C THR B 241 33.01 -38.88 -22.03
N VAL B 242 32.83 -40.17 -21.73
CA VAL B 242 33.70 -41.20 -22.25
C VAL B 242 33.02 -41.85 -23.47
N TRP B 243 33.64 -41.70 -24.63
CA TRP B 243 33.13 -42.27 -25.87
C TRP B 243 33.75 -43.62 -26.19
N SER B 244 35.06 -43.76 -25.96
CA SER B 244 35.74 -45.02 -26.23
C SER B 244 36.36 -45.54 -24.96
N SER B 245 36.09 -46.79 -24.61
CA SER B 245 36.67 -47.37 -23.42
C SER B 245 37.57 -48.54 -23.81
N ARG B 246 38.13 -49.21 -22.80
CA ARG B 246 39.05 -50.32 -23.04
C ARG B 246 39.48 -50.92 -21.70
N VAL B 247 38.90 -52.06 -21.32
CA VAL B 247 39.23 -52.67 -20.04
C VAL B 247 40.66 -53.17 -19.94
N HIS B 248 41.25 -52.98 -18.75
CA HIS B 248 42.61 -53.39 -18.45
C HIS B 248 42.63 -54.27 -17.21
N PRO B 249 42.81 -55.59 -17.38
CA PRO B 249 42.83 -56.44 -16.18
C PRO B 249 44.02 -56.03 -15.32
N HIS B 250 44.90 -55.24 -15.93
CA HIS B 250 46.12 -54.72 -15.28
C HIS B 250 45.78 -53.99 -13.97
N ALA B 251 45.86 -54.73 -12.87
CA ALA B 251 45.56 -54.20 -11.53
C ALA B 251 46.23 -52.86 -11.22
N SER B 252 45.95 -52.35 -10.02
CA SER B 252 46.50 -51.09 -9.56
C SER B 252 45.97 -50.88 -8.16
N LYS B 253 46.87 -51.00 -7.18
CA LYS B 253 46.50 -50.82 -5.78
C LYS B 253 45.79 -49.48 -5.57
N ALA B 254 45.71 -48.69 -6.65
CA ALA B 254 45.08 -47.39 -6.61
C ALA B 254 43.58 -47.54 -6.31
N GLN B 255 43.07 -46.67 -5.44
CA GLN B 255 41.67 -46.73 -5.07
C GLN B 255 40.82 -46.34 -6.26
N PRO B 256 39.65 -46.95 -6.38
CA PRO B 256 38.72 -46.69 -7.47
C PRO B 256 38.46 -45.22 -7.72
N GLY B 257 38.48 -44.85 -9.00
CA GLY B 257 38.23 -43.48 -9.39
C GLY B 257 39.47 -42.61 -9.56
N SER B 258 40.61 -43.10 -9.10
CA SER B 258 41.83 -42.32 -9.20
C SER B 258 42.51 -42.59 -10.53
N VAL B 259 43.16 -41.55 -11.05
CA VAL B 259 43.85 -41.66 -12.33
C VAL B 259 45.17 -42.39 -12.20
N ILE B 260 45.28 -43.52 -12.89
CA ILE B 260 46.50 -44.32 -12.89
C ILE B 260 47.57 -43.69 -13.78
N SER B 261 47.15 -43.13 -14.91
CA SER B 261 48.06 -42.47 -15.85
C SER B 261 47.28 -41.54 -16.79
N VAL B 262 48.00 -40.65 -17.45
CA VAL B 262 47.36 -39.71 -18.36
C VAL B 262 47.72 -39.96 -19.82
N ALA B 263 48.34 -41.10 -20.09
CA ALA B 263 48.72 -41.44 -21.46
C ALA B 263 49.18 -42.90 -21.53
N PRO B 264 48.24 -43.82 -21.77
CA PRO B 264 46.82 -43.56 -21.96
C PRO B 264 46.15 -43.06 -20.69
N LEU B 265 44.97 -42.47 -20.84
CA LEU B 265 44.22 -42.00 -19.68
C LEU B 265 43.61 -43.26 -19.07
N LEU B 266 44.22 -43.75 -18.00
CA LEU B 266 43.76 -44.97 -17.36
C LEU B 266 43.18 -44.71 -15.98
N ILE B 267 41.89 -44.97 -15.80
CA ILE B 267 41.24 -44.78 -14.50
C ILE B 267 41.15 -46.10 -13.74
N ALA B 268 41.43 -46.07 -12.45
CA ALA B 268 41.37 -47.29 -11.66
C ALA B 268 39.92 -47.60 -11.32
N CYS B 269 39.48 -48.83 -11.57
CA CYS B 269 38.11 -49.22 -11.26
C CYS B 269 38.06 -50.22 -10.10
N GLY B 270 36.86 -50.53 -9.63
CA GLY B 270 36.70 -51.45 -8.52
C GLY B 270 37.37 -52.78 -8.78
N ASP B 271 37.47 -53.11 -10.05
CA ASP B 271 38.10 -54.35 -10.48
C ASP B 271 38.78 -54.05 -11.82
N GLY B 272 40.10 -53.98 -11.81
CA GLY B 272 40.82 -53.66 -13.04
C GLY B 272 40.68 -52.16 -13.34
N ALA B 273 41.31 -51.69 -14.41
CA ALA B 273 41.20 -50.28 -14.76
C ALA B 273 40.53 -50.09 -16.11
N LEU B 274 40.00 -48.90 -16.34
CA LEU B 274 39.35 -48.60 -17.61
C LEU B 274 40.14 -47.52 -18.33
N GLU B 275 40.42 -47.75 -19.60
CA GLU B 275 41.17 -46.78 -20.38
C GLU B 275 40.22 -45.92 -21.18
N ILE B 276 40.26 -44.60 -20.98
CA ILE B 276 39.42 -43.70 -21.73
C ILE B 276 40.15 -43.40 -23.05
N VAL B 277 39.70 -44.03 -24.13
CA VAL B 277 40.32 -43.86 -25.43
C VAL B 277 39.97 -42.53 -26.07
N THR B 278 38.71 -42.17 -26.06
CA THR B 278 38.29 -40.88 -26.61
C THR B 278 37.13 -40.35 -25.78
N GLY B 279 37.09 -39.04 -25.62
CA GLY B 279 36.02 -38.45 -24.84
C GLY B 279 36.09 -36.96 -25.04
N GLN B 280 35.17 -36.24 -24.42
CA GLN B 280 35.12 -34.79 -24.55
C GLN B 280 34.81 -34.13 -23.22
N ALA B 281 35.48 -33.02 -22.96
CA ALA B 281 35.25 -32.26 -21.72
C ALA B 281 34.06 -31.32 -21.99
N GLY B 282 33.00 -31.46 -21.19
CA GLY B 282 31.82 -30.64 -21.37
C GLY B 282 31.21 -30.79 -22.75
N ASP B 283 30.95 -29.66 -23.40
CA ASP B 283 30.39 -29.67 -24.74
C ASP B 283 31.45 -29.42 -25.79
N GLY B 284 32.71 -29.62 -25.41
CA GLY B 284 33.81 -29.43 -26.33
C GLY B 284 33.86 -30.53 -27.37
N ILE B 285 34.88 -30.50 -28.22
CA ILE B 285 35.01 -31.51 -29.25
C ILE B 285 35.60 -32.78 -28.68
N THR B 286 35.40 -33.89 -29.38
CA THR B 286 35.94 -35.18 -28.97
C THR B 286 37.44 -35.17 -29.21
N MET B 287 38.18 -35.84 -28.36
CA MET B 287 39.63 -35.92 -28.50
C MET B 287 40.15 -37.19 -27.87
N GLN B 288 41.36 -37.59 -28.24
CA GLN B 288 41.95 -38.79 -27.67
C GLN B 288 42.10 -38.59 -26.17
N GLY B 289 42.00 -39.67 -25.41
CA GLY B 289 42.11 -39.61 -23.96
C GLY B 289 43.26 -38.79 -23.41
N SER B 290 44.45 -38.97 -23.97
CA SER B 290 45.62 -38.23 -23.50
C SER B 290 45.35 -36.72 -23.49
N GLN B 291 44.75 -36.24 -24.57
CA GLN B 291 44.44 -34.82 -24.69
C GLN B 291 43.29 -34.42 -23.77
N LEU B 292 42.30 -35.31 -23.64
CA LEU B 292 41.15 -35.05 -22.79
C LEU B 292 41.67 -34.90 -21.36
N ALA B 293 42.69 -35.69 -21.04
CA ALA B 293 43.28 -35.64 -19.72
C ALA B 293 43.84 -34.25 -19.44
N GLN B 294 44.56 -33.68 -20.39
CA GLN B 294 45.14 -32.36 -20.19
C GLN B 294 44.08 -31.30 -20.09
N THR B 295 43.17 -31.28 -21.06
CA THR B 295 42.11 -30.28 -21.09
C THR B 295 41.20 -30.35 -19.86
N LEU B 296 41.40 -31.35 -19.02
CA LEU B 296 40.59 -31.49 -17.81
C LEU B 296 41.41 -31.21 -16.56
N GLY B 297 42.73 -31.12 -16.73
CA GLY B 297 43.61 -30.85 -15.61
C GLY B 297 43.91 -32.08 -14.80
N LEU B 298 43.97 -33.23 -15.45
CA LEU B 298 44.26 -34.47 -14.74
C LEU B 298 45.74 -34.75 -14.66
N VAL B 299 46.11 -35.37 -13.55
CA VAL B 299 47.46 -35.81 -13.25
C VAL B 299 47.07 -37.01 -12.40
N GLN B 300 48.01 -37.67 -11.74
CA GLN B 300 47.65 -38.84 -10.95
C GLN B 300 46.75 -38.66 -9.71
N GLY B 301 45.57 -38.07 -9.85
CA GLY B 301 44.70 -37.88 -8.69
C GLY B 301 43.22 -37.98 -8.94
N SER B 302 42.56 -38.74 -8.06
CA SER B 302 41.11 -39.04 -8.03
C SER B 302 40.07 -38.23 -8.78
N ARG B 303 39.18 -38.95 -9.48
CA ARG B 303 38.07 -38.39 -10.29
C ARG B 303 36.70 -38.59 -9.63
N LEU B 304 35.81 -37.64 -9.84
CA LEU B 304 34.45 -37.68 -9.30
C LEU B 304 34.40 -37.46 -7.81
N ARG B 314 22.30 -30.87 4.16
CA ARG B 314 21.48 -30.60 5.34
C ARG B 314 20.09 -31.24 5.14
N ARG B 315 19.28 -31.30 6.20
CA ARG B 315 17.96 -31.90 6.04
C ARG B 315 16.91 -31.04 5.35
N THR B 316 15.84 -31.68 4.90
CA THR B 316 14.76 -31.00 4.21
C THR B 316 13.88 -30.11 5.10
N ARG B 317 13.64 -28.88 4.64
CA ARG B 317 12.83 -27.96 5.40
C ARG B 317 11.39 -27.97 4.88
N VAL B 318 10.49 -28.45 5.72
CA VAL B 318 9.09 -28.52 5.38
C VAL B 318 8.34 -27.43 6.13
N LEU B 319 7.61 -26.60 5.40
CA LEU B 319 6.83 -25.51 6.00
C LEU B 319 5.36 -25.95 6.05
N ILE B 320 4.79 -26.00 7.24
CA ILE B 320 3.39 -26.39 7.40
C ILE B 320 2.56 -25.24 7.99
N LEU B 321 1.65 -24.70 7.20
CA LEU B 321 0.79 -23.63 7.68
C LEU B 321 -0.49 -24.32 8.19
N GLY B 322 -0.85 -24.04 9.46
CA GLY B 322 -2.01 -24.67 10.06
C GLY B 322 -1.56 -25.98 10.68
N VAL B 323 -0.29 -25.99 11.05
CA VAL B 323 0.34 -27.16 11.62
C VAL B 323 -0.38 -27.77 12.83
N ASN B 324 -1.16 -26.98 13.55
CA ASN B 324 -1.84 -27.51 14.73
C ASN B 324 -3.12 -28.27 14.40
N GLY B 325 -3.51 -28.28 13.12
CA GLY B 325 -4.71 -28.97 12.72
C GLY B 325 -4.72 -30.48 12.73
N PHE B 326 -5.86 -31.05 12.34
CA PHE B 326 -6.02 -32.49 12.28
C PHE B 326 -4.92 -33.10 11.41
N ILE B 327 -4.80 -32.66 10.16
CA ILE B 327 -3.77 -33.22 9.31
C ILE B 327 -2.42 -32.78 9.83
N GLY B 328 -2.34 -31.48 10.13
CA GLY B 328 -1.11 -30.86 10.60
C GLY B 328 -0.34 -31.48 11.75
N ASN B 329 -1.00 -31.70 12.88
CA ASN B 329 -0.28 -32.26 14.02
C ASN B 329 0.17 -33.69 13.78
N HIS B 330 -0.64 -34.47 13.06
CA HIS B 330 -0.29 -35.86 12.78
C HIS B 330 0.86 -35.96 11.80
N LEU B 331 0.87 -35.06 10.81
CA LEU B 331 1.96 -35.06 9.85
C LEU B 331 3.25 -34.66 10.56
N THR B 332 3.17 -33.69 11.48
CA THR B 332 4.34 -33.24 12.21
C THR B 332 4.96 -34.39 12.99
N GLU B 333 4.11 -35.15 13.68
CA GLU B 333 4.56 -36.29 14.45
C GLU B 333 5.33 -37.23 13.50
N ARG B 334 4.72 -37.53 12.37
CA ARG B 334 5.33 -38.41 11.37
C ARG B 334 6.70 -37.93 10.90
N LEU B 335 6.76 -36.67 10.45
CA LEU B 335 8.00 -36.11 9.95
C LEU B 335 9.08 -36.04 11.02
N LEU B 336 8.67 -35.70 12.23
CA LEU B 336 9.62 -35.58 13.33
C LEU B 336 10.28 -36.91 13.71
N ARG B 337 9.72 -38.02 13.22
CA ARG B 337 10.28 -39.35 13.49
C ARG B 337 11.50 -39.53 12.59
N GLU B 338 11.40 -39.12 11.34
CA GLU B 338 12.52 -39.24 10.43
C GLU B 338 13.56 -38.22 10.85
N ASP B 339 14.80 -38.44 10.46
CA ASP B 339 15.84 -37.51 10.86
C ASP B 339 16.14 -36.49 9.78
N HIS B 340 15.82 -36.81 8.54
CA HIS B 340 16.14 -35.88 7.46
C HIS B 340 15.13 -34.76 7.26
N TYR B 341 14.32 -34.50 8.28
CA TYR B 341 13.36 -33.43 8.18
C TYR B 341 13.50 -32.34 9.23
N GLU B 342 13.17 -31.12 8.82
CA GLU B 342 13.20 -29.95 9.70
C GLU B 342 11.80 -29.37 9.50
N VAL B 343 11.01 -29.27 10.56
CA VAL B 343 9.64 -28.78 10.43
C VAL B 343 9.36 -27.39 10.95
N TYR B 344 8.92 -26.50 10.05
CA TYR B 344 8.58 -25.12 10.42
C TYR B 344 7.06 -25.01 10.32
N GLY B 345 6.43 -24.51 11.36
CA GLY B 345 4.98 -24.40 11.34
C GLY B 345 4.38 -23.21 12.05
N LEU B 346 3.30 -22.71 11.49
CA LEU B 346 2.62 -21.57 12.06
C LEU B 346 1.16 -21.93 12.19
N ASP B 347 0.50 -21.45 13.24
CA ASP B 347 -0.90 -21.71 13.44
C ASP B 347 -1.46 -20.83 14.55
N ILE B 348 -2.78 -20.71 14.56
CA ILE B 348 -3.48 -19.92 15.57
C ILE B 348 -3.45 -20.64 16.91
N GLY B 349 -3.60 -21.95 16.86
CA GLY B 349 -3.61 -22.75 18.06
C GLY B 349 -2.34 -23.55 18.20
N SER B 350 -2.13 -24.19 19.34
CA SER B 350 -0.91 -24.96 19.55
C SER B 350 -1.04 -26.13 20.52
N ASP B 351 -2.26 -26.41 20.97
CA ASP B 351 -2.48 -27.52 21.91
C ASP B 351 -2.12 -28.88 21.33
N ALA B 352 -2.34 -29.06 20.03
CA ALA B 352 -2.02 -30.33 19.40
C ALA B 352 -0.54 -30.52 19.12
N ILE B 353 0.22 -29.43 18.98
CA ILE B 353 1.63 -29.56 18.69
C ILE B 353 2.57 -29.16 19.83
N SER B 354 2.01 -28.79 20.97
CA SER B 354 2.86 -28.38 22.09
C SER B 354 3.82 -29.49 22.51
N ARG B 355 3.40 -30.74 22.37
CA ARG B 355 4.26 -31.86 22.74
C ARG B 355 5.55 -31.91 21.94
N PHE B 356 5.60 -31.18 20.83
CA PHE B 356 6.79 -31.15 19.98
C PHE B 356 7.65 -29.92 20.18
N LEU B 357 7.16 -28.94 20.94
CA LEU B 357 7.90 -27.71 21.13
C LEU B 357 9.34 -27.92 21.58
N ASN B 358 9.61 -29.01 22.28
CA ASN B 358 10.97 -29.29 22.75
C ASN B 358 11.83 -29.99 21.73
N HIS B 359 11.22 -30.42 20.63
CA HIS B 359 11.96 -31.12 19.60
C HIS B 359 12.89 -30.16 18.85
N PRO B 360 14.16 -30.54 18.72
CA PRO B 360 15.16 -29.71 18.04
C PRO B 360 14.84 -29.40 16.60
N HIS B 361 14.17 -30.32 15.92
CA HIS B 361 13.86 -30.12 14.52
C HIS B 361 12.49 -29.52 14.23
N PHE B 362 11.78 -29.12 15.28
CA PHE B 362 10.46 -28.51 15.12
C PHE B 362 10.51 -27.04 15.47
N HIS B 363 10.11 -26.19 14.54
CA HIS B 363 10.10 -24.74 14.80
C HIS B 363 8.70 -24.21 14.61
N PHE B 364 8.02 -23.97 15.73
CA PHE B 364 6.65 -23.49 15.73
C PHE B 364 6.57 -22.03 16.13
N VAL B 365 5.51 -21.37 15.65
CA VAL B 365 5.30 -19.97 15.92
C VAL B 365 3.81 -19.73 15.84
N GLU B 366 3.24 -19.06 16.84
CA GLU B 366 1.80 -18.80 16.83
C GLU B 366 1.46 -17.61 15.95
N GLY B 367 0.79 -17.87 14.82
CA GLY B 367 0.46 -16.79 13.91
C GLY B 367 -0.83 -16.98 13.13
N ASP B 368 -1.15 -15.96 12.35
CA ASP B 368 -2.37 -15.90 11.56
C ASP B 368 -1.98 -15.66 10.10
N ILE B 369 -2.41 -16.52 9.17
CA ILE B 369 -2.02 -16.33 7.77
C ILE B 369 -2.46 -15.00 7.20
N SER B 370 -3.43 -14.36 7.82
CA SER B 370 -3.87 -13.09 7.28
C SER B 370 -3.13 -11.90 7.90
N ILE B 371 -2.27 -12.17 8.87
CA ILE B 371 -1.54 -11.07 9.52
C ILE B 371 -0.01 -11.15 9.45
N HIS B 372 0.56 -12.25 9.92
CA HIS B 372 2.01 -12.41 9.96
C HIS B 372 2.71 -12.68 8.65
N SER B 373 2.78 -11.65 7.80
CA SER B 373 3.42 -11.81 6.49
C SER B 373 4.92 -11.99 6.50
N GLU B 374 5.61 -11.21 7.33
CA GLU B 374 7.06 -11.34 7.35
C GLU B 374 7.44 -12.81 7.55
N TRP B 375 6.91 -13.44 8.59
CA TRP B 375 7.25 -14.83 8.86
C TRP B 375 6.89 -15.77 7.71
N ILE B 376 5.64 -15.72 7.28
CA ILE B 376 5.18 -16.61 6.23
C ILE B 376 6.00 -16.49 4.94
N GLU B 377 6.17 -15.28 4.44
CA GLU B 377 6.92 -15.10 3.21
C GLU B 377 8.36 -15.55 3.37
N TYR B 378 9.00 -15.10 4.44
CA TYR B 378 10.37 -15.49 4.68
C TYR B 378 10.56 -17.01 4.73
N HIS B 379 9.60 -17.73 5.28
CA HIS B 379 9.73 -19.17 5.35
C HIS B 379 9.40 -19.92 4.05
N VAL B 380 8.51 -19.39 3.23
CA VAL B 380 8.24 -20.05 1.97
C VAL B 380 9.57 -19.89 1.21
N LYS B 381 10.18 -18.74 1.38
CA LYS B 381 11.44 -18.42 0.74
C LYS B 381 12.54 -19.33 1.25
N LYS B 382 12.54 -19.57 2.58
CA LYS B 382 13.56 -20.41 3.23
C LYS B 382 13.40 -21.95 3.18
N CYS B 383 12.17 -22.45 3.16
CA CYS B 383 11.97 -23.89 3.16
C CYS B 383 12.01 -24.55 1.79
N ASP B 384 11.79 -25.86 1.77
CA ASP B 384 11.84 -26.64 0.54
C ASP B 384 10.48 -27.13 0.05
N VAL B 385 9.56 -27.36 0.97
CA VAL B 385 8.22 -27.74 0.59
C VAL B 385 7.25 -26.98 1.46
N VAL B 386 6.14 -26.58 0.84
CA VAL B 386 5.13 -25.83 1.56
C VAL B 386 3.81 -26.60 1.56
N LEU B 387 3.23 -26.79 2.74
CA LEU B 387 1.96 -27.49 2.88
C LEU B 387 0.95 -26.53 3.50
N PRO B 388 0.20 -25.80 2.66
CA PRO B 388 -0.80 -24.86 3.17
C PRO B 388 -2.07 -25.55 3.64
N LEU B 389 -2.05 -25.95 4.90
CA LEU B 389 -3.18 -26.64 5.49
C LEU B 389 -4.20 -25.78 6.24
N VAL B 390 -4.07 -24.46 6.16
CA VAL B 390 -5.02 -23.58 6.84
C VAL B 390 -6.33 -23.59 6.06
N ALA B 391 -7.44 -23.81 6.75
CA ALA B 391 -8.73 -23.87 6.07
C ALA B 391 -9.88 -24.03 7.03
N ILE B 392 -11.07 -24.04 6.46
CA ILE B 392 -12.29 -24.26 7.20
C ILE B 392 -12.89 -25.39 6.36
N ALA B 393 -13.00 -26.57 6.95
CA ALA B 393 -13.53 -27.69 6.21
C ALA B 393 -14.70 -28.38 6.87
N THR B 394 -15.49 -27.62 7.64
CA THR B 394 -16.68 -28.18 8.29
C THR B 394 -17.88 -27.62 7.54
N PRO B 395 -18.54 -28.46 6.75
CA PRO B 395 -19.71 -28.13 5.93
C PRO B 395 -20.71 -27.10 6.46
N ILE B 396 -21.04 -27.15 7.74
CA ILE B 396 -22.02 -26.18 8.24
C ILE B 396 -21.56 -24.74 7.95
N GLU B 397 -20.26 -24.53 7.99
CA GLU B 397 -19.70 -23.23 7.73
C GLU B 397 -19.85 -22.77 6.28
N TYR B 398 -20.01 -23.71 5.35
CA TYR B 398 -20.15 -23.35 3.94
C TYR B 398 -21.43 -22.58 3.73
N THR B 399 -22.49 -22.98 4.40
CA THR B 399 -23.75 -22.28 4.24
C THR B 399 -23.87 -21.15 5.24
N ARG B 400 -23.39 -21.40 6.46
CA ARG B 400 -23.46 -20.42 7.53
C ARG B 400 -22.54 -19.20 7.30
N ASN B 401 -21.29 -19.42 6.91
CA ASN B 401 -20.36 -18.30 6.64
C ASN B 401 -19.64 -18.46 5.30
N PRO B 402 -20.39 -18.50 4.19
CA PRO B 402 -19.78 -18.66 2.88
C PRO B 402 -18.62 -17.72 2.58
N LEU B 403 -18.77 -16.44 2.93
CA LEU B 403 -17.72 -15.49 2.67
C LEU B 403 -16.47 -15.70 3.51
N ARG B 404 -16.63 -16.19 4.74
CA ARG B 404 -15.48 -16.41 5.59
C ARG B 404 -14.72 -17.59 4.99
N VAL B 405 -15.46 -18.58 4.51
CA VAL B 405 -14.87 -19.75 3.89
C VAL B 405 -14.12 -19.36 2.64
N PHE B 406 -14.77 -18.58 1.79
CA PHE B 406 -14.15 -18.15 0.56
C PHE B 406 -12.83 -17.40 0.81
N GLU B 407 -12.87 -16.43 1.72
CA GLU B 407 -11.70 -15.62 2.00
C GLU B 407 -10.53 -16.39 2.59
N LEU B 408 -10.82 -17.32 3.48
CA LEU B 408 -9.77 -18.09 4.13
C LEU B 408 -9.30 -19.23 3.25
N ASP B 409 -10.24 -20.08 2.84
CA ASP B 409 -9.92 -21.23 2.02
C ASP B 409 -9.36 -20.89 0.65
N PHE B 410 -9.92 -19.86 0.04
CA PHE B 410 -9.47 -19.49 -1.30
C PHE B 410 -8.45 -18.34 -1.41
N GLU B 411 -8.84 -17.15 -0.98
CA GLU B 411 -7.93 -16.00 -1.09
C GLU B 411 -6.63 -16.12 -0.32
N GLU B 412 -6.73 -16.44 0.96
CA GLU B 412 -5.53 -16.56 1.78
C GLU B 412 -4.53 -17.55 1.21
N ASN B 413 -5.04 -18.68 0.72
CA ASN B 413 -4.20 -19.72 0.15
C ASN B 413 -3.62 -19.35 -1.22
N LEU B 414 -4.41 -18.66 -2.03
CA LEU B 414 -3.95 -18.24 -3.35
C LEU B 414 -2.68 -17.39 -3.18
N ARG B 415 -2.60 -16.70 -2.04
CA ARG B 415 -1.47 -15.84 -1.72
C ARG B 415 -0.24 -16.71 -1.47
N ILE B 416 -0.41 -17.81 -0.73
CA ILE B 416 0.69 -18.75 -0.43
C ILE B 416 1.14 -19.43 -1.72
N ILE B 417 0.17 -19.86 -2.54
CA ILE B 417 0.48 -20.50 -3.81
C ILE B 417 1.40 -19.56 -4.61
N ARG B 418 1.08 -18.29 -4.60
CA ARG B 418 1.89 -17.34 -5.33
C ARG B 418 3.27 -17.08 -4.72
N TYR B 419 3.40 -17.19 -3.40
CA TYR B 419 4.71 -17.02 -2.79
C TYR B 419 5.56 -18.14 -3.35
N CYS B 420 4.94 -19.31 -3.44
CA CYS B 420 5.61 -20.49 -3.95
C CYS B 420 6.13 -20.34 -5.38
N VAL B 421 5.31 -19.78 -6.27
CA VAL B 421 5.81 -19.63 -7.63
C VAL B 421 6.85 -18.54 -7.65
N LYS B 422 6.68 -17.52 -6.82
CA LYS B 422 7.65 -16.42 -6.78
C LYS B 422 9.03 -16.91 -6.39
N TYR B 423 9.09 -17.77 -5.38
CA TYR B 423 10.34 -18.29 -4.90
C TYR B 423 10.63 -19.69 -5.40
N ARG B 424 9.92 -20.10 -6.45
CA ARG B 424 10.11 -21.43 -7.04
C ARG B 424 10.27 -22.50 -5.97
N LYS B 425 9.18 -22.79 -5.25
CA LYS B 425 9.20 -23.80 -4.21
C LYS B 425 8.19 -24.86 -4.56
N ARG B 426 8.40 -26.06 -4.03
CA ARG B 426 7.47 -27.15 -4.27
C ARG B 426 6.30 -26.97 -3.34
N ILE B 427 5.10 -27.13 -3.88
CA ILE B 427 3.93 -26.98 -3.07
C ILE B 427 3.08 -28.24 -3.08
N ILE B 428 2.81 -28.81 -1.90
CA ILE B 428 1.97 -29.99 -1.80
C ILE B 428 0.68 -29.44 -1.26
N PHE B 429 -0.20 -29.05 -2.18
CA PHE B 429 -1.47 -28.45 -1.82
C PHE B 429 -2.54 -29.47 -1.53
N PRO B 430 -3.30 -29.26 -0.44
CA PRO B 430 -4.38 -30.16 -0.05
C PRO B 430 -5.70 -29.84 -0.76
N SER B 431 -6.03 -30.65 -1.77
CA SER B 431 -7.29 -30.47 -2.50
C SER B 431 -8.37 -31.11 -1.62
N THR B 432 -9.40 -31.67 -2.22
CA THR B 432 -10.46 -32.29 -1.42
C THR B 432 -11.31 -33.20 -2.24
N SER B 433 -11.85 -34.24 -1.59
CA SER B 433 -12.70 -35.19 -2.29
C SER B 433 -14.01 -34.49 -2.64
N GLU B 434 -14.23 -33.34 -2.01
CA GLU B 434 -15.45 -32.62 -2.27
C GLU B 434 -15.41 -31.93 -3.63
N VAL B 435 -14.24 -31.90 -4.26
CA VAL B 435 -14.09 -31.26 -5.55
C VAL B 435 -14.86 -32.04 -6.63
N TYR B 436 -15.07 -33.34 -6.37
CA TYR B 436 -15.79 -34.24 -7.28
C TYR B 436 -17.29 -33.98 -7.19
N GLY B 437 -17.71 -33.37 -6.08
CA GLY B 437 -19.11 -33.07 -5.88
C GLY B 437 -19.94 -34.33 -5.88
N MET B 438 -21.05 -34.26 -6.60
CA MET B 438 -21.96 -35.39 -6.69
C MET B 438 -21.63 -36.19 -7.93
N CYS B 439 -20.33 -36.42 -8.14
CA CYS B 439 -19.88 -37.21 -9.28
C CYS B 439 -20.61 -38.53 -9.26
N SER B 440 -20.89 -39.09 -10.44
CA SER B 440 -21.63 -40.34 -10.49
C SER B 440 -20.82 -41.60 -10.70
N ASP B 441 -19.52 -41.47 -10.92
CA ASP B 441 -18.67 -42.64 -11.10
C ASP B 441 -18.59 -43.48 -9.83
N LYS B 442 -18.39 -44.78 -9.96
CA LYS B 442 -18.30 -45.64 -8.78
C LYS B 442 -17.01 -45.29 -8.07
N TYR B 443 -16.02 -44.87 -8.86
CA TYR B 443 -14.72 -44.47 -8.32
C TYR B 443 -14.37 -43.07 -8.80
N PHE B 444 -14.25 -42.12 -7.87
CA PHE B 444 -13.88 -40.77 -8.24
C PHE B 444 -12.45 -40.86 -8.71
N ASP B 445 -12.23 -40.56 -9.99
CA ASP B 445 -10.91 -40.64 -10.59
C ASP B 445 -10.29 -39.26 -10.80
N GLU B 446 -9.09 -39.08 -10.25
CA GLU B 446 -8.36 -37.82 -10.32
C GLU B 446 -8.10 -37.31 -11.73
N ASP B 447 -7.96 -38.22 -12.68
CA ASP B 447 -7.66 -37.82 -14.05
C ASP B 447 -8.77 -38.00 -15.06
N HIS B 448 -9.90 -38.57 -14.66
CA HIS B 448 -10.98 -38.79 -15.61
C HIS B 448 -12.37 -38.43 -15.19
N SER B 449 -12.63 -38.42 -13.88
CA SER B 449 -13.97 -38.10 -13.41
C SER B 449 -14.38 -36.65 -13.63
N ASN B 450 -15.65 -36.45 -13.96
CA ASN B 450 -16.16 -35.10 -14.12
C ASN B 450 -16.56 -34.62 -12.74
N LEU B 451 -16.62 -33.31 -12.57
CA LEU B 451 -16.98 -32.75 -11.28
C LEU B 451 -18.39 -32.17 -11.35
N ILE B 452 -19.25 -32.59 -10.42
CA ILE B 452 -20.64 -32.12 -10.39
C ILE B 452 -21.06 -31.46 -9.09
N VAL B 453 -21.51 -30.21 -9.18
CA VAL B 453 -22.02 -29.51 -8.00
C VAL B 453 -23.42 -29.06 -8.35
N GLY B 454 -24.13 -28.50 -7.37
CA GLY B 454 -25.49 -28.05 -7.63
C GLY B 454 -25.62 -26.59 -8.01
N PRO B 455 -26.86 -26.08 -8.09
CA PRO B 455 -27.14 -24.69 -8.45
C PRO B 455 -26.42 -23.69 -7.56
N VAL B 456 -26.38 -22.43 -7.98
CA VAL B 456 -25.75 -21.40 -7.18
C VAL B 456 -26.55 -21.24 -5.88
N ASN B 457 -27.84 -21.51 -5.94
CA ASN B 457 -28.69 -21.38 -4.75
C ASN B 457 -28.47 -22.48 -3.72
N LYS B 458 -27.43 -23.27 -3.93
CA LYS B 458 -27.06 -24.35 -3.01
C LYS B 458 -25.62 -24.05 -2.58
N PRO B 459 -25.44 -22.98 -1.78
CA PRO B 459 -24.15 -22.54 -1.28
C PRO B 459 -23.19 -23.53 -0.65
N ARG B 460 -23.64 -24.74 -0.34
CA ARG B 460 -22.72 -25.69 0.27
C ARG B 460 -21.55 -25.96 -0.66
N TRP B 461 -21.80 -25.85 -1.95
CA TRP B 461 -20.76 -26.11 -2.91
C TRP B 461 -19.70 -25.00 -3.04
N ILE B 462 -19.90 -23.87 -2.36
CA ILE B 462 -18.93 -22.78 -2.45
C ILE B 462 -17.54 -23.28 -2.11
N TYR B 463 -17.46 -24.18 -1.15
CA TYR B 463 -16.19 -24.77 -0.74
C TYR B 463 -15.65 -25.59 -1.91
N SER B 464 -16.42 -26.58 -2.34
CA SER B 464 -16.03 -27.44 -3.45
C SER B 464 -15.50 -26.66 -4.66
N VAL B 465 -16.26 -25.67 -5.09
CA VAL B 465 -15.88 -24.85 -6.24
C VAL B 465 -14.62 -24.03 -5.98
N SER B 466 -14.48 -23.53 -4.76
CA SER B 466 -13.30 -22.74 -4.41
C SER B 466 -12.04 -23.59 -4.51
N LYS B 467 -12.11 -24.77 -3.91
CA LYS B 467 -10.97 -25.66 -3.92
C LYS B 467 -10.64 -26.09 -5.34
N GLN B 468 -11.66 -26.22 -6.18
CA GLN B 468 -11.40 -26.65 -7.55
C GLN B 468 -10.70 -25.56 -8.34
N LEU B 469 -11.13 -24.31 -8.18
CA LEU B 469 -10.50 -23.20 -8.87
C LEU B 469 -9.02 -23.11 -8.44
N LEU B 470 -8.74 -23.38 -7.16
CA LEU B 470 -7.36 -23.32 -6.70
C LEU B 470 -6.54 -24.42 -7.35
N ASP B 471 -7.13 -25.60 -7.45
CA ASP B 471 -6.44 -26.72 -8.10
C ASP B 471 -6.10 -26.33 -9.54
N ARG B 472 -7.03 -25.69 -10.23
CA ARG B 472 -6.84 -25.28 -11.61
C ARG B 472 -5.79 -24.19 -11.77
N VAL B 473 -5.75 -23.27 -10.81
CA VAL B 473 -4.75 -22.20 -10.85
C VAL B 473 -3.36 -22.80 -10.63
N ILE B 474 -3.23 -23.72 -9.68
CA ILE B 474 -1.96 -24.38 -9.40
C ILE B 474 -1.52 -25.16 -10.64
N TRP B 475 -2.49 -25.75 -11.34
CA TRP B 475 -2.21 -26.50 -12.55
C TRP B 475 -1.68 -25.58 -13.64
N ALA B 476 -2.28 -24.40 -13.77
CA ALA B 476 -1.84 -23.47 -14.81
C ALA B 476 -0.44 -23.01 -14.48
N TYR B 477 -0.22 -22.66 -13.23
CA TYR B 477 1.10 -22.23 -12.83
C TYR B 477 2.11 -23.33 -13.13
N GLY B 478 1.70 -24.57 -12.94
CA GLY B 478 2.59 -25.68 -13.22
C GLY B 478 2.90 -25.73 -14.70
N GLU B 479 1.84 -25.74 -15.50
CA GLU B 479 1.95 -25.81 -16.94
C GLU B 479 2.66 -24.61 -17.55
N LYS B 480 2.18 -23.42 -17.24
CA LYS B 480 2.75 -22.20 -17.81
C LYS B 480 3.92 -21.56 -17.06
N GLU B 481 4.24 -22.00 -15.85
CA GLU B 481 5.37 -21.37 -15.17
C GLU B 481 6.29 -22.28 -14.38
N GLY B 482 6.22 -23.58 -14.69
CA GLY B 482 7.08 -24.55 -14.05
C GLY B 482 6.97 -24.77 -12.56
N LEU B 483 5.83 -24.41 -11.96
CA LEU B 483 5.65 -24.60 -10.52
C LEU B 483 5.67 -26.11 -10.24
N GLN B 484 6.46 -26.52 -9.25
CA GLN B 484 6.50 -27.94 -8.91
C GLN B 484 5.43 -28.19 -7.85
N PHE B 485 4.46 -29.06 -8.18
CA PHE B 485 3.38 -29.30 -7.24
C PHE B 485 2.88 -30.74 -7.18
N THR B 486 1.96 -30.97 -6.25
CA THR B 486 1.33 -32.25 -6.07
C THR B 486 0.04 -31.93 -5.34
N LEU B 487 -1.09 -32.31 -5.89
CA LEU B 487 -2.37 -32.05 -5.23
C LEU B 487 -2.81 -33.35 -4.62
N PHE B 488 -3.21 -33.33 -3.34
CA PHE B 488 -3.69 -34.56 -2.73
C PHE B 488 -5.11 -34.36 -2.21
N ARG B 489 -5.95 -35.37 -2.41
CA ARG B 489 -7.33 -35.28 -1.99
C ARG B 489 -7.70 -36.32 -0.95
N PRO B 490 -7.93 -35.87 0.30
CA PRO B 490 -8.30 -36.80 1.36
C PRO B 490 -9.76 -37.21 1.27
N PHE B 491 -10.02 -38.48 1.56
CA PHE B 491 -11.39 -38.99 1.55
C PHE B 491 -11.78 -39.33 2.98
N ASN B 492 -12.63 -38.48 3.54
CA ASN B 492 -13.10 -38.60 4.89
C ASN B 492 -12.15 -39.26 5.85
N TRP B 493 -11.01 -38.60 6.08
CA TRP B 493 -10.01 -39.08 7.02
C TRP B 493 -10.59 -38.86 8.42
N MET B 494 -10.26 -39.74 9.36
CA MET B 494 -10.71 -39.52 10.71
C MET B 494 -9.83 -40.27 11.69
N GLY B 495 -9.90 -39.82 12.94
CA GLY B 495 -9.13 -40.42 14.01
C GLY B 495 -9.05 -39.36 15.07
N PRO B 496 -8.18 -39.54 16.06
CA PRO B 496 -8.04 -38.54 17.13
C PRO B 496 -7.75 -37.13 16.60
N ARG B 497 -8.29 -36.12 17.29
CA ARG B 497 -8.10 -34.71 16.94
C ARG B 497 -8.80 -34.24 15.66
N LEU B 498 -9.77 -35.00 15.18
CA LEU B 498 -10.50 -34.56 14.00
C LEU B 498 -11.53 -33.63 14.63
N ASP B 499 -11.16 -32.35 14.71
CA ASP B 499 -12.02 -31.33 15.32
C ASP B 499 -12.01 -31.54 16.84
N ASN B 500 -13.03 -31.05 17.53
CA ASN B 500 -13.12 -31.22 18.99
C ASN B 500 -14.57 -31.12 19.45
N LEU B 501 -14.91 -31.79 20.56
CA LEU B 501 -16.29 -31.78 21.05
C LEU B 501 -16.89 -30.39 21.22
N ASN B 502 -16.04 -29.42 21.53
CA ASN B 502 -16.52 -28.06 21.73
C ASN B 502 -17.03 -27.42 20.46
N ALA B 503 -16.24 -27.51 19.39
CA ALA B 503 -16.65 -26.94 18.12
C ALA B 503 -17.90 -27.66 17.65
N ALA B 504 -18.01 -28.93 18.04
CA ALA B 504 -19.14 -29.76 17.66
C ALA B 504 -20.42 -29.20 18.22
N ARG B 505 -20.32 -28.48 19.34
CA ARG B 505 -21.50 -27.91 19.97
C ARG B 505 -22.14 -26.88 19.08
N ILE B 506 -21.40 -26.43 18.07
CA ILE B 506 -21.92 -25.42 17.15
C ILE B 506 -22.10 -26.03 15.75
N GLY B 507 -21.92 -27.34 15.67
CA GLY B 507 -22.06 -28.05 14.42
C GLY B 507 -20.81 -27.89 13.58
N SER B 508 -19.81 -27.18 14.12
CA SER B 508 -18.57 -26.94 13.41
C SER B 508 -17.56 -28.06 13.55
N SER B 509 -17.94 -29.23 13.05
CA SER B 509 -17.07 -30.41 13.11
C SER B 509 -17.63 -31.47 12.19
N ARG B 510 -16.78 -32.42 11.82
CA ARG B 510 -17.22 -33.46 10.93
C ARG B 510 -18.07 -34.51 11.65
N ALA B 511 -18.84 -35.27 10.87
CA ALA B 511 -19.75 -36.27 11.41
C ALA B 511 -19.28 -37.09 12.63
N ILE B 512 -18.28 -37.94 12.44
CA ILE B 512 -17.81 -38.76 13.53
C ILE B 512 -17.68 -37.98 14.84
N THR B 513 -16.92 -36.89 14.85
CA THR B 513 -16.71 -36.12 16.07
C THR B 513 -17.98 -35.44 16.59
N GLN B 514 -18.94 -35.20 15.71
CA GLN B 514 -20.21 -34.60 16.14
C GLN B 514 -21.07 -35.64 16.87
N LEU B 515 -21.15 -36.85 16.32
CA LEU B 515 -21.94 -37.92 16.92
C LEU B 515 -21.36 -38.31 18.29
N ILE B 516 -20.05 -38.11 18.46
CA ILE B 516 -19.44 -38.44 19.73
C ILE B 516 -19.93 -37.42 20.75
N LEU B 517 -20.09 -36.18 20.31
CA LEU B 517 -20.58 -35.18 21.24
C LEU B 517 -21.98 -35.58 21.68
N ASN B 518 -22.76 -36.15 20.76
CA ASN B 518 -24.14 -36.56 21.06
C ASN B 518 -24.15 -37.57 22.20
N LEU B 519 -23.37 -38.63 22.04
CA LEU B 519 -23.30 -39.69 23.04
C LEU B 519 -22.82 -39.10 24.34
N VAL B 520 -21.85 -38.18 24.27
CA VAL B 520 -21.30 -37.54 25.46
C VAL B 520 -22.32 -36.70 26.21
N GLU B 521 -23.01 -35.80 25.50
CA GLU B 521 -23.99 -34.95 26.15
C GLU B 521 -25.39 -35.55 26.35
N GLY B 522 -25.63 -36.73 25.78
CA GLY B 522 -26.92 -37.36 25.93
C GLY B 522 -28.00 -36.83 25.01
N SER B 523 -27.59 -36.28 23.88
CA SER B 523 -28.57 -35.79 22.90
C SER B 523 -28.63 -36.83 21.81
N PRO B 524 -29.74 -36.86 21.05
CA PRO B 524 -29.84 -37.88 19.98
C PRO B 524 -28.90 -37.67 18.80
N ILE B 525 -28.53 -38.77 18.14
CA ILE B 525 -27.66 -38.73 16.96
C ILE B 525 -28.57 -38.53 15.77
N LYS B 526 -28.53 -37.36 15.16
CA LYS B 526 -29.39 -37.12 14.00
C LYS B 526 -28.74 -37.51 12.69
N LEU B 527 -29.52 -38.24 11.89
CA LEU B 527 -29.09 -38.72 10.59
C LEU B 527 -29.73 -37.81 9.54
N ILE B 528 -28.95 -36.82 9.08
CA ILE B 528 -29.42 -35.88 8.05
C ILE B 528 -29.96 -36.63 6.84
N ASP B 529 -31.22 -36.35 6.52
CA ASP B 529 -31.94 -36.97 5.42
C ASP B 529 -31.87 -38.49 5.39
N GLY B 530 -32.11 -39.14 6.54
CA GLY B 530 -32.09 -40.59 6.59
C GLY B 530 -30.73 -41.21 6.86
N GLY B 531 -29.67 -40.49 6.55
CA GLY B 531 -28.34 -40.98 6.79
C GLY B 531 -27.97 -42.20 5.96
N LYS B 532 -28.67 -42.39 4.85
CA LYS B 532 -28.39 -43.54 3.98
C LYS B 532 -27.20 -43.26 3.07
N GLN B 533 -26.85 -41.98 2.94
CA GLN B 533 -25.71 -41.62 2.11
C GLN B 533 -24.49 -42.27 2.73
N LYS B 534 -23.55 -42.66 1.88
CA LYS B 534 -22.36 -43.31 2.37
C LYS B 534 -21.07 -42.57 2.01
N ARG B 535 -19.98 -42.96 2.69
CA ARG B 535 -18.66 -42.36 2.48
C ARG B 535 -17.64 -43.46 2.67
N CYS B 536 -16.41 -43.19 2.26
CA CYS B 536 -15.32 -44.14 2.49
C CYS B 536 -14.43 -43.50 3.55
N PHE B 537 -14.51 -44.02 4.78
CA PHE B 537 -13.73 -43.49 5.89
C PHE B 537 -12.30 -44.03 5.90
N THR B 538 -11.33 -43.13 6.05
CA THR B 538 -9.92 -43.49 6.02
C THR B 538 -9.26 -43.21 7.35
N ASP B 539 -8.44 -44.13 7.86
CA ASP B 539 -7.81 -43.87 9.14
C ASP B 539 -6.69 -42.85 8.99
N ILE B 540 -6.66 -41.86 9.87
CA ILE B 540 -5.65 -40.81 9.79
C ILE B 540 -4.23 -41.36 9.65
N ARG B 541 -3.98 -42.54 10.21
CA ARG B 541 -2.65 -43.13 10.12
C ARG B 541 -2.33 -43.50 8.67
N ASP B 542 -3.33 -44.01 7.96
CA ASP B 542 -3.16 -44.38 6.56
C ASP B 542 -2.92 -43.12 5.74
N GLY B 543 -3.76 -42.11 5.97
CA GLY B 543 -3.64 -40.85 5.26
C GLY B 543 -2.29 -40.19 5.42
N ILE B 544 -1.81 -40.11 6.66
CA ILE B 544 -0.52 -39.48 6.91
C ILE B 544 0.62 -40.27 6.27
N GLU B 545 0.48 -41.59 6.17
CA GLU B 545 1.55 -42.38 5.56
C GLU B 545 1.66 -42.03 4.07
N ALA B 546 0.52 -41.99 3.39
CA ALA B 546 0.49 -41.65 1.98
C ALA B 546 1.05 -40.23 1.78
N LEU B 547 0.63 -39.28 2.63
CA LEU B 547 1.09 -37.90 2.52
C LEU B 547 2.61 -37.84 2.74
N TYR B 548 3.10 -38.59 3.72
CA TYR B 548 4.52 -38.66 4.01
C TYR B 548 5.23 -39.10 2.74
N ARG B 549 4.71 -40.14 2.09
CA ARG B 549 5.28 -40.64 0.84
C ARG B 549 5.37 -39.50 -0.17
N ILE B 550 4.31 -38.72 -0.28
CA ILE B 550 4.30 -37.61 -1.23
C ILE B 550 5.38 -36.59 -0.90
N ILE B 551 5.61 -36.33 0.39
CA ILE B 551 6.65 -35.38 0.75
C ILE B 551 7.98 -35.98 0.29
N GLU B 552 8.17 -37.27 0.57
CA GLU B 552 9.38 -38.01 0.17
C GLU B 552 9.58 -37.89 -1.35
N ASN B 553 8.47 -37.89 -2.08
CA ASN B 553 8.49 -37.78 -3.54
C ASN B 553 9.61 -38.60 -4.18
N ALA B 554 9.65 -39.88 -3.82
CA ALA B 554 10.66 -40.79 -4.36
C ALA B 554 10.58 -40.87 -5.87
N GLY B 555 11.72 -40.59 -6.51
CA GLY B 555 11.78 -40.63 -7.95
C GLY B 555 10.95 -39.55 -8.60
N ASN B 556 10.55 -38.55 -7.82
CA ASN B 556 9.75 -37.45 -8.34
C ASN B 556 8.47 -37.91 -9.00
N ARG B 557 8.03 -39.12 -8.66
CA ARG B 557 6.81 -39.68 -9.23
C ARG B 557 5.53 -38.93 -8.86
N CYS B 558 5.62 -37.87 -8.05
CA CYS B 558 4.45 -37.11 -7.64
C CYS B 558 4.32 -35.76 -8.30
N ASP B 559 5.29 -35.40 -9.12
CA ASP B 559 5.24 -34.10 -9.75
C ASP B 559 4.10 -33.94 -10.73
N GLY B 560 3.31 -32.87 -10.54
CA GLY B 560 2.19 -32.60 -11.41
C GLY B 560 1.05 -33.59 -11.24
N GLU B 561 1.19 -34.46 -10.25
CA GLU B 561 0.18 -35.48 -9.99
C GLU B 561 -0.92 -35.03 -9.03
N ILE B 562 -2.09 -35.65 -9.18
CA ILE B 562 -3.22 -35.37 -8.31
C ILE B 562 -3.45 -36.74 -7.69
N ILE B 563 -3.42 -36.82 -6.37
CA ILE B 563 -3.57 -38.12 -5.71
C ILE B 563 -4.64 -38.22 -4.62
N ASN B 564 -5.61 -39.09 -4.84
CA ASN B 564 -6.65 -39.30 -3.86
C ASN B 564 -6.00 -40.15 -2.78
N ILE B 565 -6.48 -40.02 -1.54
CA ILE B 565 -5.96 -40.82 -0.44
C ILE B 565 -7.16 -41.17 0.42
N GLY B 566 -7.54 -42.44 0.37
CA GLY B 566 -8.68 -42.90 1.13
C GLY B 566 -8.72 -44.41 1.06
N ASN B 567 -9.54 -45.01 1.91
CA ASN B 567 -9.66 -46.46 1.90
C ASN B 567 -11.02 -46.84 1.34
N PRO B 568 -11.05 -47.26 0.06
CA PRO B 568 -12.28 -47.66 -0.64
C PRO B 568 -12.96 -48.84 0.03
N GLU B 569 -12.21 -49.52 0.88
CA GLU B 569 -12.72 -50.67 1.62
C GLU B 569 -13.61 -50.28 2.79
N ASN B 570 -13.45 -49.07 3.31
CA ASN B 570 -14.25 -48.66 4.45
C ASN B 570 -15.48 -47.86 4.08
N GLU B 571 -16.22 -48.31 3.08
CA GLU B 571 -17.43 -47.59 2.70
C GLU B 571 -18.52 -47.91 3.68
N ALA B 572 -19.25 -46.90 4.13
CA ALA B 572 -20.34 -47.10 5.09
C ALA B 572 -21.30 -45.92 5.08
N SER B 573 -22.57 -46.18 5.34
CA SER B 573 -23.54 -45.11 5.37
C SER B 573 -23.35 -44.42 6.70
N ILE B 574 -23.85 -43.18 6.81
CA ILE B 574 -23.70 -42.45 8.06
C ILE B 574 -24.44 -43.20 9.15
N GLU B 575 -25.54 -43.84 8.78
CA GLU B 575 -26.33 -44.62 9.71
C GLU B 575 -25.47 -45.76 10.27
N GLU B 576 -24.71 -46.42 9.40
CA GLU B 576 -23.85 -47.52 9.83
C GLU B 576 -22.73 -46.98 10.72
N LEU B 577 -22.29 -45.76 10.43
CA LEU B 577 -21.23 -45.12 11.21
C LEU B 577 -21.79 -44.88 12.60
N GLY B 578 -23.02 -44.40 12.65
CA GLY B 578 -23.64 -44.15 13.93
C GLY B 578 -23.82 -45.42 14.74
N GLU B 579 -24.13 -46.52 14.08
CA GLU B 579 -24.32 -47.78 14.79
C GLU B 579 -23.01 -48.33 15.34
N MET B 580 -21.99 -48.34 14.49
CA MET B 580 -20.69 -48.83 14.90
C MET B 580 -20.16 -48.01 16.07
N LEU B 581 -20.39 -46.71 16.03
CA LEU B 581 -19.95 -45.82 17.10
C LEU B 581 -20.67 -46.21 18.39
N LEU B 582 -22.00 -46.26 18.33
CA LEU B 582 -22.82 -46.60 19.48
C LEU B 582 -22.37 -47.93 20.08
N ALA B 583 -22.12 -48.92 19.23
CA ALA B 583 -21.68 -50.23 19.72
C ALA B 583 -20.42 -50.07 20.58
N SER B 584 -19.42 -49.39 20.04
CA SER B 584 -18.17 -49.17 20.78
C SER B 584 -18.43 -48.39 22.05
N PHE B 585 -19.22 -47.33 21.94
CA PHE B 585 -19.56 -46.51 23.10
C PHE B 585 -20.16 -47.32 24.25
N GLU B 586 -21.05 -48.25 23.93
CA GLU B 586 -21.69 -49.05 24.97
C GLU B 586 -20.71 -49.96 25.69
N LYS B 587 -19.66 -50.38 24.98
CA LYS B 587 -18.65 -51.25 25.56
C LYS B 587 -17.51 -50.49 26.23
N HIS B 588 -17.46 -49.19 26.04
CA HIS B 588 -16.38 -48.40 26.62
C HIS B 588 -16.35 -48.35 28.16
N PRO B 589 -15.14 -48.38 28.75
CA PRO B 589 -14.97 -48.33 30.19
C PRO B 589 -15.62 -47.08 30.81
N LEU B 590 -15.46 -45.93 30.15
CA LEU B 590 -16.01 -44.69 30.68
C LEU B 590 -17.51 -44.52 30.44
N ARG B 591 -18.15 -45.47 29.76
CA ARG B 591 -19.58 -45.37 29.46
C ARG B 591 -20.50 -44.86 30.55
N HIS B 592 -20.38 -45.42 31.74
CA HIS B 592 -21.25 -45.03 32.85
C HIS B 592 -21.17 -43.54 33.22
N HIS B 593 -20.19 -42.82 32.69
CA HIS B 593 -20.06 -41.40 33.00
C HIS B 593 -21.02 -40.54 32.20
N PHE B 594 -21.46 -41.05 31.05
CA PHE B 594 -22.35 -40.30 30.20
C PHE B 594 -23.79 -40.76 30.27
N PRO B 595 -24.73 -39.87 29.90
CA PRO B 595 -26.16 -40.19 29.92
C PRO B 595 -26.59 -41.31 29.00
N PRO B 596 -27.80 -41.83 29.22
CA PRO B 596 -28.32 -42.92 28.39
C PRO B 596 -28.54 -42.43 26.97
N PHE B 597 -28.39 -43.35 26.01
CA PHE B 597 -28.55 -43.01 24.59
C PHE B 597 -29.92 -42.44 24.29
N ALA B 598 -29.94 -41.29 23.63
CA ALA B 598 -31.19 -40.62 23.27
C ALA B 598 -31.74 -41.12 21.94
N GLY B 599 -31.04 -42.06 21.32
CA GLY B 599 -31.50 -42.64 20.07
C GLY B 599 -31.21 -41.90 18.77
N PHE B 600 -31.36 -42.64 17.66
CA PHE B 600 -31.12 -42.07 16.35
C PHE B 600 -32.38 -41.38 15.87
N ARG B 601 -32.24 -40.25 15.19
CA ARG B 601 -33.39 -39.55 14.68
C ARG B 601 -33.16 -38.90 13.31
N VAL B 602 -33.98 -39.26 12.34
CA VAL B 602 -33.87 -38.71 10.99
C VAL B 602 -34.32 -37.26 11.03
N VAL B 603 -33.56 -36.41 10.36
CA VAL B 603 -33.80 -34.97 10.35
C VAL B 603 -33.61 -34.37 8.95
N GLU B 604 -34.36 -33.33 8.61
CA GLU B 604 -34.23 -32.66 7.31
C GLU B 604 -32.90 -31.93 7.35
N SER B 605 -32.10 -32.05 6.29
CA SER B 605 -30.81 -31.38 6.26
C SER B 605 -30.94 -29.90 6.62
N SER B 606 -31.97 -29.27 6.09
CA SER B 606 -32.22 -27.84 6.34
C SER B 606 -32.23 -27.47 7.81
N SER B 607 -32.70 -28.38 8.64
CA SER B 607 -32.79 -28.09 10.07
C SER B 607 -31.46 -28.21 10.78
N TYR B 608 -30.44 -28.63 10.05
CA TYR B 608 -29.14 -28.76 10.66
C TYR B 608 -28.15 -27.83 9.95
N TYR B 609 -28.21 -27.85 8.63
CA TYR B 609 -27.31 -27.04 7.83
C TYR B 609 -27.88 -25.70 7.36
N GLY B 610 -29.19 -25.55 7.47
CA GLY B 610 -29.81 -24.31 7.03
C GLY B 610 -30.18 -24.43 5.57
N LYS B 611 -30.82 -23.40 5.04
CA LYS B 611 -31.22 -23.41 3.65
C LYS B 611 -29.98 -23.46 2.80
N GLY B 612 -30.08 -24.12 1.64
CA GLY B 612 -28.93 -24.14 0.74
C GLY B 612 -27.98 -25.29 0.84
N TYR B 613 -28.36 -26.30 1.62
CA TYR B 613 -27.52 -27.47 1.78
C TYR B 613 -27.94 -28.51 0.77
N GLN B 614 -26.97 -29.26 0.27
CA GLN B 614 -27.21 -30.34 -0.67
C GLN B 614 -26.07 -31.27 -0.37
N ASP B 615 -26.22 -32.56 -0.64
CA ASP B 615 -25.13 -33.45 -0.29
C ASP B 615 -24.71 -34.45 -1.33
N VAL B 616 -23.75 -35.28 -0.94
CA VAL B 616 -23.17 -36.29 -1.79
C VAL B 616 -23.71 -37.63 -1.30
N GLU B 617 -24.36 -38.37 -2.19
CA GLU B 617 -24.96 -39.66 -1.86
C GLU B 617 -23.91 -40.76 -1.69
N HIS B 618 -22.81 -40.68 -2.42
CA HIS B 618 -21.76 -41.68 -2.31
C HIS B 618 -20.40 -41.10 -2.71
N ARG B 619 -19.35 -41.60 -2.06
CA ARG B 619 -18.00 -41.12 -2.31
C ARG B 619 -17.00 -42.24 -2.08
N LYS B 620 -16.41 -42.73 -3.18
CA LYS B 620 -15.40 -43.79 -3.12
C LYS B 620 -14.27 -43.33 -4.02
N PRO B 621 -13.04 -43.42 -3.54
CA PRO B 621 -11.92 -42.98 -4.37
C PRO B 621 -11.22 -44.03 -5.20
N SER B 622 -10.62 -43.57 -6.29
CA SER B 622 -9.80 -44.43 -7.10
C SER B 622 -8.47 -44.24 -6.40
N ILE B 623 -7.76 -45.31 -6.07
CA ILE B 623 -6.48 -45.10 -5.42
C ILE B 623 -5.35 -45.65 -6.29
N ARG B 624 -5.60 -45.63 -7.60
CA ARG B 624 -4.62 -46.09 -8.58
C ARG B 624 -3.40 -45.18 -8.48
N ASN B 625 -3.57 -43.88 -8.76
CA ASN B 625 -2.45 -42.93 -8.71
C ASN B 625 -1.61 -43.12 -7.45
N ALA B 626 -2.28 -43.29 -6.32
CA ALA B 626 -1.62 -43.47 -5.04
C ALA B 626 -0.74 -44.70 -5.12
N HIS B 627 -1.29 -45.76 -5.70
CA HIS B 627 -0.54 -46.99 -5.82
C HIS B 627 0.64 -46.81 -6.77
N ARG B 628 0.42 -46.10 -7.86
CA ARG B 628 1.45 -45.86 -8.87
C ARG B 628 2.58 -44.95 -8.45
N CYS B 629 2.24 -43.83 -7.80
CA CYS B 629 3.25 -42.87 -7.40
C CYS B 629 3.89 -43.11 -6.05
N LEU B 630 3.13 -43.74 -5.16
CA LEU B 630 3.59 -43.97 -3.79
C LEU B 630 3.76 -45.43 -3.37
N ASP B 631 3.17 -46.37 -4.11
CA ASP B 631 3.23 -47.79 -3.76
C ASP B 631 2.58 -47.85 -2.40
N TRP B 632 1.45 -47.15 -2.30
CA TRP B 632 0.67 -47.04 -1.08
C TRP B 632 -0.66 -47.79 -1.15
N GLU B 633 -1.11 -48.28 -0.01
CA GLU B 633 -2.34 -49.03 0.06
C GLU B 633 -2.90 -48.90 1.47
N PRO B 634 -4.15 -48.44 1.60
CA PRO B 634 -4.74 -48.29 2.94
C PRO B 634 -4.73 -49.62 3.66
N LYS B 635 -4.60 -49.60 4.98
CA LYS B 635 -4.54 -50.85 5.73
C LYS B 635 -5.50 -50.95 6.90
N ILE B 636 -5.55 -49.91 7.73
CA ILE B 636 -6.44 -49.93 8.89
C ILE B 636 -7.92 -49.92 8.54
N ASP B 637 -8.65 -50.85 9.15
CA ASP B 637 -10.07 -50.95 8.93
C ASP B 637 -10.85 -49.96 9.78
N MET B 638 -11.97 -49.53 9.25
CA MET B 638 -12.84 -48.56 9.87
C MET B 638 -13.10 -48.72 11.37
N GLN B 639 -13.56 -49.90 11.78
CA GLN B 639 -13.87 -50.15 13.19
C GLN B 639 -12.76 -49.71 14.13
N GLU B 640 -11.53 -49.94 13.73
CA GLU B 640 -10.39 -49.58 14.54
C GLU B 640 -10.31 -48.05 14.66
N THR B 641 -10.54 -47.37 13.56
CA THR B 641 -10.52 -45.91 13.55
C THR B 641 -11.61 -45.39 14.50
N ILE B 642 -12.80 -45.99 14.42
CA ILE B 642 -13.90 -45.61 15.29
C ILE B 642 -13.50 -45.69 16.76
N ASP B 643 -12.90 -46.81 17.14
CA ASP B 643 -12.46 -47.03 18.52
C ASP B 643 -11.43 -46.00 18.96
N GLU B 644 -10.41 -45.80 18.14
CA GLU B 644 -9.38 -44.82 18.41
C GLU B 644 -9.97 -43.45 18.66
N THR B 645 -10.76 -42.99 17.70
CA THR B 645 -11.40 -41.68 17.77
C THR B 645 -12.26 -41.55 19.01
N LEU B 646 -13.19 -42.50 19.19
CA LEU B 646 -14.08 -42.48 20.34
C LEU B 646 -13.27 -42.37 21.63
N ASP B 647 -12.28 -43.25 21.78
CA ASP B 647 -11.49 -43.22 23.00
C ASP B 647 -10.88 -41.86 23.26
N PHE B 648 -10.16 -41.34 22.27
CA PHE B 648 -9.53 -40.05 22.41
C PHE B 648 -10.51 -38.98 22.93
N PHE B 649 -11.62 -38.80 22.23
CA PHE B 649 -12.56 -37.78 22.66
C PHE B 649 -13.23 -38.03 24.01
N LEU B 650 -13.52 -39.28 24.35
CA LEU B 650 -14.16 -39.53 25.64
C LEU B 650 -13.23 -39.14 26.76
N ARG B 651 -11.94 -39.33 26.55
CA ARG B 651 -10.95 -38.99 27.56
C ARG B 651 -10.54 -37.51 27.46
N THR B 652 -11.37 -36.73 26.79
CA THR B 652 -11.15 -35.31 26.61
C THR B 652 -12.13 -34.64 27.53
N VAL B 653 -13.19 -35.38 27.84
CA VAL B 653 -14.23 -34.85 28.70
C VAL B 653 -13.77 -34.79 30.13
N ASP B 654 -13.92 -33.62 30.75
CA ASP B 654 -13.54 -33.49 32.15
C ASP B 654 -14.67 -34.10 32.96
N LEU B 655 -14.35 -35.05 33.83
CA LEU B 655 -15.38 -35.68 34.63
C LEU B 655 -15.35 -35.28 36.11
N THR B 656 -16.05 -34.18 36.45
CA THR B 656 -16.16 -33.64 37.81
C THR B 656 -17.02 -32.36 37.82
N MET C 1 57.92 55.02 1.29
CA MET C 1 58.00 53.73 0.52
C MET C 1 56.66 53.29 -0.03
N LYS C 2 56.67 52.14 -0.70
CA LYS C 2 55.49 51.55 -1.32
C LYS C 2 55.25 50.19 -0.66
N THR C 3 54.03 49.94 -0.16
CA THR C 3 53.75 48.67 0.53
C THR C 3 52.42 48.02 0.25
N VAL C 4 52.31 46.78 0.70
CA VAL C 4 51.10 45.97 0.61
C VAL C 4 50.86 45.61 2.07
N VAL C 5 49.66 45.91 2.58
CA VAL C 5 49.35 45.66 3.98
C VAL C 5 48.37 44.52 4.22
N PHE C 6 48.56 43.80 5.33
CA PHE C 6 47.69 42.72 5.72
C PHE C 6 47.17 43.15 7.07
N ALA C 7 45.97 43.73 7.11
CA ALA C 7 45.43 44.20 8.37
C ALA C 7 44.00 43.80 8.64
N TYR C 8 43.61 43.88 9.91
CA TYR C 8 42.25 43.55 10.33
C TYR C 8 41.95 44.13 11.70
N HIS C 9 40.68 44.39 11.96
CA HIS C 9 40.23 44.93 13.23
C HIS C 9 40.90 46.26 13.63
N ASP C 10 40.90 46.58 14.93
CA ASP C 10 41.48 47.82 15.45
C ASP C 10 42.91 48.12 15.08
N MET C 11 43.83 47.25 15.51
CA MET C 11 45.24 47.45 15.19
C MET C 11 45.36 47.66 13.70
N GLY C 12 44.52 46.97 12.94
CA GLY C 12 44.56 47.10 11.50
C GLY C 12 44.35 48.52 11.03
N CYS C 13 43.41 49.23 11.65
CA CYS C 13 43.13 50.61 11.25
C CYS C 13 44.24 51.55 11.69
N LEU C 14 44.61 51.52 12.97
CA LEU C 14 45.65 52.41 13.43
C LEU C 14 46.94 52.12 12.67
N GLY C 15 47.12 50.87 12.28
CA GLY C 15 48.32 50.50 11.55
C GLY C 15 48.31 51.08 10.16
N ILE C 16 47.16 51.06 9.51
CA ILE C 16 47.04 51.61 8.17
C ILE C 16 47.16 53.13 8.21
N GLU C 17 46.62 53.74 9.27
CA GLU C 17 46.68 55.18 9.40
C GLU C 17 48.10 55.64 9.63
N ALA C 18 48.74 55.05 10.65
CA ALA C 18 50.11 55.39 10.97
C ALA C 18 50.94 55.31 9.70
N LEU C 19 50.71 54.23 8.95
CA LEU C 19 51.41 53.98 7.71
C LEU C 19 51.19 55.12 6.72
N LEU C 20 49.96 55.63 6.68
CA LEU C 20 49.64 56.71 5.77
C LEU C 20 50.28 58.01 6.22
N ALA C 21 50.08 58.35 7.49
CA ALA C 21 50.66 59.57 8.02
C ALA C 21 52.17 59.57 7.86
N ALA C 22 52.78 58.39 7.90
CA ALA C 22 54.22 58.28 7.77
C ALA C 22 54.68 58.47 6.33
N GLY C 23 53.73 58.77 5.45
CA GLY C 23 54.07 58.99 4.06
C GLY C 23 54.21 57.76 3.18
N TYR C 24 53.79 56.60 3.65
CA TYR C 24 53.90 55.40 2.83
C TYR C 24 52.78 55.38 1.78
N GLU C 25 53.02 54.72 0.66
CA GLU C 25 52.02 54.60 -0.40
C GLU C 25 51.49 53.19 -0.33
N ILE C 26 50.24 53.03 0.12
CA ILE C 26 49.67 51.69 0.23
C ILE C 26 49.04 51.20 -1.07
N SER C 27 49.72 50.26 -1.75
CA SER C 27 49.26 49.71 -3.03
C SER C 27 48.01 48.82 -2.97
N ALA C 28 47.84 48.10 -1.87
CA ALA C 28 46.69 47.22 -1.69
C ALA C 28 46.64 46.72 -0.26
N ILE C 29 45.43 46.52 0.26
CA ILE C 29 45.23 46.03 1.62
C ILE C 29 44.51 44.69 1.57
N PHE C 30 45.00 43.71 2.33
CA PHE C 30 44.37 42.40 2.39
C PHE C 30 43.77 42.21 3.75
N THR C 31 42.45 42.01 3.78
CA THR C 31 41.74 41.84 5.05
C THR C 31 40.78 40.66 5.01
N HIS C 32 39.87 40.62 5.98
CA HIS C 32 38.89 39.54 6.08
C HIS C 32 37.47 40.09 6.10
N THR C 33 36.51 39.20 5.93
CA THR C 33 35.10 39.55 5.98
C THR C 33 34.73 39.38 7.45
N ASP C 34 33.46 39.59 7.82
CA ASP C 34 33.09 39.43 9.22
C ASP C 34 31.98 38.40 9.45
N GLY C 43 36.70 48.66 14.54
CA GLY C 43 36.82 49.50 13.35
C GLY C 43 37.13 48.72 12.08
N SER C 44 36.25 48.78 11.09
CA SER C 44 36.44 48.06 9.84
C SER C 44 37.65 48.48 8.99
N VAL C 45 38.56 47.53 8.74
CA VAL C 45 39.72 47.82 7.90
C VAL C 45 39.22 48.11 6.49
N ALA C 46 38.29 47.32 5.99
CA ALA C 46 37.74 47.51 4.64
C ALA C 46 37.13 48.89 4.45
N ARG C 47 36.29 49.31 5.42
CA ARG C 47 35.66 50.62 5.35
C ARG C 47 36.73 51.72 5.20
N LEU C 48 37.76 51.66 6.03
CA LEU C 48 38.87 52.61 5.99
C LEU C 48 39.54 52.59 4.64
N ALA C 49 39.88 51.39 4.17
CA ALA C 49 40.52 51.25 2.87
C ALA C 49 39.66 51.92 1.83
N ALA C 50 38.37 51.60 1.88
CA ALA C 50 37.39 52.15 0.96
C ALA C 50 37.35 53.66 1.04
N GLU C 51 37.28 54.18 2.26
CA GLU C 51 37.25 55.61 2.48
C GLU C 51 38.50 56.29 1.94
N ARG C 52 39.65 55.64 2.06
CA ARG C 52 40.89 56.23 1.55
C ARG C 52 41.18 55.89 0.09
N GLY C 53 40.26 55.18 -0.55
CA GLY C 53 40.44 54.83 -1.95
C GLY C 53 41.55 53.84 -2.20
N ILE C 54 41.81 53.00 -1.21
CA ILE C 54 42.87 52.00 -1.35
C ILE C 54 42.25 50.66 -1.73
N PRO C 55 42.69 50.09 -2.86
CA PRO C 55 42.13 48.79 -3.25
C PRO C 55 42.30 47.77 -2.13
N VAL C 56 41.18 47.20 -1.69
CA VAL C 56 41.17 46.23 -0.61
C VAL C 56 40.64 44.88 -1.10
N TYR C 57 41.25 43.79 -0.63
CA TYR C 57 40.85 42.42 -1.01
C TYR C 57 40.71 41.55 0.23
N ALA C 58 39.87 40.52 0.14
CA ALA C 58 39.68 39.62 1.27
C ALA C 58 39.57 38.16 0.88
N PRO C 59 40.57 37.64 0.13
CA PRO C 59 40.52 36.24 -0.26
C PRO C 59 40.71 35.34 0.96
N ASP C 60 40.35 34.07 0.83
CA ASP C 60 40.50 33.14 1.95
C ASP C 60 41.95 32.76 2.12
N ASN C 61 42.63 32.57 1.00
CA ASN C 61 44.02 32.21 1.06
C ASN C 61 44.87 33.03 0.10
N VAL C 62 45.53 34.06 0.62
CA VAL C 62 46.37 34.95 -0.18
C VAL C 62 47.61 34.26 -0.70
N ASN C 63 47.91 33.09 -0.15
CA ASN C 63 49.08 32.32 -0.54
C ASN C 63 48.92 31.67 -1.90
N HIS C 64 47.72 31.70 -2.44
CA HIS C 64 47.46 31.11 -3.73
C HIS C 64 48.27 31.81 -4.80
N PRO C 65 48.77 31.04 -5.77
CA PRO C 65 49.58 31.57 -6.87
C PRO C 65 49.07 32.86 -7.48
N LEU C 66 47.79 32.91 -7.84
CA LEU C 66 47.22 34.11 -8.46
C LEU C 66 47.51 35.35 -7.64
N TRP C 67 47.22 35.26 -6.34
CA TRP C 67 47.45 36.37 -5.43
C TRP C 67 48.93 36.72 -5.29
N VAL C 68 49.75 35.70 -5.03
CA VAL C 68 51.17 35.92 -4.92
C VAL C 68 51.65 36.65 -6.17
N GLU C 69 51.20 36.19 -7.35
CA GLU C 69 51.59 36.82 -8.58
C GLU C 69 51.09 38.26 -8.60
N ARG C 70 49.85 38.47 -8.20
CA ARG C 70 49.29 39.83 -8.20
C ARG C 70 49.99 40.75 -7.21
N ILE C 71 50.34 40.22 -6.05
CA ILE C 71 51.02 41.03 -5.04
C ILE C 71 52.39 41.41 -5.58
N ALA C 72 53.03 40.46 -6.24
CA ALA C 72 54.34 40.68 -6.84
C ALA C 72 54.20 41.78 -7.90
N GLN C 73 53.04 41.85 -8.53
CA GLN C 73 52.78 42.87 -9.54
C GLN C 73 52.92 44.25 -8.92
N LEU C 74 52.24 44.43 -7.79
CA LEU C 74 52.27 45.70 -7.07
C LEU C 74 53.69 46.14 -6.75
N SER C 75 54.61 45.17 -6.72
CA SER C 75 56.02 45.44 -6.46
C SER C 75 56.18 46.32 -5.23
N PRO C 76 55.93 45.75 -4.05
CA PRO C 76 56.04 46.49 -2.79
C PRO C 76 57.46 46.54 -2.25
N ASP C 77 57.79 47.64 -1.59
CA ASP C 77 59.11 47.82 -1.00
C ASP C 77 59.16 47.04 0.31
N VAL C 78 58.10 47.15 1.09
CA VAL C 78 58.01 46.45 2.37
C VAL C 78 56.58 45.99 2.63
N ILE C 79 56.44 44.94 3.42
CA ILE C 79 55.13 44.42 3.74
C ILE C 79 54.88 44.58 5.22
N PHE C 80 53.64 44.86 5.59
CA PHE C 80 53.26 45.04 6.99
C PHE C 80 52.09 44.14 7.34
N SER C 81 52.07 43.63 8.56
CA SER C 81 50.99 42.77 9.00
C SER C 81 50.45 43.27 10.32
N PHE C 82 49.26 43.86 10.28
CA PHE C 82 48.64 44.39 11.47
C PHE C 82 47.43 43.60 11.87
N TYR C 83 47.66 42.52 12.62
CA TYR C 83 46.58 41.67 13.09
C TYR C 83 45.82 40.93 12.00
N TYR C 84 46.52 40.50 10.95
CA TYR C 84 45.91 39.74 9.88
C TYR C 84 45.71 38.35 10.48
N ARG C 85 44.53 37.76 10.29
CA ARG C 85 44.25 36.44 10.87
C ARG C 85 44.77 35.19 10.13
N HIS C 86 44.56 35.07 8.83
CA HIS C 86 45.09 33.91 8.09
C HIS C 86 46.61 34.02 8.15
N LEU C 87 47.34 32.98 7.74
CA LEU C 87 48.80 33.04 7.84
C LEU C 87 49.53 33.30 6.52
N ILE C 88 50.33 34.35 6.50
CA ILE C 88 51.09 34.71 5.31
C ILE C 88 52.37 33.91 5.32
N TYR C 89 52.73 33.29 4.21
CA TYR C 89 53.95 32.51 4.21
C TYR C 89 55.02 32.85 3.18
N ASP C 90 56.26 32.60 3.60
CA ASP C 90 57.46 32.83 2.82
C ASP C 90 57.26 33.27 1.39
N GLU C 91 56.80 32.34 0.54
CA GLU C 91 56.56 32.61 -0.87
C GLU C 91 56.36 34.10 -1.13
N ILE C 92 55.36 34.68 -0.46
CA ILE C 92 55.01 36.09 -0.61
C ILE C 92 55.83 37.06 0.23
N LEU C 93 56.19 36.66 1.45
CA LEU C 93 56.97 37.50 2.34
C LEU C 93 58.24 38.08 1.68
N GLN C 94 58.98 37.22 1.00
CA GLN C 94 60.20 37.65 0.34
C GLN C 94 60.06 38.47 -0.93
N LEU C 95 58.85 38.95 -1.21
CA LEU C 95 58.64 39.76 -2.41
C LEU C 95 58.96 41.21 -2.09
N ALA C 96 59.15 41.47 -0.80
CA ALA C 96 59.46 42.80 -0.31
C ALA C 96 60.92 42.92 0.05
N PRO C 97 61.68 43.70 -0.74
CA PRO C 97 63.11 43.88 -0.48
C PRO C 97 63.40 44.42 0.91
N ALA C 98 62.66 45.42 1.33
CA ALA C 98 62.84 46.02 2.64
C ALA C 98 62.42 45.09 3.76
N GLY C 99 61.79 43.98 3.42
CA GLY C 99 61.36 43.02 4.43
C GLY C 99 59.88 43.06 4.77
N ALA C 100 59.46 42.22 5.70
CA ALA C 100 58.07 42.16 6.12
C ALA C 100 58.00 42.20 7.64
N PHE C 101 57.32 43.20 8.17
CA PHE C 101 57.20 43.36 9.61
C PHE C 101 55.79 43.10 10.14
N ASN C 102 55.71 42.46 11.29
CA ASN C 102 54.44 42.16 11.93
C ASN C 102 54.33 42.80 13.32
N LEU C 103 53.16 43.32 13.64
CA LEU C 103 52.95 43.96 14.92
C LEU C 103 52.26 42.99 15.87
N HIS C 104 53.02 42.45 16.83
CA HIS C 104 52.51 41.48 17.79
C HIS C 104 52.16 42.15 19.10
N GLY C 105 51.11 41.67 19.76
CA GLY C 105 50.67 42.29 21.01
C GLY C 105 51.24 41.79 22.33
N SER C 106 52.56 41.60 22.38
CA SER C 106 53.21 41.16 23.61
C SER C 106 54.69 41.58 23.59
N LEU C 107 55.34 41.44 24.73
CA LEU C 107 56.76 41.77 24.86
C LEU C 107 57.61 40.58 24.41
N LEU C 108 57.67 40.34 23.11
CA LEU C 108 58.44 39.23 22.58
C LEU C 108 59.84 39.25 23.21
N PRO C 109 60.48 38.08 23.31
CA PRO C 109 59.99 36.77 22.88
C PRO C 109 58.97 36.12 23.81
N LYS C 110 58.49 36.86 24.80
CA LYS C 110 57.51 36.29 25.71
C LYS C 110 56.10 36.32 25.08
N TYR C 111 55.27 35.32 25.39
CA TYR C 111 53.93 35.25 24.83
C TYR C 111 53.92 35.40 23.32
N ARG C 112 54.80 34.66 22.66
CA ARG C 112 54.86 34.76 21.22
C ARG C 112 53.75 33.95 20.55
N GLY C 113 52.91 33.30 21.35
CA GLY C 113 51.84 32.53 20.73
C GLY C 113 50.75 33.39 20.10
N ARG C 114 49.52 33.16 20.52
CA ARG C 114 48.41 33.93 20.02
C ARG C 114 47.48 34.16 21.19
N ALA C 115 46.72 35.25 21.15
CA ALA C 115 45.82 35.62 22.23
C ALA C 115 46.64 36.12 23.42
N PRO C 116 47.71 36.87 23.15
CA PRO C 116 48.53 37.37 24.25
C PRO C 116 47.76 38.33 25.13
N LEU C 117 46.81 39.06 24.56
CA LEU C 117 46.02 40.00 25.36
C LEU C 117 45.37 39.29 26.51
N ASN C 118 44.89 38.07 26.27
CA ASN C 118 44.20 37.27 27.28
C ASN C 118 45.12 36.46 28.17
N TRP C 119 46.11 35.81 27.56
CA TRP C 119 47.06 35.00 28.31
C TRP C 119 47.76 35.77 29.42
N VAL C 120 48.27 36.96 29.09
CA VAL C 120 48.95 37.76 30.08
C VAL C 120 48.04 38.04 31.27
N LEU C 121 46.74 38.16 31.03
CA LEU C 121 45.80 38.40 32.12
C LEU C 121 45.61 37.11 32.92
N VAL C 122 45.45 36.01 32.20
CA VAL C 122 45.28 34.69 32.81
C VAL C 122 46.38 34.44 33.84
N ASN C 123 47.63 34.53 33.39
CA ASN C 123 48.80 34.33 34.24
C ASN C 123 49.13 35.51 35.13
N GLY C 124 48.23 36.48 35.21
CA GLY C 124 48.47 37.63 36.05
C GLY C 124 49.80 38.37 35.92
N GLU C 125 50.16 38.73 34.69
CA GLU C 125 51.39 39.48 34.48
C GLU C 125 51.20 40.90 34.98
N THR C 126 52.30 41.55 35.34
CA THR C 126 52.24 42.92 35.85
C THR C 126 52.51 43.87 34.71
N GLU C 127 52.94 43.32 33.58
CA GLU C 127 53.22 44.11 32.40
C GLU C 127 53.24 43.29 31.09
N THR C 128 53.08 43.99 29.98
CA THR C 128 53.09 43.39 28.65
C THR C 128 53.48 44.51 27.68
N GLY C 129 53.20 44.35 26.39
CA GLY C 129 53.54 45.40 25.45
C GLY C 129 53.36 45.05 23.99
N VAL C 130 53.71 45.98 23.11
CA VAL C 130 53.61 45.76 21.66
C VAL C 130 55.00 45.66 21.05
N THR C 131 55.17 44.77 20.08
CA THR C 131 56.46 44.57 19.45
C THR C 131 56.28 44.54 17.94
N LEU C 132 57.11 45.28 17.21
CA LEU C 132 57.06 45.27 15.77
C LEU C 132 58.33 44.53 15.36
N HIS C 133 58.20 43.27 14.99
CA HIS C 133 59.34 42.46 14.60
C HIS C 133 59.28 42.08 13.14
N ARG C 134 60.38 41.55 12.63
CA ARG C 134 60.43 41.13 11.23
C ARG C 134 59.80 39.73 11.20
N MET C 135 59.22 39.37 10.06
CA MET C 135 58.58 38.07 9.93
C MET C 135 59.50 37.02 9.34
N VAL C 136 59.67 35.91 10.04
CA VAL C 136 60.55 34.85 9.57
C VAL C 136 59.80 33.54 9.50
N LYS C 137 60.48 32.50 8.99
CA LYS C 137 59.89 31.19 8.86
C LYS C 137 59.17 30.78 10.14
N ARG C 138 59.76 31.12 11.28
CA ARG C 138 59.19 30.79 12.57
C ARG C 138 58.25 31.88 13.08
N ALA C 139 57.09 31.45 13.57
CA ALA C 139 56.06 32.35 14.07
C ALA C 139 56.49 33.27 15.20
N ASP C 140 56.34 34.58 14.98
CA ASP C 140 56.69 35.57 15.99
C ASP C 140 58.13 35.49 16.48
N ALA C 141 59.02 34.89 15.69
CA ALA C 141 60.41 34.76 16.13
C ALA C 141 61.30 35.85 15.60
N GLY C 142 60.95 36.40 14.44
CA GLY C 142 61.74 37.44 13.80
C GLY C 142 62.41 38.47 14.70
N ALA C 143 63.48 39.08 14.17
CA ALA C 143 64.26 40.09 14.88
C ALA C 143 63.40 41.28 15.27
N ILE C 144 63.50 41.74 16.52
CA ILE C 144 62.71 42.86 17.01
C ILE C 144 63.19 44.23 16.53
N VAL C 145 62.28 44.96 15.90
CA VAL C 145 62.56 46.29 15.35
C VAL C 145 62.18 47.41 16.33
N ALA C 146 61.28 47.11 17.25
CA ALA C 146 60.83 48.10 18.20
C ALA C 146 59.83 47.46 19.15
N GLN C 147 59.94 47.78 20.42
CA GLN C 147 59.07 47.20 21.42
C GLN C 147 58.68 48.32 22.37
N LEU C 148 57.67 48.09 23.20
CA LEU C 148 57.22 49.14 24.11
C LEU C 148 56.42 48.54 25.25
N ARG C 149 56.90 48.69 26.48
CA ARG C 149 56.23 48.14 27.66
C ARG C 149 54.93 48.80 28.04
N ILE C 150 54.09 48.04 28.74
CA ILE C 150 52.79 48.52 29.19
C ILE C 150 52.52 47.94 30.56
N ALA C 151 52.10 48.77 31.50
CA ALA C 151 51.80 48.26 32.82
C ALA C 151 50.36 47.77 32.87
N ILE C 152 50.16 46.62 33.50
CA ILE C 152 48.83 46.06 33.64
C ILE C 152 48.30 46.41 35.02
N ALA C 153 47.29 47.26 35.06
CA ALA C 153 46.69 47.67 36.32
C ALA C 153 45.97 46.48 36.95
N PRO C 154 45.93 46.40 38.28
CA PRO C 154 45.27 45.31 39.00
C PRO C 154 43.77 45.20 38.65
N ASP C 155 43.19 46.31 38.21
CA ASP C 155 41.78 46.35 37.84
C ASP C 155 41.59 46.44 36.33
N ASP C 156 42.56 45.94 35.57
CA ASP C 156 42.49 45.94 34.12
C ASP C 156 41.86 44.64 33.62
N ILE C 157 41.06 44.73 32.57
CA ILE C 157 40.42 43.56 31.98
C ILE C 157 40.73 43.55 30.49
N ALA C 158 40.54 42.40 29.84
CA ALA C 158 40.82 42.27 28.41
C ALA C 158 40.56 43.51 27.56
N ILE C 159 39.35 44.05 27.64
CA ILE C 159 39.00 45.21 26.85
C ILE C 159 39.81 46.48 27.19
N THR C 160 40.02 46.73 28.48
CA THR C 160 40.76 47.92 28.89
C THR C 160 42.24 47.82 28.54
N LEU C 161 42.77 46.60 28.61
CA LEU C 161 44.17 46.37 28.27
C LEU C 161 44.32 46.41 26.77
N HIS C 162 43.24 46.13 26.05
CA HIS C 162 43.25 46.16 24.59
C HIS C 162 43.45 47.60 24.12
N HIS C 163 42.78 48.55 24.76
CA HIS C 163 42.95 49.94 24.37
C HIS C 163 44.34 50.37 24.77
N LYS C 164 44.79 49.89 25.93
CA LYS C 164 46.13 50.22 26.40
C LYS C 164 47.12 49.84 25.29
N LEU C 165 46.98 48.62 24.77
CA LEU C 165 47.85 48.12 23.71
C LEU C 165 47.66 48.88 22.41
N CYS C 166 46.41 49.11 22.03
CA CYS C 166 46.09 49.81 20.80
C CYS C 166 46.79 51.14 20.81
N HIS C 167 46.65 51.76 21.95
CA HIS C 167 47.21 53.04 22.15
C HIS C 167 48.75 53.04 22.10
N ALA C 168 49.35 52.04 22.73
CA ALA C 168 50.80 51.89 22.75
C ALA C 168 51.32 51.68 21.33
N ALA C 169 50.61 50.83 20.60
CA ALA C 169 50.96 50.53 19.23
C ALA C 169 50.92 51.80 18.40
N ARG C 170 49.92 52.62 18.63
CA ARG C 170 49.78 53.85 17.87
C ARG C 170 51.03 54.71 18.05
N GLN C 171 51.61 54.69 19.24
CA GLN C 171 52.81 55.46 19.50
C GLN C 171 54.04 54.79 18.92
N LEU C 172 54.14 53.47 19.08
CA LEU C 172 55.27 52.71 18.57
C LEU C 172 55.44 52.90 17.08
N LEU C 173 54.34 52.73 16.35
CA LEU C 173 54.38 52.87 14.90
C LEU C 173 54.72 54.28 14.50
N GLU C 174 54.03 55.22 15.13
CA GLU C 174 54.24 56.64 14.85
C GLU C 174 55.70 57.02 14.75
N GLN C 175 56.53 56.50 15.65
CA GLN C 175 57.93 56.85 15.65
C GLN C 175 58.87 55.87 14.97
N THR C 176 58.60 54.59 15.09
CA THR C 176 59.49 53.61 14.47
C THR C 176 59.15 53.37 13.01
N LEU C 177 58.02 53.89 12.56
CA LEU C 177 57.62 53.69 11.17
C LEU C 177 58.45 54.54 10.23
N PRO C 178 58.67 55.82 10.57
CA PRO C 178 59.46 56.66 9.68
C PRO C 178 60.90 56.15 9.59
N ALA C 179 61.36 55.51 10.67
CA ALA C 179 62.71 54.98 10.73
C ALA C 179 62.90 53.89 9.68
N ILE C 180 61.90 53.02 9.59
CA ILE C 180 61.92 51.93 8.62
C ILE C 180 61.93 52.50 7.24
N LYS C 181 61.19 53.59 7.05
CA LYS C 181 61.08 54.21 5.74
C LYS C 181 62.45 54.57 5.18
N HIS C 182 63.44 54.76 6.05
CA HIS C 182 64.78 55.10 5.60
C HIS C 182 65.80 53.97 5.72
N GLY C 183 66.04 53.47 6.93
CA GLY C 183 66.98 52.37 7.06
C GLY C 183 67.59 52.30 8.43
N ASN C 184 67.13 53.16 9.32
CA ASN C 184 67.65 53.21 10.67
C ASN C 184 66.92 52.23 11.58
N ILE C 185 67.31 50.97 11.51
CA ILE C 185 66.68 49.95 12.35
C ILE C 185 67.70 48.88 12.75
N LEU C 186 67.58 48.40 13.98
CA LEU C 186 68.48 47.37 14.46
C LEU C 186 67.71 46.09 14.72
N GLU C 187 68.06 45.07 13.95
CA GLU C 187 67.41 43.77 14.08
C GLU C 187 67.86 43.08 15.37
N ILE C 188 67.42 43.56 16.52
CA ILE C 188 67.80 42.94 17.79
C ILE C 188 67.17 41.55 17.91
N ALA C 189 67.92 40.52 17.51
CA ALA C 189 67.43 39.16 17.55
C ALA C 189 66.75 38.80 18.84
N GLN C 190 65.95 37.76 18.81
CA GLN C 190 65.25 37.35 20.01
C GLN C 190 66.01 36.26 20.77
N ARG C 191 66.01 36.39 22.09
CA ARG C 191 66.66 35.43 22.95
C ARG C 191 65.84 34.14 22.98
N GLU C 192 65.99 33.35 21.91
CA GLU C 192 65.27 32.10 21.76
C GLU C 192 65.05 31.24 22.99
N ASN C 193 65.97 31.30 23.94
CA ASN C 193 65.85 30.49 25.16
C ASN C 193 65.02 31.22 26.22
N GLU C 194 64.22 32.18 25.78
CA GLU C 194 63.39 32.90 26.72
C GLU C 194 61.99 33.03 26.17
N ALA C 195 61.83 32.69 24.90
CA ALA C 195 60.55 32.77 24.25
C ALA C 195 59.50 31.88 24.89
N THR C 196 58.27 32.39 24.98
CA THR C 196 57.15 31.64 25.54
C THR C 196 56.11 31.66 24.45
N CYS C 197 55.40 30.55 24.26
CA CYS C 197 54.40 30.47 23.21
C CYS C 197 53.09 29.93 23.78
N PHE C 198 51.97 30.46 23.32
CA PHE C 198 50.66 29.99 23.77
C PHE C 198 49.76 29.77 22.57
N GLY C 199 48.73 28.96 22.73
CA GLY C 199 47.85 28.68 21.61
C GLY C 199 46.45 29.24 21.71
N ARG C 200 45.69 29.06 20.64
CA ARG C 200 44.31 29.55 20.59
C ARG C 200 43.54 29.09 21.82
N ARG C 201 42.83 30.03 22.44
CA ARG C 201 42.03 29.69 23.60
C ARG C 201 40.60 29.45 23.14
N THR C 202 40.01 28.34 23.57
CA THR C 202 38.64 28.04 23.21
C THR C 202 37.78 28.50 24.38
N PRO C 203 36.47 28.72 24.15
CA PRO C 203 35.68 29.16 25.30
C PRO C 203 35.73 28.18 26.47
N ASP C 204 36.04 26.92 26.19
CA ASP C 204 36.11 25.93 27.25
C ASP C 204 37.30 26.20 28.21
N ASP C 205 38.25 27.02 27.74
CA ASP C 205 39.44 27.37 28.52
C ASP C 205 39.14 28.43 29.60
N SER C 206 37.90 28.88 29.66
CA SER C 206 37.51 29.88 30.64
C SER C 206 36.69 29.24 31.76
N PHE C 207 36.82 27.94 31.90
CA PHE C 207 36.11 27.20 32.93
C PHE C 207 36.75 27.42 34.30
N LEU C 208 35.93 27.77 35.28
CA LEU C 208 36.41 28.04 36.63
C LEU C 208 36.46 26.80 37.54
N GLU C 209 37.67 26.48 38.03
CA GLU C 209 37.90 25.35 38.93
C GLU C 209 38.15 25.92 40.31
N TRP C 210 37.11 25.93 41.12
CA TRP C 210 37.16 26.50 42.46
C TRP C 210 38.26 26.04 43.41
N HIS C 211 38.97 24.98 43.03
CA HIS C 211 40.04 24.51 43.89
C HIS C 211 41.27 25.42 43.83
N LYS C 212 41.47 26.08 42.69
CA LYS C 212 42.61 26.97 42.52
C LYS C 212 42.48 28.17 43.45
N PRO C 213 43.51 29.02 43.50
CA PRO C 213 43.44 30.20 44.38
C PRO C 213 42.46 31.27 43.84
N ALA C 214 41.81 31.99 44.76
CA ALA C 214 40.87 33.02 44.34
C ALA C 214 41.57 33.97 43.38
N SER C 215 42.88 34.11 43.57
CA SER C 215 43.69 34.99 42.72
C SER C 215 43.64 34.53 41.29
N VAL C 216 43.99 33.28 41.08
CA VAL C 216 44.01 32.68 39.76
C VAL C 216 42.67 32.85 39.05
N LEU C 217 41.61 32.46 39.75
CA LEU C 217 40.26 32.55 39.24
C LEU C 217 39.87 33.98 38.89
N HIS C 218 40.25 34.92 39.74
CA HIS C 218 39.95 36.33 39.51
C HIS C 218 40.60 36.81 38.20
N ASN C 219 41.82 36.36 37.92
CA ASN C 219 42.49 36.76 36.71
C ASN C 219 41.81 36.17 35.51
N MET C 220 41.18 35.02 35.72
CA MET C 220 40.47 34.34 34.65
C MET C 220 39.28 35.19 34.19
N VAL C 221 38.45 35.61 35.15
CA VAL C 221 37.29 36.39 34.78
C VAL C 221 37.74 37.68 34.12
N ARG C 222 38.92 38.17 34.50
CA ARG C 222 39.42 39.41 33.91
C ARG C 222 39.90 39.16 32.49
N ALA C 223 40.61 38.04 32.33
CA ALA C 223 41.17 37.65 31.04
C ALA C 223 40.16 37.54 29.93
N VAL C 224 38.95 37.11 30.25
CA VAL C 224 37.92 36.98 29.22
C VAL C 224 36.62 37.74 29.52
N ALA C 225 36.73 38.83 30.28
CA ALA C 225 35.56 39.64 30.62
C ALA C 225 34.97 40.22 29.34
N ASP C 226 33.73 40.66 29.41
CA ASP C 226 33.09 41.24 28.25
C ASP C 226 34.03 42.26 27.59
N PRO C 227 33.99 42.38 26.24
CA PRO C 227 33.19 41.69 25.25
C PRO C 227 33.52 40.22 25.02
N TRP C 228 34.55 39.71 25.69
CA TRP C 228 34.94 38.30 25.54
C TRP C 228 33.91 37.36 26.17
N PRO C 229 33.90 36.08 25.75
CA PRO C 229 32.97 35.04 26.25
C PRO C 229 32.75 34.93 27.76
N GLY C 230 33.77 35.27 28.55
CA GLY C 230 33.60 35.21 30.00
C GLY C 230 33.93 33.89 30.68
N ALA C 231 34.22 33.97 31.97
CA ALA C 231 34.55 32.79 32.78
C ALA C 231 33.24 32.16 33.21
N PHE C 232 33.18 30.83 33.21
CA PHE C 232 31.94 30.19 33.60
C PHE C 232 32.14 29.03 34.55
N SER C 233 31.03 28.61 35.15
CA SER C 233 31.00 27.50 36.09
C SER C 233 29.61 26.90 35.97
N TYR C 234 29.29 26.00 36.90
CA TYR C 234 27.99 25.33 36.88
C TYR C 234 27.31 25.21 38.23
N VAL C 235 25.99 25.33 38.19
CA VAL C 235 25.16 25.16 39.38
C VAL C 235 24.37 23.91 39.03
N GLY C 236 24.92 22.77 39.45
CA GLY C 236 24.29 21.52 39.11
C GLY C 236 24.34 21.43 37.60
N ASN C 237 23.18 21.36 36.97
CA ASN C 237 23.08 21.24 35.52
C ASN C 237 23.17 22.62 34.86
N GLN C 238 22.95 23.67 35.65
CA GLN C 238 22.96 25.04 35.14
C GLN C 238 24.29 25.76 35.00
N LYS C 239 24.52 26.33 33.81
CA LYS C 239 25.74 27.06 33.51
C LYS C 239 25.57 28.56 33.64
N PHE C 240 26.47 29.20 34.39
CA PHE C 240 26.38 30.64 34.56
C PHE C 240 27.74 31.26 34.26
N THR C 241 27.75 32.57 34.02
CA THR C 241 29.00 33.27 33.72
C THR C 241 29.35 34.38 34.70
N VAL C 242 30.60 34.38 35.15
CA VAL C 242 31.07 35.42 36.06
C VAL C 242 31.71 36.56 35.27
N TRP C 243 31.09 37.74 35.31
CA TRP C 243 31.58 38.90 34.59
C TRP C 243 32.48 39.81 35.45
N SER C 244 32.14 39.92 36.73
CA SER C 244 32.88 40.77 37.67
C SER C 244 33.30 39.96 38.87
N SER C 245 34.58 39.96 39.19
CA SER C 245 35.06 39.21 40.32
C SER C 245 35.65 40.15 41.35
N ARG C 246 36.18 39.59 42.43
CA ARG C 246 36.75 40.38 43.51
C ARG C 246 37.28 39.38 44.52
N VAL C 247 38.60 39.31 44.67
CA VAL C 247 39.20 38.38 45.62
C VAL C 247 39.05 38.82 47.07
N HIS C 248 38.77 37.83 47.93
CA HIS C 248 38.61 38.05 49.37
C HIS C 248 39.62 37.21 50.12
N PRO C 249 40.64 37.86 50.74
CA PRO C 249 41.61 37.07 51.49
C PRO C 249 40.86 36.45 52.67
N HIS C 250 39.65 36.98 52.89
CA HIS C 250 38.76 36.53 53.95
C HIS C 250 38.59 35.03 53.88
N ALA C 251 39.35 34.32 54.70
CA ALA C 251 39.30 32.86 54.75
C ALA C 251 37.88 32.33 54.93
N SER C 252 37.76 31.00 54.95
CA SER C 252 36.50 30.30 55.12
C SER C 252 36.80 28.81 55.16
N LYS C 253 36.65 28.21 56.34
CA LYS C 253 36.91 26.79 56.52
C LYS C 253 36.09 25.95 55.54
N ALA C 254 35.20 26.63 54.80
CA ALA C 254 34.34 25.98 53.82
C ALA C 254 35.19 25.37 52.71
N GLN C 255 34.78 24.21 52.24
CA GLN C 255 35.52 23.52 51.18
C GLN C 255 35.37 24.25 49.84
N PRO C 256 36.42 24.24 48.99
CA PRO C 256 36.36 24.90 47.69
C PRO C 256 35.15 24.52 46.85
N GLY C 257 34.53 25.52 46.21
CA GLY C 257 33.36 25.28 45.39
C GLY C 257 32.02 25.58 46.05
N SER C 258 32.01 25.57 47.39
CA SER C 258 30.79 25.83 48.14
C SER C 258 30.51 27.31 48.28
N VAL C 259 29.23 27.64 48.43
CA VAL C 259 28.81 29.04 48.57
C VAL C 259 28.89 29.56 50.00
N ILE C 260 29.79 30.52 50.23
CA ILE C 260 29.96 31.11 51.55
C ILE C 260 28.77 32.00 51.95
N SER C 261 28.24 32.75 50.98
CA SER C 261 27.09 33.65 51.22
C SER C 261 26.44 34.04 49.90
N VAL C 262 25.21 34.51 49.97
CA VAL C 262 24.49 34.89 48.75
C VAL C 262 24.35 36.40 48.57
N ALA C 263 24.95 37.16 49.47
CA ALA C 263 24.90 38.62 49.43
C ALA C 263 25.97 39.19 50.35
N PRO C 264 27.17 39.45 49.80
CA PRO C 264 27.54 39.22 48.39
C PRO C 264 27.68 37.74 48.04
N LEU C 265 27.56 37.41 46.76
CA LEU C 265 27.70 36.02 46.34
C LEU C 265 29.17 35.66 46.45
N LEU C 266 29.52 35.04 47.57
CA LEU C 266 30.91 34.66 47.85
C LEU C 266 31.18 33.14 47.76
N ILE C 267 31.99 32.73 46.79
CA ILE C 267 32.32 31.32 46.63
C ILE C 267 33.68 31.02 47.27
N ALA C 268 33.77 29.90 47.97
CA ALA C 268 35.02 29.52 48.63
C ALA C 268 35.95 28.87 47.61
N CYS C 269 37.19 29.37 47.53
CA CYS C 269 38.18 28.85 46.59
C CYS C 269 39.27 28.11 47.35
N GLY C 270 40.21 27.50 46.62
CA GLY C 270 41.30 26.78 47.25
C GLY C 270 42.16 27.65 48.16
N ASP C 271 42.17 28.94 47.87
CA ASP C 271 42.91 29.92 48.64
C ASP C 271 42.07 31.19 48.64
N GLY C 272 41.45 31.50 49.78
CA GLY C 272 40.60 32.68 49.87
C GLY C 272 39.29 32.44 49.12
N ALA C 273 38.43 33.45 49.07
CA ALA C 273 37.16 33.30 48.37
C ALA C 273 37.05 34.27 47.23
N LEU C 274 36.14 33.97 46.30
CA LEU C 274 35.91 34.84 45.17
C LEU C 274 34.49 35.40 45.23
N GLU C 275 34.37 36.73 45.12
CA GLU C 275 33.06 37.34 45.16
C GLU C 275 32.59 37.56 43.72
N ILE C 276 31.43 37.01 43.39
CA ILE C 276 30.90 37.21 42.05
C ILE C 276 30.08 38.49 42.10
N VAL C 277 30.64 39.55 41.53
CA VAL C 277 30.00 40.86 41.52
C VAL C 277 28.85 40.95 40.52
N THR C 278 29.09 40.44 39.33
CA THR C 278 28.06 40.44 38.32
C THR C 278 28.23 39.21 37.43
N GLY C 279 27.11 38.64 37.01
CA GLY C 279 27.15 37.47 36.16
C GLY C 279 25.80 37.25 35.53
N GLN C 280 25.66 36.17 34.78
CA GLN C 280 24.37 35.86 34.14
C GLN C 280 24.13 34.37 34.11
N ALA C 281 22.92 33.98 34.50
CA ALA C 281 22.56 32.58 34.47
C ALA C 281 22.28 32.27 33.00
N GLY C 282 23.00 31.29 32.45
CA GLY C 282 22.80 30.94 31.06
C GLY C 282 22.91 32.09 30.08
N ASP C 283 21.99 32.18 29.13
CA ASP C 283 22.01 33.25 28.15
C ASP C 283 21.12 34.40 28.59
N GLY C 284 20.78 34.40 29.88
CA GLY C 284 19.93 35.45 30.41
C GLY C 284 20.68 36.78 30.48
N ILE C 285 20.05 37.80 31.05
CA ILE C 285 20.68 39.12 31.19
C ILE C 285 21.64 39.16 32.36
N THR C 286 22.54 40.14 32.31
CA THR C 286 23.52 40.31 33.37
C THR C 286 22.89 40.97 34.57
N MET C 287 23.29 40.51 35.75
CA MET C 287 22.77 41.04 37.00
C MET C 287 23.80 40.98 38.11
N GLN C 288 23.54 41.71 39.19
CA GLN C 288 24.43 41.73 40.35
C GLN C 288 24.44 40.35 40.98
N GLY C 289 25.56 39.99 41.57
CA GLY C 289 25.72 38.68 42.20
C GLY C 289 24.57 38.17 43.05
N SER C 290 24.09 38.99 43.98
CA SER C 290 23.01 38.60 44.86
C SER C 290 21.79 38.12 44.08
N GLN C 291 21.48 38.79 42.98
CA GLN C 291 20.34 38.41 42.16
C GLN C 291 20.68 37.14 41.40
N LEU C 292 21.91 37.07 40.90
CA LEU C 292 22.37 35.91 40.16
C LEU C 292 22.31 34.69 41.07
N ALA C 293 22.55 34.92 42.36
CA ALA C 293 22.51 33.85 43.33
C ALA C 293 21.10 33.30 43.40
N GLN C 294 20.11 34.20 43.44
CA GLN C 294 18.73 33.76 43.51
C GLN C 294 18.31 33.03 42.25
N THR C 295 18.43 33.70 41.11
CA THR C 295 18.04 33.06 39.86
C THR C 295 18.70 31.70 39.57
N LEU C 296 19.64 31.29 40.41
CA LEU C 296 20.33 30.00 40.25
C LEU C 296 19.90 29.03 41.34
N GLY C 297 19.28 29.57 42.39
CA GLY C 297 18.81 28.75 43.48
C GLY C 297 19.90 28.47 44.49
N LEU C 298 20.85 29.38 44.60
CA LEU C 298 21.95 29.20 45.55
C LEU C 298 21.63 29.63 46.96
N VAL C 299 22.15 28.84 47.90
CA VAL C 299 22.04 29.08 49.32
C VAL C 299 23.42 28.55 49.68
N GLN C 300 23.74 28.43 50.96
CA GLN C 300 25.07 27.95 51.29
C GLN C 300 25.43 26.50 50.89
N GLY C 301 25.24 26.15 49.62
CA GLY C 301 25.57 24.80 49.17
C GLY C 301 26.37 24.73 47.86
N SER C 302 27.49 23.99 47.91
CA SER C 302 28.45 23.75 46.81
C SER C 302 28.07 23.87 45.32
N ARG C 303 28.95 24.52 44.55
CA ARG C 303 28.78 24.75 43.10
C ARG C 303 29.68 23.84 42.25
N LEU C 304 29.23 23.54 41.03
CA LEU C 304 29.95 22.69 40.09
C LEU C 304 29.94 21.24 40.56
N ARG C 314 24.28 4.44 29.59
CA ARG C 314 24.15 3.06 29.10
C ARG C 314 25.13 2.83 27.96
N ARG C 315 25.33 1.57 27.55
CA ARG C 315 26.30 1.32 26.49
C ARG C 315 25.78 1.62 25.09
N THR C 316 26.71 1.74 24.15
CA THR C 316 26.41 2.05 22.76
C THR C 316 25.74 0.89 22.04
N ARG C 317 24.68 1.20 21.30
CA ARG C 317 23.92 0.20 20.55
C ARG C 317 24.33 0.18 19.09
N VAL C 318 25.01 -0.89 18.70
CA VAL C 318 25.46 -1.05 17.32
C VAL C 318 24.56 -2.04 16.60
N LEU C 319 23.99 -1.61 15.47
CA LEU C 319 23.11 -2.43 14.66
C LEU C 319 23.89 -2.90 13.44
N ILE C 320 24.05 -4.21 13.31
CA ILE C 320 24.78 -4.78 12.17
C ILE C 320 23.83 -5.61 11.29
N LEU C 321 23.66 -5.17 10.05
CA LEU C 321 22.83 -5.92 9.10
C LEU C 321 23.79 -6.77 8.25
N GLY C 322 23.61 -8.09 8.27
CA GLY C 322 24.48 -9.00 7.55
C GLY C 322 25.56 -9.43 8.51
N VAL C 323 25.21 -9.41 9.78
CA VAL C 323 26.12 -9.73 10.87
C VAL C 323 26.84 -11.08 10.76
N ASN C 324 26.25 -12.04 10.07
CA ASN C 324 26.87 -13.37 9.97
C ASN C 324 27.99 -13.43 8.94
N GLY C 325 28.14 -12.35 8.18
CA GLY C 325 29.16 -12.30 7.15
C GLY C 325 30.62 -12.26 7.60
N PHE C 326 31.50 -12.21 6.60
CA PHE C 326 32.94 -12.17 6.82
C PHE C 326 33.30 -10.98 7.70
N ILE C 327 32.91 -9.78 7.28
CA ILE C 327 33.20 -8.62 8.11
C ILE C 327 32.38 -8.69 9.38
N GLY C 328 31.08 -8.92 9.20
CA GLY C 328 30.15 -9.01 10.31
C GLY C 328 30.51 -9.87 11.52
N ASN C 329 30.79 -11.17 11.31
CA ASN C 329 31.07 -12.01 12.47
C ASN C 329 32.34 -11.61 13.19
N HIS C 330 33.33 -11.15 12.43
CA HIS C 330 34.57 -10.72 13.04
C HIS C 330 34.42 -9.43 13.82
N LEU C 331 33.62 -8.52 13.29
CA LEU C 331 33.39 -7.27 13.98
C LEU C 331 32.62 -7.58 15.27
N THR C 332 31.64 -8.48 15.17
CA THR C 332 30.85 -8.83 16.35
C THR C 332 31.75 -9.34 17.45
N GLU C 333 32.69 -10.20 17.10
CA GLU C 333 33.62 -10.76 18.08
C GLU C 333 34.38 -9.62 18.76
N ARG C 334 34.84 -8.68 17.95
CA ARG C 334 35.60 -7.55 18.44
C ARG C 334 34.82 -6.69 19.42
N LEU C 335 33.65 -6.23 18.99
CA LEU C 335 32.79 -5.39 19.83
C LEU C 335 32.39 -6.08 21.13
N LEU C 336 32.02 -7.35 21.03
CA LEU C 336 31.61 -8.12 22.18
C LEU C 336 32.69 -8.24 23.24
N ARG C 337 33.93 -7.96 22.86
CA ARG C 337 35.04 -8.00 23.82
C ARG C 337 34.93 -6.78 24.73
N GLU C 338 34.67 -5.63 24.14
CA GLU C 338 34.53 -4.40 24.91
C GLU C 338 33.25 -4.48 25.70
N ASP C 339 33.18 -3.74 26.79
CA ASP C 339 31.99 -3.79 27.61
C ASP C 339 30.97 -2.71 27.29
N HIS C 340 31.42 -1.60 26.71
CA HIS C 340 30.49 -0.51 26.39
C HIS C 340 29.70 -0.69 25.09
N TYR C 341 29.60 -1.91 24.58
CA TYR C 341 28.85 -2.16 23.36
C TYR C 341 27.73 -3.20 23.50
N GLU C 342 26.63 -2.91 22.82
CA GLU C 342 25.44 -3.74 22.76
C GLU C 342 25.29 -4.02 21.27
N VAL C 343 25.41 -5.27 20.86
CA VAL C 343 25.31 -5.59 19.44
C VAL C 343 24.01 -6.24 18.97
N TYR C 344 23.30 -5.56 18.07
CA TYR C 344 22.05 -6.04 17.51
C TYR C 344 22.29 -6.43 16.05
N GLY C 345 22.01 -7.69 15.70
CA GLY C 345 22.26 -8.10 14.33
C GLY C 345 21.21 -8.97 13.68
N LEU C 346 21.10 -8.85 12.37
CA LEU C 346 20.15 -9.63 11.61
C LEU C 346 20.90 -10.19 10.41
N ASP C 347 20.52 -11.39 10.00
CA ASP C 347 21.14 -12.02 8.85
C ASP C 347 20.38 -13.29 8.47
N ILE C 348 20.57 -13.72 7.24
CA ILE C 348 19.93 -14.91 6.69
C ILE C 348 20.53 -16.15 7.33
N GLY C 349 21.84 -16.12 7.54
CA GLY C 349 22.52 -17.24 8.15
C GLY C 349 22.94 -16.92 9.57
N SER C 350 23.49 -17.92 10.27
CA SER C 350 23.89 -17.70 11.65
C SER C 350 24.97 -18.64 12.16
N ASP C 351 25.58 -19.41 11.26
CA ASP C 351 26.64 -20.34 11.65
C ASP C 351 27.88 -19.62 12.17
N ALA C 352 28.19 -18.46 11.61
CA ALA C 352 29.37 -17.71 12.05
C ALA C 352 29.17 -16.98 13.37
N ILE C 353 27.93 -16.67 13.73
CA ILE C 353 27.69 -15.94 14.97
C ILE C 353 26.99 -16.75 16.03
N SER C 354 26.73 -18.02 15.80
CA SER C 354 26.02 -18.82 16.80
C SER C 354 26.80 -18.87 18.11
N ARG C 355 28.13 -18.83 18.03
CA ARG C 355 28.97 -18.88 19.23
C ARG C 355 28.71 -17.71 20.17
N PHE C 356 28.06 -16.66 19.69
CA PHE C 356 27.80 -15.49 20.53
C PHE C 356 26.37 -15.46 21.02
N LEU C 357 25.54 -16.37 20.52
CA LEU C 357 24.13 -16.37 20.89
C LEU C 357 23.93 -16.33 22.40
N ASN C 358 24.87 -16.87 23.16
CA ASN C 358 24.74 -16.86 24.61
C ASN C 358 25.25 -15.61 25.26
N HIS C 359 25.87 -14.73 24.48
CA HIS C 359 26.39 -13.51 25.04
C HIS C 359 25.25 -12.55 25.39
N PRO C 360 25.28 -11.98 26.60
CA PRO C 360 24.26 -11.06 27.08
C PRO C 360 24.14 -9.76 26.28
N HIS C 361 25.22 -9.33 25.67
CA HIS C 361 25.19 -8.09 24.91
C HIS C 361 24.98 -8.29 23.41
N PHE C 362 24.74 -9.54 23.01
CA PHE C 362 24.50 -9.85 21.59
C PHE C 362 23.04 -10.19 21.35
N HIS C 363 22.41 -9.51 20.41
CA HIS C 363 21.01 -9.74 20.10
C HIS C 363 20.85 -10.01 18.62
N PHE C 364 20.78 -11.29 18.29
CA PHE C 364 20.66 -11.76 16.91
C PHE C 364 19.25 -12.21 16.55
N VAL C 365 18.93 -12.07 15.28
CA VAL C 365 17.62 -12.47 14.79
C VAL C 365 17.81 -12.88 13.33
N GLU C 366 17.23 -14.01 12.94
CA GLU C 366 17.36 -14.45 11.56
C GLU C 366 16.33 -13.74 10.68
N GLY C 367 16.84 -12.94 9.75
CA GLY C 367 15.95 -12.19 8.88
C GLY C 367 16.55 -11.82 7.54
N ASP C 368 15.71 -11.24 6.70
CA ASP C 368 16.04 -10.86 5.33
C ASP C 368 15.78 -9.35 5.18
N ILE C 369 16.78 -8.56 4.77
CA ILE C 369 16.55 -7.12 4.62
C ILE C 369 15.43 -6.76 3.68
N SER C 370 15.03 -7.69 2.82
CA SER C 370 13.96 -7.39 1.87
C SER C 370 12.61 -7.82 2.38
N ILE C 371 12.58 -8.37 3.59
CA ILE C 371 11.32 -8.79 4.17
C ILE C 371 11.00 -8.24 5.57
N HIS C 372 11.90 -8.47 6.51
CA HIS C 372 11.66 -8.06 7.90
C HIS C 372 11.78 -6.57 8.24
N SER C 373 10.85 -5.79 7.72
CA SER C 373 10.88 -4.37 7.96
C SER C 373 10.66 -3.94 9.38
N GLU C 374 9.63 -4.49 10.04
CA GLU C 374 9.37 -4.07 11.40
C GLU C 374 10.65 -4.08 12.23
N TRP C 375 11.34 -5.21 12.25
CA TRP C 375 12.57 -5.29 13.02
C TRP C 375 13.64 -4.31 12.56
N ILE C 376 13.96 -4.32 11.27
CA ILE C 376 15.00 -3.42 10.76
C ILE C 376 14.73 -1.96 11.06
N GLU C 377 13.56 -1.45 10.68
CA GLU C 377 13.27 -0.05 10.96
C GLU C 377 13.32 0.26 12.46
N TYR C 378 12.64 -0.56 13.25
CA TYR C 378 12.64 -0.35 14.69
C TYR C 378 14.03 -0.28 15.29
N HIS C 379 14.96 -1.07 14.76
CA HIS C 379 16.31 -1.07 15.29
C HIS C 379 17.22 0.04 14.80
N VAL C 380 16.94 0.58 13.62
CA VAL C 380 17.72 1.71 13.15
C VAL C 380 17.27 2.84 14.07
N LYS C 381 15.98 2.83 14.39
CA LYS C 381 15.40 3.85 15.24
C LYS C 381 15.91 3.72 16.68
N LYS C 382 16.13 2.47 17.12
CA LYS C 382 16.59 2.21 18.47
C LYS C 382 18.10 2.26 18.71
N CYS C 383 18.89 1.91 17.70
CA CYS C 383 20.33 1.89 17.91
C CYS C 383 21.07 3.22 17.71
N ASP C 384 22.38 3.20 17.90
CA ASP C 384 23.20 4.42 17.78
C ASP C 384 24.04 4.48 16.50
N VAL C 385 24.51 3.33 16.03
CA VAL C 385 25.26 3.30 14.79
C VAL C 385 24.74 2.15 13.97
N VAL C 386 24.65 2.36 12.66
CA VAL C 386 24.17 1.31 11.77
C VAL C 386 25.27 0.92 10.78
N LEU C 387 25.51 -0.39 10.67
CA LEU C 387 26.51 -0.90 9.73
C LEU C 387 25.83 -1.84 8.75
N PRO C 388 25.33 -1.30 7.62
CA PRO C 388 24.65 -2.13 6.62
C PRO C 388 25.62 -2.98 5.78
N LEU C 389 25.97 -4.15 6.31
CA LEU C 389 26.91 -5.03 5.65
C LEU C 389 26.31 -6.09 4.73
N VAL C 390 25.01 -6.00 4.45
CA VAL C 390 24.37 -6.98 3.58
C VAL C 390 24.79 -6.67 2.16
N ALA C 391 25.27 -7.68 1.45
CA ALA C 391 25.69 -7.47 0.07
C ALA C 391 26.12 -8.73 -0.66
N ILE C 392 26.47 -8.54 -1.93
CA ILE C 392 26.98 -9.60 -2.78
C ILE C 392 28.25 -8.98 -3.33
N ALA C 393 29.39 -9.48 -2.89
CA ALA C 393 30.67 -8.92 -3.32
C ALA C 393 31.62 -9.91 -3.97
N THR C 394 31.05 -10.90 -4.66
CA THR C 394 31.87 -11.87 -5.38
C THR C 394 31.69 -11.54 -6.87
N PRO C 395 32.74 -11.01 -7.50
CA PRO C 395 32.79 -10.61 -8.92
C PRO C 395 32.03 -11.47 -9.91
N ILE C 396 32.13 -12.79 -9.83
CA ILE C 396 31.40 -13.60 -10.81
C ILE C 396 29.92 -13.21 -10.86
N GLU C 397 29.35 -12.86 -9.72
CA GLU C 397 27.96 -12.49 -9.65
C GLU C 397 27.63 -11.18 -10.36
N TYR C 398 28.62 -10.31 -10.51
CA TYR C 398 28.39 -9.02 -11.18
C TYR C 398 27.98 -9.22 -12.63
N THR C 399 28.63 -10.18 -13.30
CA THR C 399 28.31 -10.46 -14.70
C THR C 399 27.23 -11.53 -14.81
N ARG C 400 27.22 -12.45 -13.88
CA ARG C 400 26.24 -13.53 -13.90
C ARG C 400 24.83 -13.07 -13.48
N ASN C 401 24.75 -12.29 -12.39
CA ASN C 401 23.45 -11.79 -11.90
C ASN C 401 23.49 -10.30 -11.64
N PRO C 402 23.74 -9.49 -12.67
CA PRO C 402 23.79 -8.05 -12.47
C PRO C 402 22.59 -7.49 -11.74
N LEU C 403 21.38 -7.85 -12.17
CA LEU C 403 20.21 -7.29 -11.52
C LEU C 403 20.05 -7.66 -10.05
N ARG C 404 20.49 -8.85 -9.64
CA ARG C 404 20.37 -9.26 -8.24
C ARG C 404 21.36 -8.44 -7.42
N VAL C 405 22.54 -8.21 -8.00
CA VAL C 405 23.58 -7.42 -7.34
C VAL C 405 23.09 -5.97 -7.16
N PHE C 406 22.49 -5.42 -8.22
CA PHE C 406 21.98 -4.05 -8.18
C PHE C 406 20.88 -3.90 -7.13
N GLU C 407 19.92 -4.80 -7.16
CA GLU C 407 18.83 -4.72 -6.23
C GLU C 407 19.23 -4.88 -4.78
N LEU C 408 20.14 -5.80 -4.49
CA LEU C 408 20.56 -6.04 -3.12
C LEU C 408 21.61 -5.03 -2.64
N ASP C 409 22.68 -4.90 -3.41
CA ASP C 409 23.75 -4.01 -3.02
C ASP C 409 23.37 -2.54 -3.05
N PHE C 410 22.53 -2.17 -4.01
CA PHE C 410 22.13 -0.76 -4.14
C PHE C 410 20.76 -0.41 -3.56
N GLU C 411 19.70 -0.96 -4.14
CA GLU C 411 18.37 -0.62 -3.65
C GLU C 411 18.11 -0.96 -2.19
N GLU C 412 18.36 -2.20 -1.80
CA GLU C 412 18.11 -2.58 -0.42
C GLU C 412 18.81 -1.68 0.58
N ASN C 413 20.05 -1.34 0.28
CA ASN C 413 20.84 -0.49 1.16
C ASN C 413 20.41 0.96 1.16
N LEU C 414 20.01 1.47 -0.01
CA LEU C 414 19.57 2.85 -0.07
C LEU C 414 18.41 3.04 0.92
N ARG C 415 17.63 1.98 1.13
CA ARG C 415 16.51 2.01 2.05
C ARG C 415 16.99 2.20 3.48
N ILE C 416 18.03 1.46 3.83
CA ILE C 416 18.61 1.56 5.17
C ILE C 416 19.20 2.96 5.33
N ILE C 417 19.94 3.43 4.33
CA ILE C 417 20.56 4.76 4.38
C ILE C 417 19.46 5.77 4.72
N ARG C 418 18.31 5.59 4.10
CA ARG C 418 17.22 6.52 4.36
C ARG C 418 16.61 6.40 5.75
N TYR C 419 16.56 5.18 6.29
CA TYR C 419 16.05 5.01 7.65
C TYR C 419 16.94 5.86 8.56
N CYS C 420 18.25 5.80 8.28
CA CYS C 420 19.25 6.54 9.04
C CYS C 420 19.06 8.04 9.01
N VAL C 421 18.77 8.59 7.83
CA VAL C 421 18.57 10.02 7.83
C VAL C 421 17.22 10.30 8.51
N LYS C 422 16.23 9.45 8.30
CA LYS C 422 14.92 9.68 8.92
C LYS C 422 15.00 9.76 10.41
N TYR C 423 15.79 8.87 11.00
CA TYR C 423 15.91 8.84 12.46
C TYR C 423 17.19 9.51 12.96
N ARG C 424 17.87 10.23 12.08
CA ARG C 424 19.12 10.90 12.44
C ARG C 424 20.05 9.96 13.18
N LYS C 425 20.51 8.91 12.51
CA LYS C 425 21.42 7.96 13.14
C LYS C 425 22.74 7.96 12.41
N ARG C 426 23.79 7.56 13.10
CA ARG C 426 25.11 7.55 12.49
C ARG C 426 25.25 6.28 11.65
N ILE C 427 25.71 6.45 10.42
CA ILE C 427 25.87 5.31 9.55
C ILE C 427 27.31 5.16 9.11
N ILE C 428 27.84 3.95 9.31
CA ILE C 428 29.20 3.62 8.92
C ILE C 428 28.93 2.69 7.78
N PHE C 429 28.96 3.24 6.58
CA PHE C 429 28.67 2.47 5.40
C PHE C 429 29.91 1.87 4.78
N PRO C 430 29.82 0.60 4.38
CA PRO C 430 30.95 -0.09 3.75
C PRO C 430 31.06 0.20 2.26
N SER C 431 31.98 1.07 1.88
CA SER C 431 32.21 1.38 0.46
C SER C 431 33.08 0.22 -0.05
N THR C 432 33.90 0.46 -1.06
CA THR C 432 34.74 -0.61 -1.59
C THR C 432 35.92 -0.07 -2.37
N SER C 433 37.01 -0.82 -2.36
CA SER C 433 38.18 -0.38 -3.11
C SER C 433 37.86 -0.50 -4.59
N GLU C 434 36.79 -1.21 -4.91
CA GLU C 434 36.43 -1.36 -6.31
C GLU C 434 35.83 -0.08 -6.89
N VAL C 435 35.52 0.87 -6.02
CA VAL C 435 34.92 2.12 -6.46
C VAL C 435 35.93 2.92 -7.28
N TYR C 436 37.23 2.65 -7.07
CA TYR C 436 38.32 3.34 -7.78
C TYR C 436 38.46 2.74 -9.17
N GLY C 437 37.92 1.55 -9.36
CA GLY C 437 37.98 0.89 -10.64
C GLY C 437 39.41 0.64 -11.10
N MET C 438 39.69 1.03 -12.33
CA MET C 438 41.02 0.88 -12.88
C MET C 438 41.78 2.19 -12.74
N CYS C 439 41.67 2.81 -11.57
CA CYS C 439 42.38 4.06 -11.30
C CYS C 439 43.85 3.82 -11.61
N SER C 440 44.54 4.85 -12.07
CA SER C 440 45.95 4.72 -12.43
C SER C 440 46.96 5.19 -11.38
N ASP C 441 46.49 5.82 -10.31
CA ASP C 441 47.40 6.29 -9.26
C ASP C 441 48.12 5.14 -8.56
N LYS C 442 49.36 5.38 -8.13
CA LYS C 442 50.10 4.34 -7.41
C LYS C 442 49.34 4.07 -6.12
N TYR C 443 48.75 5.13 -5.58
CA TYR C 443 47.97 5.00 -4.35
C TYR C 443 46.57 5.51 -4.59
N PHE C 444 45.57 4.65 -4.38
CA PHE C 444 44.18 5.06 -4.55
C PHE C 444 43.89 5.93 -3.34
N ASP C 445 43.65 7.21 -3.62
CA ASP C 445 43.39 8.19 -2.58
C ASP C 445 41.91 8.53 -2.46
N GLU C 446 41.40 8.43 -1.23
CA GLU C 446 40.00 8.69 -0.90
C GLU C 446 39.52 10.10 -1.27
N ASP C 447 40.41 11.08 -1.16
CA ASP C 447 39.99 12.44 -1.45
C ASP C 447 40.48 13.04 -2.75
N HIS C 448 41.30 12.32 -3.51
CA HIS C 448 41.86 12.89 -4.73
C HIS C 448 41.85 12.00 -5.96
N SER C 449 41.88 10.70 -5.77
CA SER C 449 41.89 9.81 -6.94
C SER C 449 40.63 9.89 -7.79
N ASN C 450 40.81 9.76 -9.10
CA ASN C 450 39.67 9.74 -9.99
C ASN C 450 39.22 8.30 -10.09
N LEU C 451 37.95 8.09 -10.41
CA LEU C 451 37.41 6.75 -10.50
C LEU C 451 37.25 6.33 -11.97
N ILE C 452 37.81 5.18 -12.33
CA ILE C 452 37.73 4.72 -13.71
C ILE C 452 37.15 3.32 -13.88
N VAL C 453 36.09 3.22 -14.68
CA VAL C 453 35.48 1.94 -14.97
C VAL C 453 35.43 1.82 -16.48
N GLY C 454 35.07 0.65 -16.99
CA GLY C 454 35.02 0.48 -18.42
C GLY C 454 33.67 0.77 -19.02
N PRO C 455 33.48 0.39 -20.29
CA PRO C 455 32.24 0.58 -21.03
C PRO C 455 31.05 -0.09 -20.36
N VAL C 456 29.85 0.31 -20.76
CA VAL C 456 28.63 -0.27 -20.23
C VAL C 456 28.59 -1.74 -20.62
N ASN C 457 29.21 -2.10 -21.75
CA ASN C 457 29.23 -3.49 -22.20
C ASN C 457 30.16 -4.37 -21.36
N LYS C 458 30.72 -3.81 -20.30
CA LYS C 458 31.58 -4.55 -19.37
C LYS C 458 30.87 -4.50 -18.01
N PRO C 459 29.77 -5.27 -17.86
CA PRO C 459 28.97 -5.33 -16.63
C PRO C 459 29.64 -5.63 -15.29
N ARG C 460 30.90 -6.02 -15.28
CA ARG C 460 31.54 -6.27 -13.99
C ARG C 460 31.54 -5.01 -13.14
N TRP C 461 31.54 -3.85 -13.81
CA TRP C 461 31.57 -2.59 -13.10
C TRP C 461 30.24 -2.15 -12.50
N ILE C 462 29.18 -2.94 -12.74
CA ILE C 462 27.87 -2.57 -12.20
C ILE C 462 27.96 -2.48 -10.68
N TYR C 463 28.78 -3.34 -10.08
CA TYR C 463 28.98 -3.32 -8.64
C TYR C 463 29.70 -1.99 -8.26
N SER C 464 30.88 -1.78 -8.83
CA SER C 464 31.65 -0.56 -8.58
C SER C 464 30.82 0.72 -8.68
N VAL C 465 30.10 0.86 -9.78
CA VAL C 465 29.27 2.05 -10.02
C VAL C 465 28.10 2.16 -9.05
N SER C 466 27.53 1.02 -8.65
CA SER C 466 26.42 1.04 -7.70
C SER C 466 26.91 1.54 -6.36
N LYS C 467 28.06 1.04 -5.91
CA LYS C 467 28.62 1.43 -4.63
C LYS C 467 29.04 2.90 -4.63
N GLN C 468 29.46 3.39 -5.79
CA GLN C 468 29.88 4.78 -5.88
C GLN C 468 28.68 5.70 -5.77
N LEU C 469 27.57 5.33 -6.43
CA LEU C 469 26.37 6.15 -6.38
C LEU C 469 25.84 6.23 -4.96
N LEU C 470 25.99 5.14 -4.21
CA LEU C 470 25.54 5.14 -2.82
C LEU C 470 26.42 6.06 -2.00
N ASP C 471 27.73 6.02 -2.26
CA ASP C 471 28.68 6.86 -1.54
C ASP C 471 28.32 8.32 -1.77
N ARG C 472 27.96 8.64 -3.00
CA ARG C 472 27.59 10.00 -3.35
C ARG C 472 26.27 10.42 -2.72
N VAL C 473 25.29 9.51 -2.66
CA VAL C 473 24.02 9.86 -2.04
C VAL C 473 24.23 10.09 -0.54
N ILE C 474 25.00 9.22 0.10
CA ILE C 474 25.29 9.39 1.53
C ILE C 474 25.97 10.75 1.72
N TRP C 475 26.89 11.07 0.81
CA TRP C 475 27.61 12.33 0.88
C TRP C 475 26.63 13.49 0.78
N ALA C 476 25.71 13.44 -0.17
CA ALA C 476 24.72 14.51 -0.34
C ALA C 476 23.89 14.63 0.94
N TYR C 477 23.38 13.51 1.46
CA TYR C 477 22.59 13.54 2.67
C TYR C 477 23.40 14.18 3.79
N GLY C 478 24.71 13.91 3.80
CA GLY C 478 25.57 14.48 4.81
C GLY C 478 25.62 16.00 4.67
N GLU C 479 25.98 16.44 3.47
CA GLU C 479 26.09 17.85 3.13
C GLU C 479 24.76 18.59 3.25
N LYS C 480 23.74 18.13 2.54
CA LYS C 480 22.44 18.80 2.55
C LYS C 480 21.47 18.45 3.66
N GLU C 481 21.73 17.42 4.46
CA GLU C 481 20.77 17.10 5.53
C GLU C 481 21.32 16.67 6.88
N GLY C 482 22.61 16.96 7.12
CA GLY C 482 23.23 16.64 8.38
C GLY C 482 23.43 15.18 8.79
N LEU C 483 23.34 14.26 7.84
CA LEU C 483 23.52 12.85 8.15
C LEU C 483 24.95 12.64 8.68
N GLN C 484 25.09 11.93 9.80
CA GLN C 484 26.44 11.70 10.30
C GLN C 484 26.93 10.37 9.76
N PHE C 485 27.97 10.43 8.95
CA PHE C 485 28.46 9.20 8.33
C PHE C 485 29.98 9.04 8.29
N THR C 486 30.39 7.86 7.84
CA THR C 486 31.80 7.54 7.66
C THR C 486 31.79 6.42 6.63
N LEU C 487 32.51 6.59 5.54
CA LEU C 487 32.55 5.55 4.52
C LEU C 487 33.89 4.86 4.66
N PHE C 488 33.91 3.53 4.69
CA PHE C 488 35.19 2.85 4.79
C PHE C 488 35.36 1.93 3.60
N ARG C 489 36.56 1.87 3.05
CA ARG C 489 36.81 1.04 1.89
C ARG C 489 37.82 -0.07 2.11
N PRO C 490 37.34 -1.31 2.21
CA PRO C 490 38.25 -2.42 2.43
C PRO C 490 39.06 -2.76 1.17
N PHE C 491 40.34 -3.10 1.36
CA PHE C 491 41.21 -3.49 0.26
C PHE C 491 41.55 -4.95 0.47
N ASN C 492 40.93 -5.78 -0.36
CA ASN C 492 41.08 -7.23 -0.32
C ASN C 492 41.38 -7.81 1.04
N TRP C 493 40.41 -7.71 1.94
CA TRP C 493 40.57 -8.26 3.28
C TRP C 493 40.43 -9.78 3.14
N MET C 494 41.17 -10.54 3.93
CA MET C 494 41.00 -11.97 3.89
C MET C 494 41.38 -12.58 5.22
N GLY C 495 40.95 -13.82 5.40
CA GLY C 495 41.22 -14.55 6.63
C GLY C 495 40.13 -15.58 6.73
N PRO C 496 40.02 -16.25 7.89
CA PRO C 496 38.98 -17.27 8.06
C PRO C 496 37.57 -16.73 7.75
N ARG C 497 36.71 -17.59 7.19
CA ARG C 497 35.33 -17.24 6.88
C ARG C 497 35.13 -16.26 5.71
N LEU C 498 36.17 -16.04 4.92
CA LEU C 498 35.99 -15.16 3.78
C LEU C 498 35.32 -16.10 2.78
N ASP C 499 33.99 -16.13 2.80
CA ASP C 499 33.22 -17.00 1.91
C ASP C 499 33.34 -18.42 2.42
N ASN C 500 33.04 -19.41 1.57
CA ASN C 500 33.15 -20.81 1.98
C ASN C 500 33.44 -21.69 0.78
N LEU C 501 34.11 -22.82 1.01
CA LEU C 501 34.47 -23.72 -0.08
C LEU C 501 33.28 -24.11 -0.93
N ASN C 502 32.10 -24.15 -0.31
CA ASN C 502 30.90 -24.54 -1.05
C ASN C 502 30.48 -23.52 -2.11
N ALA C 503 30.42 -22.26 -1.72
CA ALA C 503 30.06 -21.21 -2.65
C ALA C 503 31.14 -21.13 -3.74
N ALA C 504 32.36 -21.49 -3.37
CA ALA C 504 33.50 -21.49 -4.28
C ALA C 504 33.28 -22.46 -5.41
N ARG C 505 32.50 -23.51 -5.15
CA ARG C 505 32.24 -24.51 -6.17
C ARG C 505 31.48 -23.91 -7.33
N ILE C 506 30.94 -22.72 -7.11
CA ILE C 506 30.17 -22.04 -8.13
C ILE C 506 30.88 -20.76 -8.61
N GLY C 507 32.08 -20.54 -8.09
CA GLY C 507 32.83 -19.36 -8.46
C GLY C 507 32.41 -18.17 -7.61
N SER C 508 31.42 -18.37 -6.75
CA SER C 508 30.90 -17.30 -5.89
C SER C 508 31.69 -17.11 -4.60
N SER C 509 32.95 -16.74 -4.75
CA SER C 509 33.83 -16.51 -3.63
C SER C 509 35.03 -15.75 -4.14
N ARG C 510 35.74 -15.09 -3.25
CA ARG C 510 36.91 -14.36 -3.66
C ARG C 510 38.10 -15.29 -3.93
N ALA C 511 39.12 -14.77 -4.61
CA ALA C 511 40.31 -15.58 -4.98
C ALA C 511 40.88 -16.57 -3.96
N ILE C 512 41.47 -16.05 -2.87
CA ILE C 512 42.06 -16.93 -1.88
C ILE C 512 41.20 -18.15 -1.56
N THR C 513 39.94 -17.93 -1.16
CA THR C 513 39.05 -19.04 -0.81
C THR C 513 38.73 -19.96 -2.00
N GLN C 514 38.80 -19.44 -3.21
CA GLN C 514 38.55 -20.25 -4.41
C GLN C 514 39.74 -21.16 -4.72
N LEU C 515 40.96 -20.63 -4.55
CA LEU C 515 42.18 -21.41 -4.81
C LEU C 515 42.30 -22.52 -3.76
N ILE C 516 41.80 -22.27 -2.54
CA ILE C 516 41.85 -23.30 -1.53
C ILE C 516 40.91 -24.45 -1.98
N LEU C 517 39.78 -24.12 -2.60
CA LEU C 517 38.89 -25.17 -3.06
C LEU C 517 39.60 -26.02 -4.09
N ASN C 518 40.42 -25.39 -4.90
CA ASN C 518 41.18 -26.12 -5.93
C ASN C 518 42.08 -27.16 -5.31
N LEU C 519 42.89 -26.73 -4.35
CA LEU C 519 43.81 -27.62 -3.67
C LEU C 519 43.02 -28.71 -2.97
N VAL C 520 41.89 -28.35 -2.38
CA VAL C 520 41.08 -29.34 -1.67
C VAL C 520 40.50 -30.41 -2.60
N GLU C 521 39.87 -29.99 -3.69
CA GLU C 521 39.30 -30.96 -4.61
C GLU C 521 40.27 -31.57 -5.61
N GLY C 522 41.48 -31.04 -5.68
CA GLY C 522 42.45 -31.59 -6.60
C GLY C 522 42.35 -31.06 -8.02
N SER C 523 41.71 -29.92 -8.20
CA SER C 523 41.59 -29.33 -9.53
C SER C 523 42.68 -28.27 -9.66
N PRO C 524 43.06 -27.92 -10.89
CA PRO C 524 44.11 -26.91 -11.05
C PRO C 524 43.73 -25.49 -10.60
N ILE C 525 44.76 -24.71 -10.24
CA ILE C 525 44.57 -23.32 -9.83
C ILE C 525 44.68 -22.47 -11.09
N LYS C 526 43.57 -21.90 -11.54
CA LYS C 526 43.61 -21.07 -12.74
C LYS C 526 43.89 -19.61 -12.45
N LEU C 527 44.83 -19.07 -13.21
CA LEU C 527 45.23 -17.69 -13.11
C LEU C 527 44.57 -16.88 -14.21
N ILE C 528 43.41 -16.28 -13.91
CA ILE C 528 42.68 -15.48 -14.90
C ILE C 528 43.62 -14.46 -15.57
N ASP C 529 43.70 -14.56 -16.90
CA ASP C 529 44.53 -13.71 -17.73
C ASP C 529 45.99 -13.60 -17.25
N GLY C 530 46.60 -14.75 -16.95
CA GLY C 530 47.98 -14.78 -16.51
C GLY C 530 48.23 -14.60 -15.02
N GLY C 531 47.28 -14.01 -14.31
CA GLY C 531 47.42 -13.83 -12.88
C GLY C 531 48.56 -12.90 -12.47
N LYS C 532 48.97 -12.03 -13.39
CA LYS C 532 50.03 -11.09 -13.12
C LYS C 532 49.47 -9.86 -12.45
N GLN C 533 48.15 -9.68 -12.50
CA GLN C 533 47.54 -8.52 -11.86
C GLN C 533 47.82 -8.68 -10.37
N LYS C 534 47.94 -7.57 -9.67
CA LYS C 534 48.23 -7.62 -8.24
C LYS C 534 47.18 -6.94 -7.39
N ARG C 535 47.27 -7.14 -6.09
CA ARG C 535 46.34 -6.58 -5.12
C ARG C 535 47.10 -6.41 -3.83
N CYS C 536 46.54 -5.67 -2.89
CA CYS C 536 47.16 -5.52 -1.58
C CYS C 536 46.23 -6.27 -0.62
N PHE C 537 46.69 -7.43 -0.15
CA PHE C 537 45.89 -8.24 0.76
C PHE C 537 46.06 -7.81 2.21
N THR C 538 44.94 -7.60 2.87
CA THR C 538 44.91 -7.13 4.26
C THR C 538 44.37 -8.21 5.18
N ASP C 539 45.00 -8.38 6.34
CA ASP C 539 44.50 -9.41 7.25
C ASP C 539 43.21 -8.90 7.92
N ILE C 540 42.20 -9.76 7.99
CA ILE C 540 40.93 -9.39 8.59
C ILE C 540 41.10 -8.78 9.99
N ARG C 541 42.11 -9.26 10.71
CA ARG C 541 42.35 -8.75 12.05
C ARG C 541 42.70 -7.27 11.96
N ASP C 542 43.55 -6.90 10.98
CA ASP C 542 43.93 -5.51 10.79
C ASP C 542 42.70 -4.70 10.44
N GLY C 543 41.93 -5.21 9.48
CA GLY C 543 40.73 -4.52 9.05
C GLY C 543 39.74 -4.25 10.17
N ILE C 544 39.44 -5.29 10.94
CA ILE C 544 38.47 -5.13 12.03
C ILE C 544 38.95 -4.12 13.07
N GLU C 545 40.25 -4.06 13.29
CA GLU C 545 40.78 -3.12 14.28
C GLU C 545 40.49 -1.70 13.80
N ALA C 546 40.80 -1.43 12.54
CA ALA C 546 40.56 -0.13 11.94
C ALA C 546 39.07 0.22 12.06
N LEU C 547 38.20 -0.72 11.65
CA LEU C 547 36.75 -0.51 11.69
C LEU C 547 36.30 -0.24 13.12
N TYR C 548 36.87 -0.99 14.05
CA TYR C 548 36.52 -0.81 15.46
C TYR C 548 36.81 0.64 15.82
N ARG C 549 38.00 1.11 15.46
CA ARG C 549 38.40 2.47 15.73
C ARG C 549 37.33 3.43 15.19
N ILE C 550 36.87 3.16 13.97
CA ILE C 550 35.85 3.99 13.35
C ILE C 550 34.57 4.00 14.16
N ILE C 551 34.16 2.85 14.68
CA ILE C 551 32.94 2.83 15.50
C ILE C 551 33.22 3.73 16.70
N GLU C 552 34.37 3.53 17.34
CA GLU C 552 34.79 4.32 18.49
C GLU C 552 34.72 5.81 18.16
N ASN C 553 35.09 6.16 16.94
CA ASN C 553 35.07 7.54 16.49
C ASN C 553 35.56 8.52 17.55
N ALA C 554 36.77 8.26 18.05
CA ALA C 554 37.39 9.11 19.05
C ALA C 554 37.58 10.53 18.51
N GLY C 555 37.06 11.49 19.27
CA GLY C 555 37.17 12.88 18.86
C GLY C 555 36.42 13.18 17.58
N ASN C 556 35.44 12.33 17.26
CA ASN C 556 34.64 12.52 16.05
C ASN C 556 35.50 12.78 14.83
N ARG C 557 36.72 12.27 14.84
CA ARG C 557 37.63 12.47 13.73
C ARG C 557 37.23 11.71 12.45
N CYS C 558 36.17 10.90 12.53
CA CYS C 558 35.72 10.11 11.37
C CYS C 558 34.51 10.67 10.65
N ASP C 559 33.91 11.70 11.21
CA ASP C 559 32.72 12.27 10.62
C ASP C 559 32.93 12.87 9.23
N GLY C 560 32.12 12.42 8.27
CA GLY C 560 32.21 12.90 6.91
C GLY C 560 33.46 12.43 6.20
N GLU C 561 34.19 11.52 6.85
CA GLU C 561 35.42 10.99 6.31
C GLU C 561 35.24 9.74 5.47
N ILE C 562 36.12 9.56 4.49
CA ILE C 562 36.12 8.35 3.69
C ILE C 562 37.48 7.74 4.05
N ILE C 563 37.49 6.48 4.49
CA ILE C 563 38.73 5.86 4.93
C ILE C 563 39.06 4.50 4.33
N ASN C 564 40.18 4.41 3.61
CA ASN C 564 40.59 3.13 3.02
C ASN C 564 41.17 2.31 4.17
N ILE C 565 41.09 1.00 4.07
CA ILE C 565 41.66 0.15 5.10
C ILE C 565 42.27 -1.05 4.43
N GLY C 566 43.58 -1.01 4.28
CA GLY C 566 44.29 -2.09 3.65
C GLY C 566 45.74 -2.02 4.00
N ASN C 567 46.48 -3.07 3.70
CA ASN C 567 47.88 -3.07 4.00
C ASN C 567 48.67 -2.91 2.71
N PRO C 568 49.11 -1.68 2.39
CA PRO C 568 49.87 -1.44 1.16
C PRO C 568 51.15 -2.28 1.10
N GLU C 569 51.56 -2.81 2.24
CA GLU C 569 52.75 -3.64 2.31
C GLU C 569 52.57 -5.03 1.74
N ASN C 570 51.34 -5.53 1.80
CA ASN C 570 51.06 -6.87 1.28
C ASN C 570 50.65 -6.90 -0.20
N GLU C 571 51.36 -6.16 -1.05
CA GLU C 571 51.04 -6.19 -2.47
C GLU C 571 51.61 -7.49 -3.06
N ALA C 572 50.82 -8.17 -3.88
CA ALA C 572 51.26 -9.41 -4.52
C ALA C 572 50.36 -9.72 -5.69
N SER C 573 50.90 -10.41 -6.69
CA SER C 573 50.12 -10.78 -7.86
C SER C 573 49.35 -12.04 -7.51
N ILE C 574 48.26 -12.30 -8.22
CA ILE C 574 47.46 -13.47 -7.93
C ILE C 574 48.32 -14.72 -8.08
N GLU C 575 49.27 -14.67 -9.01
CA GLU C 575 50.20 -15.78 -9.23
C GLU C 575 51.00 -16.05 -7.94
N GLU C 576 51.52 -14.99 -7.35
CA GLU C 576 52.30 -15.09 -6.14
C GLU C 576 51.43 -15.57 -5.00
N LEU C 577 50.16 -15.15 -5.00
CA LEU C 577 49.20 -15.56 -3.97
C LEU C 577 49.03 -17.07 -4.08
N GLY C 578 48.92 -17.55 -5.31
CA GLY C 578 48.77 -18.98 -5.53
C GLY C 578 49.97 -19.76 -5.07
N GLU C 579 51.17 -19.24 -5.35
CA GLU C 579 52.37 -19.94 -4.96
C GLU C 579 52.50 -19.99 -3.44
N MET C 580 52.29 -18.85 -2.79
CA MET C 580 52.38 -18.79 -1.34
C MET C 580 51.39 -19.74 -0.71
N LEU C 581 50.21 -19.82 -1.31
CA LEU C 581 49.18 -20.70 -0.78
C LEU C 581 49.69 -22.13 -0.93
N LEU C 582 50.04 -22.51 -2.16
CA LEU C 582 50.55 -23.86 -2.43
C LEU C 582 51.65 -24.27 -1.44
N ALA C 583 52.61 -23.39 -1.23
CA ALA C 583 53.72 -23.65 -0.30
C ALA C 583 53.21 -24.05 1.08
N SER C 584 52.24 -23.29 1.61
CA SER C 584 51.68 -23.59 2.92
C SER C 584 50.96 -24.92 2.85
N PHE C 585 50.13 -25.09 1.83
CA PHE C 585 49.36 -26.31 1.65
C PHE C 585 50.23 -27.56 1.70
N GLU C 586 51.36 -27.54 1.01
CA GLU C 586 52.25 -28.70 0.97
C GLU C 586 52.84 -29.03 2.35
N LYS C 587 52.97 -28.02 3.19
CA LYS C 587 53.53 -28.22 4.53
C LYS C 587 52.45 -28.54 5.53
N HIS C 588 51.19 -28.32 5.18
CA HIS C 588 50.10 -28.55 6.13
C HIS C 588 49.88 -29.99 6.62
N PRO C 589 49.57 -30.15 7.91
CA PRO C 589 49.33 -31.45 8.55
C PRO C 589 48.26 -32.30 7.86
N LEU C 590 47.22 -31.66 7.35
CA LEU C 590 46.14 -32.37 6.69
C LEU C 590 46.36 -32.58 5.20
N ARG C 591 47.50 -32.13 4.68
CA ARG C 591 47.79 -32.27 3.26
C ARG C 591 47.43 -33.63 2.65
N HIS C 592 47.93 -34.70 3.26
CA HIS C 592 47.71 -36.05 2.77
C HIS C 592 46.27 -36.46 2.54
N HIS C 593 45.32 -35.66 3.02
CA HIS C 593 43.91 -35.97 2.86
C HIS C 593 43.41 -35.58 1.48
N PHE C 594 44.07 -34.60 0.88
CA PHE C 594 43.66 -34.11 -0.41
C PHE C 594 44.54 -34.61 -1.53
N PRO C 595 44.00 -34.66 -2.75
CA PRO C 595 44.70 -35.12 -3.95
C PRO C 595 45.95 -34.34 -4.31
N PRO C 596 46.76 -34.88 -5.23
CA PRO C 596 47.98 -34.21 -5.65
C PRO C 596 47.64 -32.95 -6.43
N PHE C 597 48.55 -31.97 -6.38
CA PHE C 597 48.35 -30.68 -7.05
C PHE C 597 48.19 -30.85 -8.54
N ALA C 598 47.12 -30.27 -9.10
CA ALA C 598 46.85 -30.33 -10.53
C ALA C 598 47.54 -29.20 -11.29
N GLY C 599 48.36 -28.41 -10.59
CA GLY C 599 49.12 -27.33 -11.21
C GLY C 599 48.41 -26.03 -11.52
N PHE C 600 49.21 -25.02 -11.88
CA PHE C 600 48.68 -23.70 -12.23
C PHE C 600 48.38 -23.65 -13.73
N ARG C 601 47.32 -22.95 -14.11
CA ARG C 601 46.96 -22.86 -15.52
C ARG C 601 46.37 -21.53 -15.88
N VAL C 602 46.96 -20.88 -16.88
CA VAL C 602 46.49 -19.59 -17.34
C VAL C 602 45.17 -19.80 -18.08
N VAL C 603 44.20 -18.94 -17.80
CA VAL C 603 42.86 -19.05 -18.38
C VAL C 603 42.33 -17.69 -18.84
N GLU C 604 41.53 -17.67 -19.91
CA GLU C 604 40.95 -16.42 -20.38
C GLU C 604 39.90 -16.05 -19.37
N SER C 605 39.88 -14.79 -18.93
CA SER C 605 38.88 -14.37 -17.94
C SER C 605 37.47 -14.77 -18.37
N SER C 606 37.19 -14.61 -19.67
CA SER C 606 35.89 -14.94 -20.22
C SER C 606 35.42 -16.35 -19.93
N SER C 607 36.36 -17.28 -19.83
CA SER C 607 35.98 -18.65 -19.56
C SER C 607 35.71 -18.89 -18.07
N TYR C 608 35.86 -17.87 -17.25
CA TYR C 608 35.59 -18.05 -15.83
C TYR C 608 34.48 -17.09 -15.37
N TYR C 609 34.57 -15.84 -15.81
CA TYR C 609 33.60 -14.84 -15.44
C TYR C 609 32.51 -14.62 -16.50
N GLY C 610 32.77 -15.12 -17.70
CA GLY C 610 31.82 -14.96 -18.77
C GLY C 610 32.11 -13.68 -19.54
N LYS C 611 31.30 -13.42 -20.55
CA LYS C 611 31.48 -12.22 -21.36
C LYS C 611 31.20 -10.99 -20.49
N GLY C 612 31.94 -9.92 -20.75
CA GLY C 612 31.70 -8.70 -20.02
C GLY C 612 32.55 -8.49 -18.80
N TYR C 613 33.55 -9.34 -18.61
CA TYR C 613 34.42 -9.17 -17.46
C TYR C 613 35.60 -8.27 -17.88
N GLN C 614 36.12 -7.53 -16.91
CA GLN C 614 37.26 -6.66 -17.12
C GLN C 614 37.86 -6.56 -15.74
N ASP C 615 39.16 -6.30 -15.62
CA ASP C 615 39.68 -6.28 -14.26
C ASP C 615 40.56 -5.11 -13.89
N VAL C 616 41.06 -5.18 -12.67
CA VAL C 616 41.94 -4.16 -12.12
C VAL C 616 43.35 -4.74 -12.12
N GLU C 617 44.28 -4.06 -12.81
CA GLU C 617 45.67 -4.54 -12.91
C GLU C 617 46.43 -4.35 -11.60
N HIS C 618 46.13 -3.28 -10.87
CA HIS C 618 46.80 -3.03 -9.61
C HIS C 618 45.90 -2.23 -8.66
N ARG C 619 46.08 -2.48 -7.37
CA ARG C 619 45.28 -1.81 -6.37
C ARG C 619 46.08 -1.66 -5.09
N LYS C 620 46.42 -0.43 -4.74
CA LYS C 620 47.16 -0.17 -3.53
C LYS C 620 46.49 1.02 -2.87
N PRO C 621 46.22 0.94 -1.57
CA PRO C 621 45.55 2.06 -0.92
C PRO C 621 46.44 3.10 -0.27
N SER C 622 45.91 4.31 -0.18
CA SER C 622 46.59 5.37 0.52
C SER C 622 45.98 5.13 1.90
N ILE C 623 46.80 5.07 2.93
CA ILE C 623 46.21 4.87 4.25
C ILE C 623 46.49 6.04 5.15
N ARG C 624 46.56 7.22 4.55
CA ARG C 624 46.80 8.47 5.28
C ARG C 624 45.59 8.76 6.16
N ASN C 625 44.41 8.84 5.55
CA ASN C 625 43.18 9.11 6.30
C ASN C 625 43.06 8.19 7.50
N ALA C 626 43.36 6.91 7.30
CA ALA C 626 43.29 5.90 8.37
C ALA C 626 44.22 6.28 9.51
N HIS C 627 45.44 6.66 9.14
CA HIS C 627 46.43 7.08 10.11
C HIS C 627 45.96 8.35 10.82
N ARG C 628 45.48 9.32 10.04
CA ARG C 628 45.03 10.60 10.59
C ARG C 628 43.83 10.55 11.53
N CYS C 629 42.78 9.84 11.11
CA CYS C 629 41.55 9.74 11.90
C CYS C 629 41.54 8.64 12.94
N LEU C 630 42.31 7.59 12.70
CA LEU C 630 42.32 6.46 13.60
C LEU C 630 43.66 6.15 14.30
N ASP C 631 44.76 6.69 13.79
CA ASP C 631 46.09 6.41 14.34
C ASP C 631 46.25 4.91 14.17
N TRP C 632 45.86 4.45 13.00
CA TRP C 632 45.92 3.04 12.66
C TRP C 632 47.01 2.74 11.64
N GLU C 633 47.48 1.51 11.67
CA GLU C 633 48.54 1.09 10.77
C GLU C 633 48.48 -0.43 10.70
N PRO C 634 48.34 -0.98 9.48
CA PRO C 634 48.28 -2.44 9.32
C PRO C 634 49.51 -3.08 9.94
N LYS C 635 49.38 -4.29 10.46
CA LYS C 635 50.53 -4.96 11.09
C LYS C 635 50.82 -6.37 10.61
N ILE C 636 49.79 -7.20 10.54
CA ILE C 636 49.97 -8.58 10.11
C ILE C 636 50.43 -8.69 8.66
N ASP C 637 51.43 -9.52 8.43
CA ASP C 637 51.93 -9.72 7.08
C ASP C 637 51.11 -10.76 6.36
N MET C 638 51.08 -10.64 5.05
CA MET C 638 50.34 -11.54 4.18
C MET C 638 50.48 -13.05 4.43
N GLN C 639 51.71 -13.55 4.48
CA GLN C 639 51.94 -14.98 4.70
C GLN C 639 51.16 -15.53 5.89
N GLU C 640 51.09 -14.75 6.95
CA GLU C 640 50.39 -15.18 8.13
C GLU C 640 48.92 -15.35 7.82
N THR C 641 48.36 -14.37 7.12
CA THR C 641 46.95 -14.41 6.74
C THR C 641 46.66 -15.64 5.90
N ILE C 642 47.57 -15.97 4.98
CA ILE C 642 47.46 -17.14 4.12
C ILE C 642 47.37 -18.41 4.98
N ASP C 643 48.27 -18.53 5.94
CA ASP C 643 48.27 -19.69 6.81
C ASP C 643 46.97 -19.83 7.58
N GLU C 644 46.53 -18.73 8.20
CA GLU C 644 45.28 -18.68 8.95
C GLU C 644 44.08 -19.16 8.11
N THR C 645 43.89 -18.50 6.99
CA THR C 645 42.81 -18.79 6.08
C THR C 645 42.86 -20.25 5.66
N LEU C 646 43.99 -20.70 5.13
CA LEU C 646 44.14 -22.07 4.67
C LEU C 646 43.72 -23.05 5.76
N ASP C 647 44.32 -22.89 6.94
CA ASP C 647 44.02 -23.78 8.03
C ASP C 647 42.55 -23.82 8.35
N PHE C 648 41.91 -22.67 8.44
CA PHE C 648 40.48 -22.65 8.75
C PHE C 648 39.66 -23.49 7.78
N PHE C 649 39.80 -23.22 6.49
CA PHE C 649 39.05 -23.95 5.48
C PHE C 649 39.39 -25.43 5.34
N LEU C 650 40.66 -25.81 5.52
CA LEU C 650 41.03 -27.20 5.40
C LEU C 650 40.36 -27.97 6.52
N ARG C 651 40.18 -27.33 7.66
CA ARG C 651 39.56 -27.99 8.80
C ARG C 651 38.04 -27.82 8.72
N THR C 652 37.57 -27.47 7.54
CA THR C 652 36.17 -27.28 7.27
C THR C 652 35.70 -28.48 6.47
N VAL C 653 36.64 -29.07 5.75
CA VAL C 653 36.34 -30.22 4.92
C VAL C 653 36.08 -31.45 5.81
N ASP C 654 34.97 -32.12 5.58
CA ASP C 654 34.66 -33.33 6.32
C ASP C 654 35.46 -34.44 5.69
N LEU C 655 36.29 -35.11 6.47
CA LEU C 655 37.08 -36.18 5.89
C LEU C 655 36.53 -37.54 6.38
N THR C 656 35.73 -38.17 5.51
CA THR C 656 35.10 -39.48 5.74
C THR C 656 34.04 -39.65 4.64
N MET D 1 12.81 61.31 44.25
CA MET D 1 11.67 60.36 44.33
C MET D 1 12.10 58.89 44.25
N LYS D 2 11.11 58.01 44.13
CA LYS D 2 11.33 56.56 44.05
C LYS D 2 10.74 56.11 42.69
N THR D 3 11.54 55.43 41.87
CA THR D 3 11.04 55.01 40.55
C THR D 3 11.40 53.61 40.03
N VAL D 4 10.64 53.20 39.02
CA VAL D 4 10.83 51.94 38.35
C VAL D 4 11.09 52.35 36.90
N VAL D 5 12.25 51.96 36.38
CA VAL D 5 12.63 52.34 35.02
C VAL D 5 12.56 51.22 34.00
N PHE D 6 12.22 51.60 32.76
CA PHE D 6 12.13 50.69 31.64
C PHE D 6 13.09 51.27 30.60
N ALA D 7 14.31 50.73 30.55
CA ALA D 7 15.29 51.24 29.61
C ALA D 7 16.01 50.17 28.81
N TYR D 8 16.66 50.61 27.74
CA TYR D 8 17.42 49.74 26.88
C TYR D 8 18.34 50.56 26.00
N HIS D 9 19.45 49.94 25.60
CA HIS D 9 20.44 50.57 24.75
C HIS D 9 21.01 51.89 25.31
N ASP D 10 21.59 52.71 24.44
CA ASP D 10 22.19 53.96 24.86
C ASP D 10 21.35 54.91 25.68
N MET D 11 20.23 55.36 25.12
CA MET D 11 19.35 56.27 25.83
C MET D 11 19.06 55.69 27.21
N GLY D 12 18.95 54.36 27.26
CA GLY D 12 18.69 53.70 28.53
C GLY D 12 19.76 53.95 29.59
N CYS D 13 21.03 53.96 29.20
CA CYS D 13 22.12 54.19 30.15
C CYS D 13 22.16 55.64 30.58
N LEU D 14 22.19 56.57 29.62
CA LEU D 14 22.24 57.99 29.97
C LEU D 14 21.01 58.35 30.80
N GLY D 15 19.88 57.73 30.48
CA GLY D 15 18.66 58.00 31.21
C GLY D 15 18.76 57.51 32.64
N ILE D 16 19.31 56.33 32.84
CA ILE D 16 19.45 55.76 34.18
C ILE D 16 20.45 56.54 35.02
N GLU D 17 21.46 57.10 34.34
CA GLU D 17 22.48 57.88 35.02
C GLU D 17 21.91 59.23 35.40
N ALA D 18 21.30 59.90 34.42
CA ALA D 18 20.70 61.20 34.67
C ALA D 18 19.79 61.06 35.87
N LEU D 19 18.96 60.02 35.83
CA LEU D 19 18.00 59.72 36.90
C LEU D 19 18.72 59.54 38.24
N LEU D 20 19.89 58.90 38.22
CA LEU D 20 20.66 58.68 39.44
C LEU D 20 21.26 59.98 39.96
N ALA D 21 21.95 60.71 39.08
CA ALA D 21 22.57 61.98 39.45
C ALA D 21 21.54 62.99 39.96
N ALA D 22 20.31 62.88 39.46
CA ALA D 22 19.22 63.77 39.88
C ALA D 22 18.70 63.36 41.26
N GLY D 23 19.35 62.38 41.86
CA GLY D 23 18.98 61.93 43.19
C GLY D 23 17.78 61.01 43.31
N TYR D 24 17.35 60.40 42.21
CA TYR D 24 16.21 59.50 42.32
C TYR D 24 16.68 58.15 42.86
N GLU D 25 15.75 57.41 43.44
CA GLU D 25 16.04 56.08 43.98
C GLU D 25 15.39 55.08 43.04
N ILE D 26 16.22 54.37 42.28
CA ILE D 26 15.73 53.39 41.32
C ILE D 26 15.49 52.04 42.01
N SER D 27 14.21 51.69 42.18
CA SER D 27 13.83 50.43 42.84
C SER D 27 14.07 49.19 41.98
N ALA D 28 13.97 49.35 40.66
CA ALA D 28 14.19 48.24 39.76
C ALA D 28 14.24 48.73 38.32
N ILE D 29 14.92 47.98 37.47
CA ILE D 29 15.03 48.32 36.06
C ILE D 29 14.58 47.13 35.21
N PHE D 30 13.75 47.40 34.22
CA PHE D 30 13.28 46.37 33.32
C PHE D 30 13.91 46.63 31.96
N THR D 31 14.60 45.64 31.41
CA THR D 31 15.26 45.82 30.11
C THR D 31 15.03 44.59 29.22
N HIS D 32 15.91 44.40 28.23
CA HIS D 32 15.80 43.27 27.32
C HIS D 32 17.12 42.55 27.20
N THR D 33 17.06 41.35 26.63
CA THR D 33 18.24 40.56 26.41
C THR D 33 18.77 41.03 25.06
N ASP D 34 19.81 40.38 24.53
CA ASP D 34 20.35 40.82 23.23
C ASP D 34 20.44 39.69 22.22
N GLY D 43 25.65 50.28 24.63
CA GLY D 43 25.87 50.33 26.07
C GLY D 43 24.80 49.55 26.82
N SER D 44 25.19 48.42 27.41
CA SER D 44 24.27 47.56 28.14
C SER D 44 23.61 48.13 29.39
N VAL D 45 22.29 48.22 29.35
CA VAL D 45 21.52 48.72 30.49
C VAL D 45 21.70 47.74 31.65
N ALA D 46 21.66 46.44 31.34
CA ALA D 46 21.83 45.41 32.36
C ALA D 46 23.17 45.55 33.09
N ARG D 47 24.25 45.68 32.33
CA ARG D 47 25.59 45.83 32.90
C ARG D 47 25.59 47.00 33.89
N LEU D 48 25.09 48.14 33.43
CA LEU D 48 25.02 49.33 34.26
C LEU D 48 24.25 49.05 35.55
N ALA D 49 23.04 48.52 35.39
CA ALA D 49 22.20 48.20 36.55
C ALA D 49 22.99 47.33 37.52
N ALA D 50 23.60 46.27 36.99
CA ALA D 50 24.37 45.35 37.81
C ALA D 50 25.51 46.06 38.52
N GLU D 51 26.21 46.91 37.78
CA GLU D 51 27.33 47.65 38.35
C GLU D 51 26.84 48.55 39.47
N ARG D 52 25.67 49.14 39.30
CA ARG D 52 25.15 50.02 40.33
C ARG D 52 24.42 49.28 41.43
N GLY D 53 24.29 47.97 41.30
CA GLY D 53 23.58 47.20 42.31
C GLY D 53 22.08 47.44 42.31
N ILE D 54 21.52 47.67 41.12
CA ILE D 54 20.08 47.91 40.99
C ILE D 54 19.40 46.66 40.44
N PRO D 55 18.47 46.06 41.19
CA PRO D 55 17.80 44.87 40.65
C PRO D 55 17.25 45.13 39.24
N VAL D 56 17.68 44.30 38.30
CA VAL D 56 17.28 44.43 36.91
C VAL D 56 16.54 43.16 36.46
N TYR D 57 15.52 43.32 35.63
CA TYR D 57 14.74 42.19 35.12
C TYR D 57 14.51 42.32 33.62
N ALA D 58 14.33 41.19 32.94
CA ALA D 58 14.11 41.22 31.49
C ALA D 58 13.04 40.25 31.01
N PRO D 59 11.85 40.26 31.64
CA PRO D 59 10.80 39.33 31.18
C PRO D 59 10.37 39.69 29.76
N ASP D 60 9.64 38.80 29.11
CA ASP D 60 9.18 39.09 27.74
C ASP D 60 7.96 39.98 27.76
N ASN D 61 7.17 39.84 28.81
CA ASN D 61 5.98 40.65 28.93
C ASN D 61 5.75 41.09 30.38
N VAL D 62 6.15 42.33 30.68
CA VAL D 62 6.02 42.91 32.02
C VAL D 62 4.57 43.19 32.38
N ASN D 63 3.71 43.12 31.38
CA ASN D 63 2.30 43.37 31.59
C ASN D 63 1.60 42.18 32.23
N HIS D 64 2.35 41.12 32.49
CA HIS D 64 1.82 39.92 33.12
C HIS D 64 1.46 40.25 34.56
N PRO D 65 0.38 39.65 35.08
CA PRO D 65 -0.10 39.87 36.45
C PRO D 65 0.98 39.82 37.51
N LEU D 66 1.83 38.80 37.47
CA LEU D 66 2.90 38.66 38.45
C LEU D 66 3.77 39.91 38.52
N TRP D 67 4.26 40.37 37.37
CA TRP D 67 5.09 41.55 37.31
C TRP D 67 4.34 42.78 37.75
N VAL D 68 3.15 42.99 37.21
CA VAL D 68 2.36 44.14 37.58
C VAL D 68 2.29 44.15 39.12
N GLU D 69 2.01 42.99 39.69
CA GLU D 69 1.92 42.87 41.15
C GLU D 69 3.24 43.19 41.83
N ARG D 70 4.33 42.72 41.25
CA ARG D 70 5.63 42.99 41.84
C ARG D 70 6.04 44.44 41.66
N ILE D 71 5.72 45.05 40.53
CA ILE D 71 6.08 46.45 40.32
C ILE D 71 5.28 47.27 41.31
N ALA D 72 4.03 46.87 41.51
CA ALA D 72 3.14 47.55 42.45
C ALA D 72 3.76 47.47 43.84
N GLN D 73 4.41 46.35 44.12
CA GLN D 73 5.07 46.12 45.40
C GLN D 73 6.15 47.16 45.69
N LEU D 74 6.96 47.45 44.68
CA LEU D 74 8.05 48.42 44.81
C LEU D 74 7.48 49.77 45.20
N SER D 75 6.23 50.00 44.81
CA SER D 75 5.54 51.24 45.13
C SER D 75 6.35 52.44 44.64
N PRO D 76 6.41 52.63 43.31
CA PRO D 76 7.17 53.75 42.75
C PRO D 76 6.34 55.04 42.74
N ASP D 77 7.04 56.16 42.78
CA ASP D 77 6.39 57.48 42.76
C ASP D 77 6.14 57.84 41.31
N VAL D 78 7.14 57.59 40.48
CA VAL D 78 7.05 57.86 39.05
C VAL D 78 7.74 56.79 38.21
N ILE D 79 7.24 56.61 37.00
CA ILE D 79 7.80 55.64 36.07
C ILE D 79 8.46 56.35 34.89
N PHE D 80 9.58 55.80 34.44
CA PHE D 80 10.32 56.34 33.30
C PHE D 80 10.57 55.30 32.23
N SER D 81 10.43 55.70 30.97
CA SER D 81 10.66 54.80 29.86
C SER D 81 11.71 55.40 28.94
N PHE D 82 12.89 54.79 28.93
CA PHE D 82 13.99 55.27 28.09
C PHE D 82 14.31 54.23 27.01
N TYR D 83 13.60 54.32 25.89
CA TYR D 83 13.82 53.39 24.78
C TYR D 83 13.54 51.90 25.06
N TYR D 84 12.53 51.63 25.90
CA TYR D 84 12.13 50.27 26.21
C TYR D 84 11.42 49.76 24.97
N ARG D 85 11.80 48.59 24.47
CA ARG D 85 11.20 48.08 23.25
C ARG D 85 9.78 47.49 23.35
N HIS D 86 9.55 46.53 24.25
CA HIS D 86 8.20 45.96 24.39
C HIS D 86 7.26 47.08 24.85
N LEU D 87 5.95 46.88 24.77
CA LEU D 87 5.02 47.94 25.14
C LEU D 87 4.37 47.84 26.51
N ILE D 88 4.67 48.81 27.37
CA ILE D 88 4.12 48.88 28.71
C ILE D 88 2.73 49.44 28.58
N TYR D 89 1.75 48.81 29.21
CA TYR D 89 0.40 49.34 29.10
C TYR D 89 -0.35 49.67 30.39
N ASP D 90 -1.20 50.69 30.25
CA ASP D 90 -2.05 51.26 31.30
C ASP D 90 -2.01 50.58 32.65
N GLU D 91 -2.49 49.34 32.67
CA GLU D 91 -2.51 48.53 33.88
C GLU D 91 -1.41 48.92 34.87
N ILE D 92 -0.16 48.91 34.38
CA ILE D 92 0.99 49.24 35.20
C ILE D 92 1.35 50.73 35.24
N LEU D 93 1.18 51.41 34.11
CA LEU D 93 1.50 52.83 34.04
C LEU D 93 0.93 53.63 35.21
N GLN D 94 -0.35 53.43 35.47
CA GLN D 94 -1.03 54.15 36.55
C GLN D 94 -0.66 53.77 37.97
N LEU D 95 0.35 52.93 38.15
CA LEU D 95 0.73 52.56 39.49
C LEU D 95 1.63 53.64 40.07
N ALA D 96 1.99 54.60 39.23
CA ALA D 96 2.85 55.69 39.68
C ALA D 96 2.04 56.97 39.84
N PRO D 97 1.92 57.47 41.08
CA PRO D 97 1.15 58.69 41.33
C PRO D 97 1.68 59.91 40.56
N ALA D 98 3.00 60.07 40.52
CA ALA D 98 3.62 61.20 39.82
C ALA D 98 3.50 61.09 38.31
N GLY D 99 3.05 59.93 37.83
CA GLY D 99 2.90 59.73 36.40
C GLY D 99 4.01 58.91 35.75
N ALA D 100 3.88 58.66 34.45
CA ALA D 100 4.87 57.88 33.70
C ALA D 100 5.30 58.66 32.47
N PHE D 101 6.59 58.94 32.38
CA PHE D 101 7.12 59.71 31.25
C PHE D 101 7.99 58.87 30.34
N ASN D 102 7.89 59.15 29.05
CA ASN D 102 8.68 58.45 28.05
C ASN D 102 9.58 59.42 27.27
N LEU D 103 10.81 59.01 27.00
CA LEU D 103 11.73 59.86 26.26
C LEU D 103 11.70 59.47 24.78
N HIS D 104 11.07 60.29 23.93
CA HIS D 104 10.97 60.02 22.49
C HIS D 104 12.01 60.78 21.66
N GLY D 105 12.59 60.10 20.66
CA GLY D 105 13.61 60.72 19.83
C GLY D 105 13.18 61.59 18.67
N SER D 106 12.19 62.43 18.86
CA SER D 106 11.77 63.32 17.78
C SER D 106 11.07 64.53 18.36
N LEU D 107 10.84 65.53 17.52
CA LEU D 107 10.17 66.75 17.94
C LEU D 107 8.67 66.52 17.84
N LEU D 108 8.12 65.86 18.86
CA LEU D 108 6.69 65.56 18.93
C LEU D 108 5.88 66.84 18.81
N PRO D 109 4.65 66.75 18.27
CA PRO D 109 3.98 65.54 17.78
C PRO D 109 4.44 65.05 16.40
N LYS D 110 5.56 65.56 15.90
CA LYS D 110 6.05 65.12 14.59
C LYS D 110 6.86 63.84 14.74
N TYR D 111 6.73 62.94 13.78
CA TYR D 111 7.46 61.67 13.82
C TYR D 111 7.18 60.91 15.11
N ARG D 112 5.92 60.88 15.54
CA ARG D 112 5.59 60.20 16.78
C ARG D 112 5.59 58.69 16.61
N GLY D 113 5.88 58.22 15.40
CA GLY D 113 5.89 56.78 15.18
C GLY D 113 7.07 56.08 15.84
N ARG D 114 7.82 55.31 15.05
CA ARG D 114 9.00 54.62 15.56
C ARG D 114 10.09 54.70 14.50
N ALA D 115 11.34 54.68 14.95
CA ALA D 115 12.51 54.78 14.08
C ALA D 115 12.64 56.20 13.57
N PRO D 116 12.32 57.19 14.43
CA PRO D 116 12.41 58.58 14.02
C PRO D 116 13.81 58.97 13.55
N LEU D 117 14.82 58.42 14.22
CA LEU D 117 16.21 58.73 13.87
C LEU D 117 16.46 58.55 12.39
N ASN D 118 15.84 57.53 11.83
CA ASN D 118 16.01 57.20 10.42
C ASN D 118 15.07 57.97 9.50
N TRP D 119 13.79 58.03 9.88
CA TRP D 119 12.78 58.72 9.08
C TRP D 119 13.13 60.17 8.81
N VAL D 120 13.54 60.90 9.85
CA VAL D 120 13.92 62.29 9.66
C VAL D 120 15.03 62.40 8.61
N LEU D 121 15.91 61.42 8.55
CA LEU D 121 16.97 61.44 7.55
C LEU D 121 16.37 61.09 6.19
N VAL D 122 15.50 60.10 6.15
CA VAL D 122 14.88 59.71 4.89
C VAL D 122 14.24 60.91 4.23
N ASN D 123 13.36 61.59 4.97
CA ASN D 123 12.63 62.77 4.47
C ASN D 123 13.49 64.03 4.41
N GLY D 124 14.77 63.87 4.72
CA GLY D 124 15.68 65.00 4.69
C GLY D 124 15.29 66.23 5.51
N GLU D 125 14.93 66.03 6.76
CA GLU D 125 14.56 67.16 7.61
C GLU D 125 15.82 67.96 7.85
N THR D 126 15.66 69.20 8.29
CA THR D 126 16.80 70.06 8.59
C THR D 126 17.03 70.08 10.09
N GLU D 127 16.04 69.57 10.82
CA GLU D 127 16.13 69.52 12.28
C GLU D 127 15.24 68.43 12.88
N THR D 128 15.52 68.10 14.13
CA THR D 128 14.78 67.09 14.89
C THR D 128 15.12 67.34 16.36
N GLY D 129 14.83 66.37 17.23
CA GLY D 129 15.14 66.56 18.64
C GLY D 129 14.61 65.49 19.57
N VAL D 130 14.75 65.73 20.87
CA VAL D 130 14.29 64.80 21.91
C VAL D 130 13.12 65.38 22.71
N THR D 131 12.14 64.55 23.02
CA THR D 131 10.98 64.98 23.77
C THR D 131 10.64 64.06 24.92
N LEU D 132 10.53 64.61 26.12
CA LEU D 132 10.15 63.82 27.28
C LEU D 132 8.69 64.13 27.53
N HIS D 133 7.80 63.23 27.15
CA HIS D 133 6.36 63.45 27.34
C HIS D 133 5.74 62.45 28.33
N ARG D 134 4.51 62.72 28.74
CA ARG D 134 3.82 61.83 29.65
C ARG D 134 3.20 60.69 28.82
N MET D 135 3.12 59.50 29.40
CA MET D 135 2.57 58.36 28.69
C MET D 135 1.06 58.23 28.85
N VAL D 136 0.38 58.06 27.72
CA VAL D 136 -1.08 57.94 27.72
C VAL D 136 -1.52 56.74 26.88
N LYS D 137 -2.81 56.44 26.91
CA LYS D 137 -3.34 55.32 26.13
C LYS D 137 -2.79 55.34 24.70
N ARG D 138 -2.68 56.53 24.12
CA ARG D 138 -2.19 56.68 22.76
C ARG D 138 -0.67 56.79 22.71
N ALA D 139 -0.07 56.08 21.76
CA ALA D 139 1.38 56.08 21.58
C ALA D 139 2.00 57.44 21.23
N ASP D 140 2.95 57.86 22.05
CA ASP D 140 3.65 59.13 21.86
C ASP D 140 2.73 60.34 21.77
N ALA D 141 1.52 60.22 22.33
CA ALA D 141 0.58 61.33 22.28
C ALA D 141 0.60 62.23 23.52
N GLY D 142 0.87 61.62 24.68
CA GLY D 142 0.91 62.34 25.95
C GLY D 142 1.40 63.78 25.95
N ALA D 143 1.04 64.52 27.00
CA ALA D 143 1.41 65.93 27.15
C ALA D 143 2.93 66.10 27.29
N ILE D 144 3.50 66.96 26.46
CA ILE D 144 4.94 67.22 26.47
C ILE D 144 5.42 67.99 27.70
N VAL D 145 6.39 67.41 28.38
CA VAL D 145 6.97 67.99 29.58
C VAL D 145 8.25 68.77 29.30
N ALA D 146 8.90 68.41 28.19
CA ALA D 146 10.16 69.04 27.78
C ALA D 146 10.50 68.58 26.36
N GLN D 147 11.19 69.44 25.62
CA GLN D 147 11.58 69.13 24.25
C GLN D 147 12.86 69.90 24.00
N LEU D 148 13.57 69.58 22.92
CA LEU D 148 14.83 70.25 22.66
C LEU D 148 15.24 70.01 21.22
N ARG D 149 15.44 71.08 20.45
CA ARG D 149 15.79 70.96 19.03
C ARG D 149 17.24 70.60 18.74
N ILE D 150 17.43 70.02 17.56
CA ILE D 150 18.74 69.59 17.09
C ILE D 150 18.83 69.86 15.60
N ALA D 151 19.97 70.36 15.16
CA ALA D 151 20.13 70.65 13.76
C ALA D 151 20.75 69.42 13.09
N ILE D 152 20.20 69.06 11.93
CA ILE D 152 20.71 67.93 11.17
C ILE D 152 21.64 68.45 10.09
N ALA D 153 22.94 68.18 10.25
CA ALA D 153 23.96 68.61 9.29
C ALA D 153 23.76 67.90 7.96
N PRO D 154 24.06 68.60 6.85
CA PRO D 154 23.91 68.02 5.50
C PRO D 154 24.70 66.72 5.30
N ASP D 155 25.74 66.55 6.10
CA ASP D 155 26.59 65.38 6.01
C ASP D 155 26.42 64.47 7.22
N ASP D 156 25.27 64.59 7.88
CA ASP D 156 24.97 63.74 9.04
C ASP D 156 24.35 62.42 8.57
N ILE D 157 24.67 61.33 9.27
CA ILE D 157 24.13 60.01 8.94
C ILE D 157 23.57 59.43 10.24
N ALA D 158 22.69 58.45 10.11
CA ALA D 158 22.06 57.82 11.27
C ALA D 158 22.91 57.77 12.56
N ILE D 159 24.07 57.14 12.48
CA ILE D 159 24.91 57.02 13.65
C ILE D 159 25.37 58.35 14.28
N THR D 160 25.79 59.30 13.44
CA THR D 160 26.24 60.60 13.94
C THR D 160 25.05 61.39 14.50
N LEU D 161 23.88 61.26 13.88
CA LEU D 161 22.73 61.97 14.39
C LEU D 161 22.32 61.30 15.70
N HIS D 162 22.58 60.01 15.81
CA HIS D 162 22.24 59.25 17.02
C HIS D 162 22.94 59.84 18.24
N HIS D 163 24.23 60.15 18.10
CA HIS D 163 24.97 60.72 19.21
C HIS D 163 24.50 62.14 19.48
N LYS D 164 24.12 62.84 18.40
CA LYS D 164 23.61 64.20 18.53
C LYS D 164 22.40 64.11 19.46
N LEU D 165 21.50 63.17 19.16
CA LEU D 165 20.29 62.96 19.95
C LEU D 165 20.57 62.48 21.36
N CYS D 166 21.55 61.60 21.52
CA CYS D 166 21.89 61.09 22.86
C CYS D 166 22.41 62.22 23.73
N HIS D 167 23.24 63.07 23.15
CA HIS D 167 23.81 64.19 23.86
C HIS D 167 22.68 65.17 24.24
N ALA D 168 21.77 65.40 23.32
CA ALA D 168 20.65 66.29 23.57
C ALA D 168 19.85 65.77 24.76
N ALA D 169 19.50 64.49 24.71
CA ALA D 169 18.74 63.85 25.76
C ALA D 169 19.45 63.94 27.09
N ARG D 170 20.75 63.70 27.08
CA ARG D 170 21.52 63.77 28.32
C ARG D 170 21.33 65.13 28.96
N GLN D 171 21.24 66.16 28.11
CA GLN D 171 21.07 67.51 28.58
C GLN D 171 19.64 67.78 29.04
N LEU D 172 18.67 67.47 28.19
CA LEU D 172 17.26 67.68 28.51
C LEU D 172 16.91 67.11 29.86
N LEU D 173 17.23 65.83 30.06
CA LEU D 173 16.94 65.16 31.32
C LEU D 173 17.65 65.87 32.46
N GLU D 174 18.96 66.04 32.29
CA GLU D 174 19.79 66.70 33.29
C GLU D 174 19.07 67.87 33.98
N GLN D 175 18.38 68.67 33.18
CA GLN D 175 17.69 69.84 33.71
C GLN D 175 16.19 69.67 33.98
N THR D 176 15.48 68.98 33.11
CA THR D 176 14.05 68.82 33.36
C THR D 176 13.73 67.70 34.34
N LEU D 177 14.72 66.88 34.68
CA LEU D 177 14.50 65.77 35.59
C LEU D 177 14.33 66.29 37.02
N PRO D 178 15.22 67.21 37.44
CA PRO D 178 15.09 67.75 38.80
C PRO D 178 13.75 68.45 38.96
N ALA D 179 13.27 69.01 37.85
CA ALA D 179 11.99 69.72 37.83
C ALA D 179 10.85 68.77 38.21
N ILE D 180 10.86 67.58 37.61
CA ILE D 180 9.83 66.57 37.87
C ILE D 180 9.90 66.10 39.31
N LYS D 181 11.12 65.97 39.84
CA LYS D 181 11.29 65.48 41.19
C LYS D 181 10.50 66.30 42.20
N HIS D 182 10.17 67.54 41.84
CA HIS D 182 9.41 68.41 42.74
C HIS D 182 7.97 68.63 42.27
N GLY D 183 7.78 69.21 41.08
CA GLY D 183 6.41 69.43 40.61
C GLY D 183 6.29 70.52 39.58
N ASN D 184 7.42 71.16 39.29
CA ASN D 184 7.48 72.25 38.34
C ASN D 184 7.50 71.75 36.90
N ILE D 185 6.33 71.36 36.41
CA ILE D 185 6.22 70.86 35.04
C ILE D 185 4.89 71.27 34.42
N LEU D 186 4.95 71.73 33.16
CA LEU D 186 3.74 72.14 32.45
C LEU D 186 3.37 71.11 31.40
N GLU D 187 2.17 70.56 31.50
CA GLU D 187 1.69 69.55 30.57
C GLU D 187 1.20 70.17 29.25
N ILE D 188 2.12 70.78 28.49
CA ILE D 188 1.78 71.39 27.21
C ILE D 188 1.26 70.31 26.24
N ALA D 189 -0.05 70.05 26.27
CA ALA D 189 -0.67 69.04 25.41
C ALA D 189 -0.14 69.07 23.97
N GLN D 190 -0.45 68.02 23.22
CA GLN D 190 0.02 67.93 21.84
C GLN D 190 -0.99 68.35 20.78
N ARG D 191 -0.53 69.18 19.83
CA ARG D 191 -1.36 69.68 18.74
C ARG D 191 -1.69 68.51 17.82
N GLU D 192 -2.63 67.68 18.28
CA GLU D 192 -3.08 66.49 17.56
C GLU D 192 -3.24 66.60 16.04
N ASN D 193 -3.58 67.79 15.56
CA ASN D 193 -3.77 68.00 14.13
C ASN D 193 -2.45 68.32 13.43
N GLU D 194 -1.33 68.01 14.08
CA GLU D 194 -0.01 68.28 13.50
C GLU D 194 0.88 67.05 13.65
N ALA D 195 0.39 66.08 14.41
CA ALA D 195 1.14 64.86 14.66
C ALA D 195 1.36 64.02 13.41
N THR D 196 2.59 63.50 13.28
CA THR D 196 2.95 62.65 12.16
C THR D 196 3.41 61.34 12.77
N CYS D 197 3.02 60.23 12.15
CA CYS D 197 3.39 58.94 12.68
C CYS D 197 4.03 58.08 11.58
N PHE D 198 5.00 57.26 11.97
CA PHE D 198 5.68 56.37 11.03
C PHE D 198 5.81 54.98 11.66
N GLY D 199 5.93 53.95 10.84
CA GLY D 199 6.03 52.60 11.37
C GLY D 199 7.40 51.94 11.25
N ARG D 200 7.53 50.73 11.81
CA ARG D 200 8.77 49.98 11.75
C ARG D 200 9.27 49.88 10.32
N ARG D 201 10.53 50.20 10.08
CA ARG D 201 11.08 50.13 8.73
C ARG D 201 11.72 48.75 8.59
N THR D 202 11.47 48.07 7.49
CA THR D 202 12.10 46.76 7.29
C THR D 202 13.28 46.99 6.37
N PRO D 203 14.27 46.08 6.37
CA PRO D 203 15.40 46.34 5.47
C PRO D 203 14.97 46.53 4.02
N ASP D 204 13.77 46.08 3.68
CA ASP D 204 13.26 46.22 2.32
C ASP D 204 12.92 47.69 2.00
N ASP D 205 12.75 48.50 3.04
CA ASP D 205 12.43 49.92 2.87
C ASP D 205 13.63 50.75 2.46
N SER D 206 14.80 50.13 2.40
CA SER D 206 16.01 50.84 2.04
C SER D 206 16.41 50.58 0.59
N PHE D 207 15.45 50.10 -0.19
CA PHE D 207 15.69 49.82 -1.59
C PHE D 207 15.78 51.14 -2.36
N LEU D 208 16.77 51.25 -3.24
CA LEU D 208 16.97 52.48 -4.02
C LEU D 208 16.31 52.45 -5.41
N GLU D 209 15.40 53.39 -5.63
CA GLU D 209 14.69 53.51 -6.89
C GLU D 209 15.26 54.70 -7.65
N TRP D 210 16.16 54.39 -8.57
CA TRP D 210 16.85 55.39 -9.36
C TRP D 210 15.99 56.40 -10.14
N HIS D 211 14.68 56.23 -10.13
CA HIS D 211 13.85 57.18 -10.87
C HIS D 211 13.64 58.41 -10.01
N LYS D 212 13.83 58.27 -8.71
CA LYS D 212 13.67 59.38 -7.77
C LYS D 212 14.85 60.34 -7.88
N PRO D 213 14.74 61.54 -7.28
CA PRO D 213 15.82 62.53 -7.34
C PRO D 213 17.07 62.06 -6.59
N ALA D 214 18.24 62.47 -7.11
CA ALA D 214 19.50 62.09 -6.49
C ALA D 214 19.47 62.47 -5.00
N SER D 215 18.80 63.57 -4.69
CA SER D 215 18.70 64.05 -3.32
C SER D 215 18.02 63.04 -2.44
N VAL D 216 16.85 62.61 -2.88
CA VAL D 216 16.04 61.63 -2.14
C VAL D 216 16.85 60.38 -1.83
N LEU D 217 17.44 59.79 -2.87
CA LEU D 217 18.25 58.59 -2.77
C LEU D 217 19.42 58.76 -1.82
N HIS D 218 20.06 59.93 -1.88
CA HIS D 218 21.19 60.27 -1.03
C HIS D 218 20.79 60.27 0.44
N ASN D 219 19.61 60.80 0.75
CA ASN D 219 19.13 60.82 2.13
C ASN D 219 18.83 59.42 2.61
N MET D 220 18.55 58.52 1.66
CA MET D 220 18.26 57.14 1.99
C MET D 220 19.54 56.48 2.49
N VAL D 221 20.62 56.58 1.71
CA VAL D 221 21.88 55.96 2.12
C VAL D 221 22.33 56.52 3.46
N ARG D 222 22.09 57.80 3.69
CA ARG D 222 22.46 58.40 4.97
C ARG D 222 21.57 57.85 6.08
N ALA D 223 20.27 57.78 5.79
CA ALA D 223 19.27 57.31 6.74
C ALA D 223 19.56 55.95 7.35
N VAL D 224 20.10 55.03 6.55
CA VAL D 224 20.41 53.70 7.03
C VAL D 224 21.86 53.30 6.87
N ALA D 225 22.76 54.28 6.88
CA ALA D 225 24.19 54.01 6.74
C ALA D 225 24.68 53.20 7.94
N ASP D 226 25.84 52.57 7.77
CA ASP D 226 26.43 51.77 8.82
C ASP D 226 26.38 52.55 10.13
N PRO D 227 26.15 51.88 11.27
CA PRO D 227 25.94 50.45 11.50
C PRO D 227 24.58 49.90 11.05
N TRP D 228 23.77 50.72 10.40
CA TRP D 228 22.47 50.25 9.94
C TRP D 228 22.64 49.42 8.65
N PRO D 229 21.64 48.58 8.33
CA PRO D 229 21.64 47.71 7.15
C PRO D 229 22.08 48.32 5.81
N GLY D 230 21.81 49.61 5.61
CA GLY D 230 22.24 50.24 4.38
C GLY D 230 21.27 50.17 3.22
N ALA D 231 21.41 51.11 2.29
CA ALA D 231 20.56 51.18 1.11
C ALA D 231 21.14 50.24 0.07
N PHE D 232 20.27 49.59 -0.69
CA PHE D 232 20.75 48.64 -1.69
C PHE D 232 20.06 48.78 -3.03
N SER D 233 20.61 48.08 -4.02
CA SER D 233 20.05 48.07 -5.35
C SER D 233 20.48 46.75 -5.96
N TYR D 234 20.31 46.61 -7.27
CA TYR D 234 20.67 45.37 -7.95
C TYR D 234 21.35 45.57 -9.29
N VAL D 235 22.28 44.68 -9.62
CA VAL D 235 22.96 44.72 -10.91
C VAL D 235 22.55 43.38 -11.48
N GLY D 236 21.51 43.37 -12.30
CA GLY D 236 21.06 42.11 -12.84
C GLY D 236 20.61 41.31 -11.64
N ASN D 237 21.15 40.11 -11.49
CA ASN D 237 20.76 39.27 -10.36
C ASN D 237 21.47 39.65 -9.05
N GLN D 238 22.58 40.34 -9.16
CA GLN D 238 23.39 40.73 -7.99
C GLN D 238 22.91 41.93 -7.15
N LYS D 239 22.86 41.74 -5.83
CA LYS D 239 22.48 42.81 -4.91
C LYS D 239 23.73 43.46 -4.33
N PHE D 240 23.76 44.79 -4.27
CA PHE D 240 24.90 45.50 -3.68
C PHE D 240 24.40 46.65 -2.79
N THR D 241 25.21 47.04 -1.81
CA THR D 241 24.82 48.09 -0.87
C THR D 241 25.62 49.39 -1.02
N VAL D 242 24.92 50.53 -0.99
CA VAL D 242 25.56 51.82 -1.10
C VAL D 242 25.74 52.38 0.30
N TRP D 243 26.99 52.50 0.74
CA TRP D 243 27.31 53.01 2.08
C TRP D 243 27.55 54.52 2.12
N SER D 244 28.24 55.02 1.09
CA SER D 244 28.58 56.44 0.96
C SER D 244 28.08 56.99 -0.36
N SER D 245 27.24 58.01 -0.29
CA SER D 245 26.69 58.62 -1.50
C SER D 245 27.24 60.03 -1.69
N ARG D 246 26.74 60.72 -2.71
CA ARG D 246 27.21 62.07 -3.02
C ARG D 246 26.44 62.61 -4.23
N VAL D 247 25.52 63.54 -3.99
CA VAL D 247 24.72 64.10 -5.08
C VAL D 247 25.50 64.96 -6.06
N HIS D 248 25.17 64.79 -7.33
CA HIS D 248 25.81 65.54 -8.40
C HIS D 248 24.74 66.24 -9.21
N PRO D 249 24.64 67.57 -9.09
CA PRO D 249 23.61 68.27 -9.87
C PRO D 249 23.97 68.07 -11.33
N HIS D 250 25.19 67.60 -11.55
CA HIS D 250 25.72 67.32 -12.88
C HIS D 250 24.75 66.44 -13.66
N ALA D 251 23.95 67.09 -14.51
CA ALA D 251 22.96 66.39 -15.33
C ALA D 251 23.59 65.30 -16.21
N SER D 252 22.73 64.60 -16.94
CA SER D 252 23.17 63.52 -17.82
C SER D 252 21.93 63.03 -18.54
N LYS D 253 21.90 63.21 -19.85
CA LYS D 253 20.76 62.79 -20.67
C LYS D 253 20.48 61.29 -20.52
N ALA D 254 21.34 60.59 -19.77
CA ALA D 254 21.20 59.16 -19.53
C ALA D 254 19.95 58.87 -18.72
N GLN D 255 19.22 57.82 -19.08
CA GLN D 255 18.00 57.48 -18.38
C GLN D 255 18.32 57.04 -16.96
N PRO D 256 17.40 57.30 -16.02
CA PRO D 256 17.61 56.93 -14.61
C PRO D 256 18.00 55.46 -14.44
N GLY D 257 18.95 55.22 -13.54
CA GLY D 257 19.40 53.87 -13.28
C GLY D 257 20.59 53.39 -14.08
N SER D 258 20.90 54.08 -15.17
CA SER D 258 22.02 53.68 -15.99
C SER D 258 23.31 54.25 -15.42
N VAL D 259 24.42 53.55 -15.66
CA VAL D 259 25.71 53.95 -15.17
C VAL D 259 26.39 55.00 -16.03
N ILE D 260 26.56 56.19 -15.46
CA ILE D 260 27.18 57.32 -16.15
C ILE D 260 28.71 57.15 -16.28
N SER D 261 29.33 56.64 -15.23
CA SER D 261 30.77 56.40 -15.25
C SER D 261 31.16 55.39 -14.16
N VAL D 262 32.33 54.78 -14.31
CA VAL D 262 32.79 53.80 -13.33
C VAL D 262 33.92 54.30 -12.45
N ALA D 263 34.23 55.59 -12.53
CA ALA D 263 35.30 56.16 -11.73
C ALA D 263 35.30 57.69 -11.82
N PRO D 264 34.57 58.34 -10.91
CA PRO D 264 33.78 57.70 -9.86
C PRO D 264 32.55 56.94 -10.37
N LEU D 265 32.04 56.04 -9.54
CA LEU D 265 30.87 55.27 -9.91
C LEU D 265 29.69 56.23 -9.81
N LEU D 266 29.26 56.73 -10.96
CA LEU D 266 28.16 57.69 -11.02
C LEU D 266 26.89 57.12 -11.68
N ILE D 267 25.81 57.04 -10.90
CA ILE D 267 24.54 56.52 -11.41
C ILE D 267 23.61 57.66 -11.74
N ALA D 268 22.95 57.59 -12.89
CA ALA D 268 22.01 58.61 -13.31
C ALA D 268 20.66 58.46 -12.62
N CYS D 269 20.23 59.49 -11.90
CA CYS D 269 18.94 59.45 -11.19
C CYS D 269 17.86 60.24 -11.92
N GLY D 270 16.64 60.21 -11.39
CA GLY D 270 15.55 60.95 -12.02
C GLY D 270 15.87 62.43 -12.07
N ASP D 271 16.62 62.90 -11.08
CA ASP D 271 17.04 64.29 -11.01
C ASP D 271 18.48 64.30 -10.53
N GLY D 272 19.39 64.62 -11.44
CA GLY D 272 20.81 64.64 -11.10
C GLY D 272 21.34 63.23 -10.99
N ALA D 273 22.63 63.10 -10.65
CA ALA D 273 23.24 61.79 -10.52
C ALA D 273 23.68 61.54 -9.09
N LEU D 274 23.87 60.27 -8.74
CA LEU D 274 24.31 59.91 -7.40
C LEU D 274 25.63 59.17 -7.54
N GLU D 275 26.62 59.59 -6.77
CA GLU D 275 27.92 58.96 -6.84
C GLU D 275 28.02 57.97 -5.71
N ILE D 276 28.36 56.73 -6.04
CA ILE D 276 28.51 55.71 -5.02
C ILE D 276 29.98 55.80 -4.59
N VAL D 277 30.21 56.34 -3.41
CA VAL D 277 31.56 56.49 -2.91
C VAL D 277 32.11 55.19 -2.35
N THR D 278 31.29 54.49 -1.58
CA THR D 278 31.70 53.22 -1.02
C THR D 278 30.49 52.31 -0.87
N GLY D 279 30.70 51.03 -1.12
CA GLY D 279 29.63 50.06 -1.02
C GLY D 279 30.21 48.68 -1.07
N GLN D 280 29.35 47.66 -1.09
CA GLN D 280 29.82 46.29 -1.13
C GLN D 280 28.90 45.46 -1.97
N ALA D 281 29.49 44.53 -2.71
CA ALA D 281 28.74 43.62 -3.55
C ALA D 281 28.33 42.44 -2.68
N GLY D 282 27.05 42.20 -2.54
CA GLY D 282 26.60 41.09 -1.71
C GLY D 282 27.07 41.20 -0.28
N ASP D 283 27.59 40.11 0.28
CA ASP D 283 28.09 40.12 1.65
C ASP D 283 29.58 40.35 1.68
N GLY D 284 30.13 40.78 0.55
CA GLY D 284 31.55 41.05 0.45
C GLY D 284 31.97 42.22 1.29
N ILE D 285 33.27 42.51 1.28
CA ILE D 285 33.81 43.61 2.05
C ILE D 285 33.49 44.95 1.38
N THR D 286 33.49 46.02 2.18
CA THR D 286 33.23 47.35 1.64
C THR D 286 34.45 47.80 0.84
N MET D 287 34.21 48.59 -0.20
CA MET D 287 35.30 49.07 -1.03
C MET D 287 34.88 50.37 -1.69
N GLN D 288 35.85 51.09 -2.25
CA GLN D 288 35.53 52.34 -2.92
C GLN D 288 34.73 52.06 -4.16
N GLY D 289 33.84 53.01 -4.51
CA GLY D 289 32.99 52.85 -5.69
C GLY D 289 33.63 52.30 -6.94
N SER D 290 34.79 52.82 -7.33
CA SER D 290 35.45 52.36 -8.54
C SER D 290 35.67 50.86 -8.53
N GLN D 291 36.09 50.32 -7.38
CA GLN D 291 36.34 48.89 -7.24
C GLN D 291 35.02 48.13 -7.21
N LEU D 292 34.04 48.67 -6.47
CA LEU D 292 32.73 48.06 -6.35
C LEU D 292 32.16 47.91 -7.77
N ALA D 293 32.44 48.92 -8.60
CA ALA D 293 31.98 48.90 -9.97
C ALA D 293 32.56 47.71 -10.72
N GLN D 294 33.85 47.46 -10.53
CA GLN D 294 34.46 46.33 -11.21
C GLN D 294 33.93 45.01 -10.69
N THR D 295 33.95 44.84 -9.38
CA THR D 295 33.49 43.59 -8.81
C THR D 295 32.02 43.28 -9.14
N LEU D 296 31.31 44.23 -9.74
CA LEU D 296 29.91 44.00 -10.11
C LEU D 296 29.76 43.81 -11.60
N GLY D 297 30.80 44.18 -12.35
CA GLY D 297 30.80 44.05 -13.80
C GLY D 297 30.22 45.25 -14.53
N LEU D 298 30.18 46.39 -13.86
CA LEU D 298 29.63 47.60 -14.44
C LEU D 298 30.51 48.27 -15.46
N VAL D 299 29.85 48.89 -16.41
CA VAL D 299 30.45 49.67 -17.49
C VAL D 299 29.27 50.60 -17.68
N GLN D 300 29.23 51.39 -18.74
CA GLN D 300 28.09 52.29 -18.93
C GLN D 300 26.72 51.66 -19.29
N GLY D 301 26.21 50.76 -18.45
CA GLY D 301 24.93 50.13 -18.73
C GLY D 301 24.04 49.88 -17.52
N SER D 302 22.77 50.24 -17.68
CA SER D 302 21.65 50.15 -16.70
C SER D 302 21.65 49.21 -15.48
N ARG D 303 21.37 49.76 -14.30
CA ARG D 303 21.33 49.02 -13.04
C ARG D 303 19.88 48.79 -12.62
N LEU D 304 19.62 47.68 -11.92
CA LEU D 304 18.30 47.32 -11.41
C LEU D 304 17.28 46.98 -12.50
N ASN D 305 17.70 47.09 -13.76
CA ASN D 305 16.79 46.79 -14.85
C ASN D 305 16.89 45.30 -15.22
N SER D 306 16.35 44.44 -14.37
CA SER D 306 16.38 43.01 -14.65
C SER D 306 15.36 42.70 -15.75
N GLN D 307 15.74 42.96 -17.00
CA GLN D 307 14.89 42.70 -18.15
C GLN D 307 14.84 41.19 -18.39
N PRO D 308 13.65 40.59 -18.29
CA PRO D 308 13.41 39.16 -18.48
C PRO D 308 14.67 38.31 -18.61
N ARG D 313 5.22 37.91 -15.14
CA ARG D 313 4.35 37.74 -13.98
C ARG D 313 3.06 37.02 -14.38
N ARG D 314 2.86 35.84 -13.83
CA ARG D 314 1.66 35.09 -14.14
C ARG D 314 0.69 35.31 -12.99
N ARG D 315 -0.57 34.95 -13.19
CA ARG D 315 -1.55 35.15 -12.15
C ARG D 315 -1.53 34.10 -11.05
N THR D 316 -2.12 34.46 -9.91
CA THR D 316 -2.20 33.61 -8.72
C THR D 316 -3.12 32.40 -8.89
N ARG D 317 -2.61 31.22 -8.55
CA ARG D 317 -3.38 30.00 -8.69
C ARG D 317 -4.04 29.63 -7.39
N VAL D 318 -5.36 29.76 -7.35
CA VAL D 318 -6.12 29.42 -6.16
C VAL D 318 -6.79 28.06 -6.33
N LEU D 319 -6.51 27.14 -5.42
CA LEU D 319 -7.07 25.78 -5.48
C LEU D 319 -8.22 25.66 -4.49
N ILE D 320 -9.44 25.47 -5.00
CA ILE D 320 -10.61 25.34 -4.13
C ILE D 320 -11.21 23.94 -4.17
N LEU D 321 -11.16 23.24 -3.03
CA LEU D 321 -11.73 21.91 -2.94
C LEU D 321 -13.16 22.07 -2.38
N GLY D 322 -14.15 21.52 -3.07
CA GLY D 322 -15.53 21.68 -2.66
C GLY D 322 -16.03 22.97 -3.29
N VAL D 323 -15.46 23.30 -4.44
CA VAL D 323 -15.75 24.53 -5.16
C VAL D 323 -17.22 24.73 -5.54
N ASN D 324 -18.01 23.67 -5.58
CA ASN D 324 -19.42 23.81 -5.96
C ASN D 324 -20.30 24.22 -4.79
N GLY D 325 -19.73 24.24 -3.59
CA GLY D 325 -20.46 24.60 -2.39
C GLY D 325 -20.97 26.03 -2.24
N PHE D 326 -21.66 26.27 -1.12
CA PHE D 326 -22.22 27.57 -0.80
C PHE D 326 -21.12 28.61 -0.81
N ILE D 327 -20.05 28.38 -0.04
CA ILE D 327 -18.95 29.33 -0.03
C ILE D 327 -18.23 29.22 -1.35
N GLY D 328 -17.95 27.99 -1.75
CA GLY D 328 -17.25 27.72 -2.99
C GLY D 328 -17.68 28.43 -4.27
N ASN D 329 -18.94 28.26 -4.67
CA ASN D 329 -19.40 28.90 -5.92
C ASN D 329 -19.39 30.42 -5.87
N HIS D 330 -19.67 30.97 -4.69
CA HIS D 330 -19.68 32.41 -4.56
C HIS D 330 -18.28 32.99 -4.60
N LEU D 331 -17.32 32.26 -4.02
CA LEU D 331 -15.94 32.73 -4.02
C LEU D 331 -15.40 32.66 -5.44
N THR D 332 -15.72 31.58 -6.14
CA THR D 332 -15.30 31.40 -7.52
C THR D 332 -15.77 32.58 -8.36
N GLU D 333 -17.04 32.95 -8.21
CA GLU D 333 -17.60 34.07 -8.96
C GLU D 333 -16.77 35.31 -8.69
N ARG D 334 -16.51 35.55 -7.41
CA ARG D 334 -15.75 36.72 -6.99
C ARG D 334 -14.36 36.78 -7.61
N LEU D 335 -13.59 35.72 -7.42
CA LEU D 335 -12.23 35.62 -7.96
C LEU D 335 -12.21 35.76 -9.48
N LEU D 336 -13.14 35.09 -10.16
CA LEU D 336 -13.19 35.14 -11.61
C LEU D 336 -13.40 36.55 -12.16
N ARG D 337 -13.85 37.47 -11.32
CA ARG D 337 -14.07 38.87 -11.73
C ARG D 337 -12.71 39.53 -11.89
N GLU D 338 -11.83 39.27 -10.93
CA GLU D 338 -10.49 39.84 -10.97
C GLU D 338 -9.71 39.14 -12.06
N ASP D 339 -8.72 39.83 -12.63
CA ASP D 339 -7.95 39.22 -13.69
C ASP D 339 -6.71 38.49 -13.23
N HIS D 340 -6.17 38.86 -12.08
CA HIS D 340 -4.96 38.21 -11.58
C HIS D 340 -5.19 36.88 -10.87
N TYR D 341 -6.32 36.22 -11.12
CA TYR D 341 -6.56 34.93 -10.50
C TYR D 341 -6.85 33.82 -11.48
N GLU D 342 -6.40 32.62 -11.13
CA GLU D 342 -6.59 31.42 -11.91
C GLU D 342 -7.23 30.48 -10.88
N VAL D 343 -8.47 30.03 -11.13
CA VAL D 343 -9.15 29.16 -10.19
C VAL D 343 -9.23 27.68 -10.61
N TYR D 344 -8.68 26.82 -9.76
CA TYR D 344 -8.72 25.37 -9.99
C TYR D 344 -9.64 24.80 -8.92
N GLY D 345 -10.65 24.05 -9.34
CA GLY D 345 -11.58 23.48 -8.36
C GLY D 345 -12.06 22.08 -8.64
N LEU D 346 -12.30 21.35 -7.56
CA LEU D 346 -12.77 19.98 -7.62
C LEU D 346 -13.98 19.83 -6.71
N ASP D 347 -14.97 19.04 -7.13
CA ASP D 347 -16.14 18.83 -6.32
C ASP D 347 -16.96 17.69 -6.87
N ILE D 348 -17.82 17.13 -6.02
CA ILE D 348 -18.71 16.03 -6.36
C ILE D 348 -19.80 16.53 -7.29
N GLY D 349 -20.25 17.75 -7.02
CA GLY D 349 -21.31 18.33 -7.82
C GLY D 349 -20.78 19.49 -8.63
N SER D 350 -21.60 20.01 -9.54
CA SER D 350 -21.14 21.10 -10.39
C SER D 350 -22.26 22.01 -10.91
N ASP D 351 -23.47 21.87 -10.37
CA ASP D 351 -24.59 22.71 -10.82
C ASP D 351 -24.42 24.18 -10.45
N ALA D 352 -23.70 24.44 -9.36
CA ALA D 352 -23.48 25.82 -8.94
C ALA D 352 -22.35 26.51 -9.71
N ILE D 353 -21.39 25.73 -10.22
CA ILE D 353 -20.29 26.33 -10.95
C ILE D 353 -20.30 26.04 -12.45
N SER D 354 -21.34 25.39 -12.95
CA SER D 354 -21.36 25.11 -14.39
C SER D 354 -21.30 26.40 -15.23
N ARG D 355 -21.90 27.47 -14.74
CA ARG D 355 -21.91 28.75 -15.45
C ARG D 355 -20.53 29.32 -15.70
N PHE D 356 -19.52 28.79 -15.01
CA PHE D 356 -18.16 29.27 -15.17
C PHE D 356 -17.31 28.32 -16.01
N LEU D 357 -17.87 27.17 -16.35
CA LEU D 357 -17.13 26.19 -17.11
C LEU D 357 -16.47 26.74 -18.37
N ASN D 358 -17.07 27.78 -18.95
CA ASN D 358 -16.52 28.38 -20.16
C ASN D 358 -15.47 29.45 -19.90
N HIS D 359 -15.35 29.87 -18.65
CA HIS D 359 -14.37 30.89 -18.31
C HIS D 359 -12.96 30.32 -18.47
N PRO D 360 -12.07 31.07 -19.14
CA PRO D 360 -10.68 30.68 -19.41
C PRO D 360 -9.81 30.50 -18.19
N HIS D 361 -10.15 31.21 -17.11
CA HIS D 361 -9.35 31.11 -15.89
C HIS D 361 -9.92 30.17 -14.86
N PHE D 362 -10.99 29.45 -15.22
CA PHE D 362 -11.60 28.48 -14.30
C PHE D 362 -11.31 27.07 -14.80
N HIS D 363 -10.75 26.24 -13.92
CA HIS D 363 -10.44 24.87 -14.26
C HIS D 363 -11.10 23.99 -13.24
N PHE D 364 -12.21 23.38 -13.66
CA PHE D 364 -13.00 22.51 -12.80
C PHE D 364 -12.87 21.04 -13.19
N VAL D 365 -13.04 20.17 -12.21
CA VAL D 365 -12.95 18.75 -12.43
C VAL D 365 -13.88 18.11 -11.41
N GLU D 366 -14.69 17.13 -11.83
CA GLU D 366 -15.57 16.46 -10.89
C GLU D 366 -14.82 15.34 -10.16
N GLY D 367 -14.66 15.49 -8.85
CA GLY D 367 -13.94 14.48 -8.10
C GLY D 367 -14.32 14.38 -6.64
N ASP D 368 -13.73 13.40 -5.97
CA ASP D 368 -14.00 13.12 -4.57
C ASP D 368 -12.70 13.23 -3.77
N ILE D 369 -12.66 14.03 -2.70
CA ILE D 369 -11.41 14.15 -1.96
C ILE D 369 -10.93 12.85 -1.39
N SER D 370 -11.81 11.87 -1.29
CA SER D 370 -11.38 10.60 -0.74
C SER D 370 -10.91 9.63 -1.83
N ILE D 371 -11.04 10.02 -3.09
CA ILE D 371 -10.63 9.16 -4.17
C ILE D 371 -9.56 9.70 -5.12
N HIS D 372 -9.82 10.85 -5.73
CA HIS D 372 -8.90 11.45 -6.70
C HIS D 372 -7.61 12.09 -6.19
N SER D 373 -6.70 11.27 -5.70
CA SER D 373 -5.45 11.76 -5.17
C SER D 373 -4.51 12.40 -6.16
N GLU D 374 -4.30 11.75 -7.29
CA GLU D 374 -3.37 12.31 -8.25
C GLU D 374 -3.69 13.78 -8.50
N TRP D 375 -4.94 14.08 -8.82
CA TRP D 375 -5.32 15.47 -9.08
C TRP D 375 -5.15 16.40 -7.89
N ILE D 376 -5.70 16.03 -6.74
CA ILE D 376 -5.57 16.87 -5.58
C ILE D 376 -4.12 17.15 -5.19
N GLU D 377 -3.32 16.11 -5.02
CA GLU D 377 -1.92 16.34 -4.63
C GLU D 377 -1.23 17.18 -5.68
N TYR D 378 -1.32 16.77 -6.93
CA TYR D 378 -0.66 17.55 -7.97
C TYR D 378 -1.02 19.03 -7.93
N HIS D 379 -2.28 19.35 -7.68
CA HIS D 379 -2.69 20.76 -7.64
C HIS D 379 -2.33 21.54 -6.38
N VAL D 380 -2.17 20.86 -5.25
CA VAL D 380 -1.75 21.58 -4.05
C VAL D 380 -0.30 21.92 -4.39
N LYS D 381 0.37 21.00 -5.06
CA LYS D 381 1.75 21.21 -5.44
C LYS D 381 1.89 22.32 -6.48
N LYS D 382 0.90 22.42 -7.36
CA LYS D 382 0.91 23.41 -8.44
C LYS D 382 0.33 24.78 -8.13
N CYS D 383 -0.63 24.87 -7.21
CA CYS D 383 -1.22 26.16 -6.93
C CYS D 383 -0.49 26.98 -5.88
N ASP D 384 -1.03 28.16 -5.59
CA ASP D 384 -0.43 29.09 -4.64
C ASP D 384 -1.15 29.16 -3.31
N VAL D 385 -2.48 29.04 -3.33
CA VAL D 385 -3.26 29.04 -2.10
C VAL D 385 -4.26 27.90 -2.18
N VAL D 386 -4.47 27.23 -1.05
CA VAL D 386 -5.41 26.13 -0.98
C VAL D 386 -6.57 26.45 -0.06
N LEU D 387 -7.79 26.26 -0.54
CA LEU D 387 -8.96 26.51 0.28
C LEU D 387 -9.75 25.20 0.41
N PRO D 388 -9.46 24.40 1.43
CA PRO D 388 -10.18 23.13 1.61
C PRO D 388 -11.60 23.32 2.15
N LEU D 389 -12.53 23.58 1.25
CA LEU D 389 -13.92 23.80 1.64
C LEU D 389 -14.83 22.58 1.68
N VAL D 390 -14.27 21.39 1.52
CA VAL D 390 -15.08 20.17 1.55
C VAL D 390 -15.48 19.89 2.99
N ALA D 391 -16.78 19.68 3.23
CA ALA D 391 -17.24 19.40 4.58
C ALA D 391 -18.73 19.08 4.67
N ILE D 392 -19.16 18.78 5.89
CA ILE D 392 -20.54 18.51 6.20
C ILE D 392 -20.78 19.46 7.36
N ALA D 393 -21.58 20.51 7.14
CA ALA D 393 -21.83 21.50 8.19
C ALA D 393 -23.29 21.68 8.55
N THR D 394 -24.09 20.64 8.39
CA THR D 394 -25.50 20.72 8.76
C THR D 394 -25.62 19.92 10.06
N PRO D 395 -25.89 20.62 11.17
CA PRO D 395 -26.03 20.04 12.52
C PRO D 395 -26.71 18.69 12.68
N ILE D 396 -27.80 18.46 11.96
CA ILE D 396 -28.50 17.18 12.11
C ILE D 396 -27.56 16.02 11.87
N GLU D 397 -26.61 16.22 10.96
CA GLU D 397 -25.65 15.19 10.64
C GLU D 397 -24.63 14.90 11.73
N TYR D 398 -24.40 15.86 12.63
CA TYR D 398 -23.45 15.67 13.71
C TYR D 398 -23.92 14.55 14.62
N THR D 399 -25.22 14.52 14.91
CA THR D 399 -25.76 13.48 15.76
C THR D 399 -26.17 12.26 14.96
N ARG D 400 -26.72 12.48 13.77
CA ARG D 400 -27.15 11.36 12.92
C ARG D 400 -26.01 10.55 12.30
N ASN D 401 -24.95 11.23 11.85
CA ASN D 401 -23.79 10.56 11.27
C ASN D 401 -22.48 11.10 11.80
N PRO D 402 -22.26 10.95 13.11
CA PRO D 402 -21.03 11.46 13.70
C PRO D 402 -19.77 10.96 12.98
N LEU D 403 -19.70 9.67 12.73
CA LEU D 403 -18.51 9.12 12.09
C LEU D 403 -18.27 9.59 10.66
N ARG D 404 -19.32 9.85 9.91
CA ARG D 404 -19.14 10.35 8.54
C ARG D 404 -18.60 11.78 8.67
N VAL D 405 -19.19 12.56 9.58
CA VAL D 405 -18.72 13.93 9.81
C VAL D 405 -17.24 13.93 10.20
N PHE D 406 -16.88 13.10 11.17
CA PHE D 406 -15.51 13.05 11.66
C PHE D 406 -14.53 12.73 10.55
N GLU D 407 -14.84 11.69 9.77
CA GLU D 407 -13.96 11.25 8.70
C GLU D 407 -13.79 12.26 7.56
N LEU D 408 -14.87 12.94 7.19
CA LEU D 408 -14.82 13.90 6.10
C LEU D 408 -14.29 15.24 6.59
N ASP D 409 -14.94 15.82 7.59
CA ASP D 409 -14.54 17.11 8.10
C ASP D 409 -13.17 17.15 8.73
N PHE D 410 -12.78 16.06 9.37
CA PHE D 410 -11.48 16.03 10.03
C PHE D 410 -10.40 15.26 9.28
N GLU D 411 -10.53 13.96 9.18
CA GLU D 411 -9.50 13.17 8.53
C GLU D 411 -9.19 13.59 7.10
N GLU D 412 -10.21 13.71 6.26
CA GLU D 412 -9.96 14.09 4.87
C GLU D 412 -9.22 15.41 4.73
N ASN D 413 -9.57 16.37 5.57
CA ASN D 413 -8.94 17.68 5.52
C ASN D 413 -7.52 17.69 6.07
N LEU D 414 -7.28 16.93 7.14
CA LEU D 414 -5.94 16.87 7.74
C LEU D 414 -4.93 16.42 6.66
N ARG D 415 -5.42 15.61 5.73
CA ARG D 415 -4.60 15.10 4.64
C ARG D 415 -4.20 16.26 3.75
N ILE D 416 -5.16 17.14 3.46
CA ILE D 416 -4.90 18.30 2.62
C ILE D 416 -3.94 19.26 3.36
N ILE D 417 -4.21 19.49 4.64
CA ILE D 417 -3.39 20.36 5.44
C ILE D 417 -1.96 19.88 5.27
N ARG D 418 -1.75 18.59 5.41
CA ARG D 418 -0.42 18.03 5.27
C ARG D 418 0.22 18.16 3.87
N TYR D 419 -0.60 18.09 2.81
CA TYR D 419 -0.08 18.27 1.46
C TYR D 419 0.52 19.67 1.42
N CYS D 420 -0.17 20.59 2.08
CA CYS D 420 0.23 21.98 2.15
C CYS D 420 1.54 22.19 2.85
N VAL D 421 1.76 21.50 3.96
CA VAL D 421 3.03 21.69 4.64
C VAL D 421 4.11 20.97 3.83
N LYS D 422 3.74 19.85 3.19
CA LYS D 422 4.72 19.11 2.40
C LYS D 422 5.25 19.93 1.25
N TYR D 423 4.35 20.67 0.62
CA TYR D 423 4.74 21.49 -0.52
C TYR D 423 4.83 22.96 -0.18
N ARG D 424 4.91 23.25 1.11
CA ARG D 424 5.01 24.63 1.57
C ARG D 424 4.06 25.55 0.81
N LYS D 425 2.76 25.37 1.01
CA LYS D 425 1.77 26.20 0.32
C LYS D 425 0.93 26.94 1.33
N ARG D 426 0.37 28.07 0.91
CA ARG D 426 -0.43 28.85 1.82
C ARG D 426 -1.80 28.21 1.90
N ILE D 427 -2.28 28.03 3.11
CA ILE D 427 -3.59 27.43 3.30
C ILE D 427 -4.53 28.39 4.02
N ILE D 428 -5.69 28.62 3.43
CA ILE D 428 -6.70 29.47 4.02
C ILE D 428 -7.75 28.49 4.44
N PHE D 429 -7.63 27.99 5.66
CA PHE D 429 -8.55 27.01 6.19
C PHE D 429 -9.83 27.59 6.79
N PRO D 430 -10.97 27.00 6.46
CA PRO D 430 -12.26 27.46 6.97
C PRO D 430 -12.57 26.87 8.33
N SER D 431 -12.40 27.66 9.37
CA SER D 431 -12.70 27.22 10.72
C SER D 431 -14.21 27.37 10.85
N THR D 432 -14.71 27.60 12.06
CA THR D 432 -16.15 27.76 12.25
C THR D 432 -16.49 28.48 13.53
N SER D 433 -17.60 29.20 13.52
CA SER D 433 -18.00 29.94 14.71
C SER D 433 -18.42 28.93 15.76
N GLU D 434 -18.64 27.70 15.32
CA GLU D 434 -19.06 26.68 16.25
C GLU D 434 -17.92 26.23 17.16
N VAL D 435 -16.72 26.65 16.83
CA VAL D 435 -15.55 26.27 17.62
C VAL D 435 -15.63 26.91 19.00
N TYR D 436 -16.34 28.04 19.09
CA TYR D 436 -16.53 28.76 20.35
C TYR D 436 -17.54 28.03 21.23
N GLY D 437 -18.35 27.19 20.59
CA GLY D 437 -19.36 26.44 21.32
C GLY D 437 -20.33 27.36 22.03
N MET D 438 -20.56 27.06 23.30
CA MET D 438 -21.46 27.85 24.12
C MET D 438 -20.67 28.87 24.91
N CYS D 439 -19.72 29.50 24.23
CA CYS D 439 -18.90 30.52 24.87
C CYS D 439 -19.86 31.51 25.52
N SER D 440 -19.44 32.13 26.61
CA SER D 440 -20.32 33.07 27.29
C SER D 440 -20.02 34.54 27.03
N ASP D 441 -18.92 34.85 26.34
CA ASP D 441 -18.60 36.24 26.06
C ASP D 441 -19.67 36.89 25.17
N LYS D 442 -19.83 38.22 25.28
CA LYS D 442 -20.81 38.93 24.46
C LYS D 442 -20.28 38.89 23.04
N TYR D 443 -18.96 38.96 22.93
CA TYR D 443 -18.29 38.88 21.63
C TYR D 443 -17.31 37.72 21.57
N PHE D 444 -17.55 36.75 20.68
CA PHE D 444 -16.65 35.63 20.54
C PHE D 444 -15.38 36.18 19.94
N ASP D 445 -14.31 36.15 20.72
CA ASP D 445 -13.03 36.68 20.29
C ASP D 445 -12.05 35.58 19.87
N GLU D 446 -11.52 35.74 18.66
CA GLU D 446 -10.56 34.83 18.05
C GLU D 446 -9.28 34.60 18.88
N ASP D 447 -8.84 35.62 19.59
CA ASP D 447 -7.61 35.50 20.35
C ASP D 447 -7.76 35.42 21.85
N HIS D 448 -8.98 35.61 22.36
CA HIS D 448 -9.16 35.60 23.81
C HIS D 448 -10.32 34.78 24.37
N SER D 449 -11.37 34.55 23.58
CA SER D 449 -12.49 33.79 24.11
C SER D 449 -12.17 32.32 24.37
N ASN D 450 -12.76 31.79 25.44
CA ASN D 450 -12.56 30.38 25.77
C ASN D 450 -13.62 29.59 24.99
N LEU D 451 -13.29 28.34 24.65
CA LEU D 451 -14.20 27.48 23.91
C LEU D 451 -14.94 26.52 24.84
N ILE D 452 -16.27 26.51 24.75
CA ILE D 452 -17.07 25.67 25.62
C ILE D 452 -18.05 24.74 24.90
N VAL D 453 -17.89 23.44 25.11
CA VAL D 453 -18.80 22.48 24.51
C VAL D 453 -19.37 21.67 25.64
N GLY D 454 -20.30 20.77 25.32
CA GLY D 454 -20.93 19.97 26.36
C GLY D 454 -20.28 18.60 26.55
N PRO D 455 -20.90 17.73 27.37
CA PRO D 455 -20.45 16.37 27.67
C PRO D 455 -20.28 15.52 26.43
N VAL D 456 -19.53 14.45 26.54
CA VAL D 456 -19.34 13.55 25.42
C VAL D 456 -20.68 12.96 24.99
N ASN D 457 -21.63 12.89 25.91
CA ASN D 457 -22.94 12.33 25.58
C ASN D 457 -23.81 13.33 24.82
N LYS D 458 -23.19 14.39 24.34
CA LYS D 458 -23.88 15.39 23.54
C LYS D 458 -23.07 15.47 22.24
N PRO D 459 -23.21 14.46 21.38
CA PRO D 459 -22.51 14.37 20.09
C PRO D 459 -22.65 15.49 19.08
N ARG D 460 -23.47 16.50 19.34
CA ARG D 460 -23.55 17.58 18.37
C ARG D 460 -22.21 18.35 18.33
N TRP D 461 -21.46 18.27 19.43
CA TRP D 461 -20.20 18.98 19.50
C TRP D 461 -19.05 18.27 18.79
N ILE D 462 -19.30 17.08 18.22
CA ILE D 462 -18.24 16.34 17.55
C ILE D 462 -17.67 17.20 16.42
N TYR D 463 -18.54 17.95 15.76
CA TYR D 463 -18.15 18.87 14.69
C TYR D 463 -17.24 19.98 15.25
N SER D 464 -17.78 20.71 16.23
CA SER D 464 -17.04 21.78 16.88
C SER D 464 -15.65 21.37 17.34
N VAL D 465 -15.57 20.27 18.06
CA VAL D 465 -14.30 19.77 18.58
C VAL D 465 -13.35 19.33 17.47
N SER D 466 -13.91 18.73 16.41
CA SER D 466 -13.10 18.29 15.27
C SER D 466 -12.45 19.48 14.57
N LYS D 467 -13.24 20.52 14.34
CA LYS D 467 -12.73 21.71 13.68
C LYS D 467 -11.70 22.42 14.58
N GLN D 468 -11.88 22.32 15.89
CA GLN D 468 -10.93 22.95 16.78
C GLN D 468 -9.61 22.24 16.76
N LEU D 469 -9.64 20.91 16.76
CA LEU D 469 -8.39 20.15 16.72
C LEU D 469 -7.64 20.48 15.43
N LEU D 470 -8.37 20.66 14.33
CA LEU D 470 -7.71 20.99 13.07
C LEU D 470 -7.06 22.37 13.18
N ASP D 471 -7.77 23.32 13.79
CA ASP D 471 -7.22 24.67 13.94
C ASP D 471 -5.92 24.61 14.74
N ARG D 472 -5.90 23.78 15.78
CA ARG D 472 -4.73 23.62 16.62
C ARG D 472 -3.57 22.96 15.89
N VAL D 473 -3.88 21.96 15.06
CA VAL D 473 -2.83 21.30 14.30
C VAL D 473 -2.21 22.27 13.26
N ILE D 474 -3.07 23.03 12.59
CA ILE D 474 -2.58 24.00 11.60
C ILE D 474 -1.68 24.98 12.35
N TRP D 475 -2.13 25.41 13.52
CA TRP D 475 -1.38 26.35 14.37
C TRP D 475 0.02 25.80 14.72
N ALA D 476 0.06 24.53 15.13
CA ALA D 476 1.31 23.89 15.48
C ALA D 476 2.20 23.85 14.24
N TYR D 477 1.64 23.44 13.10
CA TYR D 477 2.42 23.40 11.88
C TYR D 477 2.97 24.78 11.55
N GLY D 478 2.18 25.82 11.85
CA GLY D 478 2.63 27.17 11.58
C GLY D 478 3.80 27.54 12.47
N GLU D 479 3.63 27.31 13.76
CA GLU D 479 4.64 27.61 14.76
C GLU D 479 5.88 26.73 14.61
N LYS D 480 5.69 25.41 14.58
CA LYS D 480 6.81 24.49 14.50
C LYS D 480 7.36 24.13 13.12
N GLU D 481 6.70 24.54 12.04
CA GLU D 481 7.20 24.18 10.71
C GLU D 481 7.03 25.22 9.61
N GLY D 482 6.71 26.44 10.02
CA GLY D 482 6.58 27.53 9.07
C GLY D 482 5.43 27.50 8.07
N LEU D 483 4.37 26.76 8.37
CA LEU D 483 3.23 26.70 7.47
C LEU D 483 2.60 28.08 7.39
N GLN D 484 2.36 28.61 6.20
CA GLN D 484 1.71 29.92 6.10
C GLN D 484 0.23 29.69 6.00
N PHE D 485 -0.50 30.18 6.99
CA PHE D 485 -1.93 29.98 7.05
C PHE D 485 -2.74 31.19 7.49
N THR D 486 -4.05 31.00 7.47
CA THR D 486 -5.02 31.99 7.92
C THR D 486 -6.28 31.18 8.17
N LEU D 487 -6.82 31.28 9.37
CA LEU D 487 -8.04 30.55 9.71
C LEU D 487 -9.17 31.55 9.70
N PHE D 488 -10.29 31.25 9.03
CA PHE D 488 -11.41 32.18 9.05
C PHE D 488 -12.62 31.48 9.61
N ARG D 489 -13.41 32.19 10.41
CA ARG D 489 -14.60 31.63 11.01
C ARG D 489 -15.86 32.35 10.61
N PRO D 490 -16.66 31.71 9.73
CA PRO D 490 -17.91 32.34 9.28
C PRO D 490 -18.96 32.30 10.38
N PHE D 491 -19.75 33.35 10.46
CA PHE D 491 -20.81 33.44 11.43
C PHE D 491 -22.13 33.45 10.67
N ASN D 492 -22.80 32.30 10.72
CA ASN D 492 -24.06 32.10 10.04
C ASN D 492 -24.25 32.88 8.76
N TRP D 493 -23.41 32.57 7.77
CA TRP D 493 -23.51 33.20 6.45
C TRP D 493 -24.72 32.60 5.77
N MET D 494 -25.48 33.42 5.06
CA MET D 494 -26.62 32.89 4.31
C MET D 494 -26.90 33.71 3.08
N GLY D 495 -27.60 33.09 2.14
CA GLY D 495 -27.94 33.74 0.90
C GLY D 495 -28.25 32.65 -0.10
N PRO D 496 -28.35 32.97 -1.39
CA PRO D 496 -28.66 31.93 -2.38
C PRO D 496 -27.68 30.75 -2.32
N ARG D 497 -28.20 29.55 -2.60
CA ARG D 497 -27.41 28.33 -2.61
C ARG D 497 -26.88 27.82 -1.28
N LEU D 498 -27.45 28.32 -0.17
CA LEU D 498 -27.05 27.82 1.15
C LEU D 498 -27.87 26.54 1.27
N ASP D 499 -27.29 25.43 0.82
CA ASP D 499 -27.96 24.12 0.83
C ASP D 499 -29.02 24.15 -0.25
N ASN D 500 -29.99 23.23 -0.17
CA ASN D 500 -31.04 23.18 -1.17
C ASN D 500 -32.30 22.59 -0.58
N LEU D 501 -33.46 23.00 -1.08
CA LEU D 501 -34.73 22.52 -0.55
C LEU D 501 -34.81 21.02 -0.43
N ASN D 502 -34.14 20.32 -1.34
CA ASN D 502 -34.19 18.87 -1.32
C ASN D 502 -33.49 18.27 -0.11
N ALA D 503 -32.29 18.74 0.19
CA ALA D 503 -31.55 18.24 1.34
C ALA D 503 -32.31 18.61 2.61
N ALA D 504 -33.01 19.73 2.56
CA ALA D 504 -33.80 20.21 3.69
C ALA D 504 -34.91 19.22 4.03
N ARG D 505 -35.33 18.44 3.04
CA ARG D 505 -36.39 17.48 3.28
C ARG D 505 -35.95 16.42 4.27
N ILE D 506 -34.64 16.34 4.47
CA ILE D 506 -34.05 15.37 5.39
C ILE D 506 -33.43 16.08 6.60
N GLY D 507 -33.68 17.39 6.69
CA GLY D 507 -33.15 18.16 7.80
C GLY D 507 -31.68 18.48 7.59
N SER D 508 -31.16 18.07 6.45
CA SER D 508 -29.76 18.31 6.14
C SER D 508 -29.52 19.63 5.46
N SER D 509 -29.84 20.69 6.18
CA SER D 509 -29.67 22.06 5.69
C SER D 509 -29.74 23.01 6.87
N ARG D 510 -29.22 24.20 6.69
CA ARG D 510 -29.27 25.15 7.77
C ARG D 510 -30.66 25.76 7.92
N ALA D 511 -30.91 26.37 9.08
CA ALA D 511 -32.22 26.95 9.39
C ALA D 511 -32.96 27.69 8.27
N ILE D 512 -32.42 28.83 7.82
CA ILE D 512 -33.10 29.62 6.81
C ILE D 512 -33.64 28.77 5.65
N THR D 513 -32.78 27.96 5.04
CA THR D 513 -33.18 27.14 3.91
C THR D 513 -34.19 26.07 4.30
N GLN D 514 -34.16 25.65 5.56
CA GLN D 514 -35.11 24.65 6.04
C GLN D 514 -36.50 25.26 6.19
N LEU D 515 -36.56 26.45 6.79
CA LEU D 515 -37.83 27.16 6.97
C LEU D 515 -38.46 27.46 5.61
N ILE D 516 -37.63 27.74 4.61
CA ILE D 516 -38.17 28.03 3.29
C ILE D 516 -38.87 26.77 2.77
N LEU D 517 -38.28 25.61 3.03
CA LEU D 517 -38.90 24.37 2.59
C LEU D 517 -40.25 24.24 3.23
N ASN D 518 -40.36 24.67 4.48
CA ASN D 518 -41.64 24.60 5.19
C ASN D 518 -42.69 25.41 4.48
N LEU D 519 -42.40 26.69 4.23
CA LEU D 519 -43.33 27.56 3.55
C LEU D 519 -43.69 26.97 2.19
N VAL D 520 -42.69 26.43 1.51
CA VAL D 520 -42.90 25.83 0.21
C VAL D 520 -43.84 24.64 0.23
N GLU D 521 -43.58 23.66 1.10
CA GLU D 521 -44.43 22.47 1.16
C GLU D 521 -45.68 22.61 2.02
N GLY D 522 -45.82 23.76 2.69
CA GLY D 522 -47.00 23.99 3.51
C GLY D 522 -47.00 23.31 4.85
N SER D 523 -45.82 22.97 5.36
CA SER D 523 -45.71 22.34 6.67
C SER D 523 -45.36 23.45 7.65
N PRO D 524 -45.65 23.26 8.93
CA PRO D 524 -45.32 24.31 9.90
C PRO D 524 -43.81 24.51 10.14
N ILE D 525 -43.46 25.75 10.49
CA ILE D 525 -42.07 26.14 10.81
C ILE D 525 -41.85 25.84 12.29
N LYS D 526 -41.03 24.84 12.58
CA LYS D 526 -40.77 24.50 13.98
C LYS D 526 -39.60 25.27 14.56
N LEU D 527 -39.82 25.80 15.76
CA LEU D 527 -38.83 26.56 16.50
C LEU D 527 -38.21 25.66 17.58
N ILE D 528 -37.08 25.03 17.25
CA ILE D 528 -36.43 24.13 18.20
C ILE D 528 -36.22 24.83 19.54
N ASP D 529 -36.79 24.21 20.58
CA ASP D 529 -36.73 24.70 21.95
C ASP D 529 -37.14 26.17 22.10
N GLY D 530 -38.28 26.53 21.52
CA GLY D 530 -38.78 27.89 21.62
C GLY D 530 -38.26 28.86 20.58
N GLY D 531 -37.11 28.56 19.99
CA GLY D 531 -36.54 29.44 18.98
C GLY D 531 -36.14 30.81 19.50
N LYS D 532 -35.92 30.90 20.81
CA LYS D 532 -35.51 32.17 21.41
C LYS D 532 -34.01 32.38 21.27
N GLN D 533 -33.28 31.30 20.97
CA GLN D 533 -31.84 31.40 20.83
C GLN D 533 -31.59 32.30 19.65
N LYS D 534 -30.51 33.07 19.70
CA LYS D 534 -30.17 33.98 18.63
C LYS D 534 -28.86 33.69 17.92
N ARG D 535 -28.67 34.36 16.79
CA ARG D 535 -27.48 34.21 15.97
C ARG D 535 -27.25 35.55 15.26
N CYS D 536 -26.08 35.72 14.69
CA CYS D 536 -25.80 36.93 13.91
C CYS D 536 -25.68 36.44 12.48
N PHE D 537 -26.67 36.76 11.66
CA PHE D 537 -26.70 36.35 10.27
C PHE D 537 -25.89 37.30 9.40
N THR D 538 -25.08 36.73 8.52
CA THR D 538 -24.21 37.50 7.65
C THR D 538 -24.54 37.24 6.19
N ASP D 539 -24.62 38.29 5.39
CA ASP D 539 -24.93 38.10 3.99
C ASP D 539 -23.73 37.49 3.28
N ILE D 540 -23.97 36.47 2.47
CA ILE D 540 -22.88 35.80 1.77
C ILE D 540 -22.01 36.79 1.00
N ARG D 541 -22.60 37.88 0.53
CA ARG D 541 -21.83 38.88 -0.21
C ARG D 541 -20.77 39.48 0.69
N ASP D 542 -21.16 39.82 1.92
CA ASP D 542 -20.23 40.39 2.91
C ASP D 542 -19.14 39.38 3.22
N GLY D 543 -19.56 38.13 3.41
CA GLY D 543 -18.62 37.07 3.72
C GLY D 543 -17.59 36.88 2.61
N ILE D 544 -18.06 36.70 1.38
CA ILE D 544 -17.13 36.51 0.29
C ILE D 544 -16.18 37.69 0.11
N GLU D 545 -16.64 38.90 0.42
CA GLU D 545 -15.77 40.06 0.28
C GLU D 545 -14.62 39.94 1.25
N ALA D 546 -14.95 39.61 2.50
CA ALA D 546 -13.91 39.47 3.52
C ALA D 546 -12.93 38.38 3.13
N LEU D 547 -13.47 37.24 2.69
CA LEU D 547 -12.64 36.10 2.30
C LEU D 547 -11.73 36.52 1.15
N TYR D 548 -12.30 37.24 0.19
CA TYR D 548 -11.53 37.72 -0.96
C TYR D 548 -10.33 38.53 -0.44
N ARG D 549 -10.58 39.44 0.48
CA ARG D 549 -9.53 40.25 1.07
C ARG D 549 -8.45 39.31 1.64
N ILE D 550 -8.88 38.26 2.35
CA ILE D 550 -7.91 37.33 2.93
C ILE D 550 -7.04 36.66 1.86
N ILE D 551 -7.63 36.28 0.74
CA ILE D 551 -6.85 35.68 -0.32
C ILE D 551 -5.83 36.72 -0.78
N GLU D 552 -6.31 37.95 -0.99
CA GLU D 552 -5.46 39.08 -1.42
C GLU D 552 -4.29 39.23 -0.45
N ASN D 553 -4.56 38.98 0.83
CA ASN D 553 -3.56 39.07 1.88
C ASN D 553 -2.62 40.26 1.70
N ALA D 554 -3.22 41.45 1.57
CA ALA D 554 -2.47 42.68 1.39
C ALA D 554 -1.57 42.92 2.59
N GLY D 555 -0.29 43.11 2.32
CA GLY D 555 0.66 43.36 3.37
C GLY D 555 0.87 42.16 4.28
N ASN D 556 0.46 40.99 3.79
CA ASN D 556 0.61 39.76 4.57
C ASN D 556 0.03 39.89 5.96
N ARG D 557 -0.90 40.83 6.11
CA ARG D 557 -1.52 41.08 7.40
C ARG D 557 -2.38 39.93 7.92
N CYS D 558 -2.57 38.89 7.11
CA CYS D 558 -3.40 37.76 7.54
C CYS D 558 -2.62 36.53 7.99
N ASP D 559 -1.31 36.56 7.84
CA ASP D 559 -0.51 35.40 8.20
C ASP D 559 -0.54 35.07 9.67
N GLY D 560 -0.92 33.83 9.95
CA GLY D 560 -1.00 33.36 11.32
C GLY D 560 -2.19 33.95 12.02
N GLU D 561 -3.04 34.63 11.27
CA GLU D 561 -4.22 35.25 11.87
C GLU D 561 -5.47 34.38 11.84
N ILE D 562 -6.31 34.55 12.86
CA ILE D 562 -7.58 33.85 12.93
C ILE D 562 -8.59 34.99 12.78
N ILE D 563 -9.46 34.90 11.78
CA ILE D 563 -10.40 35.97 11.53
C ILE D 563 -11.89 35.60 11.46
N ASN D 564 -12.68 36.19 12.35
CA ASN D 564 -14.11 35.94 12.33
C ASN D 564 -14.68 36.79 11.21
N ILE D 565 -15.76 36.32 10.59
CA ILE D 565 -16.39 37.09 9.54
C ILE D 565 -17.88 36.97 9.73
N GLY D 566 -18.49 38.02 10.26
CA GLY D 566 -19.92 38.01 10.49
C GLY D 566 -20.41 39.42 10.70
N ASN D 567 -21.72 39.60 10.66
CA ASN D 567 -22.28 40.92 10.88
C ASN D 567 -22.93 40.97 12.25
N PRO D 568 -22.20 41.48 13.26
CA PRO D 568 -22.71 41.57 14.61
C PRO D 568 -23.99 42.39 14.70
N GLU D 569 -24.26 43.14 13.62
CA GLU D 569 -25.45 43.97 13.55
C GLU D 569 -26.73 43.20 13.20
N ASN D 570 -26.60 42.03 12.61
CA ASN D 570 -27.78 41.25 12.27
C ASN D 570 -28.09 40.16 13.28
N GLU D 571 -28.04 40.49 14.56
CA GLU D 571 -28.38 39.50 15.57
C GLU D 571 -29.91 39.35 15.63
N ALA D 572 -30.39 38.12 15.65
CA ALA D 572 -31.82 37.85 15.66
C ALA D 572 -32.09 36.45 16.19
N SER D 573 -33.23 36.26 16.84
CA SER D 573 -33.56 34.94 17.35
C SER D 573 -34.10 34.17 16.16
N ILE D 574 -34.12 32.84 16.25
CA ILE D 574 -34.64 32.04 15.16
C ILE D 574 -36.10 32.38 14.96
N GLU D 575 -36.79 32.69 16.05
CA GLU D 575 -38.18 33.06 15.98
C GLU D 575 -38.35 34.29 15.10
N GLU D 576 -37.49 35.28 15.31
CA GLU D 576 -37.53 36.51 14.53
C GLU D 576 -37.18 36.26 13.08
N LEU D 577 -36.28 35.30 12.85
CA LEU D 577 -35.86 34.92 11.50
C LEU D 577 -37.09 34.37 10.82
N GLY D 578 -37.80 33.49 11.53
CA GLY D 578 -39.00 32.88 11.00
C GLY D 578 -40.08 33.89 10.65
N GLU D 579 -40.19 34.95 11.45
CA GLU D 579 -41.21 35.96 11.19
C GLU D 579 -40.82 36.79 9.96
N MET D 580 -39.58 37.25 9.92
CA MET D 580 -39.10 38.06 8.81
C MET D 580 -39.24 37.30 7.50
N LEU D 581 -38.94 36.01 7.55
CA LEU D 581 -39.04 35.16 6.39
C LEU D 581 -40.51 35.10 5.97
N LEU D 582 -41.39 34.80 6.93
CA LEU D 582 -42.82 34.72 6.65
C LEU D 582 -43.35 36.00 6.01
N ALA D 583 -42.95 37.15 6.57
CA ALA D 583 -43.39 38.44 6.05
C ALA D 583 -43.05 38.58 4.59
N SER D 584 -41.81 38.26 4.23
CA SER D 584 -41.37 38.33 2.83
C SER D 584 -42.15 37.34 1.97
N PHE D 585 -42.27 36.12 2.45
CA PHE D 585 -42.99 35.10 1.72
C PHE D 585 -44.41 35.54 1.37
N GLU D 586 -45.12 36.15 2.31
CA GLU D 586 -46.48 36.60 2.05
C GLU D 586 -46.56 37.67 0.96
N LYS D 587 -45.53 38.49 0.84
CA LYS D 587 -45.50 39.55 -0.17
C LYS D 587 -44.93 39.07 -1.51
N HIS D 588 -44.33 37.88 -1.54
CA HIS D 588 -43.71 37.37 -2.76
C HIS D 588 -44.64 37.05 -3.95
N PRO D 589 -44.20 37.38 -5.17
CA PRO D 589 -44.95 37.17 -6.41
C PRO D 589 -45.42 35.74 -6.63
N LEU D 590 -44.60 34.79 -6.21
CA LEU D 590 -44.91 33.38 -6.35
C LEU D 590 -45.71 32.78 -5.19
N ARG D 591 -45.98 33.58 -4.16
CA ARG D 591 -46.72 33.11 -2.99
C ARG D 591 -47.90 32.19 -3.26
N HIS D 592 -48.81 32.62 -4.15
CA HIS D 592 -50.02 31.87 -4.50
C HIS D 592 -49.78 30.45 -5.04
N HIS D 593 -48.55 30.11 -5.36
CA HIS D 593 -48.23 28.78 -5.86
C HIS D 593 -48.12 27.77 -4.72
N PHE D 594 -47.83 28.25 -3.52
CA PHE D 594 -47.64 27.39 -2.36
C PHE D 594 -48.82 27.43 -1.40
N PRO D 595 -48.99 26.34 -0.62
CA PRO D 595 -50.07 26.20 0.34
C PRO D 595 -50.11 27.25 1.43
N PRO D 596 -51.21 27.33 2.16
CA PRO D 596 -51.33 28.32 3.23
C PRO D 596 -50.39 28.00 4.38
N PHE D 597 -49.97 29.03 5.11
CA PHE D 597 -49.03 28.86 6.22
C PHE D 597 -49.61 27.97 7.31
N ALA D 598 -48.85 26.94 7.69
CA ALA D 598 -49.28 26.00 8.72
C ALA D 598 -48.91 26.49 10.13
N GLY D 599 -48.36 27.71 10.21
CA GLY D 599 -48.00 28.28 11.49
C GLY D 599 -46.72 27.84 12.17
N PHE D 600 -46.32 28.62 13.19
CA PHE D 600 -45.12 28.34 13.97
C PHE D 600 -45.44 27.38 15.10
N ARG D 601 -44.51 26.49 15.43
CA ARG D 601 -44.74 25.51 16.48
C ARG D 601 -43.45 25.16 17.23
N VAL D 602 -43.49 25.33 18.55
CA VAL D 602 -42.35 25.03 19.39
C VAL D 602 -42.19 23.52 19.46
N VAL D 603 -40.95 23.06 19.31
CA VAL D 603 -40.65 21.64 19.30
C VAL D 603 -39.43 21.31 20.16
N GLU D 604 -39.41 20.13 20.79
CA GLU D 604 -38.26 19.70 21.59
C GLU D 604 -37.13 19.43 20.60
N SER D 605 -35.93 19.91 20.89
CA SER D 605 -34.82 19.67 19.98
C SER D 605 -34.65 18.17 19.66
N SER D 606 -34.82 17.34 20.68
CA SER D 606 -34.67 15.91 20.49
C SER D 606 -35.53 15.35 19.37
N SER D 607 -36.71 15.91 19.18
CA SER D 607 -37.61 15.41 18.16
C SER D 607 -37.21 15.84 16.75
N TYR D 608 -36.14 16.61 16.63
CA TYR D 608 -35.71 17.06 15.31
C TYR D 608 -34.27 16.64 15.06
N TYR D 609 -33.44 16.81 16.08
CA TYR D 609 -32.03 16.45 15.96
C TYR D 609 -31.71 15.08 16.57
N GLY D 610 -32.64 14.55 17.36
CA GLY D 610 -32.40 13.27 17.99
C GLY D 610 -31.75 13.45 19.34
N LYS D 611 -31.51 12.35 20.03
CA LYS D 611 -30.89 12.42 21.35
C LYS D 611 -29.46 12.91 21.16
N GLY D 612 -28.97 13.68 22.13
CA GLY D 612 -27.61 14.14 22.06
C GLY D 612 -27.42 15.49 21.42
N TYR D 613 -28.51 16.22 21.27
CA TYR D 613 -28.40 17.54 20.70
C TYR D 613 -28.30 18.52 21.85
N GLN D 614 -27.62 19.62 21.63
CA GLN D 614 -27.47 20.68 22.60
C GLN D 614 -27.16 21.88 21.71
N ASP D 615 -27.50 23.09 22.14
CA ASP D 615 -27.24 24.19 21.24
C ASP D 615 -26.57 25.39 21.85
N VAL D 616 -26.43 26.42 21.01
CA VAL D 616 -25.81 27.68 21.36
C VAL D 616 -26.91 28.70 21.51
N GLU D 617 -27.00 29.31 22.70
CA GLU D 617 -28.05 30.29 22.99
C GLU D 617 -27.80 31.64 22.30
N HIS D 618 -26.53 32.03 22.16
CA HIS D 618 -26.22 33.27 21.48
C HIS D 618 -24.86 33.18 20.80
N ARG D 619 -24.71 33.90 19.70
CA ARG D 619 -23.46 33.88 18.96
C ARG D 619 -23.26 35.21 18.22
N LYS D 620 -22.30 36.01 18.70
CA LYS D 620 -21.98 37.31 18.10
C LYS D 620 -20.48 37.35 17.94
N PRO D 621 -20.01 37.78 16.79
CA PRO D 621 -18.57 37.81 16.62
C PRO D 621 -17.88 39.10 16.92
N SER D 622 -16.59 39.00 17.24
CA SER D 622 -15.78 40.19 17.42
C SER D 622 -15.29 40.30 15.99
N ILE D 623 -15.32 41.48 15.40
CA ILE D 623 -14.80 41.58 14.05
C ILE D 623 -13.64 42.55 13.99
N ARG D 624 -12.92 42.63 15.10
CA ARG D 624 -11.76 43.51 15.20
C ARG D 624 -10.70 43.00 14.24
N ASN D 625 -10.27 41.76 14.43
CA ASN D 625 -9.26 41.20 13.55
C ASN D 625 -9.56 41.47 12.08
N ALA D 626 -10.82 41.27 11.68
CA ALA D 626 -11.22 41.50 10.29
C ALA D 626 -10.96 42.95 9.91
N HIS D 627 -11.33 43.85 10.81
CA HIS D 627 -11.13 45.26 10.56
C HIS D 627 -9.63 45.57 10.46
N ARG D 628 -8.86 45.05 11.41
CA ARG D 628 -7.43 45.29 11.44
C ARG D 628 -6.66 44.71 10.26
N CYS D 629 -6.94 43.46 9.91
CA CYS D 629 -6.23 42.78 8.82
C CYS D 629 -6.76 43.01 7.42
N LEU D 630 -8.06 43.22 7.31
CA LEU D 630 -8.70 43.40 6.02
C LEU D 630 -9.32 44.77 5.76
N ASP D 631 -9.50 45.58 6.81
CA ASP D 631 -10.12 46.90 6.69
C ASP D 631 -11.50 46.59 6.13
N TRP D 632 -12.13 45.57 6.71
CA TRP D 632 -13.43 45.11 6.27
C TRP D 632 -14.50 45.41 7.29
N GLU D 633 -15.72 45.56 6.80
CA GLU D 633 -16.84 45.87 7.65
C GLU D 633 -18.11 45.38 6.95
N PRO D 634 -18.91 44.54 7.64
CA PRO D 634 -20.15 44.02 7.03
C PRO D 634 -21.04 45.19 6.63
N LYS D 635 -21.81 45.04 5.56
CA LYS D 635 -22.66 46.13 5.12
C LYS D 635 -24.11 45.77 4.92
N ILE D 636 -24.38 44.69 4.20
CA ILE D 636 -25.75 44.28 3.93
C ILE D 636 -26.53 43.91 5.18
N ASP D 637 -27.76 44.43 5.27
CA ASP D 637 -28.62 44.13 6.40
C ASP D 637 -29.40 42.81 6.18
N MET D 638 -29.66 42.13 7.29
CA MET D 638 -30.35 40.85 7.30
C MET D 638 -31.59 40.69 6.41
N GLN D 639 -32.53 41.64 6.51
CA GLN D 639 -33.76 41.61 5.72
C GLN D 639 -33.49 41.42 4.24
N GLU D 640 -32.45 42.08 3.76
CA GLU D 640 -32.07 41.98 2.36
C GLU D 640 -31.59 40.56 2.04
N THR D 641 -30.85 39.97 2.98
CA THR D 641 -30.35 38.61 2.78
C THR D 641 -31.56 37.66 2.75
N ILE D 642 -32.51 37.86 3.66
CA ILE D 642 -33.71 37.04 3.70
C ILE D 642 -34.41 37.07 2.34
N ASP D 643 -34.62 38.27 1.80
CA ASP D 643 -35.29 38.42 0.51
C ASP D 643 -34.56 37.68 -0.63
N GLU D 644 -33.26 37.93 -0.75
CA GLU D 644 -32.41 37.29 -1.75
C GLU D 644 -32.54 35.77 -1.68
N THR D 645 -32.30 35.22 -0.49
CA THR D 645 -32.37 33.79 -0.27
C THR D 645 -33.74 33.22 -0.63
N LEU D 646 -34.80 33.79 -0.04
CA LEU D 646 -36.15 33.31 -0.32
C LEU D 646 -36.39 33.29 -1.82
N ASP D 647 -36.11 34.41 -2.48
CA ASP D 647 -36.36 34.47 -3.90
C ASP D 647 -35.67 33.37 -4.64
N PHE D 648 -34.38 33.23 -4.44
CA PHE D 648 -33.64 32.18 -5.12
C PHE D 648 -34.31 30.82 -5.02
N PHE D 649 -34.55 30.37 -3.79
CA PHE D 649 -35.16 29.07 -3.58
C PHE D 649 -36.59 28.89 -4.10
N LEU D 650 -37.43 29.92 -3.99
CA LEU D 650 -38.80 29.79 -4.49
C LEU D 650 -38.74 29.56 -5.98
N ARG D 651 -37.79 30.20 -6.65
CA ARG D 651 -37.66 30.07 -8.09
C ARG D 651 -36.88 28.81 -8.45
N THR D 652 -36.71 27.95 -7.45
CA THR D 652 -36.02 26.68 -7.61
C THR D 652 -37.06 25.59 -7.72
N VAL D 653 -38.23 25.87 -7.14
CA VAL D 653 -39.34 24.94 -7.16
C VAL D 653 -39.98 24.86 -8.55
N ASP D 654 -40.10 23.64 -9.05
CA ASP D 654 -40.73 23.42 -10.35
C ASP D 654 -42.23 23.48 -10.13
N LEU D 655 -42.90 24.42 -10.79
CA LEU D 655 -44.34 24.50 -10.60
C LEU D 655 -45.09 23.98 -11.85
N THR D 656 -45.53 22.72 -11.76
CA THR D 656 -46.30 22.01 -12.80
C THR D 656 -46.41 20.55 -12.38
N MET E 1 -63.76 -40.97 9.73
CA MET E 1 -62.56 -41.33 8.91
C MET E 1 -61.25 -41.06 9.64
N LYS E 2 -60.16 -41.15 8.89
CA LYS E 2 -58.81 -40.92 9.41
C LYS E 2 -58.21 -39.81 8.53
N THR E 3 -57.71 -38.73 9.15
CA THR E 3 -57.14 -37.63 8.36
C THR E 3 -55.86 -36.97 8.89
N VAL E 4 -55.21 -36.25 7.98
CA VAL E 4 -54.00 -35.48 8.27
C VAL E 4 -54.42 -34.06 7.89
N VAL E 5 -54.33 -33.15 8.84
CA VAL E 5 -54.74 -31.77 8.62
C VAL E 5 -53.60 -30.76 8.49
N PHE E 6 -53.85 -29.74 7.68
CA PHE E 6 -52.89 -28.65 7.47
C PHE E 6 -53.64 -27.39 7.86
N ALA E 7 -53.42 -26.92 9.09
CA ALA E 7 -54.15 -25.75 9.55
C ALA E 7 -53.30 -24.69 10.22
N TYR E 8 -53.87 -23.49 10.33
CA TYR E 8 -53.17 -22.40 10.96
C TYR E 8 -54.15 -21.31 11.34
N HIS E 9 -53.81 -20.58 12.39
CA HIS E 9 -54.64 -19.48 12.87
C HIS E 9 -56.06 -19.93 13.24
N ASP E 10 -56.99 -18.97 13.28
CA ASP E 10 -58.38 -19.22 13.65
C ASP E 10 -59.09 -20.32 12.89
N MET E 11 -59.30 -20.14 11.59
CA MET E 11 -59.97 -21.16 10.80
C MET E 11 -59.32 -22.50 11.12
N GLY E 12 -58.02 -22.47 11.37
CA GLY E 12 -57.32 -23.69 11.70
C GLY E 12 -57.89 -24.38 12.94
N CYS E 13 -58.14 -23.61 13.99
CA CYS E 13 -58.68 -24.21 15.22
C CYS E 13 -60.12 -24.67 15.05
N LEU E 14 -60.97 -23.80 14.52
CA LEU E 14 -62.38 -24.18 14.34
C LEU E 14 -62.50 -25.35 13.38
N GLY E 15 -61.57 -25.44 12.44
CA GLY E 15 -61.59 -26.55 11.50
C GLY E 15 -61.19 -27.86 12.17
N ILE E 16 -60.19 -27.81 13.05
CA ILE E 16 -59.73 -28.99 13.75
C ILE E 16 -60.79 -29.46 14.74
N GLU E 17 -61.51 -28.51 15.32
CA GLU E 17 -62.56 -28.83 16.29
C GLU E 17 -63.75 -29.46 15.58
N ALA E 18 -64.21 -28.81 14.52
CA ALA E 18 -65.33 -29.31 13.74
C ALA E 18 -65.01 -30.73 13.29
N LEU E 19 -63.76 -30.92 12.86
CA LEU E 19 -63.28 -32.22 12.39
C LEU E 19 -63.35 -33.25 13.52
N LEU E 20 -62.96 -32.84 14.72
CA LEU E 20 -63.00 -33.72 15.89
C LEU E 20 -64.44 -34.11 16.27
N ALA E 21 -65.26 -33.09 16.49
CA ALA E 21 -66.66 -33.29 16.86
C ALA E 21 -67.43 -34.09 15.79
N ALA E 22 -66.93 -34.05 14.55
CA ALA E 22 -67.57 -34.78 13.46
C ALA E 22 -67.14 -36.24 13.50
N GLY E 23 -66.35 -36.59 14.51
CA GLY E 23 -65.91 -37.96 14.70
C GLY E 23 -64.69 -38.41 13.91
N TYR E 24 -63.96 -37.48 13.31
CA TYR E 24 -62.78 -37.88 12.56
C TYR E 24 -61.61 -38.16 13.51
N GLU E 25 -60.68 -38.98 13.03
CA GLU E 25 -59.49 -39.31 13.79
C GLU E 25 -58.36 -38.56 13.12
N ILE E 26 -57.78 -37.61 13.83
CA ILE E 26 -56.69 -36.82 13.27
C ILE E 26 -55.36 -37.48 13.61
N SER E 27 -54.71 -38.03 12.60
CA SER E 27 -53.42 -38.70 12.74
C SER E 27 -52.27 -37.74 13.03
N ALA E 28 -52.30 -36.56 12.41
CA ALA E 28 -51.24 -35.57 12.60
C ALA E 28 -51.70 -34.22 12.06
N ILE E 29 -51.13 -33.15 12.59
CA ILE E 29 -51.48 -31.81 12.14
C ILE E 29 -50.22 -31.08 11.71
N PHE E 30 -50.28 -30.41 10.56
CA PHE E 30 -49.15 -29.65 10.07
C PHE E 30 -49.49 -28.17 10.13
N THR E 31 -48.70 -27.41 10.90
CA THR E 31 -48.93 -25.98 11.04
C THR E 31 -47.63 -25.19 10.89
N HIS E 32 -47.66 -23.92 11.33
CA HIS E 32 -46.50 -23.04 11.25
C HIS E 32 -46.12 -22.45 12.59
N THR E 33 -44.92 -21.89 12.66
CA THR E 33 -44.44 -21.23 13.86
C THR E 33 -44.92 -19.79 13.70
N ASP E 34 -44.55 -18.91 14.63
CA ASP E 34 -45.01 -17.53 14.55
C ASP E 34 -43.89 -16.50 14.58
N GLY E 43 -55.82 -17.71 17.66
CA GLY E 43 -55.81 -18.97 18.40
C GLY E 43 -54.80 -19.96 17.82
N SER E 44 -53.81 -20.36 18.63
CA SER E 44 -52.78 -21.28 18.16
C SER E 44 -53.22 -22.69 17.79
N VAL E 45 -52.90 -23.09 16.56
CA VAL E 45 -53.24 -24.43 16.11
C VAL E 45 -52.35 -25.41 16.90
N ALA E 46 -51.10 -25.06 17.13
CA ALA E 46 -50.20 -25.94 17.87
C ALA E 46 -50.72 -26.18 19.29
N ARG E 47 -51.08 -25.11 20.00
CA ARG E 47 -51.59 -25.24 21.37
C ARG E 47 -52.73 -26.25 21.40
N LEU E 48 -53.71 -26.04 20.52
CA LEU E 48 -54.88 -26.92 20.41
C LEU E 48 -54.46 -28.38 20.22
N ALA E 49 -53.60 -28.59 19.22
CA ALA E 49 -53.10 -29.93 18.91
C ALA E 49 -52.49 -30.54 20.15
N ALA E 50 -51.60 -29.76 20.80
CA ALA E 50 -50.94 -30.19 22.02
C ALA E 50 -51.98 -30.55 23.06
N GLU E 51 -52.94 -29.67 23.25
CA GLU E 51 -54.01 -29.89 24.22
C GLU E 51 -54.82 -31.14 23.93
N ARG E 52 -55.00 -31.46 22.65
CA ARG E 52 -55.78 -32.66 22.31
C ARG E 52 -54.89 -33.89 22.14
N GLY E 53 -53.59 -33.73 22.39
CA GLY E 53 -52.67 -34.85 22.27
C GLY E 53 -52.56 -35.33 20.84
N ILE E 54 -52.64 -34.40 19.90
CA ILE E 54 -52.52 -34.74 18.48
C ILE E 54 -51.13 -34.37 18.00
N PRO E 55 -50.34 -35.36 17.57
CA PRO E 55 -48.99 -35.00 17.11
C PRO E 55 -49.06 -33.86 16.09
N VAL E 56 -48.31 -32.79 16.36
CA VAL E 56 -48.29 -31.62 15.49
C VAL E 56 -46.86 -31.34 14.99
N TYR E 57 -46.76 -30.96 13.71
CA TYR E 57 -45.47 -30.66 13.09
C TYR E 57 -45.50 -29.32 12.37
N ALA E 58 -44.33 -28.70 12.21
CA ALA E 58 -44.24 -27.42 11.54
C ALA E 58 -42.99 -27.27 10.68
N PRO E 59 -42.75 -28.21 9.76
CA PRO E 59 -41.56 -28.09 8.93
C PRO E 59 -41.74 -26.92 7.97
N ASP E 60 -40.66 -26.48 7.33
CA ASP E 60 -40.79 -25.38 6.37
C ASP E 60 -41.40 -25.86 5.06
N ASN E 61 -41.00 -27.05 4.62
CA ASN E 61 -41.54 -27.60 3.39
C ASN E 61 -41.99 -29.05 3.58
N VAL E 62 -43.31 -29.24 3.76
CA VAL E 62 -43.88 -30.58 3.94
C VAL E 62 -43.82 -31.40 2.67
N ASN E 63 -43.49 -30.73 1.57
CA ASN E 63 -43.42 -31.41 0.30
C ASN E 63 -42.14 -32.23 0.18
N HIS E 64 -41.28 -32.10 1.18
CA HIS E 64 -40.00 -32.84 1.21
C HIS E 64 -40.28 -34.34 1.29
N PRO E 65 -39.47 -35.14 0.59
CA PRO E 65 -39.57 -36.60 0.54
C PRO E 65 -39.85 -37.26 1.89
N LEU E 66 -39.04 -36.93 2.88
CA LEU E 66 -39.21 -37.50 4.23
C LEU E 66 -40.62 -37.32 4.76
N TRP E 67 -41.16 -36.11 4.65
CA TRP E 67 -42.51 -35.81 5.12
C TRP E 67 -43.57 -36.51 4.29
N VAL E 68 -43.41 -36.48 2.97
CA VAL E 68 -44.36 -37.14 2.10
C VAL E 68 -44.44 -38.60 2.54
N GLU E 69 -43.28 -39.22 2.73
CA GLU E 69 -43.19 -40.62 3.15
C GLU E 69 -43.85 -40.83 4.51
N ARG E 70 -43.61 -39.90 5.44
CA ARG E 70 -44.19 -40.01 6.78
C ARG E 70 -45.70 -39.76 6.76
N ILE E 71 -46.17 -38.89 5.87
CA ILE E 71 -47.60 -38.63 5.79
C ILE E 71 -48.26 -39.85 5.19
N ALA E 72 -47.57 -40.47 4.25
CA ALA E 72 -48.07 -41.68 3.60
C ALA E 72 -48.17 -42.79 4.65
N GLN E 73 -47.26 -42.75 5.62
CA GLN E 73 -47.23 -43.73 6.71
C GLN E 73 -48.52 -43.67 7.49
N LEU E 74 -48.91 -42.47 7.87
CA LEU E 74 -50.13 -42.27 8.61
C LEU E 74 -51.31 -42.89 7.88
N SER E 75 -51.19 -42.99 6.57
CA SER E 75 -52.25 -43.59 5.75
C SER E 75 -53.59 -42.92 6.03
N PRO E 76 -53.76 -41.66 5.58
CA PRO E 76 -55.01 -40.93 5.79
C PRO E 76 -56.05 -41.21 4.72
N ASP E 77 -57.32 -41.15 5.13
CA ASP E 77 -58.44 -41.38 4.23
C ASP E 77 -58.69 -40.12 3.41
N VAL E 78 -58.63 -38.98 4.09
CA VAL E 78 -58.84 -37.67 3.47
C VAL E 78 -57.94 -36.60 4.11
N ILE E 79 -57.60 -35.59 3.32
CA ILE E 79 -56.76 -34.49 3.78
C ILE E 79 -57.56 -33.19 3.82
N PHE E 80 -57.32 -32.40 4.87
CA PHE E 80 -58.00 -31.13 5.02
C PHE E 80 -57.00 -29.99 5.17
N SER E 81 -57.34 -28.86 4.55
CA SER E 81 -56.52 -27.66 4.56
C SER E 81 -57.33 -26.50 5.11
N PHE E 82 -57.00 -26.06 6.30
CA PHE E 82 -57.70 -24.94 6.92
C PHE E 82 -56.74 -23.77 7.12
N TYR E 83 -56.60 -22.96 6.08
CA TYR E 83 -55.70 -21.80 6.12
C TYR E 83 -54.23 -22.11 6.35
N TYR E 84 -53.75 -23.20 5.77
CA TYR E 84 -52.34 -23.55 5.87
C TYR E 84 -51.67 -22.55 4.94
N ARG E 85 -50.54 -21.97 5.37
CA ARG E 85 -49.87 -20.97 4.54
C ARG E 85 -48.93 -21.48 3.42
N HIS E 86 -48.00 -22.38 3.74
CA HIS E 86 -47.12 -22.92 2.69
C HIS E 86 -48.01 -23.65 1.68
N LEU E 87 -47.47 -24.02 0.53
CA LEU E 87 -48.29 -24.68 -0.46
C LEU E 87 -48.10 -26.20 -0.58
N ILE E 88 -49.17 -26.94 -0.31
CA ILE E 88 -49.15 -28.40 -0.37
C ILE E 88 -49.32 -28.79 -1.82
N TYR E 89 -48.49 -29.68 -2.34
CA TYR E 89 -48.66 -30.06 -3.74
C TYR E 89 -48.85 -31.52 -4.09
N ASP E 90 -49.61 -31.71 -5.16
CA ASP E 90 -49.98 -33.00 -5.73
C ASP E 90 -49.35 -34.20 -5.05
N GLU E 91 -48.04 -34.31 -5.17
CA GLU E 91 -47.26 -35.40 -4.58
C GLU E 91 -47.93 -36.00 -3.34
N ILE E 92 -48.23 -35.14 -2.38
CA ILE E 92 -48.84 -35.56 -1.14
C ILE E 92 -50.37 -35.56 -1.17
N LEU E 93 -50.95 -34.60 -1.88
CA LEU E 93 -52.41 -34.52 -1.97
C LEU E 93 -53.06 -35.86 -2.29
N GLN E 94 -52.56 -36.54 -3.31
CA GLN E 94 -53.12 -37.82 -3.75
C GLN E 94 -52.89 -39.04 -2.87
N LEU E 95 -52.42 -38.83 -1.64
CA LEU E 95 -52.20 -39.94 -0.74
C LEU E 95 -53.49 -40.24 0.03
N ALA E 96 -54.47 -39.38 -0.16
CA ALA E 96 -55.76 -39.55 0.51
C ALA E 96 -56.77 -40.03 -0.51
N PRO E 97 -57.25 -41.26 -0.36
CA PRO E 97 -58.24 -41.81 -1.30
C PRO E 97 -59.51 -40.94 -1.33
N ALA E 98 -60.00 -40.55 -0.16
CA ALA E 98 -61.20 -39.73 -0.06
C ALA E 98 -61.01 -38.36 -0.70
N GLY E 99 -59.76 -38.00 -0.97
CA GLY E 99 -59.45 -36.70 -1.58
C GLY E 99 -58.86 -35.72 -0.60
N ALA E 100 -58.71 -34.47 -1.04
CA ALA E 100 -58.16 -33.40 -0.18
C ALA E 100 -59.01 -32.14 -0.38
N PHE E 101 -59.57 -31.64 0.71
CA PHE E 101 -60.42 -30.46 0.65
C PHE E 101 -59.82 -29.24 1.36
N ASN E 102 -59.98 -28.07 0.73
CA ASN E 102 -59.47 -26.83 1.28
C ASN E 102 -60.60 -25.83 1.57
N LEU E 103 -60.53 -25.16 2.72
CA LEU E 103 -61.56 -24.18 3.09
C LEU E 103 -61.08 -22.78 2.72
N HIS E 104 -61.67 -22.21 1.65
CA HIS E 104 -61.30 -20.88 1.17
C HIS E 104 -62.24 -19.82 1.73
N GLY E 105 -61.72 -18.62 1.95
CA GLY E 105 -62.54 -17.56 2.50
C GLY E 105 -63.29 -16.64 1.54
N SER E 106 -63.82 -17.19 0.46
CA SER E 106 -64.57 -16.36 -0.47
C SER E 106 -65.64 -17.18 -1.17
N LEU E 107 -66.48 -16.49 -1.96
CA LEU E 107 -67.55 -17.15 -2.69
C LEU E 107 -67.00 -17.58 -4.06
N LEU E 108 -66.21 -18.66 -4.05
CA LEU E 108 -65.61 -19.20 -5.27
C LEU E 108 -66.66 -19.42 -6.34
N PRO E 109 -66.28 -19.32 -7.62
CA PRO E 109 -64.93 -19.04 -8.11
C PRO E 109 -64.50 -17.58 -8.02
N LYS E 110 -65.25 -16.77 -7.29
CA LYS E 110 -64.90 -15.35 -7.15
C LYS E 110 -63.85 -15.17 -6.04
N TYR E 111 -62.92 -14.23 -6.24
CA TYR E 111 -61.86 -13.97 -5.27
C TYR E 111 -61.11 -15.26 -4.93
N ARG E 112 -60.80 -16.06 -5.94
CA ARG E 112 -60.11 -17.30 -5.69
C ARG E 112 -58.63 -17.09 -5.35
N GLY E 113 -58.18 -15.84 -5.40
CA GLY E 113 -56.79 -15.56 -5.09
C GLY E 113 -56.46 -15.75 -3.61
N ARG E 114 -55.80 -14.75 -3.03
CA ARG E 114 -55.45 -14.78 -1.61
C ARG E 114 -55.78 -13.41 -1.00
N ALA E 115 -56.05 -13.41 0.30
CA ALA E 115 -56.41 -12.20 1.02
C ALA E 115 -57.80 -11.76 0.61
N PRO E 116 -58.72 -12.71 0.42
CA PRO E 116 -60.08 -12.37 0.03
C PRO E 116 -60.80 -11.55 1.08
N LEU E 117 -60.47 -11.76 2.35
CA LEU E 117 -61.13 -11.02 3.41
C LEU E 117 -60.98 -9.53 3.15
N ASN E 118 -59.78 -9.14 2.75
CA ASN E 118 -59.48 -7.73 2.49
C ASN E 118 -59.99 -7.23 1.14
N TRP E 119 -59.69 -7.98 0.08
CA TRP E 119 -60.12 -7.59 -1.26
C TRP E 119 -61.61 -7.30 -1.39
N VAL E 120 -62.45 -8.18 -0.86
CA VAL E 120 -63.89 -7.97 -0.93
C VAL E 120 -64.25 -6.63 -0.30
N LEU E 121 -63.49 -6.22 0.72
CA LEU E 121 -63.75 -4.94 1.37
C LEU E 121 -63.27 -3.82 0.45
N VAL E 122 -62.06 -3.96 -0.08
CA VAL E 122 -61.48 -2.98 -1.00
C VAL E 122 -62.45 -2.62 -2.13
N ASN E 123 -62.95 -3.65 -2.81
CA ASN E 123 -63.87 -3.49 -3.92
C ASN E 123 -65.30 -3.24 -3.45
N GLY E 124 -65.49 -3.04 -2.15
CA GLY E 124 -66.80 -2.78 -1.62
C GLY E 124 -67.92 -3.75 -2.02
N GLU E 125 -67.69 -5.03 -1.80
CA GLU E 125 -68.68 -6.04 -2.14
C GLU E 125 -69.79 -5.94 -1.10
N THR E 126 -70.96 -6.45 -1.45
CA THR E 126 -72.09 -6.40 -0.54
C THR E 126 -72.23 -7.73 0.18
N GLU E 127 -71.51 -8.73 -0.33
CA GLU E 127 -71.56 -10.07 0.24
C GLU E 127 -70.32 -10.87 -0.11
N THR E 128 -70.08 -11.92 0.68
CA THR E 128 -68.94 -12.83 0.48
C THR E 128 -69.32 -14.15 1.15
N GLY E 129 -68.33 -14.98 1.49
CA GLY E 129 -68.66 -16.24 2.13
C GLY E 129 -67.54 -17.26 2.14
N VAL E 130 -67.82 -18.44 2.68
CA VAL E 130 -66.83 -19.50 2.77
C VAL E 130 -67.14 -20.67 1.81
N THR E 131 -66.09 -21.25 1.25
CA THR E 131 -66.22 -22.37 0.30
C THR E 131 -65.30 -23.55 0.61
N LEU E 132 -65.87 -24.75 0.80
CA LEU E 132 -65.04 -25.93 1.05
C LEU E 132 -64.98 -26.69 -0.27
N HIS E 133 -63.88 -26.53 -1.00
CA HIS E 133 -63.72 -27.18 -2.29
C HIS E 133 -62.60 -28.21 -2.30
N ARG E 134 -62.62 -29.07 -3.31
CA ARG E 134 -61.60 -30.10 -3.45
C ARG E 134 -60.35 -29.43 -4.01
N MET E 135 -59.19 -29.93 -3.59
CA MET E 135 -57.94 -29.37 -4.05
C MET E 135 -57.44 -30.02 -5.34
N VAL E 136 -57.08 -29.20 -6.31
CA VAL E 136 -56.59 -29.67 -7.61
C VAL E 136 -55.32 -28.91 -7.98
N LYS E 137 -54.70 -29.32 -9.09
CA LYS E 137 -53.46 -28.70 -9.56
C LYS E 137 -53.54 -27.18 -9.52
N ARG E 138 -54.69 -26.64 -9.93
CA ARG E 138 -54.91 -25.21 -9.94
C ARG E 138 -55.41 -24.70 -8.60
N ALA E 139 -54.86 -23.56 -8.18
CA ALA E 139 -55.19 -22.92 -6.90
C ALA E 139 -56.66 -22.49 -6.76
N ASP E 140 -57.33 -23.03 -5.76
CA ASP E 140 -58.74 -22.70 -5.47
C ASP E 140 -59.70 -23.00 -6.62
N ALA E 141 -59.31 -23.86 -7.55
CA ALA E 141 -60.16 -24.18 -8.70
C ALA E 141 -61.01 -25.44 -8.52
N GLY E 142 -60.59 -26.35 -7.65
CA GLY E 142 -61.31 -27.58 -7.41
C GLY E 142 -62.83 -27.50 -7.26
N ALA E 143 -63.50 -28.61 -7.53
CA ALA E 143 -64.95 -28.68 -7.44
C ALA E 143 -65.47 -28.32 -6.05
N ILE E 144 -66.44 -27.41 -6.02
CA ILE E 144 -67.03 -26.98 -4.77
C ILE E 144 -67.94 -28.04 -4.15
N VAL E 145 -67.66 -28.36 -2.89
CA VAL E 145 -68.41 -29.36 -2.13
C VAL E 145 -69.44 -28.69 -1.22
N ALA E 146 -69.25 -27.40 -0.98
CA ALA E 146 -70.17 -26.63 -0.13
C ALA E 146 -69.73 -25.17 -0.09
N GLN E 147 -70.70 -24.27 0.04
CA GLN E 147 -70.44 -22.84 0.07
C GLN E 147 -71.48 -22.22 0.97
N LEU E 148 -71.29 -20.97 1.36
CA LEU E 148 -72.25 -20.31 2.25
C LEU E 148 -72.06 -18.79 2.25
N ARG E 149 -73.07 -18.06 1.78
CA ARG E 149 -73.01 -16.60 1.71
C ARG E 149 -72.98 -15.86 3.04
N ILE E 150 -72.44 -14.65 2.99
CA ILE E 150 -72.32 -13.77 4.15
C ILE E 150 -72.59 -12.34 3.66
N ALA E 151 -73.38 -11.60 4.42
CA ALA E 151 -73.69 -10.23 4.06
C ALA E 151 -72.67 -9.31 4.70
N ILE E 152 -72.09 -8.43 3.89
CA ILE E 152 -71.10 -7.50 4.42
C ILE E 152 -71.78 -6.19 4.83
N ALA E 153 -71.74 -5.89 6.12
CA ALA E 153 -72.37 -4.67 6.60
C ALA E 153 -71.60 -3.44 6.15
N PRO E 154 -72.33 -2.36 5.85
CA PRO E 154 -71.71 -1.11 5.40
C PRO E 154 -70.65 -0.63 6.40
N ASP E 155 -70.83 -0.98 7.66
CA ASP E 155 -69.91 -0.57 8.72
C ASP E 155 -69.02 -1.72 9.20
N ASP E 156 -68.86 -2.72 8.35
CA ASP E 156 -68.03 -3.88 8.66
C ASP E 156 -66.58 -3.57 8.24
N ILE E 157 -65.63 -4.05 9.04
CA ILE E 157 -64.21 -3.85 8.73
C ILE E 157 -63.52 -5.20 8.77
N ALA E 158 -62.33 -5.28 8.21
CA ALA E 158 -61.58 -6.54 8.15
C ALA E 158 -61.83 -7.49 9.33
N ILE E 159 -61.47 -7.04 10.53
CA ILE E 159 -61.62 -7.85 11.72
C ILE E 159 -63.06 -8.34 11.99
N THR E 160 -64.03 -7.45 11.89
CA THR E 160 -65.42 -7.83 12.13
C THR E 160 -65.94 -8.81 11.08
N LEU E 161 -65.49 -8.64 9.83
CA LEU E 161 -65.90 -9.54 8.76
C LEU E 161 -65.13 -10.85 8.90
N HIS E 162 -64.00 -10.81 9.59
CA HIS E 162 -63.20 -12.00 9.80
C HIS E 162 -63.98 -12.97 10.70
N HIS E 163 -64.62 -12.42 11.74
CA HIS E 163 -65.39 -13.23 12.66
C HIS E 163 -66.67 -13.72 11.97
N LYS E 164 -67.22 -12.88 11.12
CA LYS E 164 -68.42 -13.23 10.38
C LYS E 164 -68.11 -14.52 9.60
N LEU E 165 -66.97 -14.50 8.90
CA LEU E 165 -66.52 -15.63 8.10
C LEU E 165 -66.14 -16.85 8.94
N CYS E 166 -65.52 -16.63 10.10
CA CYS E 166 -65.13 -17.71 11.00
C CYS E 166 -66.36 -18.44 11.49
N HIS E 167 -67.37 -17.65 11.83
CA HIS E 167 -68.63 -18.18 12.32
C HIS E 167 -69.32 -18.97 11.20
N ALA E 168 -69.35 -18.40 10.00
CA ALA E 168 -69.95 -19.06 8.85
C ALA E 168 -69.26 -20.40 8.58
N ALA E 169 -67.94 -20.39 8.61
CA ALA E 169 -67.16 -21.60 8.38
C ALA E 169 -67.48 -22.65 9.43
N ARG E 170 -67.51 -22.25 10.69
CA ARG E 170 -67.80 -23.16 11.78
C ARG E 170 -69.10 -23.90 11.46
N GLN E 171 -70.05 -23.17 10.89
CA GLN E 171 -71.35 -23.73 10.54
C GLN E 171 -71.29 -24.63 9.32
N LEU E 172 -70.66 -24.14 8.25
CA LEU E 172 -70.53 -24.91 7.01
C LEU E 172 -69.88 -26.26 7.27
N LEU E 173 -68.75 -26.26 7.98
CA LEU E 173 -68.06 -27.51 8.28
C LEU E 173 -68.94 -28.39 9.16
N GLU E 174 -69.47 -27.80 10.23
CA GLU E 174 -70.33 -28.53 11.13
C GLU E 174 -71.32 -29.46 10.43
N GLN E 175 -71.92 -28.98 9.34
CA GLN E 175 -72.88 -29.78 8.62
C GLN E 175 -72.36 -30.56 7.40
N THR E 176 -71.50 -29.94 6.60
CA THR E 176 -70.99 -30.62 5.42
C THR E 176 -69.85 -31.60 5.71
N LEU E 177 -69.32 -31.54 6.92
CA LEU E 177 -68.23 -32.43 7.32
C LEU E 177 -68.73 -33.87 7.53
N PRO E 178 -69.88 -34.04 8.23
CA PRO E 178 -70.39 -35.40 8.43
C PRO E 178 -70.72 -36.02 7.07
N ALA E 179 -71.17 -35.18 6.15
CA ALA E 179 -71.53 -35.61 4.80
C ALA E 179 -70.34 -36.27 4.10
N ILE E 180 -69.18 -35.65 4.18
CA ILE E 180 -67.97 -36.18 3.54
C ILE E 180 -67.58 -37.49 4.19
N LYS E 181 -67.70 -37.54 5.52
CA LYS E 181 -67.32 -38.74 6.24
C LYS E 181 -67.96 -40.00 5.66
N HIS E 182 -69.08 -39.84 4.97
CA HIS E 182 -69.74 -40.98 4.36
C HIS E 182 -69.57 -40.96 2.84
N GLY E 183 -70.16 -40.00 2.15
CA GLY E 183 -69.98 -39.96 0.72
C GLY E 183 -71.00 -39.12 -0.02
N ASN E 184 -71.84 -38.44 0.76
CA ASN E 184 -72.89 -37.60 0.18
C ASN E 184 -72.36 -36.20 -0.15
N ILE E 185 -71.69 -36.08 -1.28
CA ILE E 185 -71.15 -34.80 -1.70
C ILE E 185 -71.16 -34.66 -3.21
N LEU E 186 -71.61 -33.50 -3.69
CA LEU E 186 -71.67 -33.23 -5.12
C LEU E 186 -70.55 -32.30 -5.52
N GLU E 187 -69.69 -32.77 -6.42
CA GLU E 187 -68.56 -31.99 -6.90
C GLU E 187 -69.02 -30.95 -7.93
N ILE E 188 -69.82 -29.99 -7.51
CA ILE E 188 -70.30 -28.95 -8.42
C ILE E 188 -69.09 -28.15 -8.93
N ALA E 189 -68.61 -28.52 -10.11
CA ALA E 189 -67.44 -27.87 -10.73
C ALA E 189 -67.54 -26.35 -10.73
N GLN E 190 -66.41 -25.69 -10.96
CA GLN E 190 -66.36 -24.22 -10.97
C GLN E 190 -66.47 -23.60 -12.35
N ARG E 191 -67.40 -22.65 -12.48
CA ARG E 191 -67.63 -21.92 -13.72
C ARG E 191 -66.39 -21.11 -14.07
N GLU E 192 -65.36 -21.79 -14.53
CA GLU E 192 -64.09 -21.19 -14.90
C GLU E 192 -64.10 -19.82 -15.56
N ASN E 193 -65.13 -19.53 -16.33
CA ASN E 193 -65.22 -18.23 -17.01
C ASN E 193 -65.83 -17.18 -16.11
N GLU E 194 -65.82 -17.42 -14.80
CA GLU E 194 -66.40 -16.48 -13.85
C GLU E 194 -65.44 -16.24 -12.69
N ALA E 195 -64.41 -17.08 -12.62
CA ALA E 195 -63.44 -16.99 -11.55
C ALA E 195 -62.64 -15.69 -11.56
N THR E 196 -62.41 -15.15 -10.36
CA THR E 196 -61.63 -13.93 -10.20
C THR E 196 -60.48 -14.27 -9.26
N CYS E 197 -59.28 -13.79 -9.57
CA CYS E 197 -58.15 -14.10 -8.74
C CYS E 197 -57.41 -12.84 -8.33
N PHE E 198 -56.95 -12.80 -7.07
CA PHE E 198 -56.20 -11.66 -6.54
C PHE E 198 -54.92 -12.16 -5.88
N GLY E 199 -53.91 -11.29 -5.81
CA GLY E 199 -52.65 -11.70 -5.22
C GLY E 199 -52.37 -11.10 -3.86
N ARG E 200 -51.21 -11.46 -3.29
CA ARG E 200 -50.81 -10.96 -1.98
C ARG E 200 -50.74 -9.43 -1.99
N ARG E 201 -51.39 -8.81 -1.00
CA ARG E 201 -51.39 -7.36 -0.90
C ARG E 201 -50.23 -6.94 0.00
N THR E 202 -49.45 -5.96 -0.43
CA THR E 202 -48.34 -5.50 0.38
C THR E 202 -48.83 -4.25 1.11
N PRO E 203 -48.20 -3.89 2.24
CA PRO E 203 -48.70 -2.68 2.92
C PRO E 203 -48.70 -1.45 2.02
N ASP E 204 -48.00 -1.52 0.90
CA ASP E 204 -47.96 -0.40 -0.04
C ASP E 204 -49.27 -0.30 -0.82
N ASP E 205 -50.03 -1.38 -0.82
CA ASP E 205 -51.32 -1.42 -1.52
C ASP E 205 -52.43 -0.72 -0.75
N SER E 206 -52.09 -0.17 0.41
CA SER E 206 -53.08 0.51 1.23
C SER E 206 -52.84 2.02 1.21
N PHE E 207 -52.18 2.48 0.16
CA PHE E 207 -51.90 3.90 -0.01
C PHE E 207 -53.20 4.58 -0.47
N LEU E 208 -53.47 5.75 0.07
CA LEU E 208 -54.67 6.48 -0.28
C LEU E 208 -54.42 7.51 -1.36
N GLU E 209 -55.17 7.41 -2.45
CA GLU E 209 -55.05 8.34 -3.57
C GLU E 209 -56.31 9.18 -3.61
N TRP E 210 -56.23 10.35 -2.98
CA TRP E 210 -57.34 11.28 -2.85
C TRP E 210 -58.10 11.68 -4.11
N HIS E 211 -57.62 11.28 -5.28
CA HIS E 211 -58.34 11.66 -6.48
C HIS E 211 -59.50 10.72 -6.69
N LYS E 212 -59.43 9.54 -6.08
CA LYS E 212 -60.49 8.54 -6.19
C LYS E 212 -61.70 9.02 -5.41
N PRO E 213 -62.83 8.30 -5.54
CA PRO E 213 -64.05 8.69 -4.83
C PRO E 213 -63.95 8.43 -3.33
N ALA E 214 -64.64 9.24 -2.54
CA ALA E 214 -64.61 9.09 -1.10
C ALA E 214 -65.02 7.67 -0.71
N SER E 215 -65.92 7.08 -1.49
CA SER E 215 -66.41 5.72 -1.24
C SER E 215 -65.29 4.72 -1.35
N VAL E 216 -64.53 4.82 -2.44
CA VAL E 216 -63.42 3.93 -2.71
C VAL E 216 -62.43 3.99 -1.56
N LEU E 217 -61.99 5.20 -1.23
CA LEU E 217 -61.02 5.41 -0.17
C LEU E 217 -61.50 4.88 1.17
N HIS E 218 -62.79 5.08 1.45
CA HIS E 218 -63.41 4.62 2.69
C HIS E 218 -63.31 3.11 2.81
N ASN E 219 -63.63 2.38 1.74
CA ASN E 219 -63.55 0.93 1.78
C ASN E 219 -62.11 0.50 2.03
N MET E 220 -61.16 1.30 1.57
CA MET E 220 -59.75 1.00 1.76
C MET E 220 -59.44 0.94 3.24
N VAL E 221 -59.74 2.03 3.95
CA VAL E 221 -59.45 2.07 5.39
C VAL E 221 -60.17 0.94 6.11
N ARG E 222 -61.33 0.52 5.61
CA ARG E 222 -62.06 -0.56 6.24
C ARG E 222 -61.33 -1.86 5.97
N ALA E 223 -60.95 -2.04 4.71
CA ALA E 223 -60.28 -3.26 4.26
C ALA E 223 -59.04 -3.62 5.05
N VAL E 224 -58.31 -2.62 5.54
CA VAL E 224 -57.10 -2.91 6.28
C VAL E 224 -57.06 -2.25 7.65
N ALA E 225 -58.24 -2.02 8.22
CA ALA E 225 -58.31 -1.41 9.53
C ALA E 225 -57.65 -2.32 10.56
N ASP E 226 -57.34 -1.76 11.72
CA ASP E 226 -56.71 -2.52 12.78
C ASP E 226 -57.50 -3.82 12.98
N PRO E 227 -56.83 -4.94 13.30
CA PRO E 227 -55.40 -5.19 13.50
C PRO E 227 -54.51 -5.18 12.27
N TRP E 228 -55.07 -4.90 11.10
CA TRP E 228 -54.27 -4.84 9.89
C TRP E 228 -53.49 -3.52 9.83
N PRO E 229 -52.43 -3.46 9.00
CA PRO E 229 -51.58 -2.29 8.83
C PRO E 229 -52.26 -0.94 8.61
N GLY E 230 -53.40 -0.94 7.91
CA GLY E 230 -54.12 0.31 7.72
C GLY E 230 -53.77 1.14 6.50
N ALA E 231 -54.71 1.99 6.10
CA ALA E 231 -54.55 2.88 4.96
C ALA E 231 -53.72 4.06 5.38
N PHE E 232 -52.83 4.51 4.49
CA PHE E 232 -51.98 5.65 4.82
C PHE E 232 -51.88 6.68 3.71
N SER E 233 -51.33 7.83 4.07
CA SER E 233 -51.14 8.94 3.15
C SER E 233 -49.95 9.73 3.67
N TYR E 234 -49.71 10.90 3.09
CA TYR E 234 -48.58 11.72 3.51
C TYR E 234 -48.94 13.17 3.65
N VAL E 235 -48.27 13.83 4.58
CA VAL E 235 -48.45 15.26 4.79
C VAL E 235 -47.01 15.68 4.58
N GLY E 236 -46.71 16.14 3.38
CA GLY E 236 -45.36 16.51 3.06
C GLY E 236 -44.52 15.26 3.21
N ASN E 237 -43.49 15.33 4.03
CA ASN E 237 -42.60 14.21 4.24
C ASN E 237 -43.18 13.21 5.24
N GLN E 238 -44.10 13.69 6.08
CA GLN E 238 -44.72 12.86 7.10
C GLN E 238 -45.78 11.87 6.62
N LYS E 239 -45.67 10.63 7.10
CA LYS E 239 -46.63 9.58 6.76
C LYS E 239 -47.60 9.36 7.91
N PHE E 240 -48.89 9.29 7.62
CA PHE E 240 -49.88 9.06 8.67
C PHE E 240 -50.87 7.99 8.21
N THR E 241 -51.50 7.32 9.17
CA THR E 241 -52.45 6.26 8.90
C THR E 241 -53.88 6.55 9.32
N VAL E 242 -54.82 6.28 8.41
CA VAL E 242 -56.23 6.49 8.68
C VAL E 242 -56.83 5.18 9.18
N TRP E 243 -57.30 5.18 10.42
CA TRP E 243 -57.91 4.01 11.04
C TRP E 243 -59.45 4.03 10.91
N SER E 244 -60.04 5.20 11.12
CA SER E 244 -61.49 5.36 11.03
C SER E 244 -61.83 6.37 9.96
N SER E 245 -62.71 5.99 9.03
CA SER E 245 -63.13 6.90 7.96
C SER E 245 -64.63 7.20 8.04
N ARG E 246 -65.12 7.99 7.09
CA ARG E 246 -66.53 8.37 7.08
C ARG E 246 -66.80 9.23 5.84
N VAL E 247 -67.51 8.68 4.86
CA VAL E 247 -67.79 9.42 3.63
C VAL E 247 -68.80 10.53 3.81
N HIS E 248 -68.53 11.65 3.17
CA HIS E 248 -69.38 12.84 3.19
C HIS E 248 -69.79 13.19 1.78
N PRO E 249 -71.07 12.97 1.42
CA PRO E 249 -71.48 13.33 0.06
C PRO E 249 -71.39 14.85 -0.05
N HIS E 250 -71.13 15.48 1.09
CA HIS E 250 -70.98 16.93 1.20
C HIS E 250 -69.87 17.43 0.29
N ALA E 251 -70.27 17.99 -0.85
CA ALA E 251 -69.34 18.51 -1.85
C ALA E 251 -68.34 19.53 -1.29
N SER E 252 -67.45 19.98 -2.16
CA SER E 252 -66.43 20.94 -1.81
C SER E 252 -65.63 21.19 -3.08
N LYS E 253 -65.83 22.36 -3.68
CA LYS E 253 -65.13 22.73 -4.91
C LYS E 253 -63.61 22.57 -4.73
N ALA E 254 -63.20 22.20 -3.51
CA ALA E 254 -61.79 22.01 -3.20
C ALA E 254 -61.22 20.89 -4.03
N GLN E 255 -59.99 21.08 -4.52
CA GLN E 255 -59.36 20.07 -5.33
C GLN E 255 -59.01 18.87 -4.46
N PRO E 256 -59.12 17.65 -5.02
CA PRO E 256 -58.84 16.42 -4.30
C PRO E 256 -57.52 16.45 -3.55
N GLY E 257 -57.52 15.93 -2.33
CA GLY E 257 -56.32 15.89 -1.52
C GLY E 257 -56.14 17.05 -0.58
N SER E 258 -56.90 18.12 -0.78
CA SER E 258 -56.78 19.30 0.07
C SER E 258 -57.67 19.17 1.30
N VAL E 259 -57.24 19.80 2.39
CA VAL E 259 -57.96 19.73 3.65
C VAL E 259 -59.12 20.71 3.71
N ILE E 260 -60.33 20.17 3.80
CA ILE E 260 -61.56 20.97 3.88
C ILE E 260 -61.73 21.59 5.27
N SER E 261 -61.41 20.85 6.31
CA SER E 261 -61.49 21.35 7.68
C SER E 261 -60.65 20.50 8.62
N VAL E 262 -60.34 21.03 9.80
CA VAL E 262 -59.53 20.29 10.75
C VAL E 262 -60.31 19.82 11.96
N ALA E 263 -61.62 19.99 11.94
CA ALA E 263 -62.48 19.56 13.03
C ALA E 263 -63.93 19.57 12.60
N PRO E 264 -64.43 18.43 12.07
CA PRO E 264 -63.67 17.19 11.87
C PRO E 264 -62.60 17.34 10.80
N LEU E 265 -61.65 16.41 10.79
CA LEU E 265 -60.60 16.44 9.78
C LEU E 265 -61.25 15.88 8.51
N LEU E 266 -61.60 16.78 7.61
CA LEU E 266 -62.27 16.42 6.37
C LEU E 266 -61.40 16.68 5.14
N ILE E 267 -61.05 15.61 4.43
CA ILE E 267 -60.22 15.70 3.23
C ILE E 267 -61.08 15.62 1.95
N ALA E 268 -60.85 16.53 1.01
CA ALA E 268 -61.60 16.55 -0.24
C ALA E 268 -61.12 15.45 -1.18
N CYS E 269 -62.05 14.60 -1.62
CA CYS E 269 -61.70 13.50 -2.52
C CYS E 269 -62.18 13.80 -3.94
N GLY E 270 -61.88 12.89 -4.87
CA GLY E 270 -62.32 13.08 -6.24
C GLY E 270 -63.83 13.18 -6.37
N ASP E 271 -64.52 12.51 -5.44
CA ASP E 271 -65.97 12.52 -5.39
C ASP E 271 -66.33 12.53 -3.90
N GLY E 272 -66.86 13.66 -3.45
CA GLY E 272 -67.23 13.80 -2.05
C GLY E 272 -65.98 13.96 -1.19
N ALA E 273 -66.16 14.04 0.13
CA ALA E 273 -65.02 14.18 1.01
C ALA E 273 -64.94 12.99 1.94
N LEU E 274 -63.78 12.79 2.54
CA LEU E 274 -63.57 11.70 3.48
C LEU E 274 -63.21 12.30 4.84
N GLU E 275 -63.86 11.85 5.90
CA GLU E 275 -63.56 12.37 7.23
C GLU E 275 -62.69 11.39 7.96
N ILE E 276 -61.53 11.86 8.40
CA ILE E 276 -60.61 11.00 9.14
C ILE E 276 -61.03 11.07 10.61
N VAL E 277 -61.75 10.05 11.06
CA VAL E 277 -62.24 9.97 12.43
C VAL E 277 -61.13 9.70 13.42
N THR E 278 -60.26 8.76 13.12
CA THR E 278 -59.13 8.46 14.00
C THR E 278 -57.94 7.98 13.16
N GLY E 279 -56.75 8.36 13.59
CA GLY E 279 -55.55 7.97 12.86
C GLY E 279 -54.34 8.26 13.70
N GLN E 280 -53.15 7.99 13.15
CA GLN E 280 -51.91 8.24 13.87
C GLN E 280 -50.81 8.75 12.95
N ALA E 281 -50.09 9.77 13.40
CA ALA E 281 -49.00 10.31 12.62
C ALA E 281 -47.79 9.41 12.86
N GLY E 282 -47.26 8.83 11.79
CA GLY E 282 -46.10 7.95 11.91
C GLY E 282 -46.35 6.76 12.80
N ASP E 283 -45.42 6.51 13.73
CA ASP E 283 -45.57 5.41 14.67
C ASP E 283 -46.08 5.86 16.03
N GLY E 284 -46.68 7.05 16.08
CA GLY E 284 -47.22 7.57 17.32
C GLY E 284 -48.54 6.88 17.69
N ILE E 285 -49.13 7.30 18.78
CA ILE E 285 -50.38 6.71 19.23
C ILE E 285 -51.56 7.17 18.38
N THR E 286 -52.64 6.40 18.41
CA THR E 286 -53.84 6.73 17.68
C THR E 286 -54.56 7.86 18.40
N MET E 287 -55.22 8.73 17.64
CA MET E 287 -55.94 9.85 18.22
C MET E 287 -57.08 10.28 17.31
N GLN E 288 -58.01 11.06 17.85
CA GLN E 288 -59.12 11.52 17.05
C GLN E 288 -58.56 12.39 15.95
N GLY E 289 -59.28 12.46 14.83
CA GLY E 289 -58.85 13.25 13.70
C GLY E 289 -58.43 14.67 14.00
N SER E 290 -59.26 15.41 14.72
CA SER E 290 -58.91 16.80 15.03
C SER E 290 -57.51 16.92 15.61
N GLN E 291 -57.16 16.01 16.51
CA GLN E 291 -55.86 16.02 17.14
C GLN E 291 -54.78 15.58 16.16
N LEU E 292 -55.11 14.59 15.33
CA LEU E 292 -54.18 14.09 14.32
C LEU E 292 -53.87 15.24 13.39
N ALA E 293 -54.87 16.08 13.14
CA ALA E 293 -54.71 17.25 12.28
C ALA E 293 -53.65 18.16 12.84
N GLN E 294 -53.72 18.46 14.14
CA GLN E 294 -52.73 19.32 14.74
C GLN E 294 -51.36 18.69 14.74
N THR E 295 -51.25 17.48 15.26
CA THR E 295 -49.93 16.84 15.31
C THR E 295 -49.26 16.71 13.94
N LEU E 296 -50.00 16.95 12.87
CA LEU E 296 -49.43 16.86 11.54
C LEU E 296 -49.16 18.24 10.97
N GLY E 297 -49.71 19.26 11.63
CA GLY E 297 -49.52 20.63 11.17
C GLY E 297 -50.47 21.01 10.05
N LEU E 298 -51.65 20.39 10.01
CA LEU E 298 -52.66 20.68 8.99
C LEU E 298 -53.55 21.88 9.27
N VAL E 299 -53.86 22.59 8.22
CA VAL E 299 -54.76 23.74 8.23
C VAL E 299 -55.37 23.51 6.87
N GLN E 300 -56.18 24.43 6.36
CA GLN E 300 -56.79 24.21 5.05
C GLN E 300 -55.87 24.11 3.81
N GLY E 301 -54.92 23.17 3.80
CA GLY E 301 -54.02 23.03 2.67
C GLY E 301 -53.59 21.61 2.32
N SER E 302 -53.64 21.32 1.02
CA SER E 302 -53.32 20.04 0.35
C SER E 302 -52.39 18.97 0.95
N ARG E 303 -52.90 17.73 0.96
CA ARG E 303 -52.19 16.57 1.49
C ARG E 303 -51.57 15.73 0.35
N LEU E 304 -50.47 15.05 0.65
CA LEU E 304 -49.79 14.20 -0.31
C LEU E 304 -49.13 14.99 -1.43
N ARG E 314 -33.95 12.90 -11.50
CA ARG E 314 -32.93 12.85 -12.56
C ARG E 314 -32.91 11.46 -13.17
N ARG E 315 -32.22 11.30 -14.28
CA ARG E 315 -32.20 9.98 -14.91
C ARG E 315 -31.23 9.00 -14.29
N THR E 316 -31.49 7.71 -14.55
CA THR E 316 -30.68 6.61 -14.02
C THR E 316 -29.27 6.52 -14.61
N ARG E 317 -28.30 6.41 -13.72
CA ARG E 317 -26.91 6.32 -14.10
C ARG E 317 -26.44 4.87 -14.19
N VAL E 318 -26.18 4.42 -15.42
CA VAL E 318 -25.73 3.06 -15.69
C VAL E 318 -24.24 3.09 -16.00
N LEU E 319 -23.46 2.35 -15.21
CA LEU E 319 -22.01 2.29 -15.40
C LEU E 319 -21.66 0.99 -16.11
N ILE E 320 -21.08 1.09 -17.30
CA ILE E 320 -20.70 -0.11 -18.05
C ILE E 320 -19.18 -0.21 -18.22
N LEU E 321 -18.61 -1.27 -17.66
CA LEU E 321 -17.18 -1.51 -17.77
C LEU E 321 -17.01 -2.48 -18.94
N GLY E 322 -16.21 -2.08 -19.92
CA GLY E 322 -16.00 -2.91 -21.10
C GLY E 322 -17.10 -2.52 -22.08
N VAL E 323 -17.50 -1.26 -22.01
CA VAL E 323 -18.56 -0.75 -22.84
C VAL E 323 -18.38 -0.90 -24.35
N ASN E 324 -17.15 -1.01 -24.82
CA ASN E 324 -16.90 -1.12 -26.26
C ASN E 324 -17.10 -2.52 -26.81
N GLY E 325 -17.32 -3.48 -25.91
CA GLY E 325 -17.49 -4.87 -26.33
C GLY E 325 -18.76 -5.23 -27.09
N PHE E 326 -18.87 -6.51 -27.44
CA PHE E 326 -20.02 -7.02 -28.16
C PHE E 326 -21.30 -6.70 -27.40
N ILE E 327 -21.40 -7.11 -26.14
CA ILE E 327 -22.60 -6.80 -25.38
C ILE E 327 -22.66 -5.30 -25.11
N GLY E 328 -21.53 -4.76 -24.67
CA GLY E 328 -21.44 -3.35 -24.35
C GLY E 328 -21.93 -2.31 -25.35
N ASN E 329 -21.38 -2.33 -26.57
CA ASN E 329 -21.78 -1.32 -27.55
C ASN E 329 -23.26 -1.46 -27.94
N HIS E 330 -23.76 -2.68 -27.98
CA HIS E 330 -25.15 -2.87 -28.32
C HIS E 330 -26.05 -2.42 -27.20
N LEU E 331 -25.64 -2.68 -25.96
CA LEU E 331 -26.44 -2.26 -24.81
C LEU E 331 -26.47 -0.73 -24.74
N THR E 332 -25.32 -0.11 -25.02
CA THR E 332 -25.23 1.34 -25.01
C THR E 332 -26.22 1.93 -26.01
N GLU E 333 -26.21 1.40 -27.23
CA GLU E 333 -27.11 1.90 -28.27
C GLU E 333 -28.53 1.87 -27.76
N ARG E 334 -28.88 0.74 -27.15
CA ARG E 334 -30.22 0.52 -26.62
C ARG E 334 -30.62 1.52 -25.54
N LEU E 335 -29.75 1.67 -24.54
CA LEU E 335 -30.00 2.58 -23.44
C LEU E 335 -30.08 4.03 -23.91
N LEU E 336 -29.20 4.39 -24.84
CA LEU E 336 -29.18 5.75 -25.33
C LEU E 336 -30.44 6.13 -26.09
N ARG E 337 -31.24 5.14 -26.46
CA ARG E 337 -32.50 5.42 -27.16
C ARG E 337 -33.47 5.97 -26.14
N GLU E 338 -33.52 5.36 -24.98
CA GLU E 338 -34.43 5.82 -23.94
C GLU E 338 -33.90 7.14 -23.39
N ASP E 339 -34.77 7.94 -22.81
CA ASP E 339 -34.36 9.22 -22.28
C ASP E 339 -33.98 9.20 -20.80
N HIS E 340 -34.53 8.26 -20.05
CA HIS E 340 -34.24 8.20 -18.62
C HIS E 340 -32.93 7.54 -18.23
N TYR E 341 -32.00 7.42 -19.17
CA TYR E 341 -30.72 6.80 -18.86
C TYR E 341 -29.53 7.70 -19.15
N GLU E 342 -28.52 7.58 -18.31
CA GLU E 342 -27.28 8.32 -18.43
C GLU E 342 -26.25 7.18 -18.48
N VAL E 343 -25.50 7.07 -19.56
CA VAL E 343 -24.53 5.98 -19.65
C VAL E 343 -23.06 6.36 -19.44
N TYR E 344 -22.42 5.75 -18.43
CA TYR E 344 -21.02 5.99 -18.14
C TYR E 344 -20.23 4.74 -18.49
N GLY E 345 -19.21 4.87 -19.34
CA GLY E 345 -18.47 3.68 -19.72
C GLY E 345 -16.96 3.84 -19.88
N LEU E 346 -16.26 2.75 -19.60
CA LEU E 346 -14.81 2.72 -19.71
C LEU E 346 -14.40 1.46 -20.45
N ASP E 347 -13.41 1.59 -21.31
CA ASP E 347 -12.93 0.45 -22.06
C ASP E 347 -11.56 0.75 -22.66
N ILE E 348 -10.85 -0.31 -23.03
CA ILE E 348 -9.54 -0.20 -23.65
C ILE E 348 -9.68 0.31 -25.09
N GLY E 349 -10.75 -0.15 -25.75
CA GLY E 349 -11.02 0.24 -27.12
C GLY E 349 -12.21 1.17 -27.20
N SER E 350 -12.49 1.72 -28.39
CA SER E 350 -13.59 2.66 -28.53
C SER E 350 -14.19 2.77 -29.93
N ASP E 351 -13.78 1.86 -30.82
CA ASP E 351 -14.27 1.89 -32.20
C ASP E 351 -15.74 1.55 -32.33
N ALA E 352 -16.25 0.74 -31.41
CA ALA E 352 -17.66 0.36 -31.43
C ALA E 352 -18.58 1.41 -30.80
N ILE E 353 -18.03 2.22 -29.90
CA ILE E 353 -18.85 3.26 -29.26
C ILE E 353 -18.51 4.69 -29.67
N SER E 354 -17.60 4.86 -30.61
CA SER E 354 -17.24 6.22 -31.02
C SER E 354 -18.46 6.94 -31.59
N ARG E 355 -19.35 6.22 -32.26
CA ARG E 355 -20.53 6.84 -32.83
C ARG E 355 -21.41 7.51 -31.78
N PHE E 356 -21.21 7.19 -30.51
CA PHE E 356 -22.02 7.76 -29.43
C PHE E 356 -21.32 8.88 -28.67
N LEU E 357 -20.04 9.07 -28.97
CA LEU E 357 -19.27 10.09 -28.28
C LEU E 357 -19.94 11.46 -28.26
N ASN E 358 -20.73 11.77 -29.28
CA ASN E 358 -21.42 13.05 -29.31
C ASN E 358 -22.71 13.07 -28.56
N HIS E 359 -23.16 11.90 -28.13
CA HIS E 359 -24.42 11.86 -27.41
C HIS E 359 -24.27 12.51 -26.04
N PRO E 360 -25.21 13.41 -25.68
CA PRO E 360 -25.19 14.13 -24.40
C PRO E 360 -25.26 13.23 -23.17
N HIS E 361 -25.96 12.10 -23.30
CA HIS E 361 -26.12 11.20 -22.18
C HIS E 361 -25.09 10.07 -22.13
N PHE E 362 -24.08 10.12 -23.00
CA PHE E 362 -23.03 9.10 -23.02
C PHE E 362 -21.72 9.72 -22.53
N HIS E 363 -21.10 9.09 -21.53
CA HIS E 363 -19.83 9.57 -20.98
C HIS E 363 -18.83 8.43 -21.00
N PHE E 364 -17.98 8.47 -22.01
CA PHE E 364 -16.97 7.45 -22.22
C PHE E 364 -15.58 7.93 -21.81
N VAL E 365 -14.73 6.97 -21.48
CA VAL E 365 -13.38 7.29 -21.09
C VAL E 365 -12.56 6.04 -21.38
N GLU E 366 -11.40 6.21 -22.01
CA GLU E 366 -10.58 5.07 -22.35
C GLU E 366 -9.71 4.68 -21.16
N GLY E 367 -9.93 3.48 -20.65
CA GLY E 367 -9.19 3.03 -19.50
C GLY E 367 -9.05 1.52 -19.36
N ASP E 368 -8.32 1.12 -18.33
CA ASP E 368 -8.03 -0.28 -18.07
C ASP E 368 -8.51 -0.62 -16.67
N ILE E 369 -9.38 -1.62 -16.50
CA ILE E 369 -9.85 -1.96 -15.16
C ILE E 369 -8.75 -2.27 -14.17
N SER E 370 -7.57 -2.63 -14.67
CA SER E 370 -6.48 -2.97 -13.77
C SER E 370 -5.61 -1.77 -13.43
N ILE E 371 -5.86 -0.62 -14.06
CA ILE E 371 -5.06 0.57 -13.78
C ILE E 371 -5.86 1.76 -13.27
N HIS E 372 -6.86 2.18 -14.03
CA HIS E 372 -7.64 3.35 -13.66
C HIS E 372 -8.63 3.22 -12.52
N SER E 373 -8.10 3.15 -11.30
CA SER E 373 -8.92 3.03 -10.13
C SER E 373 -9.74 4.25 -9.75
N GLU E 374 -9.12 5.43 -9.75
CA GLU E 374 -9.85 6.63 -9.36
C GLU E 374 -11.18 6.68 -10.09
N TRP E 375 -11.13 6.58 -11.41
CA TRP E 375 -12.37 6.67 -12.19
C TRP E 375 -13.35 5.55 -11.88
N ILE E 376 -12.87 4.32 -11.89
CA ILE E 376 -13.76 3.20 -11.67
C ILE E 376 -14.45 3.28 -10.32
N GLU E 377 -13.67 3.41 -9.25
CA GLU E 377 -14.29 3.49 -7.93
C GLU E 377 -15.25 4.66 -7.85
N TYR E 378 -14.77 5.84 -8.23
CA TYR E 378 -15.63 7.01 -8.18
C TYR E 378 -16.97 6.78 -8.88
N HIS E 379 -16.96 6.13 -10.03
CA HIS E 379 -18.20 5.90 -10.74
C HIS E 379 -19.08 4.80 -10.18
N VAL E 380 -18.51 3.81 -9.53
CA VAL E 380 -19.36 2.79 -8.94
C VAL E 380 -20.11 3.53 -7.86
N LYS E 381 -19.39 4.42 -7.19
CA LYS E 381 -19.92 5.24 -6.10
C LYS E 381 -20.98 6.23 -6.61
N LYS E 382 -20.78 6.75 -7.82
CA LYS E 382 -21.67 7.73 -8.43
C LYS E 382 -22.87 7.17 -9.19
N CYS E 383 -22.73 6.00 -9.79
CA CYS E 383 -23.85 5.47 -10.56
C CYS E 383 -24.88 4.68 -9.78
N ASP E 384 -25.89 4.18 -10.48
CA ASP E 384 -26.98 3.43 -9.87
C ASP E 384 -26.90 1.94 -10.16
N VAL E 385 -26.46 1.56 -11.35
CA VAL E 385 -26.30 0.15 -11.68
C VAL E 385 -24.95 -0.03 -12.33
N VAL E 386 -24.30 -1.14 -11.99
CA VAL E 386 -23.00 -1.45 -12.53
C VAL E 386 -23.07 -2.72 -13.38
N LEU E 387 -22.52 -2.67 -14.57
CA LEU E 387 -22.50 -3.84 -15.46
C LEU E 387 -21.05 -4.13 -15.82
N PRO E 388 -20.37 -4.96 -15.00
CA PRO E 388 -18.96 -5.29 -15.25
C PRO E 388 -18.79 -6.29 -16.41
N LEU E 389 -18.77 -5.75 -17.63
CA LEU E 389 -18.65 -6.57 -18.83
C LEU E 389 -17.24 -6.83 -19.33
N VAL E 390 -16.23 -6.48 -18.54
CA VAL E 390 -14.85 -6.73 -18.95
C VAL E 390 -14.53 -8.20 -18.80
N ALA E 391 -14.00 -8.81 -19.85
CA ALA E 391 -13.65 -10.23 -19.79
C ALA E 391 -12.96 -10.76 -21.02
N ILE E 392 -12.68 -12.05 -20.97
CA ILE E 392 -12.07 -12.77 -22.07
C ILE E 392 -12.98 -13.98 -22.15
N ALA E 393 -13.74 -14.07 -23.23
CA ALA E 393 -14.67 -15.17 -23.39
C ALA E 393 -14.50 -15.95 -24.67
N THR E 394 -13.25 -16.06 -25.14
CA THR E 394 -12.97 -16.85 -26.33
C THR E 394 -12.22 -18.08 -25.81
N PRO E 395 -12.89 -19.24 -25.84
CA PRO E 395 -12.37 -20.54 -25.39
C PRO E 395 -10.89 -20.83 -25.61
N ILE E 396 -10.37 -20.54 -26.79
CA ILE E 396 -8.97 -20.83 -27.06
C ILE E 396 -8.09 -20.24 -25.97
N GLU E 397 -8.50 -19.09 -25.44
CA GLU E 397 -7.74 -18.42 -24.40
C GLU E 397 -7.77 -19.15 -23.06
N TYR E 398 -8.79 -19.96 -22.83
CA TYR E 398 -8.89 -20.67 -21.57
C TYR E 398 -7.74 -21.65 -21.44
N THR E 399 -7.38 -22.31 -22.53
CA THR E 399 -6.28 -23.27 -22.48
C THR E 399 -4.95 -22.61 -22.78
N ARG E 400 -4.97 -21.66 -23.71
CA ARG E 400 -3.75 -20.95 -24.11
C ARG E 400 -3.21 -19.98 -23.05
N ASN E 401 -4.10 -19.24 -22.38
CA ASN E 401 -3.69 -18.29 -21.34
C ASN E 401 -4.60 -18.40 -20.11
N PRO E 402 -4.63 -19.56 -19.45
CA PRO E 402 -5.48 -19.74 -18.27
C PRO E 402 -5.31 -18.68 -17.20
N LEU E 403 -4.06 -18.33 -16.87
CA LEU E 403 -3.83 -17.33 -15.83
C LEU E 403 -4.30 -15.92 -16.20
N ARG E 404 -4.15 -15.54 -17.47
CA ARG E 404 -4.61 -14.22 -17.91
C ARG E 404 -6.13 -14.20 -17.77
N VAL E 405 -6.79 -15.32 -18.12
CA VAL E 405 -8.24 -15.42 -18.01
C VAL E 405 -8.67 -15.28 -16.55
N PHE E 406 -8.03 -16.07 -15.70
CA PHE E 406 -8.33 -16.08 -14.26
C PHE E 406 -8.23 -14.70 -13.64
N GLU E 407 -7.11 -14.04 -13.92
CA GLU E 407 -6.84 -12.73 -13.37
C GLU E 407 -7.79 -11.62 -13.81
N LEU E 408 -8.18 -11.66 -15.07
CA LEU E 408 -9.08 -10.66 -15.64
C LEU E 408 -10.53 -11.01 -15.35
N ASP E 409 -10.95 -12.20 -15.78
CA ASP E 409 -12.33 -12.64 -15.58
C ASP E 409 -12.73 -12.79 -14.14
N PHE E 410 -11.81 -13.23 -13.29
CA PHE E 410 -12.15 -13.43 -11.90
C PHE E 410 -11.69 -12.34 -10.93
N GLU E 411 -10.39 -12.23 -10.75
CA GLU E 411 -9.88 -11.25 -9.81
C GLU E 411 -10.34 -9.82 -10.06
N GLU E 412 -10.05 -9.30 -11.25
CA GLU E 412 -10.43 -7.94 -11.60
C GLU E 412 -11.90 -7.63 -11.32
N ASN E 413 -12.78 -8.57 -11.65
CA ASN E 413 -14.21 -8.41 -11.44
C ASN E 413 -14.61 -8.51 -9.97
N LEU E 414 -13.97 -9.42 -9.23
CA LEU E 414 -14.28 -9.56 -7.82
C LEU E 414 -14.09 -8.21 -7.13
N ARG E 415 -13.13 -7.44 -7.64
CA ARG E 415 -12.82 -6.12 -7.10
C ARG E 415 -14.02 -5.17 -7.34
N ILE E 416 -14.61 -5.24 -8.53
CA ILE E 416 -15.75 -4.41 -8.86
C ILE E 416 -16.96 -4.86 -8.03
N ILE E 417 -17.14 -6.18 -7.91
CA ILE E 417 -18.26 -6.69 -7.13
C ILE E 417 -18.18 -6.08 -5.73
N ARG E 418 -16.96 -6.01 -5.19
CA ARG E 418 -16.78 -5.47 -3.87
C ARG E 418 -17.02 -3.98 -3.76
N TYR E 419 -16.66 -3.22 -4.80
CA TYR E 419 -16.91 -1.78 -4.80
C TYR E 419 -18.42 -1.62 -4.61
N CYS E 420 -19.17 -2.47 -5.33
CA CYS E 420 -20.62 -2.45 -5.27
C CYS E 420 -21.20 -2.72 -3.90
N VAL E 421 -20.63 -3.68 -3.17
CA VAL E 421 -21.18 -3.93 -1.85
C VAL E 421 -20.72 -2.81 -0.94
N LYS E 422 -19.52 -2.28 -1.19
CA LYS E 422 -19.03 -1.19 -0.36
C LYS E 422 -19.94 0.02 -0.43
N TYR E 423 -20.33 0.39 -1.65
CA TYR E 423 -21.18 1.55 -1.86
C TYR E 423 -22.64 1.20 -2.08
N ARG E 424 -23.01 -0.03 -1.70
CA ARG E 424 -24.38 -0.51 -1.84
C ARG E 424 -24.98 -0.12 -3.18
N LYS E 425 -24.48 -0.71 -4.26
CA LYS E 425 -24.99 -0.41 -5.59
C LYS E 425 -25.53 -1.68 -6.19
N ARG E 426 -26.45 -1.52 -7.13
CA ARG E 426 -27.05 -2.68 -7.79
C ARG E 426 -26.09 -3.17 -8.85
N ILE E 427 -25.82 -4.46 -8.84
CA ILE E 427 -24.92 -5.03 -9.82
C ILE E 427 -25.65 -6.04 -10.70
N ILE E 428 -25.55 -5.86 -12.01
CA ILE E 428 -26.15 -6.79 -12.97
C ILE E 428 -24.95 -7.49 -13.54
N PHE E 429 -24.57 -8.60 -12.91
CA PHE E 429 -23.38 -9.33 -13.33
C PHE E 429 -23.59 -10.33 -14.43
N PRO E 430 -22.71 -10.31 -15.44
CA PRO E 430 -22.83 -11.24 -16.56
C PRO E 430 -22.24 -12.60 -16.23
N SER E 431 -23.11 -13.57 -16.00
CA SER E 431 -22.68 -14.93 -15.73
C SER E 431 -22.48 -15.54 -17.12
N THR E 432 -22.65 -16.85 -17.26
CA THR E 432 -22.43 -17.46 -18.55
C THR E 432 -23.11 -18.80 -18.62
N SER E 433 -23.48 -19.21 -19.82
CA SER E 433 -24.12 -20.49 -19.99
C SER E 433 -23.07 -21.56 -19.78
N GLU E 434 -21.81 -21.17 -19.84
CA GLU E 434 -20.76 -22.15 -19.65
C GLU E 434 -20.66 -22.64 -18.20
N VAL E 435 -21.34 -21.94 -17.31
CA VAL E 435 -21.33 -22.28 -15.90
C VAL E 435 -21.99 -23.64 -15.68
N TYR E 436 -22.89 -24.01 -16.60
CA TYR E 436 -23.58 -25.29 -16.53
C TYR E 436 -22.67 -26.42 -16.98
N GLY E 437 -21.60 -26.06 -17.69
CA GLY E 437 -20.67 -27.07 -18.18
C GLY E 437 -21.35 -28.10 -19.05
N MET E 438 -21.00 -29.37 -18.86
CA MET E 438 -21.59 -30.46 -19.64
C MET E 438 -22.84 -30.99 -18.96
N CYS E 439 -23.65 -30.08 -18.42
CA CYS E 439 -24.89 -30.45 -17.76
C CYS E 439 -25.63 -31.39 -18.69
N SER E 440 -26.38 -32.33 -18.13
CA SER E 440 -27.11 -33.28 -18.95
C SER E 440 -28.59 -33.00 -19.14
N ASP E 441 -29.13 -32.00 -18.47
CA ASP E 441 -30.54 -31.69 -18.65
C ASP E 441 -30.84 -31.20 -20.07
N LYS E 442 -32.06 -31.44 -20.56
CA LYS E 442 -32.45 -30.98 -21.90
C LYS E 442 -32.47 -29.46 -21.85
N TYR E 443 -32.90 -28.95 -20.70
CA TYR E 443 -32.96 -27.52 -20.44
C TYR E 443 -32.08 -27.11 -19.27
N PHE E 444 -31.08 -26.27 -19.52
CA PHE E 444 -30.22 -25.82 -18.44
C PHE E 444 -31.08 -24.87 -17.63
N ASP E 445 -31.37 -25.26 -16.39
CA ASP E 445 -32.20 -24.47 -15.49
C ASP E 445 -31.39 -23.71 -14.45
N GLU E 446 -31.64 -22.40 -14.38
CA GLU E 446 -30.94 -21.51 -13.45
C GLU E 446 -31.09 -21.89 -11.99
N ASP E 447 -32.23 -22.46 -11.62
CA ASP E 447 -32.45 -22.80 -10.23
C ASP E 447 -32.41 -24.26 -9.86
N HIS E 448 -32.28 -25.14 -10.84
CA HIS E 448 -32.27 -26.56 -10.52
C HIS E 448 -31.19 -27.40 -11.17
N SER E 449 -30.65 -26.97 -12.31
CA SER E 449 -29.64 -27.77 -12.98
C SER E 449 -28.35 -27.86 -12.21
N ASN E 450 -27.72 -29.03 -12.28
CA ASN E 450 -26.44 -29.22 -11.63
C ASN E 450 -25.38 -28.75 -12.63
N LEU E 451 -24.22 -28.41 -12.11
CA LEU E 451 -23.15 -27.93 -12.96
C LEU E 451 -22.07 -29.00 -13.10
N ILE E 452 -21.72 -29.33 -14.34
CA ILE E 452 -20.73 -30.35 -14.60
C ILE E 452 -19.56 -29.91 -15.46
N VAL E 453 -18.35 -30.06 -14.94
CA VAL E 453 -17.14 -29.73 -15.70
C VAL E 453 -16.25 -30.96 -15.63
N GLY E 454 -15.13 -30.92 -16.36
CA GLY E 454 -14.22 -32.06 -16.38
C GLY E 454 -13.12 -31.98 -15.38
N PRO E 455 -12.15 -32.90 -15.44
CA PRO E 455 -10.99 -32.98 -14.55
C PRO E 455 -10.14 -31.71 -14.60
N VAL E 456 -9.31 -31.53 -13.58
CA VAL E 456 -8.44 -30.37 -13.54
C VAL E 456 -7.52 -30.37 -14.75
N ASN E 457 -7.22 -31.55 -15.29
CA ASN E 457 -6.33 -31.62 -16.45
C ASN E 457 -7.01 -31.18 -17.74
N LYS E 458 -8.21 -30.64 -17.63
CA LYS E 458 -8.94 -30.13 -18.78
C LYS E 458 -9.17 -28.65 -18.51
N PRO E 459 -8.10 -27.84 -18.60
CA PRO E 459 -8.15 -26.41 -18.36
C PRO E 459 -9.19 -25.54 -19.05
N ARG E 460 -9.91 -26.07 -20.03
CA ARG E 460 -10.91 -25.24 -20.68
C ARG E 460 -11.99 -24.79 -19.67
N TRP E 461 -12.18 -25.58 -18.63
CA TRP E 461 -13.19 -25.25 -17.64
C TRP E 461 -12.76 -24.18 -16.65
N ILE E 462 -11.51 -23.72 -16.71
CA ILE E 462 -11.06 -22.70 -15.77
C ILE E 462 -11.99 -21.49 -15.82
N TYR E 463 -12.46 -21.14 -17.02
CA TYR E 463 -13.37 -20.02 -17.21
C TYR E 463 -14.69 -20.32 -16.50
N SER E 464 -15.32 -21.43 -16.89
CA SER E 464 -16.59 -21.88 -16.32
C SER E 464 -16.56 -21.85 -14.80
N VAL E 465 -15.54 -22.49 -14.23
CA VAL E 465 -15.40 -22.56 -12.78
C VAL E 465 -15.19 -21.18 -12.16
N SER E 466 -14.42 -20.32 -12.83
CA SER E 466 -14.18 -18.97 -12.34
C SER E 466 -15.47 -18.19 -12.25
N LYS E 467 -16.23 -18.24 -13.33
CA LYS E 467 -17.50 -17.53 -13.38
C LYS E 467 -18.47 -18.07 -12.36
N GLN E 468 -18.41 -19.36 -12.10
CA GLN E 468 -19.33 -19.92 -11.12
C GLN E 468 -19.01 -19.47 -9.70
N LEU E 469 -17.71 -19.38 -9.38
CA LEU E 469 -17.30 -18.95 -8.04
C LEU E 469 -17.76 -17.51 -7.84
N LEU E 470 -17.69 -16.70 -8.90
CA LEU E 470 -18.11 -15.30 -8.80
C LEU E 470 -19.59 -15.23 -8.54
N ASP E 471 -20.35 -16.08 -9.23
CA ASP E 471 -21.80 -16.12 -9.05
C ASP E 471 -22.13 -16.46 -7.60
N ARG E 472 -21.39 -17.39 -7.03
CA ARG E 472 -21.60 -17.79 -5.65
C ARG E 472 -21.21 -16.71 -4.64
N VAL E 473 -20.14 -15.98 -4.93
CA VAL E 473 -19.72 -14.92 -4.03
C VAL E 473 -20.75 -13.80 -4.06
N ILE E 474 -21.26 -13.49 -5.25
CA ILE E 474 -22.27 -12.45 -5.38
C ILE E 474 -23.51 -12.89 -4.61
N TRP E 475 -23.84 -14.17 -4.73
CA TRP E 475 -24.98 -14.74 -4.02
C TRP E 475 -24.81 -14.61 -2.50
N ALA E 476 -23.61 -14.90 -2.00
CA ALA E 476 -23.35 -14.80 -0.58
C ALA E 476 -23.48 -13.34 -0.15
N TYR E 477 -22.93 -12.43 -0.94
CA TYR E 477 -23.03 -11.03 -0.58
C TYR E 477 -24.48 -10.63 -0.56
N GLY E 478 -25.27 -11.20 -1.45
CA GLY E 478 -26.68 -10.84 -1.45
C GLY E 478 -27.38 -11.33 -0.20
N GLU E 479 -27.16 -12.60 0.11
CA GLU E 479 -27.76 -13.22 1.27
C GLU E 479 -27.25 -12.64 2.58
N LYS E 480 -25.94 -12.62 2.76
CA LYS E 480 -25.33 -12.13 3.99
C LYS E 480 -25.07 -10.63 4.13
N GLU E 481 -25.22 -9.85 3.07
CA GLU E 481 -24.97 -8.41 3.20
C GLU E 481 -25.87 -7.48 2.39
N GLY E 482 -27.02 -8.00 1.99
CA GLY E 482 -27.97 -7.18 1.26
C GLY E 482 -27.61 -6.64 -0.12
N LEU E 483 -26.56 -7.16 -0.74
CA LEU E 483 -26.20 -6.70 -2.07
C LEU E 483 -27.38 -6.92 -3.01
N GLN E 484 -27.75 -5.89 -3.78
CA GLN E 484 -28.86 -6.06 -4.73
C GLN E 484 -28.25 -6.47 -6.05
N PHE E 485 -28.62 -7.65 -6.54
CA PHE E 485 -28.04 -8.15 -7.78
C PHE E 485 -28.98 -8.90 -8.70
N THR E 486 -28.45 -9.23 -9.87
CA THR E 486 -29.16 -10.01 -10.87
C THR E 486 -28.06 -10.61 -11.72
N LEU E 487 -28.06 -11.93 -11.85
CA LEU E 487 -27.06 -12.61 -12.67
C LEU E 487 -27.74 -13.02 -13.97
N PHE E 488 -27.13 -12.71 -15.12
CA PHE E 488 -27.74 -13.11 -16.38
C PHE E 488 -26.77 -13.98 -17.16
N ARG E 489 -27.31 -15.03 -17.78
CA ARG E 489 -26.49 -15.95 -18.53
C ARG E 489 -26.81 -15.99 -20.01
N PRO E 490 -25.93 -15.42 -20.84
CA PRO E 490 -26.18 -15.43 -22.28
C PRO E 490 -25.90 -16.81 -22.89
N PHE E 491 -26.72 -17.20 -23.84
CA PHE E 491 -26.54 -18.46 -24.54
C PHE E 491 -26.21 -18.16 -25.98
N ASN E 492 -24.92 -18.34 -26.29
CA ASN E 492 -24.37 -18.09 -27.61
C ASN E 492 -25.00 -16.97 -28.41
N TRP E 493 -24.91 -15.77 -27.86
CA TRP E 493 -25.44 -14.58 -28.53
C TRP E 493 -24.54 -14.28 -29.71
N MET E 494 -25.11 -13.88 -30.84
CA MET E 494 -24.28 -13.50 -31.95
C MET E 494 -24.94 -12.43 -32.81
N GLY E 495 -24.11 -11.77 -33.61
CA GLY E 495 -24.60 -10.71 -34.46
C GLY E 495 -23.39 -9.84 -34.77
N PRO E 496 -23.58 -8.68 -35.39
CA PRO E 496 -22.45 -7.80 -35.70
C PRO E 496 -21.60 -7.49 -34.48
N ARG E 497 -20.29 -7.36 -34.72
CA ARG E 497 -19.33 -7.01 -33.68
C ARG E 497 -19.03 -8.12 -32.67
N LEU E 498 -19.44 -9.35 -32.97
CA LEU E 498 -19.13 -10.43 -32.06
C LEU E 498 -17.68 -10.72 -32.44
N ASP E 499 -16.75 -10.08 -31.75
CA ASP E 499 -15.33 -10.25 -32.00
C ASP E 499 -15.04 -9.59 -33.32
N ASN E 500 -13.91 -9.90 -33.93
CA ASN E 500 -13.53 -9.31 -35.22
C ASN E 500 -12.64 -10.26 -36.02
N LEU E 501 -12.68 -10.15 -37.35
CA LEU E 501 -11.89 -11.03 -38.21
C LEU E 501 -10.41 -11.10 -37.81
N ASN E 502 -9.90 -9.99 -37.31
CA ASN E 502 -8.50 -9.97 -36.94
C ASN E 502 -8.15 -10.89 -35.78
N ALA E 503 -8.93 -10.80 -34.71
CA ALA E 503 -8.70 -11.63 -33.55
C ALA E 503 -8.93 -13.08 -33.94
N ALA E 504 -9.82 -13.31 -34.91
CA ALA E 504 -10.12 -14.64 -35.40
C ALA E 504 -8.90 -15.28 -36.05
N ARG E 505 -7.97 -14.46 -36.54
CA ARG E 505 -6.76 -14.96 -37.16
C ARG E 505 -5.90 -15.66 -36.14
N ILE E 506 -6.20 -15.45 -34.86
CA ILE E 506 -5.44 -16.09 -33.80
C ILE E 506 -6.32 -17.09 -33.06
N GLY E 507 -7.53 -17.29 -33.58
CA GLY E 507 -8.47 -18.21 -32.99
C GLY E 507 -9.17 -17.58 -31.79
N SER E 508 -8.86 -16.31 -31.53
CA SER E 508 -9.45 -15.61 -30.41
C SER E 508 -10.77 -14.96 -30.76
N SER E 509 -11.75 -15.79 -31.07
CA SER E 509 -13.06 -15.30 -31.41
C SER E 509 -14.01 -16.46 -31.38
N ARG E 510 -15.29 -16.18 -31.27
CA ARG E 510 -16.25 -17.25 -31.26
C ARG E 510 -16.50 -17.89 -32.65
N ALA E 511 -17.08 -19.09 -32.65
CA ALA E 511 -17.29 -19.82 -33.89
C ALA E 511 -17.81 -19.05 -35.11
N ILE E 512 -18.98 -18.45 -35.02
CA ILE E 512 -19.54 -17.75 -36.17
C ILE E 512 -18.53 -16.81 -36.82
N THR E 513 -17.99 -15.89 -36.04
CA THR E 513 -17.01 -14.93 -36.56
C THR E 513 -15.72 -15.58 -37.11
N GLN E 514 -15.30 -16.71 -36.54
CA GLN E 514 -14.11 -17.44 -37.00
C GLN E 514 -14.35 -18.11 -38.37
N LEU E 515 -15.54 -18.69 -38.56
CA LEU E 515 -15.89 -19.34 -39.83
C LEU E 515 -15.97 -18.27 -40.91
N ILE E 516 -16.43 -17.07 -40.55
CA ILE E 516 -16.51 -15.99 -41.53
C ILE E 516 -15.08 -15.65 -41.99
N LEU E 517 -14.13 -15.65 -41.07
CA LEU E 517 -12.76 -15.37 -41.48
C LEU E 517 -12.30 -16.46 -42.46
N ASN E 518 -12.75 -17.69 -42.25
CA ASN E 518 -12.37 -18.78 -43.15
C ASN E 518 -12.86 -18.49 -44.56
N LEU E 519 -14.16 -18.20 -44.70
CA LEU E 519 -14.71 -17.90 -46.01
C LEU E 519 -13.98 -16.72 -46.63
N VAL E 520 -13.70 -15.70 -45.83
CA VAL E 520 -13.01 -14.49 -46.30
C VAL E 520 -11.61 -14.77 -46.84
N GLU E 521 -10.76 -15.41 -46.02
CA GLU E 521 -9.39 -15.68 -46.44
C GLU E 521 -9.23 -16.89 -47.35
N GLY E 522 -10.31 -17.65 -47.54
CA GLY E 522 -10.23 -18.82 -48.40
C GLY E 522 -9.63 -20.07 -47.78
N SER E 523 -9.68 -20.19 -46.46
CA SER E 523 -9.18 -21.36 -45.77
C SER E 523 -10.37 -22.23 -45.42
N PRO E 524 -10.13 -23.53 -45.20
CA PRO E 524 -11.27 -24.40 -44.87
C PRO E 524 -11.88 -24.15 -43.50
N ILE E 525 -13.19 -24.40 -43.40
CA ILE E 525 -13.95 -24.25 -42.15
C ILE E 525 -13.76 -25.55 -41.39
N LYS E 526 -13.02 -25.54 -40.28
CA LYS E 526 -12.84 -26.76 -39.52
C LYS E 526 -13.92 -27.00 -38.47
N LEU E 527 -14.43 -28.21 -38.44
CA LEU E 527 -15.46 -28.63 -37.50
C LEU E 527 -14.79 -29.43 -36.39
N ILE E 528 -14.50 -28.77 -35.28
CA ILE E 528 -13.84 -29.43 -34.14
C ILE E 528 -14.60 -30.68 -33.71
N ASP E 529 -13.90 -31.81 -33.75
CA ASP E 529 -14.45 -33.11 -33.40
C ASP E 529 -15.78 -33.42 -34.12
N GLY E 530 -15.79 -33.22 -35.44
CA GLY E 530 -16.99 -33.52 -36.21
C GLY E 530 -18.00 -32.40 -36.29
N GLY E 531 -17.99 -31.51 -35.32
CA GLY E 531 -18.93 -30.41 -35.35
C GLY E 531 -20.37 -30.85 -35.20
N LYS E 532 -20.58 -31.99 -34.56
CA LYS E 532 -21.93 -32.49 -34.38
C LYS E 532 -22.53 -31.91 -33.10
N GLN E 533 -21.67 -31.36 -32.24
CA GLN E 533 -22.15 -30.75 -31.01
C GLN E 533 -23.02 -29.60 -31.40
N LYS E 534 -24.05 -29.32 -30.61
CA LYS E 534 -24.97 -28.24 -30.93
C LYS E 534 -25.02 -27.15 -29.86
N ARG E 535 -25.63 -26.03 -30.22
CA ARG E 535 -25.77 -24.87 -29.34
C ARG E 535 -27.07 -24.18 -29.72
N CYS E 536 -27.52 -23.27 -28.87
CA CYS E 536 -28.70 -22.49 -29.17
C CYS E 536 -28.21 -21.08 -29.43
N PHE E 537 -28.24 -20.66 -30.68
CA PHE E 537 -27.79 -19.32 -31.02
C PHE E 537 -28.87 -18.29 -30.83
N THR E 538 -28.51 -17.19 -30.17
CA THR E 538 -29.46 -16.13 -29.88
C THR E 538 -29.05 -14.85 -30.60
N ASP E 539 -30.01 -14.14 -31.18
CA ASP E 539 -29.66 -12.90 -31.88
C ASP E 539 -29.38 -11.84 -30.84
N ILE E 540 -28.30 -11.08 -31.05
CA ILE E 540 -27.90 -10.04 -30.12
C ILE E 540 -29.05 -9.07 -29.81
N ARG E 541 -29.93 -8.86 -30.79
CA ARG E 541 -31.05 -7.95 -30.60
C ARG E 541 -31.96 -8.50 -29.51
N ASP E 542 -32.23 -9.80 -29.55
CA ASP E 542 -33.06 -10.44 -28.55
C ASP E 542 -32.40 -10.34 -27.19
N GLY E 543 -31.11 -10.67 -27.15
CA GLY E 543 -30.36 -10.60 -25.92
C GLY E 543 -30.35 -9.23 -25.26
N ILE E 544 -30.05 -8.19 -26.03
CA ILE E 544 -30.03 -6.84 -25.48
C ILE E 544 -31.40 -6.41 -24.95
N GLU E 545 -32.47 -6.86 -25.61
CA GLU E 545 -33.81 -6.49 -25.17
C GLU E 545 -34.04 -7.08 -23.79
N ALA E 546 -33.70 -8.35 -23.62
CA ALA E 546 -33.87 -9.00 -22.34
C ALA E 546 -33.03 -8.27 -21.30
N LEU E 547 -31.76 -8.00 -21.63
CA LEU E 547 -30.88 -7.31 -20.70
C LEU E 547 -31.47 -5.95 -20.32
N TYR E 548 -31.95 -5.23 -21.34
CA TYR E 548 -32.56 -3.91 -21.11
C TYR E 548 -33.66 -4.06 -20.06
N ARG E 549 -34.53 -5.05 -20.25
CA ARG E 549 -35.60 -5.33 -19.30
C ARG E 549 -35.02 -5.50 -17.89
N ILE E 550 -33.92 -6.23 -17.78
CA ILE E 550 -33.30 -6.44 -16.47
C ILE E 550 -32.84 -5.13 -15.85
N ILE E 551 -32.31 -4.23 -16.67
CA ILE E 551 -31.88 -2.94 -16.15
C ILE E 551 -33.15 -2.23 -15.65
N GLU E 552 -34.19 -2.23 -16.47
CA GLU E 552 -35.46 -1.59 -16.09
C GLU E 552 -35.94 -2.16 -14.76
N ASN E 553 -35.69 -3.44 -14.55
CA ASN E 553 -36.10 -4.11 -13.31
C ASN E 553 -37.50 -3.68 -12.83
N ALA E 554 -38.47 -3.77 -13.73
CA ALA E 554 -39.83 -3.40 -13.41
C ALA E 554 -40.39 -4.27 -12.27
N GLY E 555 -40.89 -3.60 -11.24
CA GLY E 555 -41.44 -4.28 -10.09
C GLY E 555 -40.38 -5.02 -9.30
N ASN E 556 -39.10 -4.72 -9.54
CA ASN E 556 -37.99 -5.37 -8.85
C ASN E 556 -38.04 -6.89 -8.96
N ARG E 557 -38.67 -7.39 -10.01
CA ARG E 557 -38.80 -8.82 -10.22
C ARG E 557 -37.51 -9.52 -10.58
N CYS E 558 -36.42 -8.78 -10.70
CA CYS E 558 -35.14 -9.40 -11.03
C CYS E 558 -34.19 -9.48 -9.86
N ASP E 559 -34.60 -8.98 -8.71
CA ASP E 559 -33.72 -9.00 -7.56
C ASP E 559 -33.39 -10.38 -7.02
N GLY E 560 -32.10 -10.72 -7.00
CA GLY E 560 -31.67 -12.01 -6.51
C GLY E 560 -31.94 -13.11 -7.51
N GLU E 561 -32.36 -12.72 -8.70
CA GLU E 561 -32.65 -13.68 -9.74
C GLU E 561 -31.46 -14.00 -10.64
N ILE E 562 -31.47 -15.21 -11.20
CA ILE E 562 -30.45 -15.62 -12.12
C ILE E 562 -31.32 -15.83 -13.36
N ILE E 563 -30.94 -15.24 -14.47
CA ILE E 563 -31.76 -15.35 -15.67
C ILE E 563 -31.00 -15.74 -16.95
N ASN E 564 -31.40 -16.84 -17.56
CA ASN E 564 -30.77 -17.27 -18.82
C ASN E 564 -31.40 -16.42 -19.90
N ILE E 565 -30.65 -16.16 -20.95
CA ILE E 565 -31.17 -15.38 -22.05
C ILE E 565 -30.64 -16.03 -23.32
N GLY E 566 -31.52 -16.74 -24.01
CA GLY E 566 -31.15 -17.40 -25.24
C GLY E 566 -32.38 -17.86 -25.98
N ASN E 567 -32.22 -18.26 -27.22
CA ASN E 567 -33.36 -18.71 -27.98
C ASN E 567 -33.30 -20.21 -28.15
N PRO E 568 -34.06 -20.94 -27.32
CA PRO E 568 -34.09 -22.41 -27.37
C PRO E 568 -34.57 -22.90 -28.72
N GLU E 569 -35.18 -22.01 -29.49
CA GLU E 569 -35.66 -22.36 -30.81
C GLU E 569 -34.54 -22.46 -31.85
N ASN E 570 -33.44 -21.75 -31.61
CA ASN E 570 -32.33 -21.77 -32.55
C ASN E 570 -31.24 -22.79 -32.25
N GLU E 571 -31.63 -24.03 -31.94
CA GLU E 571 -30.65 -25.07 -31.70
C GLU E 571 -30.09 -25.56 -33.02
N ALA E 572 -28.76 -25.71 -33.11
CA ALA E 572 -28.13 -26.15 -34.35
C ALA E 572 -26.74 -26.65 -34.07
N SER E 573 -26.29 -27.62 -34.86
CA SER E 573 -24.94 -28.16 -34.67
C SER E 573 -24.01 -27.18 -35.34
N ILE E 574 -22.73 -27.23 -35.00
CA ILE E 574 -21.76 -26.32 -35.59
C ILE E 574 -21.66 -26.63 -37.06
N GLU E 575 -21.86 -27.88 -37.40
CA GLU E 575 -21.82 -28.28 -38.79
C GLU E 575 -22.93 -27.55 -39.55
N GLU E 576 -24.12 -27.49 -38.94
CA GLU E 576 -25.27 -26.82 -39.56
C GLU E 576 -25.05 -25.32 -39.64
N LEU E 577 -24.35 -24.78 -38.63
CA LEU E 577 -24.04 -23.36 -38.59
C LEU E 577 -23.14 -23.07 -39.78
N GLY E 578 -22.17 -23.95 -40.00
CA GLY E 578 -21.26 -23.79 -41.13
C GLY E 578 -21.96 -23.84 -42.47
N GLU E 579 -22.96 -24.72 -42.59
CA GLU E 579 -23.69 -24.83 -43.84
C GLU E 579 -24.53 -23.59 -44.07
N MET E 580 -25.30 -23.21 -43.06
CA MET E 580 -26.13 -22.02 -43.16
C MET E 580 -25.30 -20.81 -43.53
N LEU E 581 -24.14 -20.67 -42.90
CA LEU E 581 -23.28 -19.55 -43.20
C LEU E 581 -22.86 -19.63 -44.66
N LEU E 582 -22.31 -20.78 -45.06
CA LEU E 582 -21.85 -20.99 -46.44
C LEU E 582 -22.94 -20.64 -47.46
N ALA E 583 -24.15 -21.10 -47.21
CA ALA E 583 -25.26 -20.82 -48.11
C ALA E 583 -25.41 -19.29 -48.33
N SER E 584 -25.45 -18.54 -47.23
CA SER E 584 -25.58 -17.09 -47.28
C SER E 584 -24.39 -16.51 -48.03
N PHE E 585 -23.20 -16.92 -47.62
CA PHE E 585 -21.98 -16.42 -48.26
C PHE E 585 -22.03 -16.53 -49.78
N GLU E 586 -22.46 -17.69 -50.29
CA GLU E 586 -22.51 -17.89 -51.73
C GLU E 586 -23.51 -16.96 -52.43
N LYS E 587 -24.54 -16.54 -51.71
CA LYS E 587 -25.54 -15.64 -52.30
C LYS E 587 -25.16 -14.17 -52.10
N HIS E 588 -24.15 -13.89 -51.29
CA HIS E 588 -23.78 -12.51 -51.01
C HIS E 588 -23.22 -11.70 -52.19
N PRO E 589 -23.60 -10.42 -52.27
CA PRO E 589 -23.14 -9.52 -53.33
C PRO E 589 -21.63 -9.45 -53.41
N LEU E 590 -20.98 -9.38 -52.26
CA LEU E 590 -19.53 -9.28 -52.22
C LEU E 590 -18.79 -10.59 -52.45
N ARG E 591 -19.53 -11.69 -52.63
CA ARG E 591 -18.93 -13.01 -52.82
C ARG E 591 -17.70 -13.11 -53.73
N HIS E 592 -17.82 -12.57 -54.93
CA HIS E 592 -16.74 -12.63 -55.90
C HIS E 592 -15.41 -12.05 -55.41
N HIS E 593 -15.42 -11.24 -54.37
CA HIS E 593 -14.18 -10.66 -53.87
C HIS E 593 -13.30 -11.64 -53.10
N PHE E 594 -13.91 -12.70 -52.59
CA PHE E 594 -13.17 -13.68 -51.80
C PHE E 594 -12.92 -14.97 -52.55
N PRO E 595 -11.86 -15.70 -52.20
CA PRO E 595 -11.48 -16.97 -52.82
C PRO E 595 -12.53 -18.08 -52.77
N PRO E 596 -12.34 -19.11 -53.60
CA PRO E 596 -13.29 -20.22 -53.63
C PRO E 596 -13.31 -20.97 -52.31
N PHE E 597 -14.43 -21.60 -51.98
CA PHE E 597 -14.57 -22.33 -50.73
C PHE E 597 -13.58 -23.49 -50.65
N ALA E 598 -12.86 -23.58 -49.53
CA ALA E 598 -11.86 -24.61 -49.35
C ALA E 598 -12.47 -25.82 -48.72
N GLY E 599 -13.78 -25.76 -48.47
CA GLY E 599 -14.47 -26.90 -47.88
C GLY E 599 -14.44 -27.09 -46.37
N PHE E 600 -15.30 -27.98 -45.89
CA PHE E 600 -15.40 -28.31 -44.48
C PHE E 600 -14.44 -29.44 -44.16
N ARG E 601 -13.78 -29.36 -43.02
CA ARG E 601 -12.84 -30.41 -42.62
C ARG E 601 -12.85 -30.71 -41.13
N VAL E 602 -13.11 -31.97 -40.80
CA VAL E 602 -13.15 -32.41 -39.41
C VAL E 602 -11.73 -32.42 -38.85
N VAL E 603 -11.59 -31.88 -37.65
CA VAL E 603 -10.30 -31.76 -37.01
C VAL E 603 -10.38 -32.15 -35.54
N GLU E 604 -9.27 -32.65 -34.99
CA GLU E 604 -9.23 -33.01 -33.57
C GLU E 604 -9.21 -31.68 -32.82
N SER E 605 -9.99 -31.58 -31.74
CA SER E 605 -10.04 -30.34 -30.95
C SER E 605 -8.62 -29.93 -30.55
N SER E 606 -7.81 -30.90 -30.13
CA SER E 606 -6.45 -30.64 -29.70
C SER E 606 -5.62 -29.85 -30.70
N SER E 607 -5.89 -30.02 -31.98
CA SER E 607 -5.11 -29.33 -33.00
C SER E 607 -5.56 -27.90 -33.21
N TYR E 608 -6.56 -27.47 -32.45
CA TYR E 608 -7.04 -26.11 -32.59
C TYR E 608 -7.00 -25.38 -31.25
N TYR E 609 -7.40 -26.08 -30.20
CA TYR E 609 -7.41 -25.52 -28.86
C TYR E 609 -6.21 -25.93 -28.02
N GLY E 610 -5.47 -26.93 -28.48
CA GLY E 610 -4.33 -27.40 -27.73
C GLY E 610 -4.75 -28.48 -26.75
N LYS E 611 -3.79 -29.01 -26.01
CA LYS E 611 -4.12 -30.05 -25.05
C LYS E 611 -5.01 -29.44 -23.95
N GLY E 612 -5.86 -30.27 -23.36
CA GLY E 612 -6.70 -29.78 -22.29
C GLY E 612 -8.03 -29.21 -22.66
N TYR E 613 -8.44 -29.39 -23.91
CA TYR E 613 -9.73 -28.90 -24.34
C TYR E 613 -10.75 -29.99 -24.16
N GLN E 614 -11.98 -29.61 -23.89
CA GLN E 614 -13.08 -30.56 -23.73
C GLN E 614 -14.27 -29.70 -24.05
N ASP E 615 -15.38 -30.30 -24.45
CA ASP E 615 -16.48 -29.42 -24.80
C ASP E 615 -17.85 -29.86 -24.35
N VAL E 616 -18.81 -29.04 -24.72
CA VAL E 616 -20.20 -29.23 -24.39
C VAL E 616 -20.89 -29.78 -25.63
N GLU E 617 -21.52 -30.95 -25.49
CA GLU E 617 -22.20 -31.60 -26.60
C GLU E 617 -23.54 -30.93 -26.94
N HIS E 618 -24.22 -30.38 -25.94
CA HIS E 618 -25.48 -29.68 -26.20
C HIS E 618 -25.74 -28.61 -25.15
N ARG E 619 -26.42 -27.55 -25.55
CA ARG E 619 -26.70 -26.44 -24.67
C ARG E 619 -28.01 -25.78 -25.08
N LYS E 620 -29.03 -25.91 -24.23
CA LYS E 620 -30.33 -25.30 -24.49
C LYS E 620 -30.76 -24.70 -23.18
N PRO E 621 -31.21 -23.45 -23.21
CA PRO E 621 -31.64 -22.82 -21.98
C PRO E 621 -33.11 -22.92 -21.58
N SER E 622 -33.36 -22.84 -20.28
CA SER E 622 -34.73 -22.79 -19.82
C SER E 622 -34.89 -21.28 -19.84
N ILE E 623 -36.00 -20.78 -20.38
CA ILE E 623 -36.17 -19.34 -20.38
C ILE E 623 -37.43 -18.96 -19.60
N ARG E 624 -37.70 -19.78 -18.58
CA ARG E 624 -38.85 -19.57 -17.70
C ARG E 624 -38.60 -18.29 -16.91
N ASN E 625 -37.52 -18.27 -16.14
CA ASN E 625 -37.19 -17.09 -15.36
C ASN E 625 -37.31 -15.83 -16.20
N ALA E 626 -36.78 -15.87 -17.42
CA ALA E 626 -36.82 -14.71 -18.31
C ALA E 626 -38.27 -14.29 -18.54
N HIS E 627 -39.10 -15.27 -18.86
CA HIS E 627 -40.50 -15.00 -19.09
C HIS E 627 -41.16 -14.42 -17.83
N ARG E 628 -40.90 -15.07 -16.69
CA ARG E 628 -41.48 -14.65 -15.42
C ARG E 628 -41.04 -13.27 -14.91
N CYS E 629 -39.75 -12.96 -15.01
CA CYS E 629 -39.25 -11.68 -14.50
C CYS E 629 -39.25 -10.54 -15.49
N LEU E 630 -39.22 -10.87 -16.77
CA LEU E 630 -39.16 -9.85 -17.80
C LEU E 630 -40.29 -9.87 -18.82
N ASP E 631 -41.08 -10.94 -18.85
CA ASP E 631 -42.17 -11.10 -19.83
C ASP E 631 -41.49 -11.00 -21.20
N TRP E 632 -40.34 -11.67 -21.30
CA TRP E 632 -39.52 -11.67 -22.50
C TRP E 632 -39.57 -13.02 -23.21
N GLU E 633 -39.35 -12.97 -24.52
CA GLU E 633 -39.40 -14.15 -25.35
C GLU E 633 -38.58 -13.87 -26.61
N PRO E 634 -37.60 -14.74 -26.91
CA PRO E 634 -36.77 -14.54 -28.10
C PRO E 634 -37.66 -14.48 -29.32
N LYS E 635 -37.25 -13.74 -30.33
CA LYS E 635 -38.07 -13.62 -31.53
C LYS E 635 -37.33 -13.90 -32.82
N ILE E 636 -36.20 -13.21 -33.02
CA ILE E 636 -35.43 -13.39 -34.24
C ILE E 636 -34.92 -14.80 -34.47
N ASP E 637 -35.13 -15.30 -35.69
CA ASP E 637 -34.67 -16.62 -36.04
C ASP E 637 -33.20 -16.61 -36.45
N MET E 638 -32.53 -17.73 -36.20
CA MET E 638 -31.11 -17.89 -36.48
C MET E 638 -30.61 -17.46 -37.85
N GLN E 639 -31.26 -17.91 -38.91
CA GLN E 639 -30.85 -17.55 -40.26
C GLN E 639 -30.69 -16.05 -40.44
N GLU E 640 -31.56 -15.26 -39.82
CA GLU E 640 -31.49 -13.82 -39.92
C GLU E 640 -30.24 -13.28 -39.22
N THR E 641 -29.91 -13.88 -38.08
CA THR E 641 -28.74 -13.49 -37.33
C THR E 641 -27.51 -13.81 -38.18
N ILE E 642 -27.51 -14.96 -38.84
CA ILE E 642 -26.39 -15.34 -39.70
C ILE E 642 -26.16 -14.24 -40.75
N ASP E 643 -27.21 -13.90 -41.47
CA ASP E 643 -27.13 -12.89 -42.52
C ASP E 643 -26.55 -11.58 -42.02
N GLU E 644 -27.11 -11.07 -40.93
CA GLU E 644 -26.65 -9.83 -40.31
C GLU E 644 -25.15 -9.86 -40.02
N THR E 645 -24.75 -10.89 -39.27
CA THR E 645 -23.36 -11.04 -38.90
C THR E 645 -22.47 -11.13 -40.14
N LEU E 646 -22.81 -12.04 -41.05
CA LEU E 646 -22.00 -12.21 -42.25
C LEU E 646 -21.85 -10.89 -42.98
N ASP E 647 -22.96 -10.19 -43.21
CA ASP E 647 -22.88 -8.94 -43.92
C ASP E 647 -21.95 -7.95 -43.24
N PHE E 648 -22.17 -7.72 -41.95
CA PHE E 648 -21.32 -6.80 -41.20
C PHE E 648 -19.85 -7.07 -41.44
N PHE E 649 -19.40 -8.27 -41.10
CA PHE E 649 -17.99 -8.59 -41.27
C PHE E 649 -17.45 -8.56 -42.70
N LEU E 650 -18.26 -8.94 -43.68
CA LEU E 650 -17.78 -8.93 -45.05
C LEU E 650 -17.51 -7.50 -45.47
N ARG E 651 -18.27 -6.56 -44.92
CA ARG E 651 -18.08 -5.16 -45.25
C ARG E 651 -17.05 -4.50 -44.33
N THR E 652 -16.31 -5.34 -43.64
CA THR E 652 -15.27 -4.91 -42.73
C THR E 652 -13.97 -5.10 -43.46
N VAL E 653 -14.00 -6.00 -44.43
CA VAL E 653 -12.82 -6.32 -45.20
C VAL E 653 -12.50 -5.22 -46.19
N ASP E 654 -11.27 -4.74 -46.16
CA ASP E 654 -10.85 -3.71 -47.09
C ASP E 654 -10.54 -4.39 -48.41
N LEU E 655 -11.22 -3.96 -49.46
CA LEU E 655 -11.00 -4.56 -50.77
C LEU E 655 -10.20 -3.68 -51.73
N THR E 656 -8.88 -3.85 -51.71
CA THR E 656 -7.92 -3.12 -52.56
C THR E 656 -6.50 -3.52 -52.17
N MET F 1 55.38 -35.07 -45.89
CA MET F 1 55.62 -33.76 -45.20
C MET F 1 54.96 -33.69 -43.81
N LYS F 2 55.07 -32.52 -43.20
CA LYS F 2 54.52 -32.24 -41.88
C LYS F 2 53.50 -31.12 -42.05
N THR F 3 52.25 -31.35 -41.59
CA THR F 3 51.20 -30.35 -41.76
C THR F 3 50.24 -30.07 -40.58
N VAL F 4 49.55 -28.94 -40.70
CA VAL F 4 48.55 -28.52 -39.73
C VAL F 4 47.28 -28.36 -40.58
N VAL F 5 46.25 -29.13 -40.28
CA VAL F 5 45.01 -29.09 -41.07
C VAL F 5 43.85 -28.31 -40.45
N PHE F 6 43.03 -27.71 -41.32
CA PHE F 6 41.84 -26.96 -40.90
C PHE F 6 40.65 -27.61 -41.60
N ALA F 7 40.09 -28.65 -40.96
CA ALA F 7 38.97 -29.39 -41.56
C ALA F 7 37.69 -29.38 -40.76
N TYR F 8 36.60 -29.71 -41.44
CA TYR F 8 35.30 -29.79 -40.81
C TYR F 8 34.35 -30.58 -41.69
N HIS F 9 33.37 -31.22 -41.06
CA HIS F 9 32.39 -32.01 -41.78
C HIS F 9 33.01 -33.06 -42.70
N ASP F 10 32.20 -33.60 -43.61
CA ASP F 10 32.63 -34.65 -44.54
C ASP F 10 33.95 -34.43 -45.24
N MET F 11 34.02 -33.42 -46.10
CA MET F 11 35.25 -33.15 -46.82
C MET F 11 36.42 -33.17 -45.84
N GLY F 12 36.17 -32.65 -44.64
CA GLY F 12 37.19 -32.65 -43.61
C GLY F 12 37.74 -34.04 -43.33
N CYS F 13 36.86 -35.03 -43.22
CA CYS F 13 37.29 -36.40 -42.93
C CYS F 13 38.06 -37.04 -44.09
N LEU F 14 37.48 -37.00 -45.29
CA LEU F 14 38.16 -37.59 -46.45
C LEU F 14 39.51 -36.89 -46.69
N GLY F 15 39.54 -35.58 -46.47
CA GLY F 15 40.77 -34.82 -46.64
C GLY F 15 41.84 -35.23 -45.64
N ILE F 16 41.42 -35.41 -44.38
CA ILE F 16 42.36 -35.81 -43.33
C ILE F 16 42.86 -37.23 -43.59
N GLU F 17 41.99 -38.07 -44.14
CA GLU F 17 42.36 -39.45 -44.42
C GLU F 17 43.32 -39.52 -45.61
N ALA F 18 42.94 -38.83 -46.67
CA ALA F 18 43.77 -38.78 -47.88
C ALA F 18 45.16 -38.30 -47.45
N LEU F 19 45.17 -37.23 -46.67
CA LEU F 19 46.39 -36.63 -46.18
C LEU F 19 47.20 -37.66 -45.39
N LEU F 20 46.51 -38.54 -44.66
CA LEU F 20 47.21 -39.56 -43.88
C LEU F 20 47.78 -40.64 -44.79
N ALA F 21 46.92 -41.31 -45.56
CA ALA F 21 47.37 -42.36 -46.47
C ALA F 21 48.50 -41.85 -47.40
N ALA F 22 48.49 -40.54 -47.66
CA ALA F 22 49.51 -39.91 -48.53
C ALA F 22 50.85 -39.75 -47.79
N GLY F 23 50.96 -40.41 -46.63
CA GLY F 23 52.17 -40.34 -45.84
C GLY F 23 52.48 -39.03 -45.10
N TYR F 24 51.55 -38.09 -45.06
CA TYR F 24 51.81 -36.85 -44.34
C TYR F 24 51.71 -37.06 -42.82
N GLU F 25 52.40 -36.20 -42.08
CA GLU F 25 52.36 -36.26 -40.62
C GLU F 25 51.52 -35.06 -40.17
N ILE F 26 50.36 -35.34 -39.58
CA ILE F 26 49.49 -34.26 -39.14
C ILE F 26 49.81 -33.84 -37.70
N SER F 27 50.42 -32.67 -37.55
CA SER F 27 50.80 -32.15 -36.24
C SER F 27 49.61 -31.72 -35.38
N ALA F 28 48.58 -31.16 -36.01
CA ALA F 28 47.40 -30.71 -35.28
C ALA F 28 46.26 -30.37 -36.23
N ILE F 29 45.04 -30.57 -35.76
CA ILE F 29 43.85 -30.30 -36.56
C ILE F 29 42.98 -29.24 -35.86
N PHE F 30 42.52 -28.27 -36.64
CA PHE F 30 41.65 -27.23 -36.11
C PHE F 30 40.28 -27.39 -36.74
N THR F 31 39.26 -27.54 -35.89
CA THR F 31 37.91 -27.73 -36.39
C THR F 31 36.91 -26.90 -35.60
N HIS F 32 35.64 -27.27 -35.66
CA HIS F 32 34.58 -26.56 -34.95
C HIS F 32 33.70 -27.51 -34.13
N THR F 33 32.97 -26.91 -33.19
CA THR F 33 32.05 -27.67 -32.37
C THR F 33 30.80 -27.77 -33.21
N ASP F 34 29.73 -28.38 -32.67
CA ASP F 34 28.50 -28.51 -33.44
C ASP F 34 27.30 -27.85 -32.76
N GLY F 43 30.04 -36.60 -40.75
CA GLY F 43 31.22 -37.26 -40.19
C GLY F 43 32.12 -36.33 -39.38
N SER F 44 32.11 -36.48 -38.06
CA SER F 44 32.91 -35.65 -37.17
C SER F 44 34.41 -35.65 -37.39
N VAL F 45 34.96 -34.47 -37.63
CA VAL F 45 36.41 -34.31 -37.83
C VAL F 45 37.10 -34.61 -36.50
N ALA F 46 36.53 -34.10 -35.41
CA ALA F 46 37.09 -34.32 -34.08
C ALA F 46 37.18 -35.80 -33.74
N ARG F 47 36.09 -36.53 -33.94
CA ARG F 47 36.06 -37.97 -33.64
C ARG F 47 37.19 -38.67 -34.37
N LEU F 48 37.39 -38.31 -35.63
CA LEU F 48 38.45 -38.90 -36.44
C LEU F 48 39.79 -38.55 -35.83
N ALA F 49 40.02 -37.26 -35.64
CA ALA F 49 41.27 -36.78 -35.05
C ALA F 49 41.56 -37.54 -33.76
N ALA F 50 40.54 -37.66 -32.91
CA ALA F 50 40.66 -38.36 -31.64
C ALA F 50 41.00 -39.82 -31.87
N GLU F 51 40.28 -40.46 -32.78
CA GLU F 51 40.53 -41.87 -33.08
C GLU F 51 41.93 -42.10 -33.59
N ARG F 52 42.47 -41.11 -34.33
CA ARG F 52 43.81 -41.24 -34.88
C ARG F 52 44.88 -40.70 -33.95
N GLY F 53 44.47 -40.23 -32.78
CA GLY F 53 45.43 -39.71 -31.83
C GLY F 53 46.14 -38.46 -32.31
N ILE F 54 45.40 -37.61 -33.04
CA ILE F 54 45.96 -36.37 -33.55
C ILE F 54 45.39 -35.20 -32.72
N PRO F 55 46.25 -34.43 -32.06
CA PRO F 55 45.74 -33.31 -31.26
C PRO F 55 44.77 -32.43 -32.03
N VAL F 56 43.53 -32.33 -31.55
CA VAL F 56 42.52 -31.52 -32.22
C VAL F 56 42.08 -30.33 -31.36
N TYR F 57 41.90 -29.17 -32.02
CA TYR F 57 41.49 -27.95 -31.33
C TYR F 57 40.34 -27.29 -32.07
N ALA F 58 39.51 -26.56 -31.34
CA ALA F 58 38.37 -25.86 -31.93
C ALA F 58 38.17 -24.46 -31.37
N PRO F 59 39.21 -23.62 -31.40
CA PRO F 59 39.03 -22.26 -30.86
C PRO F 59 38.08 -21.48 -31.78
N ASP F 60 37.53 -20.36 -31.29
CA ASP F 60 36.61 -19.55 -32.11
C ASP F 60 37.41 -18.80 -33.17
N ASN F 61 38.56 -18.28 -32.78
CA ASN F 61 39.41 -17.56 -33.70
C ASN F 61 40.85 -18.03 -33.62
N VAL F 62 41.27 -18.82 -34.61
CA VAL F 62 42.64 -19.36 -34.68
C VAL F 62 43.66 -18.29 -35.09
N ASN F 63 43.16 -17.13 -35.50
CA ASN F 63 44.01 -16.02 -35.92
C ASN F 63 44.60 -15.27 -34.71
N HIS F 64 44.08 -15.57 -33.52
CA HIS F 64 44.55 -14.97 -32.28
C HIS F 64 46.05 -15.24 -32.12
N PRO F 65 46.80 -14.27 -31.55
CA PRO F 65 48.24 -14.39 -31.35
C PRO F 65 48.68 -15.75 -30.77
N LEU F 66 48.11 -16.11 -29.62
CA LEU F 66 48.44 -17.38 -28.96
C LEU F 66 48.49 -18.54 -29.95
N TRP F 67 47.39 -18.72 -30.68
CA TRP F 67 47.27 -19.81 -31.66
C TRP F 67 48.29 -19.69 -32.77
N VAL F 68 48.40 -18.50 -33.36
CA VAL F 68 49.36 -18.27 -34.43
C VAL F 68 50.73 -18.71 -33.92
N GLU F 69 51.04 -18.30 -32.70
CA GLU F 69 52.32 -18.65 -32.09
C GLU F 69 52.43 -20.17 -31.96
N ARG F 70 51.39 -20.80 -31.41
CA ARG F 70 51.39 -22.25 -31.22
C ARG F 70 51.44 -23.05 -32.53
N ILE F 71 50.77 -22.55 -33.57
CA ILE F 71 50.78 -23.23 -34.86
C ILE F 71 52.20 -23.10 -35.43
N ALA F 72 52.80 -21.94 -35.15
CA ALA F 72 54.16 -21.65 -35.58
C ALA F 72 55.08 -22.68 -34.90
N GLN F 73 54.76 -22.98 -33.65
CA GLN F 73 55.51 -23.94 -32.87
C GLN F 73 55.60 -25.26 -33.60
N LEU F 74 54.44 -25.79 -34.00
CA LEU F 74 54.41 -27.06 -34.70
C LEU F 74 55.32 -27.06 -35.93
N SER F 75 55.63 -25.86 -36.41
CA SER F 75 56.52 -25.71 -37.54
C SER F 75 56.06 -26.65 -38.69
N PRO F 76 54.95 -26.29 -39.36
CA PRO F 76 54.43 -27.12 -40.45
C PRO F 76 55.08 -26.82 -41.82
N ASP F 77 55.10 -27.82 -42.69
CA ASP F 77 55.66 -27.66 -44.03
C ASP F 77 54.61 -27.00 -44.92
N VAL F 78 53.41 -27.57 -44.90
CA VAL F 78 52.31 -27.05 -45.67
C VAL F 78 51.01 -27.04 -44.86
N ILE F 79 50.10 -26.16 -45.23
CA ILE F 79 48.82 -26.07 -44.55
C ILE F 79 47.72 -26.51 -45.51
N PHE F 80 46.70 -27.19 -44.96
CA PHE F 80 45.56 -27.66 -45.74
C PHE F 80 44.25 -27.19 -45.12
N SER F 81 43.31 -26.81 -45.98
CA SER F 81 42.02 -26.35 -45.53
C SER F 81 40.94 -27.16 -46.22
N PHE F 82 40.30 -28.03 -45.44
CA PHE F 82 39.24 -28.88 -45.96
C PHE F 82 37.90 -28.50 -45.36
N TYR F 83 37.25 -27.50 -45.95
CA TYR F 83 35.95 -27.05 -45.49
C TYR F 83 35.95 -26.47 -44.09
N TYR F 84 37.00 -25.73 -43.75
CA TYR F 84 37.08 -25.09 -42.44
C TYR F 84 36.12 -23.89 -42.54
N ARG F 85 35.27 -23.68 -41.54
CA ARG F 85 34.30 -22.60 -41.63
C ARG F 85 34.80 -21.19 -41.31
N HIS F 86 35.44 -20.99 -40.15
CA HIS F 86 35.95 -19.65 -39.82
C HIS F 86 37.00 -19.29 -40.89
N LEU F 87 37.44 -18.03 -40.92
CA LEU F 87 38.41 -17.64 -41.94
C LEU F 87 39.86 -17.51 -41.49
N ILE F 88 40.73 -18.35 -42.06
CA ILE F 88 42.14 -18.34 -41.75
C ILE F 88 42.76 -17.20 -42.53
N TYR F 89 43.53 -16.33 -41.88
CA TYR F 89 44.14 -15.24 -42.61
C TYR F 89 45.66 -15.16 -42.59
N ASP F 90 46.18 -14.64 -43.70
CA ASP F 90 47.61 -14.43 -43.99
C ASP F 90 48.61 -14.69 -42.86
N GLU F 91 48.49 -13.89 -41.79
CA GLU F 91 49.33 -13.99 -40.60
C GLU F 91 49.84 -15.42 -40.44
N ILE F 92 48.92 -16.36 -40.30
CA ILE F 92 49.24 -17.78 -40.12
C ILE F 92 49.48 -18.58 -41.42
N LEU F 93 48.83 -18.19 -42.51
CA LEU F 93 48.98 -18.88 -43.81
C LEU F 93 50.43 -19.04 -44.26
N GLN F 94 51.18 -17.95 -44.18
CA GLN F 94 52.58 -17.91 -44.59
C GLN F 94 53.59 -18.63 -43.67
N LEU F 95 53.11 -19.31 -42.64
CA LEU F 95 54.01 -20.02 -41.72
C LEU F 95 54.39 -21.36 -42.33
N ALA F 96 53.74 -21.70 -43.44
CA ALA F 96 54.04 -22.94 -44.13
C ALA F 96 54.86 -22.58 -45.36
N PRO F 97 56.11 -23.06 -45.43
CA PRO F 97 56.99 -22.79 -46.58
C PRO F 97 56.44 -23.39 -47.90
N ALA F 98 55.93 -24.62 -47.84
CA ALA F 98 55.36 -25.27 -49.02
C ALA F 98 54.02 -24.65 -49.46
N GLY F 99 53.52 -23.69 -48.68
CA GLY F 99 52.26 -23.03 -49.01
C GLY F 99 51.03 -23.53 -48.25
N ALA F 100 49.87 -22.97 -48.59
CA ALA F 100 48.60 -23.34 -47.96
C ALA F 100 47.54 -23.55 -49.04
N PHE F 101 47.04 -24.78 -49.14
CA PHE F 101 46.03 -25.12 -50.14
C PHE F 101 44.64 -25.35 -49.54
N ASN F 102 43.63 -24.88 -50.26
CA ASN F 102 42.24 -25.03 -49.83
C ASN F 102 41.47 -25.84 -50.87
N LEU F 103 40.59 -26.72 -50.40
CA LEU F 103 39.79 -27.54 -51.31
C LEU F 103 38.38 -26.93 -51.43
N HIS F 104 38.12 -26.25 -52.57
CA HIS F 104 36.83 -25.61 -52.83
C HIS F 104 35.91 -26.53 -53.69
N GLY F 105 34.62 -26.49 -53.40
CA GLY F 105 33.68 -27.35 -54.10
C GLY F 105 33.06 -26.89 -55.42
N SER F 106 33.84 -26.22 -56.25
CA SER F 106 33.32 -25.75 -57.54
C SER F 106 34.44 -25.80 -58.57
N LEU F 107 34.08 -25.53 -59.82
CA LEU F 107 35.06 -25.51 -60.91
C LEU F 107 35.58 -24.07 -61.08
N LEU F 108 36.40 -23.65 -60.12
CA LEU F 108 37.00 -22.31 -60.10
C LEU F 108 37.55 -21.96 -61.48
N PRO F 109 37.60 -20.64 -61.80
CA PRO F 109 37.19 -19.50 -60.97
C PRO F 109 35.67 -19.29 -60.86
N LYS F 110 34.89 -20.27 -61.33
CA LYS F 110 33.43 -20.18 -61.28
C LYS F 110 32.90 -20.61 -59.90
N TYR F 111 31.86 -19.92 -59.42
CA TYR F 111 31.26 -20.22 -58.12
C TYR F 111 32.32 -20.16 -57.02
N ARG F 112 33.20 -19.18 -57.09
CA ARG F 112 34.25 -19.08 -56.09
C ARG F 112 33.69 -18.60 -54.75
N GLY F 113 32.41 -18.24 -54.72
CA GLY F 113 31.82 -17.78 -53.47
C GLY F 113 31.71 -18.87 -52.41
N ARG F 114 30.53 -18.98 -51.81
CA ARG F 114 30.28 -20.01 -50.81
C ARG F 114 28.94 -20.65 -51.12
N ALA F 115 28.78 -21.89 -50.67
CA ALA F 115 27.56 -22.64 -50.91
C ALA F 115 27.43 -23.02 -52.39
N PRO F 116 28.56 -23.39 -53.02
CA PRO F 116 28.55 -23.77 -54.44
C PRO F 116 27.68 -24.99 -54.72
N LEU F 117 27.64 -25.93 -53.77
CA LEU F 117 26.83 -27.13 -53.96
C LEU F 117 25.38 -26.78 -54.28
N ASN F 118 24.89 -25.73 -53.63
CA ASN F 118 23.52 -25.29 -53.82
C ASN F 118 23.34 -24.39 -55.05
N TRP F 119 24.18 -23.35 -55.15
CA TRP F 119 24.12 -22.41 -56.27
C TRP F 119 24.12 -23.08 -57.64
N VAL F 120 25.06 -24.00 -57.86
CA VAL F 120 25.13 -24.71 -59.15
C VAL F 120 23.79 -25.39 -59.41
N LEU F 121 23.10 -25.80 -58.35
CA LEU F 121 21.79 -26.41 -58.53
C LEU F 121 20.75 -25.33 -58.85
N VAL F 122 20.78 -24.23 -58.09
CA VAL F 122 19.84 -23.14 -58.30
C VAL F 122 19.86 -22.69 -59.75
N ASN F 123 21.05 -22.43 -60.27
CA ASN F 123 21.22 -21.96 -61.65
C ASN F 123 21.17 -23.12 -62.66
N GLY F 124 20.80 -24.30 -62.18
CA GLY F 124 20.71 -25.46 -63.06
C GLY F 124 21.90 -25.72 -63.96
N GLU F 125 23.10 -25.82 -63.39
CA GLU F 125 24.30 -26.09 -64.18
C GLU F 125 24.26 -27.55 -64.63
N THR F 126 25.01 -27.87 -65.68
CA THR F 126 25.04 -29.24 -66.17
C THR F 126 26.26 -29.96 -65.60
N GLU F 127 27.17 -29.17 -65.01
CA GLU F 127 28.39 -29.72 -64.42
C GLU F 127 29.00 -28.79 -63.36
N THR F 128 29.88 -29.37 -62.55
CA THR F 128 30.57 -28.65 -61.50
C THR F 128 31.77 -29.52 -61.15
N GLY F 129 32.40 -29.26 -60.00
CA GLY F 129 33.56 -30.05 -59.61
C GLY F 129 34.34 -29.55 -58.40
N VAL F 130 35.40 -30.27 -58.06
CA VAL F 130 36.27 -29.94 -56.93
C VAL F 130 37.58 -29.29 -57.38
N THR F 131 38.02 -28.25 -56.66
CA THR F 131 39.25 -27.55 -57.00
C THR F 131 40.19 -27.36 -55.80
N LEU F 132 41.42 -27.87 -55.91
CA LEU F 132 42.40 -27.71 -54.84
C LEU F 132 43.36 -26.58 -55.24
N HIS F 133 43.07 -25.36 -54.82
CA HIS F 133 43.89 -24.20 -55.17
C HIS F 133 44.71 -23.69 -53.99
N ARG F 134 45.69 -22.84 -54.27
CA ARG F 134 46.51 -22.25 -53.22
C ARG F 134 45.71 -21.10 -52.60
N MET F 135 45.93 -20.85 -51.31
CA MET F 135 45.21 -19.80 -50.62
C MET F 135 45.96 -18.48 -50.73
N VAL F 136 45.22 -17.43 -51.06
CA VAL F 136 45.80 -16.10 -51.22
C VAL F 136 44.95 -15.07 -50.47
N LYS F 137 45.42 -13.82 -50.42
CA LYS F 137 44.69 -12.74 -49.73
C LYS F 137 43.23 -12.69 -50.19
N ARG F 138 42.99 -13.00 -51.47
CA ARG F 138 41.65 -13.00 -52.04
C ARG F 138 41.01 -14.38 -51.92
N ALA F 139 39.78 -14.40 -51.41
CA ALA F 139 39.02 -15.63 -51.22
C ALA F 139 38.84 -16.48 -52.49
N ASP F 140 39.27 -17.73 -52.42
CA ASP F 140 39.15 -18.68 -53.53
C ASP F 140 39.82 -18.20 -54.82
N ALA F 141 40.75 -17.25 -54.71
CA ALA F 141 41.44 -16.71 -55.89
C ALA F 141 42.72 -17.47 -56.29
N GLY F 142 43.51 -17.87 -55.29
CA GLY F 142 44.75 -18.59 -55.51
C GLY F 142 44.91 -19.46 -56.75
N ALA F 143 46.16 -19.69 -57.12
CA ALA F 143 46.50 -20.51 -58.28
C ALA F 143 46.00 -21.95 -58.14
N ILE F 144 45.29 -22.43 -59.15
CA ILE F 144 44.73 -23.78 -59.13
C ILE F 144 45.79 -24.87 -59.31
N VAL F 145 45.86 -25.76 -58.33
CA VAL F 145 46.82 -26.87 -58.30
C VAL F 145 46.24 -28.15 -58.90
N ALA F 146 44.91 -28.24 -58.90
CA ALA F 146 44.22 -29.42 -59.44
C ALA F 146 42.71 -29.18 -59.40
N GLN F 147 42.01 -29.69 -60.41
CA GLN F 147 40.57 -29.55 -60.51
C GLN F 147 40.02 -30.88 -61.05
N LEU F 148 38.70 -31.01 -61.08
CA LEU F 148 38.08 -32.25 -61.55
C LEU F 148 36.58 -32.04 -61.79
N ARG F 149 36.13 -32.28 -63.03
CA ARG F 149 34.73 -32.11 -63.41
C ARG F 149 33.76 -33.19 -62.93
N ILE F 150 32.50 -32.79 -62.76
CA ILE F 150 31.44 -33.67 -62.32
C ILE F 150 30.18 -33.35 -63.13
N ALA F 151 29.48 -34.40 -63.56
CA ALA F 151 28.26 -34.20 -64.32
C ALA F 151 27.06 -34.17 -63.38
N ILE F 152 26.29 -33.10 -63.45
CA ILE F 152 25.11 -32.97 -62.59
C ILE F 152 23.91 -33.59 -63.31
N ALA F 153 23.41 -34.70 -62.79
CA ALA F 153 22.25 -35.36 -63.39
C ALA F 153 21.00 -34.49 -63.24
N PRO F 154 20.04 -34.64 -64.17
CA PRO F 154 18.79 -33.87 -64.15
C PRO F 154 17.97 -34.17 -62.88
N ASP F 155 18.19 -35.35 -62.32
CA ASP F 155 17.48 -35.77 -61.13
C ASP F 155 18.39 -35.76 -59.90
N ASP F 156 19.42 -34.92 -59.92
CA ASP F 156 20.33 -34.81 -58.79
C ASP F 156 19.84 -33.67 -57.87
N ILE F 157 20.02 -33.84 -56.55
CA ILE F 157 19.65 -32.83 -55.55
C ILE F 157 20.86 -32.60 -54.65
N ALA F 158 20.87 -31.49 -53.93
CA ALA F 158 21.96 -31.12 -53.02
C ALA F 158 22.71 -32.28 -52.35
N ILE F 159 21.99 -33.16 -51.65
CA ILE F 159 22.63 -34.29 -50.97
C ILE F 159 23.31 -35.27 -51.91
N THR F 160 22.62 -35.68 -52.99
CA THR F 160 23.20 -36.63 -53.95
C THR F 160 24.39 -36.04 -54.71
N LEU F 161 24.34 -34.73 -54.96
CA LEU F 161 25.45 -34.06 -55.65
C LEU F 161 26.59 -33.90 -54.64
N HIS F 162 26.24 -33.79 -53.35
CA HIS F 162 27.24 -33.65 -52.28
C HIS F 162 28.15 -34.89 -52.25
N HIS F 163 27.55 -36.07 -52.33
CA HIS F 163 28.32 -37.31 -52.33
C HIS F 163 29.14 -37.36 -53.59
N LYS F 164 28.53 -36.93 -54.70
CA LYS F 164 29.24 -36.90 -55.98
C LYS F 164 30.55 -36.12 -55.80
N LEU F 165 30.46 -34.93 -55.21
CA LEU F 165 31.62 -34.07 -54.96
C LEU F 165 32.59 -34.67 -53.92
N CYS F 166 32.05 -35.31 -52.88
CA CYS F 166 32.87 -35.93 -51.84
C CYS F 166 33.74 -37.00 -52.49
N HIS F 167 33.10 -37.79 -53.35
CA HIS F 167 33.79 -38.86 -54.05
C HIS F 167 34.87 -38.28 -54.97
N ALA F 168 34.50 -37.21 -55.68
CA ALA F 168 35.42 -36.54 -56.60
C ALA F 168 36.66 -36.04 -55.88
N ALA F 169 36.45 -35.40 -54.74
CA ALA F 169 37.54 -34.86 -53.92
C ALA F 169 38.42 -35.97 -53.36
N ARG F 170 37.81 -37.10 -53.02
CA ARG F 170 38.54 -38.23 -52.46
C ARG F 170 39.53 -38.73 -53.51
N GLN F 171 39.12 -38.64 -54.77
CA GLN F 171 39.95 -39.05 -55.87
C GLN F 171 41.01 -37.97 -56.18
N LEU F 172 40.55 -36.73 -56.35
CA LEU F 172 41.46 -35.62 -56.65
C LEU F 172 42.66 -35.60 -55.71
N LEU F 173 42.37 -35.57 -54.40
CA LEU F 173 43.40 -35.54 -53.36
C LEU F 173 44.29 -36.78 -53.46
N GLU F 174 43.65 -37.94 -53.51
CA GLU F 174 44.36 -39.20 -53.62
C GLU F 174 45.56 -39.17 -54.59
N GLN F 175 45.42 -38.46 -55.70
CA GLN F 175 46.49 -38.36 -56.69
C GLN F 175 47.29 -37.06 -56.68
N THR F 176 46.63 -35.93 -56.49
CA THR F 176 47.37 -34.66 -56.48
C THR F 176 48.04 -34.38 -55.14
N LEU F 177 47.73 -35.20 -54.13
CA LEU F 177 48.33 -34.99 -52.80
C LEU F 177 49.78 -35.50 -52.81
N PRO F 178 50.01 -36.71 -53.33
CA PRO F 178 51.38 -37.19 -53.36
C PRO F 178 52.26 -36.21 -54.14
N ALA F 179 51.66 -35.62 -55.18
CA ALA F 179 52.36 -34.66 -56.04
C ALA F 179 52.89 -33.48 -55.24
N ILE F 180 52.04 -32.91 -54.38
CA ILE F 180 52.43 -31.76 -53.55
C ILE F 180 53.52 -32.16 -52.55
N LYS F 181 53.44 -33.40 -52.08
CA LYS F 181 54.42 -33.87 -51.11
C LYS F 181 55.85 -33.69 -51.61
N HIS F 182 56.03 -33.69 -52.93
CA HIS F 182 57.36 -33.54 -53.52
C HIS F 182 57.60 -32.15 -54.13
N GLY F 183 56.92 -31.81 -55.21
CA GLY F 183 57.11 -30.50 -55.80
C GLY F 183 56.54 -30.38 -57.20
N ASN F 184 55.95 -31.46 -57.69
CA ASN F 184 55.38 -31.50 -59.03
C ASN F 184 53.98 -30.91 -59.10
N ILE F 185 53.89 -29.59 -59.09
CA ILE F 185 52.59 -28.91 -59.16
C ILE F 185 52.68 -27.63 -59.96
N LEU F 186 51.70 -27.39 -60.83
CA LEU F 186 51.68 -26.18 -61.66
C LEU F 186 50.63 -25.20 -61.18
N GLU F 187 51.09 -24.02 -60.75
CA GLU F 187 50.20 -22.97 -60.26
C GLU F 187 49.44 -22.27 -61.40
N ILE F 188 48.60 -23.02 -62.11
CA ILE F 188 47.80 -22.49 -63.21
C ILE F 188 46.88 -21.38 -62.66
N ALA F 189 47.37 -20.14 -62.67
CA ALA F 189 46.61 -19.00 -62.16
C ALA F 189 45.15 -19.00 -62.61
N GLN F 190 44.34 -18.16 -61.99
CA GLN F 190 42.92 -18.08 -62.31
C GLN F 190 42.53 -16.93 -63.24
N ARG F 191 41.81 -17.28 -64.30
CA ARG F 191 41.32 -16.30 -65.28
C ARG F 191 40.37 -15.33 -64.61
N GLU F 192 40.93 -14.41 -63.83
CA GLU F 192 40.18 -13.40 -63.09
C GLU F 192 38.95 -12.78 -63.76
N ASN F 193 38.96 -12.69 -65.08
CA ASN F 193 37.83 -12.10 -65.82
C ASN F 193 36.75 -13.14 -66.13
N GLU F 194 36.77 -14.26 -65.41
CA GLU F 194 35.79 -15.33 -65.61
C GLU F 194 35.24 -15.82 -64.29
N ALA F 195 35.86 -15.41 -63.20
CA ALA F 195 35.45 -15.80 -61.86
C ALA F 195 34.05 -15.33 -61.47
N THR F 196 33.29 -16.21 -60.84
CA THR F 196 31.94 -15.88 -60.39
C THR F 196 31.94 -16.10 -58.88
N CYS F 197 31.31 -15.19 -58.15
CA CYS F 197 31.26 -15.29 -56.69
C CYS F 197 29.83 -15.17 -56.17
N PHE F 198 29.47 -16.05 -55.24
CA PHE F 198 28.14 -16.03 -54.63
C PHE F 198 28.29 -15.97 -53.13
N GLY F 199 27.24 -15.52 -52.46
CA GLY F 199 27.31 -15.39 -51.01
C GLY F 199 26.46 -16.38 -50.22
N ARG F 200 26.50 -16.20 -48.90
CA ARG F 200 25.74 -17.05 -47.98
C ARG F 200 24.24 -16.98 -48.29
N ARG F 201 23.65 -18.13 -48.59
CA ARG F 201 22.22 -18.18 -48.87
C ARG F 201 21.49 -18.33 -47.54
N THR F 202 20.47 -17.51 -47.31
CA THR F 202 19.71 -17.64 -46.06
C THR F 202 18.47 -18.46 -46.42
N PRO F 203 17.80 -19.02 -45.41
CA PRO F 203 16.62 -19.81 -45.78
C PRO F 203 15.59 -18.99 -46.56
N ASP F 204 15.66 -17.66 -46.46
CA ASP F 204 14.72 -16.81 -47.18
C ASP F 204 14.96 -16.90 -48.69
N ASP F 205 16.18 -17.31 -49.06
CA ASP F 205 16.60 -17.42 -50.47
C ASP F 205 15.99 -18.62 -51.19
N SER F 206 15.18 -19.40 -50.47
CA SER F 206 14.58 -20.57 -51.06
C SER F 206 13.08 -20.38 -51.27
N PHE F 207 12.65 -19.13 -51.20
CA PHE F 207 11.23 -18.80 -51.40
C PHE F 207 10.85 -18.98 -52.87
N LEU F 208 9.69 -19.60 -53.11
CA LEU F 208 9.25 -19.85 -54.48
C LEU F 208 8.34 -18.74 -55.03
N GLU F 209 8.74 -18.18 -56.17
CA GLU F 209 8.01 -17.12 -56.87
C GLU F 209 7.45 -17.74 -58.15
N TRP F 210 6.19 -18.15 -58.07
CA TRP F 210 5.48 -18.82 -59.15
C TRP F 210 5.41 -18.16 -60.52
N HIS F 211 5.88 -16.92 -60.62
CA HIS F 211 5.86 -16.24 -61.89
C HIS F 211 7.04 -16.73 -62.75
N LYS F 212 8.09 -17.20 -62.09
CA LYS F 212 9.26 -17.71 -62.78
C LYS F 212 8.92 -19.00 -63.52
N PRO F 213 9.85 -19.50 -64.35
CA PRO F 213 9.60 -20.75 -65.09
C PRO F 213 9.55 -21.97 -64.17
N ALA F 214 8.79 -22.98 -64.57
CA ALA F 214 8.69 -24.20 -63.79
C ALA F 214 10.10 -24.78 -63.60
N SER F 215 10.92 -24.64 -64.65
CA SER F 215 12.29 -25.13 -64.63
C SER F 215 13.08 -24.47 -63.50
N VAL F 216 13.02 -23.14 -63.45
CA VAL F 216 13.73 -22.39 -62.42
C VAL F 216 13.34 -22.87 -61.03
N LEU F 217 12.03 -22.84 -60.77
CA LEU F 217 11.46 -23.26 -59.49
C LEU F 217 11.84 -24.70 -59.14
N HIS F 218 11.81 -25.58 -60.14
CA HIS F 218 12.17 -26.98 -59.93
C HIS F 218 13.61 -27.09 -59.42
N ASN F 219 14.53 -26.34 -60.02
CA ASN F 219 15.94 -26.37 -59.58
C ASN F 219 16.09 -25.83 -58.18
N MET F 220 15.17 -24.95 -57.77
CA MET F 220 15.22 -24.39 -56.43
C MET F 220 14.97 -25.49 -55.39
N VAL F 221 13.90 -26.27 -55.57
CA VAL F 221 13.55 -27.34 -54.64
C VAL F 221 14.66 -28.41 -54.60
N ARG F 222 15.34 -28.60 -55.73
CA ARG F 222 16.44 -29.56 -55.79
C ARG F 222 17.64 -28.97 -55.06
N ALA F 223 17.88 -27.69 -55.30
CA ALA F 223 19.00 -27.00 -54.70
C ALA F 223 19.04 -27.10 -53.18
N VAL F 224 17.89 -26.99 -52.55
CA VAL F 224 17.81 -27.05 -51.08
C VAL F 224 16.95 -28.20 -50.54
N ALA F 225 16.87 -29.29 -51.31
CA ALA F 225 16.10 -30.45 -50.89
C ALA F 225 16.74 -31.02 -49.62
N ASP F 226 15.96 -31.79 -48.87
CA ASP F 226 16.45 -32.40 -47.64
C ASP F 226 17.83 -33.02 -47.92
N PRO F 227 18.73 -33.01 -46.93
CA PRO F 227 18.62 -32.47 -45.57
C PRO F 227 18.58 -30.96 -45.46
N TRP F 228 18.66 -30.27 -46.59
CA TRP F 228 18.61 -28.82 -46.55
C TRP F 228 17.21 -28.32 -46.21
N PRO F 229 17.09 -27.08 -45.71
CA PRO F 229 15.82 -26.45 -45.33
C PRO F 229 14.65 -26.52 -46.33
N GLY F 230 14.96 -26.63 -47.61
CA GLY F 230 13.91 -26.75 -48.63
C GLY F 230 13.29 -25.46 -49.17
N ALA F 231 12.67 -25.57 -50.34
CA ALA F 231 12.01 -24.43 -50.97
C ALA F 231 10.62 -24.29 -50.35
N PHE F 232 10.19 -23.06 -50.10
CA PHE F 232 8.86 -22.85 -49.50
C PHE F 232 8.03 -21.82 -50.25
N SER F 233 6.76 -21.73 -49.85
CA SER F 233 5.79 -20.80 -50.43
C SER F 233 4.74 -20.59 -49.35
N TYR F 234 3.58 -20.07 -49.75
CA TYR F 234 2.51 -19.81 -48.79
C TYR F 234 1.11 -20.03 -49.34
N VAL F 235 0.23 -20.50 -48.46
CA VAL F 235 -1.17 -20.72 -48.81
C VAL F 235 -1.83 -19.75 -47.84
N GLY F 236 -2.10 -18.55 -48.33
CA GLY F 236 -2.67 -17.53 -47.48
C GLY F 236 -1.63 -17.24 -46.40
N ASN F 237 -2.04 -17.38 -45.16
CA ASN F 237 -1.18 -17.12 -44.03
C ASN F 237 -0.22 -18.30 -43.78
N GLN F 238 -0.60 -19.46 -44.32
CA GLN F 238 0.17 -20.70 -44.11
C GLN F 238 1.40 -20.94 -44.99
N LYS F 239 2.49 -21.31 -44.31
CA LYS F 239 3.75 -21.60 -44.98
C LYS F 239 3.96 -23.11 -45.14
N PHE F 240 4.25 -23.55 -46.37
CA PHE F 240 4.49 -24.97 -46.61
C PHE F 240 5.81 -25.14 -47.37
N THR F 241 6.37 -26.33 -47.35
CA THR F 241 7.63 -26.60 -48.04
C THR F 241 7.57 -27.65 -49.13
N VAL F 242 8.16 -27.35 -50.28
CA VAL F 242 8.19 -28.29 -51.39
C VAL F 242 9.49 -29.09 -51.33
N TRP F 243 9.36 -30.41 -51.17
CA TRP F 243 10.50 -31.31 -51.08
C TRP F 243 10.79 -31.98 -52.43
N SER F 244 9.73 -32.49 -53.07
CA SER F 244 9.85 -33.15 -54.37
C SER F 244 9.10 -32.33 -55.41
N SER F 245 9.76 -31.99 -56.50
CA SER F 245 9.12 -31.24 -57.58
C SER F 245 9.07 -32.07 -58.87
N ARG F 246 8.52 -31.48 -59.93
CA ARG F 246 8.41 -32.18 -61.20
C ARG F 246 7.82 -31.20 -62.22
N VAL F 247 8.65 -30.78 -63.17
CA VAL F 247 8.23 -29.85 -64.21
C VAL F 247 7.29 -30.46 -65.24
N HIS F 248 6.25 -29.70 -65.57
CA HIS F 248 5.25 -30.11 -66.54
C HIS F 248 5.21 -29.11 -67.70
N PRO F 249 5.66 -29.52 -68.89
CA PRO F 249 5.61 -28.58 -70.03
C PRO F 249 4.13 -28.36 -70.34
N HIS F 250 3.30 -29.21 -69.75
CA HIS F 250 1.85 -29.16 -69.89
C HIS F 250 1.34 -27.76 -69.53
N ALA F 251 1.10 -26.96 -70.57
CA ALA F 251 0.61 -25.60 -70.40
C ALA F 251 -0.64 -25.52 -69.53
N SER F 252 -1.08 -24.29 -69.29
CA SER F 252 -2.27 -24.02 -68.49
C SER F 252 -2.53 -22.52 -68.55
N LYS F 253 -3.60 -22.14 -69.24
CA LYS F 253 -3.97 -20.74 -69.39
C LYS F 253 -4.14 -20.09 -68.01
N ALA F 254 -4.00 -20.90 -66.97
CA ALA F 254 -4.13 -20.42 -65.60
C ALA F 254 -2.96 -19.49 -65.25
N GLN F 255 -3.28 -18.43 -64.51
CA GLN F 255 -2.27 -17.45 -64.10
C GLN F 255 -1.27 -18.05 -63.09
N PRO F 256 0.00 -17.60 -63.15
CA PRO F 256 1.03 -18.11 -62.23
C PRO F 256 0.61 -18.07 -60.76
N GLY F 257 0.90 -19.14 -60.04
CA GLY F 257 0.56 -19.22 -58.62
C GLY F 257 -0.76 -19.91 -58.31
N SER F 258 -1.63 -20.03 -59.30
CA SER F 258 -2.92 -20.67 -59.10
C SER F 258 -2.81 -22.18 -59.22
N VAL F 259 -3.67 -22.86 -58.47
CA VAL F 259 -3.66 -24.32 -58.45
C VAL F 259 -4.39 -24.97 -59.62
N ILE F 260 -3.64 -25.62 -60.50
CA ILE F 260 -4.22 -26.30 -61.65
C ILE F 260 -5.02 -27.53 -61.24
N SER F 261 -4.49 -28.29 -60.27
CA SER F 261 -5.17 -29.50 -59.78
C SER F 261 -4.64 -29.90 -58.40
N VAL F 262 -5.40 -30.73 -57.70
CA VAL F 262 -4.97 -31.17 -56.38
C VAL F 262 -4.60 -32.65 -56.33
N ALA F 263 -4.44 -33.27 -57.49
CA ALA F 263 -4.08 -34.68 -57.55
C ALA F 263 -3.77 -35.06 -58.99
N PRO F 264 -2.51 -34.89 -59.41
CA PRO F 264 -1.41 -34.39 -58.59
C PRO F 264 -1.57 -32.93 -58.24
N LEU F 265 -0.85 -32.49 -57.21
CA LEU F 265 -0.87 -31.08 -56.82
C LEU F 265 0.01 -30.36 -57.85
N LEU F 266 -0.65 -29.75 -58.82
CA LEU F 266 0.03 -29.06 -59.90
C LEU F 266 -0.20 -27.54 -59.84
N ILE F 267 0.88 -26.79 -59.62
CA ILE F 267 0.80 -25.33 -59.57
C ILE F 267 1.18 -24.69 -60.91
N ALA F 268 0.42 -23.67 -61.33
CA ALA F 268 0.70 -22.98 -62.58
C ALA F 268 1.86 -22.01 -62.41
N CYS F 269 2.87 -22.13 -63.28
CA CYS F 269 4.06 -21.27 -63.22
C CYS F 269 4.10 -20.30 -64.39
N GLY F 270 5.05 -19.38 -64.35
CA GLY F 270 5.21 -18.41 -65.42
C GLY F 270 5.40 -19.13 -66.74
N ASP F 271 6.08 -20.28 -66.68
CA ASP F 271 6.31 -21.10 -67.87
C ASP F 271 6.08 -22.54 -67.43
N GLY F 272 5.01 -23.15 -67.95
CA GLY F 272 4.69 -24.52 -67.58
C GLY F 272 4.23 -24.60 -66.13
N ALA F 273 3.91 -25.81 -65.69
CA ALA F 273 3.46 -26.00 -64.33
C ALA F 273 4.44 -26.86 -63.54
N LEU F 274 4.39 -26.73 -62.22
CA LEU F 274 5.26 -27.50 -61.34
C LEU F 274 4.41 -28.43 -60.48
N GLU F 275 4.76 -29.71 -60.47
CA GLU F 275 4.03 -30.67 -59.67
C GLU F 275 4.72 -30.82 -58.32
N ILE F 276 3.96 -30.61 -57.25
CA ILE F 276 4.50 -30.78 -55.91
C ILE F 276 4.26 -32.25 -55.56
N VAL F 277 5.33 -33.06 -55.64
CA VAL F 277 5.28 -34.49 -55.37
C VAL F 277 5.23 -34.80 -53.88
N THR F 278 5.99 -34.06 -53.10
CA THR F 278 6.00 -34.25 -51.66
C THR F 278 6.40 -32.94 -50.97
N GLY F 279 5.81 -32.71 -49.80
CA GLY F 279 6.10 -31.50 -49.05
C GLY F 279 5.40 -31.53 -47.71
N GLN F 280 5.58 -30.47 -46.93
CA GLN F 280 4.96 -30.44 -45.62
C GLN F 280 4.38 -29.08 -45.25
N ALA F 281 3.17 -29.12 -44.70
CA ALA F 281 2.51 -27.90 -44.27
C ALA F 281 3.18 -27.55 -42.94
N GLY F 282 3.73 -26.35 -42.86
CA GLY F 282 4.39 -25.93 -41.63
C GLY F 282 5.44 -26.91 -41.15
N ASP F 283 5.50 -27.10 -39.83
CA ASP F 283 6.47 -28.03 -39.23
C ASP F 283 5.93 -29.45 -39.13
N GLY F 284 4.83 -29.69 -39.85
CA GLY F 284 4.22 -31.01 -39.87
C GLY F 284 5.05 -32.03 -40.60
N ILE F 285 4.53 -33.23 -40.73
CA ILE F 285 5.27 -34.29 -41.40
C ILE F 285 5.16 -34.16 -42.90
N THR F 286 6.08 -34.82 -43.59
CA THR F 286 6.10 -34.81 -45.04
C THR F 286 5.02 -35.74 -45.53
N MET F 287 4.43 -35.40 -46.67
CA MET F 287 3.39 -36.22 -47.24
C MET F 287 3.35 -36.01 -48.75
N GLN F 288 2.64 -36.88 -49.45
CA GLN F 288 2.51 -36.76 -50.89
C GLN F 288 1.69 -35.51 -51.20
N GLY F 289 1.98 -34.89 -52.34
CA GLY F 289 1.29 -33.68 -52.75
C GLY F 289 -0.23 -33.66 -52.58
N SER F 290 -0.90 -34.71 -53.05
CA SER F 290 -2.35 -34.76 -52.95
C SER F 290 -2.81 -34.56 -51.52
N GLN F 291 -2.07 -35.11 -50.56
CA GLN F 291 -2.46 -34.96 -49.16
C GLN F 291 -2.09 -33.57 -48.65
N LEU F 292 -0.90 -33.11 -49.06
CA LEU F 292 -0.43 -31.79 -48.69
C LEU F 292 -1.49 -30.79 -49.16
N ALA F 293 -2.02 -31.04 -50.35
CA ALA F 293 -3.05 -30.18 -50.92
C ALA F 293 -4.21 -30.11 -49.96
N GLN F 294 -4.66 -31.26 -49.49
CA GLN F 294 -5.78 -31.26 -48.58
C GLN F 294 -5.46 -30.54 -47.28
N THR F 295 -4.41 -30.98 -46.61
CA THR F 295 -4.03 -30.37 -45.35
C THR F 295 -3.75 -28.86 -45.44
N LEU F 296 -3.81 -28.29 -46.63
CA LEU F 296 -3.58 -26.85 -46.77
C LEU F 296 -4.86 -26.14 -47.17
N GLY F 297 -5.88 -26.92 -47.52
CA GLY F 297 -7.15 -26.36 -47.92
C GLY F 297 -7.17 -25.91 -49.36
N LEU F 298 -6.34 -26.53 -50.19
CA LEU F 298 -6.28 -26.17 -51.60
C LEU F 298 -7.38 -26.79 -52.44
N VAL F 299 -7.79 -26.02 -53.44
CA VAL F 299 -8.78 -26.41 -54.44
C VAL F 299 -8.23 -25.58 -55.58
N GLN F 300 -8.89 -25.51 -56.71
CA GLN F 300 -8.35 -24.71 -57.81
C GLN F 300 -8.30 -23.18 -57.56
N GLY F 301 -7.62 -22.75 -56.50
CA GLY F 301 -7.51 -21.32 -56.20
C GLY F 301 -6.12 -20.84 -55.77
N SER F 302 -5.59 -19.86 -56.52
CA SER F 302 -4.26 -19.22 -56.34
C SER F 302 -3.48 -19.30 -54.99
N ARG F 303 -2.16 -19.54 -55.09
CA ARG F 303 -1.24 -19.66 -53.94
C ARG F 303 -0.32 -18.45 -53.74
N LEU F 304 0.05 -18.18 -52.48
CA LEU F 304 0.94 -17.08 -52.13
C LEU F 304 0.25 -15.73 -52.31
N ARG F 314 -2.03 0.06 -38.10
CA ARG F 314 -2.25 1.39 -37.51
C ARG F 314 -0.89 2.03 -37.28
N ARG F 315 -0.84 3.34 -37.07
CA ARG F 315 0.44 3.98 -36.88
C ARG F 315 1.09 3.72 -35.53
N THR F 316 2.39 3.97 -35.47
CA THR F 316 3.21 3.77 -34.27
C THR F 316 2.93 4.76 -33.15
N ARG F 317 2.77 4.23 -31.94
CA ARG F 317 2.48 5.05 -30.78
C ARG F 317 3.76 5.33 -30.02
N VAL F 318 4.19 6.60 -30.06
CA VAL F 318 5.39 7.00 -29.34
C VAL F 318 4.97 7.77 -28.06
N LEU F 319 5.47 7.32 -26.92
CA LEU F 319 5.17 7.94 -25.63
C LEU F 319 6.39 8.76 -25.22
N ILE F 320 6.21 10.07 -25.06
CA ILE F 320 7.31 10.95 -24.64
C ILE F 320 7.02 11.59 -23.28
N LEU F 321 7.84 11.26 -22.28
CA LEU F 321 7.67 11.84 -20.96
C LEU F 321 8.63 13.03 -20.92
N GLY F 322 8.13 14.20 -20.55
CA GLY F 322 8.95 15.39 -20.53
C GLY F 322 8.94 15.98 -21.94
N VAL F 323 7.83 15.76 -22.64
CA VAL F 323 7.63 16.20 -24.02
C VAL F 323 7.76 17.73 -24.28
N ASN F 324 7.63 18.54 -23.25
CA ASN F 324 7.72 19.98 -23.43
C ASN F 324 9.15 20.50 -23.39
N GLY F 325 10.08 19.59 -23.08
CA GLY F 325 11.48 19.96 -23.00
C GLY F 325 12.19 20.30 -24.30
N PHE F 326 13.47 20.60 -24.19
CA PHE F 326 14.30 20.96 -25.32
C PHE F 326 14.27 19.84 -26.36
N ILE F 327 14.64 18.63 -25.96
CA ILE F 327 14.61 17.52 -26.89
C ILE F 327 13.18 17.21 -27.23
N GLY F 328 12.35 17.09 -26.20
CA GLY F 328 10.94 16.78 -26.36
C GLY F 328 10.11 17.56 -27.39
N ASN F 329 10.05 18.89 -27.29
CA ASN F 329 9.24 19.66 -28.24
C ASN F 329 9.76 19.55 -29.66
N HIS F 330 11.07 19.46 -29.83
CA HIS F 330 11.64 19.36 -31.15
C HIS F 330 11.38 17.99 -31.76
N LEU F 331 11.47 16.97 -30.93
CA LEU F 331 11.21 15.62 -31.41
C LEU F 331 9.72 15.53 -31.83
N THR F 332 8.84 16.08 -31.00
CA THR F 332 7.42 16.06 -31.31
C THR F 332 7.15 16.68 -32.65
N GLU F 333 7.70 17.87 -32.89
CA GLU F 333 7.51 18.55 -34.17
C GLU F 333 7.90 17.61 -35.32
N ARG F 334 9.05 16.97 -35.16
CA ARG F 334 9.59 16.05 -36.17
C ARG F 334 8.68 14.88 -36.46
N LEU F 335 8.25 14.19 -35.41
CA LEU F 335 7.37 13.02 -35.52
C LEU F 335 6.01 13.40 -36.09
N LEU F 336 5.49 14.54 -35.69
CA LEU F 336 4.19 14.98 -36.17
C LEU F 336 4.17 15.26 -37.66
N ARG F 337 5.35 15.41 -38.26
CA ARG F 337 5.47 15.66 -39.68
C ARG F 337 5.14 14.38 -40.41
N GLU F 338 5.71 13.28 -39.95
CA GLU F 338 5.45 11.98 -40.55
C GLU F 338 4.02 11.57 -40.28
N ASP F 339 3.46 10.72 -41.13
CA ASP F 339 2.09 10.32 -40.91
C ASP F 339 1.94 9.04 -40.11
N HIS F 340 2.96 8.20 -40.11
CA HIS F 340 2.87 6.94 -39.39
C HIS F 340 3.16 7.02 -37.89
N TYR F 341 3.04 8.21 -37.32
CA TYR F 341 3.27 8.37 -35.89
C TYR F 341 2.13 9.00 -35.13
N GLU F 342 1.92 8.47 -33.92
CA GLU F 342 0.91 8.94 -33.01
C GLU F 342 1.73 9.34 -31.78
N VAL F 343 1.72 10.61 -31.40
CA VAL F 343 2.51 11.04 -30.24
C VAL F 343 1.72 11.30 -28.96
N TYR F 344 2.09 10.60 -27.89
CA TYR F 344 1.47 10.75 -26.56
C TYR F 344 2.52 11.36 -25.65
N GLY F 345 2.18 12.43 -24.96
CA GLY F 345 3.16 13.06 -24.09
C GLY F 345 2.62 13.66 -22.81
N LEU F 346 3.46 13.64 -21.79
CA LEU F 346 3.12 14.20 -20.49
C LEU F 346 4.27 15.07 -20.03
N ASP F 347 3.94 16.18 -19.36
CA ASP F 347 4.94 17.11 -18.87
C ASP F 347 4.31 18.10 -17.93
N ILE F 348 5.15 18.75 -17.13
CA ILE F 348 4.75 19.77 -16.16
C ILE F 348 4.34 21.05 -16.88
N GLY F 349 5.11 21.40 -17.92
CA GLY F 349 4.84 22.58 -18.70
C GLY F 349 4.30 22.24 -20.08
N SER F 350 3.85 23.27 -20.82
CA SER F 350 3.29 23.03 -22.15
C SER F 350 3.41 24.20 -23.13
N ASP F 351 4.21 25.20 -22.79
CA ASP F 351 4.40 26.35 -23.67
C ASP F 351 5.14 25.98 -24.97
N ALA F 352 6.01 24.99 -24.91
CA ALA F 352 6.75 24.58 -26.10
C ALA F 352 5.94 23.68 -27.02
N ILE F 353 4.96 22.96 -26.47
CA ILE F 353 4.15 22.06 -27.29
C ILE F 353 2.71 22.49 -27.50
N SER F 354 2.33 23.65 -27.00
CA SER F 354 0.95 24.09 -27.20
C SER F 354 0.59 24.24 -28.67
N ARG F 355 1.56 24.60 -29.51
CA ARG F 355 1.29 24.76 -30.93
C ARG F 355 0.82 23.48 -31.59
N PHE F 356 1.03 22.35 -30.92
CA PHE F 356 0.63 21.05 -31.46
C PHE F 356 -0.67 20.55 -30.86
N LEU F 357 -1.18 21.25 -29.84
CA LEU F 357 -2.39 20.82 -29.19
C LEU F 357 -3.56 20.54 -30.13
N ASN F 358 -3.58 21.20 -31.28
CA ASN F 358 -4.66 20.96 -32.24
C ASN F 358 -4.36 19.83 -33.20
N HIS F 359 -3.14 19.33 -33.19
CA HIS F 359 -2.81 18.26 -34.10
C HIS F 359 -3.56 16.99 -33.71
N PRO F 360 -4.17 16.32 -34.68
CA PRO F 360 -4.93 15.09 -34.42
C PRO F 360 -4.11 13.95 -33.88
N HIS F 361 -2.84 13.87 -34.26
CA HIS F 361 -2.01 12.76 -33.80
C HIS F 361 -1.20 13.04 -32.54
N PHE F 362 -1.44 14.20 -31.93
CA PHE F 362 -0.73 14.59 -30.71
C PHE F 362 -1.66 14.55 -29.51
N HIS F 363 -1.30 13.78 -28.49
CA HIS F 363 -2.11 13.68 -27.30
C HIS F 363 -1.27 14.05 -26.13
N PHE F 364 -1.46 15.27 -25.64
CA PHE F 364 -0.72 15.80 -24.52
C PHE F 364 -1.55 15.85 -23.25
N VAL F 365 -0.88 15.82 -22.12
CA VAL F 365 -1.58 15.87 -20.85
C VAL F 365 -0.59 16.47 -19.85
N GLU F 366 -1.05 17.43 -19.06
CA GLU F 366 -0.16 18.04 -18.07
C GLU F 366 -0.03 17.19 -16.81
N GLY F 367 1.16 16.65 -16.59
CA GLY F 367 1.35 15.79 -15.44
C GLY F 367 2.75 15.77 -14.86
N ASP F 368 2.88 15.04 -13.77
CA ASP F 368 4.12 14.92 -13.02
C ASP F 368 4.49 13.43 -12.94
N ILE F 369 5.70 13.03 -13.38
CA ILE F 369 6.07 11.62 -13.33
C ILE F 369 6.03 11.06 -11.94
N SER F 370 6.12 11.93 -10.93
CA SER F 370 6.10 11.45 -9.54
C SER F 370 4.70 11.37 -8.95
N ILE F 371 3.68 11.78 -9.71
CA ILE F 371 2.31 11.72 -9.21
C ILE F 371 1.35 10.92 -10.11
N HIS F 372 1.19 11.33 -11.35
CA HIS F 372 0.27 10.69 -12.26
C HIS F 372 0.61 9.29 -12.78
N SER F 373 0.49 8.32 -11.89
CA SER F 373 0.79 6.97 -12.26
C SER F 373 -0.20 6.32 -13.19
N GLU F 374 -1.51 6.47 -12.93
CA GLU F 374 -2.47 5.82 -13.82
C GLU F 374 -2.18 6.13 -15.29
N TRP F 375 -2.03 7.41 -15.61
CA TRP F 375 -1.75 7.76 -17.01
C TRP F 375 -0.43 7.21 -17.53
N ILE F 376 0.64 7.42 -16.76
CA ILE F 376 1.93 6.96 -17.21
C ILE F 376 1.98 5.46 -17.42
N GLU F 377 1.60 4.69 -16.42
CA GLU F 377 1.65 3.24 -16.60
C GLU F 377 0.73 2.81 -17.73
N TYR F 378 -0.51 3.29 -17.72
CA TYR F 378 -1.41 2.92 -18.79
C TYR F 378 -0.80 3.17 -20.19
N HIS F 379 -0.09 4.27 -20.37
CA HIS F 379 0.48 4.56 -21.69
C HIS F 379 1.77 3.81 -22.05
N VAL F 380 2.53 3.38 -21.05
CA VAL F 380 3.70 2.59 -21.37
C VAL F 380 3.09 1.30 -21.89
N LYS F 381 2.02 0.86 -21.23
CA LYS F 381 1.31 -0.35 -21.60
C LYS F 381 0.64 -0.22 -22.98
N LYS F 382 0.16 0.97 -23.30
CA LYS F 382 -0.51 1.22 -24.57
C LYS F 382 0.40 1.56 -25.76
N CYS F 383 1.47 2.31 -25.54
CA CYS F 383 2.32 2.70 -26.66
C CYS F 383 3.32 1.66 -27.13
N ASP F 384 4.09 2.02 -28.16
CA ASP F 384 5.07 1.11 -28.74
C ASP F 384 6.52 1.43 -28.41
N VAL F 385 6.82 2.71 -28.22
CA VAL F 385 8.17 3.11 -27.85
C VAL F 385 8.06 4.15 -26.76
N VAL F 386 8.92 4.04 -25.75
CA VAL F 386 8.91 4.99 -24.66
C VAL F 386 10.20 5.79 -24.65
N LEU F 387 10.06 7.11 -24.56
CA LEU F 387 11.19 8.02 -24.49
C LEU F 387 11.11 8.83 -23.18
N PRO F 388 11.73 8.32 -22.11
CA PRO F 388 11.70 9.04 -20.82
C PRO F 388 12.68 10.20 -20.78
N LEU F 389 12.23 11.36 -21.25
CA LEU F 389 13.07 12.56 -21.28
C LEU F 389 12.96 13.48 -20.06
N VAL F 390 12.31 13.04 -18.99
CA VAL F 390 12.20 13.89 -17.82
C VAL F 390 13.53 13.86 -17.11
N ALA F 391 14.04 15.03 -16.75
CA ALA F 391 15.31 15.10 -16.07
C ALA F 391 15.71 16.52 -15.67
N ILE F 392 16.87 16.61 -15.05
CA ILE F 392 17.46 17.87 -14.64
C ILE F 392 18.84 17.70 -15.21
N ALA F 393 19.16 18.52 -16.20
CA ALA F 393 20.46 18.41 -16.86
C ALA F 393 21.31 19.68 -16.86
N THR F 394 21.09 20.55 -15.88
CA THR F 394 21.86 21.77 -15.77
C THR F 394 22.84 21.53 -14.62
N PRO F 395 24.13 21.49 -14.93
CA PRO F 395 25.20 21.26 -13.95
C PRO F 395 25.11 21.92 -12.58
N ILE F 396 24.74 23.20 -12.53
CA ILE F 396 24.66 23.87 -11.24
C ILE F 396 23.77 23.11 -10.25
N GLU F 397 22.78 22.42 -10.77
CA GLU F 397 21.88 21.67 -9.92
C GLU F 397 22.54 20.42 -9.35
N TYR F 398 23.56 19.90 -10.01
CA TYR F 398 24.23 18.69 -9.52
C TYR F 398 24.87 18.96 -8.17
N THR F 399 25.45 20.14 -8.00
CA THR F 399 26.10 20.48 -6.74
C THR F 399 25.13 21.19 -5.79
N ARG F 400 24.25 22.00 -6.35
CA ARG F 400 23.27 22.71 -5.55
C ARG F 400 22.14 21.81 -4.99
N ASN F 401 21.61 20.90 -5.81
CA ASN F 401 20.56 19.97 -5.37
C ASN F 401 20.84 18.54 -5.78
N PRO F 402 21.92 17.96 -5.25
CA PRO F 402 22.26 16.58 -5.61
C PRO F 402 21.11 15.61 -5.38
N LEU F 403 20.48 15.68 -4.22
CA LEU F 403 19.41 14.75 -3.96
C LEU F 403 18.16 14.89 -4.88
N ARG F 404 17.83 16.10 -5.32
CA ARG F 404 16.67 16.27 -6.21
C ARG F 404 17.06 15.68 -7.56
N VAL F 405 18.31 15.89 -7.97
CA VAL F 405 18.79 15.34 -9.24
C VAL F 405 18.73 13.81 -9.18
N PHE F 406 19.25 13.23 -8.11
CA PHE F 406 19.26 11.79 -7.96
C PHE F 406 17.87 11.17 -8.03
N GLU F 407 16.96 11.73 -7.24
CA GLU F 407 15.60 11.22 -7.20
C GLU F 407 14.84 11.33 -8.51
N LEU F 408 15.03 12.44 -9.23
CA LEU F 408 14.31 12.63 -10.48
C LEU F 408 15.01 11.93 -11.61
N ASP F 409 16.28 12.26 -11.82
CA ASP F 409 17.02 11.65 -12.92
C ASP F 409 17.22 10.14 -12.80
N PHE F 410 17.41 9.66 -11.57
CA PHE F 410 17.63 8.24 -11.39
C PHE F 410 16.42 7.43 -10.94
N GLU F 411 15.92 7.69 -9.74
CA GLU F 411 14.79 6.93 -9.24
C GLU F 411 13.53 7.00 -10.08
N GLU F 412 13.08 8.21 -10.39
CA GLU F 412 11.87 8.33 -11.19
C GLU F 412 11.93 7.58 -12.53
N ASN F 413 13.07 7.66 -13.21
CA ASN F 413 13.24 6.98 -14.48
C ASN F 413 13.35 5.47 -14.36
N LEU F 414 14.01 4.99 -13.32
CA LEU F 414 14.17 3.55 -13.12
C LEU F 414 12.77 2.92 -13.07
N ARG F 415 11.81 3.70 -12.60
CA ARG F 415 10.43 3.26 -12.50
C ARG F 415 9.85 3.05 -13.88
N ILE F 416 10.13 4.00 -14.78
CA ILE F 416 9.63 3.92 -16.15
C ILE F 416 10.35 2.78 -16.87
N ILE F 417 11.66 2.67 -16.65
CA ILE F 417 12.39 1.58 -17.29
C ILE F 417 11.69 0.26 -16.92
N ARG F 418 11.36 0.10 -15.65
CA ARG F 418 10.70 -1.11 -15.22
C ARG F 418 9.28 -1.31 -15.78
N TYR F 419 8.56 -0.21 -16.06
CA TYR F 419 7.24 -0.35 -16.65
C TYR F 419 7.45 -0.98 -18.01
N CYS F 420 8.49 -0.55 -18.70
CA CYS F 420 8.83 -1.06 -20.02
C CYS F 420 9.16 -2.56 -20.02
N VAL F 421 9.98 -3.00 -19.09
CA VAL F 421 10.27 -4.42 -19.09
C VAL F 421 8.99 -5.18 -18.70
N LYS F 422 8.22 -4.64 -17.76
CA LYS F 422 6.99 -5.32 -17.34
C LYS F 422 6.05 -5.55 -18.52
N TYR F 423 5.90 -4.53 -19.35
CA TYR F 423 5.01 -4.61 -20.48
C TYR F 423 5.71 -4.90 -21.78
N ARG F 424 6.97 -5.31 -21.67
CA ARG F 424 7.77 -5.62 -22.85
C ARG F 424 7.66 -4.56 -23.93
N LYS F 425 8.13 -3.34 -23.63
CA LYS F 425 8.07 -2.25 -24.60
C LYS F 425 9.45 -1.77 -24.96
N ARG F 426 9.58 -1.18 -26.14
CA ARG F 426 10.87 -0.70 -26.58
C ARG F 426 11.15 0.62 -25.88
N ILE F 427 12.34 0.76 -25.33
CA ILE F 427 12.67 1.99 -24.65
C ILE F 427 13.88 2.63 -25.30
N ILE F 428 13.75 3.89 -25.68
CA ILE F 428 14.87 4.61 -26.27
C ILE F 428 15.22 5.54 -25.14
N PHE F 429 16.17 5.12 -24.31
CA PHE F 429 16.57 5.92 -23.17
C PHE F 429 17.65 6.94 -23.47
N PRO F 430 17.48 8.17 -22.97
CA PRO F 430 18.48 9.20 -23.22
C PRO F 430 19.62 9.15 -22.22
N SER F 431 20.78 8.66 -22.67
CA SER F 431 21.98 8.60 -21.81
C SER F 431 22.59 10.00 -21.89
N THR F 432 23.90 10.12 -21.74
CA THR F 432 24.53 11.44 -21.79
C THR F 432 26.01 11.36 -22.08
N SER F 433 26.55 12.42 -22.67
CA SER F 433 27.97 12.42 -22.98
C SER F 433 28.71 12.57 -21.67
N GLU F 434 27.98 13.01 -20.64
CA GLU F 434 28.62 13.19 -19.35
C GLU F 434 28.97 11.87 -18.66
N VAL F 435 28.50 10.77 -19.23
CA VAL F 435 28.75 9.47 -18.65
C VAL F 435 30.21 9.11 -18.86
N TYR F 436 30.85 9.73 -19.85
CA TYR F 436 32.27 9.48 -20.17
C TYR F 436 33.17 10.23 -19.21
N GLY F 437 32.58 11.18 -18.49
CA GLY F 437 33.33 11.98 -17.52
C GLY F 437 34.52 12.70 -18.13
N MET F 438 35.65 12.55 -17.46
CA MET F 438 36.89 13.16 -17.92
C MET F 438 37.71 12.14 -18.72
N CYS F 439 37.00 11.35 -19.53
CA CYS F 439 37.64 10.37 -20.36
C CYS F 439 38.76 11.07 -21.11
N SER F 440 39.84 10.35 -21.35
CA SER F 440 40.99 10.92 -22.04
C SER F 440 41.09 10.61 -23.51
N ASP F 441 40.21 9.77 -24.05
CA ASP F 441 40.30 9.47 -25.48
C ASP F 441 39.98 10.69 -26.34
N LYS F 442 40.58 10.76 -27.54
CA LYS F 442 40.32 11.89 -28.43
C LYS F 442 38.85 11.81 -28.84
N TYR F 443 38.36 10.58 -28.96
CA TYR F 443 36.98 10.31 -29.33
C TYR F 443 36.31 9.44 -28.27
N PHE F 444 35.25 9.94 -27.65
CA PHE F 444 34.54 9.15 -26.67
C PHE F 444 33.78 8.07 -27.42
N ASP F 445 34.19 6.83 -27.20
CA ASP F 445 33.62 5.69 -27.89
C ASP F 445 32.63 4.91 -27.04
N GLU F 446 31.43 4.75 -27.58
CA GLU F 446 30.33 4.05 -26.91
C GLU F 446 30.67 2.64 -26.46
N ASP F 447 31.48 1.95 -27.25
CA ASP F 447 31.81 0.56 -26.92
C ASP F 447 33.20 0.29 -26.39
N HIS F 448 34.08 1.28 -26.39
CA HIS F 448 35.43 1.05 -25.92
C HIS F 448 36.00 2.01 -24.89
N SER F 449 35.56 3.28 -24.90
CA SER F 449 36.09 4.23 -23.94
C SER F 449 35.77 3.93 -22.50
N ASN F 450 36.72 4.23 -21.62
CA ASN F 450 36.53 4.03 -20.19
C ASN F 450 35.87 5.30 -19.65
N LEU F 451 35.16 5.15 -18.56
CA LEU F 451 34.47 6.29 -17.96
C LEU F 451 35.23 6.78 -16.75
N ILE F 452 35.52 8.08 -16.73
CA ILE F 452 36.27 8.65 -15.61
C ILE F 452 35.58 9.82 -14.92
N VAL F 453 35.35 9.68 -13.61
CA VAL F 453 34.76 10.77 -12.83
C VAL F 453 35.71 11.05 -11.67
N GLY F 454 35.43 12.11 -10.91
CA GLY F 454 36.29 12.47 -9.80
C GLY F 454 35.89 11.87 -8.47
N PRO F 455 36.53 12.32 -7.37
CA PRO F 455 36.24 11.84 -6.01
C PRO F 455 34.79 12.06 -5.62
N VAL F 456 34.37 11.39 -4.55
CA VAL F 456 33.01 11.54 -4.06
C VAL F 456 32.85 12.97 -3.55
N ASN F 457 33.96 13.62 -3.18
CA ASN F 457 33.89 15.00 -2.70
C ASN F 457 33.69 15.98 -3.84
N LYS F 458 33.52 15.46 -5.05
CA LYS F 458 33.23 16.29 -6.22
C LYS F 458 31.84 15.86 -6.71
N PRO F 459 30.78 16.33 -6.02
CA PRO F 459 29.39 16.00 -6.35
C PRO F 459 28.88 16.31 -7.77
N ARG F 460 29.59 17.09 -8.55
CA ARG F 460 29.08 17.35 -9.89
C ARG F 460 28.87 16.04 -10.65
N TRP F 461 29.64 15.03 -10.29
CA TRP F 461 29.55 13.76 -10.98
C TRP F 461 28.36 12.90 -10.56
N ILE F 462 27.57 13.36 -9.59
CA ILE F 462 26.43 12.57 -9.15
C ILE F 462 25.52 12.29 -10.34
N TYR F 463 25.37 13.27 -11.22
CA TYR F 463 24.55 13.13 -12.43
C TYR F 463 25.19 12.05 -13.35
N SER F 464 26.45 12.27 -13.74
CA SER F 464 27.17 11.33 -14.58
C SER F 464 27.08 9.89 -14.11
N VAL F 465 27.33 9.67 -12.82
CA VAL F 465 27.29 8.33 -12.25
C VAL F 465 25.85 7.78 -12.21
N SER F 466 24.86 8.63 -11.94
CA SER F 466 23.47 8.19 -11.92
C SER F 466 23.05 7.71 -13.30
N LYS F 467 23.37 8.49 -14.33
CA LYS F 467 23.00 8.10 -15.69
C LYS F 467 23.74 6.85 -16.12
N GLN F 468 24.95 6.66 -15.65
CA GLN F 468 25.69 5.47 -16.03
C GLN F 468 25.09 4.21 -15.44
N LEU F 469 24.67 4.29 -14.17
CA LEU F 469 24.08 3.15 -13.48
C LEU F 469 22.79 2.76 -14.20
N LEU F 470 22.03 3.77 -14.63
CA LEU F 470 20.79 3.48 -15.32
C LEU F 470 21.10 2.76 -16.61
N ASP F 471 22.10 3.23 -17.35
CA ASP F 471 22.48 2.60 -18.60
C ASP F 471 22.82 1.13 -18.35
N ARG F 472 23.55 0.86 -17.28
CA ARG F 472 23.93 -0.50 -16.94
C ARG F 472 22.73 -1.37 -16.56
N VAL F 473 21.77 -0.79 -15.83
CA VAL F 473 20.58 -1.55 -15.47
C VAL F 473 19.75 -1.86 -16.73
N ILE F 474 19.68 -0.91 -17.67
CA ILE F 474 18.95 -1.14 -18.90
C ILE F 474 19.65 -2.26 -19.64
N TRP F 475 20.97 -2.21 -19.65
CA TRP F 475 21.80 -3.21 -20.30
C TRP F 475 21.52 -4.60 -19.71
N ALA F 476 21.53 -4.70 -18.39
CA ALA F 476 21.26 -5.97 -17.75
C ALA F 476 19.86 -6.46 -18.12
N TYR F 477 18.88 -5.57 -18.09
CA TYR F 477 17.53 -5.96 -18.43
C TYR F 477 17.49 -6.49 -19.86
N GLY F 478 18.30 -5.88 -20.72
CA GLY F 478 18.32 -6.36 -22.10
C GLY F 478 18.91 -7.75 -22.15
N GLU F 479 20.10 -7.89 -21.57
CA GLU F 479 20.80 -9.15 -21.55
C GLU F 479 20.04 -10.26 -20.83
N LYS F 480 19.67 -10.02 -19.58
CA LYS F 480 18.97 -11.04 -18.79
C LYS F 480 17.44 -11.14 -18.91
N GLU F 481 16.78 -10.21 -19.60
CA GLU F 481 15.32 -10.31 -19.71
C GLU F 481 14.69 -9.88 -21.02
N GLY F 482 15.49 -9.79 -22.07
CA GLY F 482 14.98 -9.43 -23.37
C GLY F 482 14.43 -8.03 -23.59
N LEU F 483 14.76 -7.07 -22.73
CA LEU F 483 14.27 -5.71 -22.92
C LEU F 483 14.83 -5.13 -24.22
N GLN F 484 13.97 -4.61 -25.09
CA GLN F 484 14.44 -4.01 -26.34
C GLN F 484 14.70 -2.54 -26.09
N PHE F 485 15.96 -2.14 -26.30
CA PHE F 485 16.38 -0.78 -26.02
C PHE F 485 17.41 -0.21 -26.98
N THR F 486 17.63 1.09 -26.83
CA THR F 486 18.64 1.84 -27.59
C THR F 486 18.98 3.03 -26.69
N LEU F 487 20.26 3.17 -26.35
CA LEU F 487 20.71 4.28 -25.51
C LEU F 487 21.33 5.30 -26.44
N PHE F 488 20.97 6.57 -26.29
CA PHE F 488 21.57 7.58 -27.14
C PHE F 488 22.19 8.66 -26.27
N ARG F 489 23.38 9.11 -26.65
CA ARG F 489 24.09 10.12 -25.88
C ARG F 489 24.28 11.42 -26.62
N PRO F 490 23.58 12.48 -26.19
CA PRO F 490 23.71 13.78 -26.86
C PRO F 490 24.98 14.49 -26.45
N PHE F 491 25.61 15.15 -27.42
CA PHE F 491 26.84 15.89 -27.17
C PHE F 491 26.54 17.36 -27.39
N ASN F 492 26.40 18.05 -26.26
CA ASN F 492 26.10 19.47 -26.20
C ASN F 492 25.24 19.95 -27.35
N TRP F 493 24.00 19.46 -27.40
CA TRP F 493 23.04 19.88 -28.42
C TRP F 493 22.58 21.27 -28.04
N MET F 494 22.37 22.14 -29.02
CA MET F 494 21.85 23.45 -28.68
C MET F 494 21.07 24.02 -29.83
N GLY F 495 20.25 25.02 -29.51
CA GLY F 495 19.41 25.66 -30.49
C GLY F 495 18.29 26.31 -29.73
N PRO F 496 17.22 26.74 -30.41
CA PRO F 496 16.09 27.38 -29.72
C PRO F 496 15.47 26.48 -28.64
N ARG F 497 15.04 27.13 -27.56
CA ARG F 497 14.38 26.47 -26.42
C ARG F 497 15.29 25.62 -25.54
N LEU F 498 16.61 25.80 -25.69
CA LEU F 498 17.53 25.07 -24.84
C LEU F 498 17.49 25.89 -23.57
N ASP F 499 16.61 25.51 -22.65
CA ASP F 499 16.41 26.21 -21.38
C ASP F 499 15.73 27.52 -21.68
N ASN F 500 15.84 28.48 -20.76
CA ASN F 500 15.23 29.78 -20.98
C ASN F 500 15.94 30.86 -20.18
N LEU F 501 15.93 32.09 -20.69
CA LEU F 501 16.62 33.18 -20.00
C LEU F 501 16.26 33.28 -18.52
N ASN F 502 15.02 32.96 -18.18
CA ASN F 502 14.61 33.06 -16.79
C ASN F 502 15.32 32.11 -15.88
N ALA F 503 15.37 30.84 -16.26
CA ALA F 503 16.06 29.82 -15.47
C ALA F 503 17.56 30.16 -15.41
N ALA F 504 18.05 30.81 -16.47
CA ALA F 504 19.45 31.22 -16.54
C ALA F 504 19.78 32.26 -15.48
N ARG F 505 18.78 32.95 -14.96
CA ARG F 505 19.01 33.95 -13.94
C ARG F 505 19.41 33.28 -12.65
N ILE F 506 19.26 31.97 -12.58
CA ILE F 506 19.61 31.24 -11.39
C ILE F 506 20.75 30.27 -11.68
N GLY F 507 21.31 30.40 -12.87
CA GLY F 507 22.40 29.53 -13.26
C GLY F 507 21.88 28.20 -13.69
N SER F 508 20.55 28.04 -13.71
CA SER F 508 19.94 26.79 -14.10
C SER F 508 19.68 26.67 -15.58
N SER F 509 20.76 26.70 -16.35
CA SER F 509 20.70 26.61 -17.80
C SER F 509 22.08 26.31 -18.37
N ARG F 510 22.12 25.72 -19.54
CA ARG F 510 23.39 25.42 -20.15
C ARG F 510 24.12 26.67 -20.65
N ALA F 511 25.43 26.54 -20.89
CA ALA F 511 26.27 27.67 -21.30
C ALA F 511 25.69 28.68 -22.28
N ILE F 512 25.49 28.27 -23.53
CA ILE F 512 24.97 29.15 -24.59
C ILE F 512 23.81 30.03 -24.12
N THR F 513 22.74 29.42 -23.61
CA THR F 513 21.59 30.17 -23.15
C THR F 513 21.93 31.06 -21.95
N GLN F 514 22.92 30.69 -21.17
CA GLN F 514 23.33 31.52 -20.02
C GLN F 514 24.06 32.78 -20.51
N LEU F 515 24.97 32.62 -21.47
CA LEU F 515 25.71 33.75 -22.01
C LEU F 515 24.76 34.73 -22.70
N ILE F 516 23.70 34.21 -23.30
CA ILE F 516 22.73 35.09 -23.95
C ILE F 516 22.06 35.94 -22.87
N LEU F 517 21.78 35.37 -21.70
CA LEU F 517 21.18 36.16 -20.64
C LEU F 517 22.13 37.29 -20.26
N ASN F 518 23.43 37.01 -20.27
CA ASN F 518 24.44 38.01 -19.95
C ASN F 518 24.35 39.19 -20.93
N LEU F 519 24.43 38.89 -22.22
CA LEU F 519 24.33 39.94 -23.22
C LEU F 519 23.02 40.72 -23.05
N VAL F 520 21.92 39.99 -22.83
CA VAL F 520 20.62 40.63 -22.66
C VAL F 520 20.56 41.58 -21.45
N GLU F 521 20.97 41.12 -20.27
CA GLU F 521 20.91 41.97 -19.10
C GLU F 521 22.07 42.95 -18.93
N GLY F 522 23.09 42.84 -19.77
CA GLY F 522 24.22 43.73 -19.67
C GLY F 522 25.24 43.35 -18.62
N SER F 523 25.27 42.08 -18.20
CA SER F 523 26.24 41.63 -17.21
C SER F 523 27.37 40.98 -17.97
N PRO F 524 28.54 40.86 -17.35
CA PRO F 524 29.65 40.25 -18.07
C PRO F 524 29.51 38.75 -18.28
N ILE F 525 30.12 38.25 -19.36
CA ILE F 525 30.12 36.82 -19.67
C ILE F 525 31.29 36.18 -18.91
N LYS F 526 31.00 35.35 -17.91
CA LYS F 526 32.09 34.72 -17.18
C LYS F 526 32.50 33.39 -17.76
N LEU F 527 33.83 33.22 -17.88
CA LEU F 527 34.43 32.01 -18.41
C LEU F 527 34.96 31.21 -17.22
N ILE F 528 34.18 30.23 -16.76
CA ILE F 528 34.59 29.39 -15.64
C ILE F 528 35.97 28.77 -15.88
N ASP F 529 36.90 29.10 -14.98
CA ASP F 529 38.27 28.61 -15.03
C ASP F 529 38.97 28.90 -16.37
N GLY F 530 38.82 30.12 -16.86
CA GLY F 530 39.44 30.50 -18.11
C GLY F 530 38.66 30.22 -19.37
N GLY F 531 37.73 29.27 -19.30
CA GLY F 531 36.93 28.92 -20.46
C GLY F 531 37.74 28.33 -21.62
N LYS F 532 38.87 27.72 -21.30
CA LYS F 532 39.69 27.13 -22.33
C LYS F 532 39.23 25.73 -22.65
N GLN F 533 38.41 25.17 -21.75
CA GLN F 533 37.89 23.82 -21.94
C GLN F 533 37.00 23.87 -23.15
N LYS F 534 37.01 22.81 -23.94
CA LYS F 534 36.21 22.78 -25.16
C LYS F 534 35.09 21.73 -25.16
N ARG F 535 34.21 21.86 -26.15
CA ARG F 535 33.07 20.96 -26.31
C ARG F 535 32.75 20.85 -27.79
N CYS F 536 31.98 19.84 -28.16
CA CYS F 536 31.55 19.71 -29.54
C CYS F 536 30.07 20.05 -29.55
N PHE F 537 29.75 21.22 -30.10
CA PHE F 537 28.36 21.67 -30.15
C PHE F 537 27.62 21.13 -31.37
N THR F 538 26.45 20.55 -31.12
CA THR F 538 25.62 19.94 -32.14
C THR F 538 24.33 20.70 -32.32
N ASP F 539 23.91 20.93 -33.56
CA ASP F 539 22.66 21.65 -33.79
C ASP F 539 21.51 20.72 -33.47
N ILE F 540 20.52 21.24 -32.73
CA ILE F 540 19.36 20.45 -32.34
C ILE F 540 18.70 19.78 -33.54
N ARG F 541 18.77 20.43 -34.70
CA ARG F 541 18.18 19.86 -35.91
C ARG F 541 18.90 18.55 -36.27
N ASP F 542 20.22 18.54 -36.15
CA ASP F 542 21.01 17.35 -36.44
C ASP F 542 20.68 16.26 -35.41
N GLY F 543 20.60 16.68 -34.15
CA GLY F 543 20.30 15.74 -33.08
C GLY F 543 18.95 15.07 -33.30
N ILE F 544 17.92 15.86 -33.53
CA ILE F 544 16.59 15.29 -33.72
C ILE F 544 16.52 14.33 -34.91
N GLU F 545 17.25 14.64 -35.97
CA GLU F 545 17.25 13.78 -37.14
C GLU F 545 17.77 12.41 -36.77
N ALA F 546 18.91 12.37 -36.09
CA ALA F 546 19.52 11.11 -35.66
C ALA F 546 18.56 10.34 -34.77
N LEU F 547 17.94 11.04 -33.81
CA LEU F 547 17.00 10.43 -32.86
C LEU F 547 15.83 9.88 -33.65
N TYR F 548 15.32 10.68 -34.59
CA TYR F 548 14.19 10.23 -35.41
C TYR F 548 14.55 8.88 -36.05
N ARG F 549 15.75 8.81 -36.64
CA ARG F 549 16.23 7.59 -37.27
C ARG F 549 16.15 6.45 -36.27
N ILE F 550 16.61 6.70 -35.04
CA ILE F 550 16.58 5.66 -34.00
C ILE F 550 15.14 5.17 -33.73
N ILE F 551 14.18 6.08 -33.71
CA ILE F 551 12.79 5.69 -33.49
C ILE F 551 12.40 4.78 -34.66
N GLU F 552 12.72 5.22 -35.87
CA GLU F 552 12.44 4.45 -37.10
C GLU F 552 13.05 3.06 -36.96
N ASN F 553 14.24 2.99 -36.39
CA ASN F 553 14.91 1.73 -36.18
C ASN F 553 14.85 0.81 -37.41
N ALA F 554 15.24 1.37 -38.56
CA ALA F 554 15.28 0.64 -39.82
C ALA F 554 16.20 -0.57 -39.74
N GLY F 555 15.62 -1.74 -39.99
CA GLY F 555 16.36 -2.98 -39.94
C GLY F 555 16.74 -3.37 -38.53
N ASN F 556 16.07 -2.76 -37.56
CA ASN F 556 16.35 -3.05 -36.15
C ASN F 556 17.84 -2.90 -35.84
N ARG F 557 18.53 -2.11 -36.66
CA ARG F 557 19.95 -1.90 -36.48
C ARG F 557 20.32 -1.12 -35.21
N CYS F 558 19.32 -0.71 -34.42
CA CYS F 558 19.60 0.05 -33.20
C CYS F 558 19.40 -0.75 -31.93
N ASP F 559 18.95 -1.98 -32.05
CA ASP F 559 18.70 -2.79 -30.88
C ASP F 559 19.94 -3.14 -30.06
N GLY F 560 19.87 -2.86 -28.77
CA GLY F 560 21.00 -3.15 -27.90
C GLY F 560 22.17 -2.23 -28.18
N GLU F 561 21.94 -1.23 -29.02
CA GLU F 561 22.98 -0.28 -29.38
C GLU F 561 23.05 0.96 -28.48
N ILE F 562 24.26 1.51 -28.37
CA ILE F 562 24.47 2.75 -27.64
C ILE F 562 24.96 3.70 -28.73
N ILE F 563 24.30 4.85 -28.90
CA ILE F 563 24.69 5.75 -29.98
C ILE F 563 24.93 7.20 -29.58
N ASN F 564 26.15 7.67 -29.82
CA ASN F 564 26.48 9.06 -29.53
C ASN F 564 25.90 9.89 -30.67
N ILE F 565 25.46 11.11 -30.38
CA ILE F 565 24.92 11.97 -31.41
C ILE F 565 25.47 13.37 -31.15
N GLY F 566 26.42 13.76 -32.00
CA GLY F 566 27.04 15.07 -31.87
C GLY F 566 27.86 15.36 -33.10
N ASN F 567 28.24 16.62 -33.26
CA ASN F 567 29.03 16.99 -34.41
C ASN F 567 30.46 17.22 -34.02
N PRO F 568 31.32 16.23 -34.24
CA PRO F 568 32.73 16.33 -33.89
C PRO F 568 33.40 17.51 -34.59
N GLU F 569 32.77 17.99 -35.65
CA GLU F 569 33.30 19.12 -36.40
C GLU F 569 33.13 20.46 -35.71
N ASN F 570 32.17 20.57 -34.80
CA ASN F 570 31.94 21.84 -34.11
C ASN F 570 32.63 21.94 -32.76
N GLU F 571 33.89 21.52 -32.68
CA GLU F 571 34.61 21.63 -31.42
C GLU F 571 35.05 23.08 -31.19
N ALA F 572 34.82 23.58 -29.98
CA ALA F 572 35.21 24.94 -29.65
C ALA F 572 35.34 25.11 -28.14
N SER F 573 36.14 26.06 -27.71
CA SER F 573 36.30 26.30 -26.28
C SER F 573 35.13 27.17 -25.90
N ILE F 574 34.85 27.27 -24.61
CA ILE F 574 33.73 28.10 -24.17
C ILE F 574 34.05 29.54 -24.49
N GLU F 575 35.34 29.87 -24.45
CA GLU F 575 35.81 31.22 -24.77
C GLU F 575 35.46 31.57 -26.23
N GLU F 576 35.69 30.63 -27.13
CA GLU F 576 35.37 30.82 -28.55
C GLU F 576 33.85 30.89 -28.74
N LEU F 577 33.12 30.14 -27.92
CA LEU F 577 31.67 30.13 -27.96
C LEU F 577 31.21 31.53 -27.62
N GLY F 578 31.78 32.08 -26.56
CA GLY F 578 31.41 33.42 -26.16
C GLY F 578 31.74 34.48 -27.20
N GLU F 579 32.84 34.30 -27.91
CA GLU F 579 33.22 35.28 -28.91
C GLU F 579 32.29 35.22 -30.10
N MET F 580 32.00 34.00 -30.56
CA MET F 580 31.11 33.81 -31.70
C MET F 580 29.74 34.37 -31.37
N LEU F 581 29.29 34.13 -30.15
CA LEU F 581 28.00 34.64 -29.73
C LEU F 581 28.03 36.17 -29.78
N LEU F 582 29.01 36.78 -29.10
CA LEU F 582 29.14 38.23 -29.06
C LEU F 582 29.13 38.83 -30.46
N ALA F 583 29.91 38.25 -31.37
CA ALA F 583 29.98 38.73 -32.74
C ALA F 583 28.59 38.84 -33.37
N SER F 584 27.80 37.77 -33.25
CA SER F 584 26.46 37.73 -33.79
C SER F 584 25.62 38.78 -33.11
N PHE F 585 25.68 38.82 -31.78
CA PHE F 585 24.92 39.76 -30.99
C PHE F 585 25.13 41.20 -31.44
N GLU F 586 26.36 41.56 -31.75
CA GLU F 586 26.65 42.91 -32.17
C GLU F 586 26.06 43.23 -33.56
N LYS F 587 25.85 42.20 -34.36
CA LYS F 587 25.28 42.39 -35.68
C LYS F 587 23.76 42.25 -35.68
N HIS F 588 23.19 41.79 -34.57
CA HIS F 588 21.76 41.57 -34.50
C HIS F 588 20.92 42.84 -34.52
N PRO F 589 19.80 42.80 -35.25
CA PRO F 589 18.86 43.91 -35.40
C PRO F 589 18.35 44.48 -34.07
N LEU F 590 18.13 43.61 -33.10
CA LEU F 590 17.60 44.04 -31.82
C LEU F 590 18.69 44.49 -30.83
N ARG F 591 19.95 44.44 -31.25
CA ARG F 591 21.07 44.83 -30.39
C ARG F 591 20.89 46.12 -29.58
N HIS F 592 20.51 47.21 -30.25
CA HIS F 592 20.33 48.50 -29.60
C HIS F 592 19.36 48.47 -28.40
N HIS F 593 18.59 47.39 -28.24
CA HIS F 593 17.65 47.30 -27.12
C HIS F 593 18.33 46.92 -25.80
N PHE F 594 19.46 46.24 -25.90
CA PHE F 594 20.16 45.78 -24.72
C PHE F 594 21.37 46.63 -24.39
N PRO F 595 21.77 46.66 -23.11
CA PRO F 595 22.91 47.45 -22.65
C PRO F 595 24.25 47.10 -23.32
N PRO F 596 25.27 47.96 -23.12
CA PRO F 596 26.59 47.71 -23.72
C PRO F 596 27.30 46.49 -23.10
N PHE F 597 28.16 45.84 -23.89
CA PHE F 597 28.85 44.64 -23.42
C PHE F 597 29.72 44.90 -22.21
N ALA F 598 29.51 44.11 -21.15
CA ALA F 598 30.25 44.25 -19.90
C ALA F 598 31.55 43.44 -19.93
N GLY F 599 31.85 42.84 -21.08
CA GLY F 599 33.08 42.07 -21.24
C GLY F 599 33.17 40.67 -20.68
N PHE F 600 34.24 39.98 -21.08
CA PHE F 600 34.51 38.62 -20.65
C PHE F 600 35.34 38.68 -19.38
N ARG F 601 35.09 37.78 -18.44
CA ARG F 601 35.84 37.76 -17.18
C ARG F 601 36.05 36.34 -16.70
N VAL F 602 37.31 36.02 -16.41
CA VAL F 602 37.65 34.69 -15.91
C VAL F 602 37.18 34.61 -14.47
N VAL F 603 36.55 33.49 -14.13
CA VAL F 603 36.02 33.27 -12.79
C VAL F 603 36.36 31.87 -12.27
N GLU F 604 36.53 31.72 -10.95
CA GLU F 604 36.81 30.42 -10.36
C GLU F 604 35.51 29.64 -10.44
N SER F 605 35.57 28.40 -10.85
CA SER F 605 34.36 27.60 -10.96
C SER F 605 33.58 27.59 -9.63
N SER F 606 34.30 27.51 -8.52
CA SER F 606 33.67 27.49 -7.19
C SER F 606 32.74 28.66 -6.95
N SER F 607 33.03 29.80 -7.56
CA SER F 607 32.21 30.99 -7.36
C SER F 607 30.95 30.98 -8.19
N TYR F 608 30.81 30.00 -9.06
CA TYR F 608 29.61 29.91 -9.89
C TYR F 608 28.84 28.65 -9.58
N TYR F 609 29.55 27.53 -9.49
CA TYR F 609 28.96 26.24 -9.21
C TYR F 609 29.00 25.83 -7.73
N GLY F 610 29.78 26.55 -6.94
CA GLY F 610 29.91 26.21 -5.54
C GLY F 610 30.98 25.15 -5.33
N LYS F 611 31.25 24.81 -4.09
CA LYS F 611 32.26 23.80 -3.79
C LYS F 611 31.83 22.46 -4.38
N GLY F 612 32.80 21.67 -4.83
CA GLY F 612 32.48 20.36 -5.36
C GLY F 612 32.28 20.25 -6.84
N TYR F 613 32.62 21.31 -7.56
CA TYR F 613 32.50 21.30 -9.00
C TYR F 613 33.83 20.86 -9.59
N GLN F 614 33.77 20.19 -10.72
CA GLN F 614 34.96 19.74 -11.41
C GLN F 614 34.47 19.64 -12.83
N ASP F 615 35.34 19.78 -13.82
CA ASP F 615 34.82 19.71 -15.18
C ASP F 615 35.52 18.80 -16.16
N VAL F 616 35.04 18.88 -17.39
CA VAL F 616 35.55 18.10 -18.49
C VAL F 616 36.34 19.07 -19.36
N GLU F 617 37.62 18.78 -19.58
CA GLU F 617 38.47 19.65 -20.37
C GLU F 617 38.20 19.52 -21.88
N HIS F 618 37.75 18.36 -22.32
CA HIS F 618 37.45 18.17 -23.75
C HIS F 618 36.43 17.05 -23.94
N ARG F 619 35.60 17.21 -24.96
CA ARG F 619 34.56 16.24 -25.24
C ARG F 619 34.27 16.20 -26.74
N LYS F 620 34.60 15.08 -27.36
CA LYS F 620 34.38 14.90 -28.79
C LYS F 620 33.83 13.50 -28.93
N PRO F 621 32.78 13.34 -29.72
CA PRO F 621 32.23 11.99 -29.85
C PRO F 621 32.70 11.18 -31.04
N SER F 622 32.60 9.87 -30.90
CA SER F 622 32.87 8.97 -32.00
C SER F 622 31.45 8.88 -32.58
N ILE F 623 31.30 9.04 -33.87
CA ILE F 623 29.97 8.92 -34.41
C ILE F 623 29.87 7.76 -35.39
N ARG F 624 30.75 6.77 -35.19
CA ARG F 624 30.76 5.57 -36.03
C ARG F 624 29.42 4.85 -35.89
N ASN F 625 29.06 4.47 -34.66
CA ASN F 625 27.79 3.77 -34.42
C ASN F 625 26.62 4.49 -35.09
N ALA F 626 26.60 5.80 -35.00
CA ALA F 626 25.52 6.57 -35.61
C ALA F 626 25.51 6.30 -37.10
N HIS F 627 26.70 6.40 -37.70
CA HIS F 627 26.84 6.17 -39.12
C HIS F 627 26.42 4.75 -39.47
N ARG F 628 26.91 3.79 -38.70
CA ARG F 628 26.60 2.40 -38.95
C ARG F 628 25.12 2.00 -38.81
N CYS F 629 24.47 2.44 -37.73
CA CYS F 629 23.08 2.07 -37.49
C CYS F 629 22.05 2.99 -38.12
N LEU F 630 22.42 4.24 -38.32
CA LEU F 630 21.48 5.22 -38.86
C LEU F 630 21.85 5.83 -40.22
N ASP F 631 23.10 5.66 -40.64
CA ASP F 631 23.58 6.26 -41.90
C ASP F 631 23.38 7.74 -41.71
N TRP F 632 23.74 8.21 -40.53
CA TRP F 632 23.58 9.61 -40.15
C TRP F 632 24.92 10.31 -40.07
N GLU F 633 24.87 11.61 -40.30
CA GLU F 633 26.06 12.43 -40.30
C GLU F 633 25.66 13.87 -40.03
N PRO F 634 26.20 14.49 -38.97
CA PRO F 634 25.84 15.88 -38.65
C PRO F 634 26.09 16.76 -39.86
N LYS F 635 25.32 17.83 -40.00
CA LYS F 635 25.51 18.70 -41.14
C LYS F 635 25.62 20.16 -40.81
N ILE F 636 24.71 20.69 -39.98
CA ILE F 636 24.74 22.10 -39.61
C ILE F 636 26.00 22.50 -38.85
N ASP F 637 26.60 23.60 -39.28
CA ASP F 637 27.79 24.12 -38.62
C ASP F 637 27.40 24.97 -37.42
N MET F 638 28.29 25.00 -36.44
CA MET F 638 28.11 25.73 -35.20
C MET F 638 27.60 27.17 -35.28
N GLN F 639 28.23 27.99 -36.11
CA GLN F 639 27.84 29.39 -36.25
C GLN F 639 26.34 29.55 -36.53
N GLU F 640 25.82 28.65 -37.35
CA GLU F 640 24.42 28.71 -37.71
C GLU F 640 23.56 28.46 -36.48
N THR F 641 23.98 27.50 -35.66
CA THR F 641 23.25 27.16 -34.45
C THR F 641 23.29 28.34 -33.50
N ILE F 642 24.43 29.01 -33.43
CA ILE F 642 24.58 30.19 -32.56
C ILE F 642 23.54 31.23 -32.96
N ASP F 643 23.48 31.53 -34.25
CA ASP F 643 22.55 32.52 -34.79
C ASP F 643 21.10 32.21 -34.45
N GLU F 644 20.69 30.99 -34.75
CA GLU F 644 19.32 30.52 -34.45
C GLU F 644 19.02 30.72 -32.99
N THR F 645 19.85 30.14 -32.13
CA THR F 645 19.66 30.24 -30.70
C THR F 645 19.56 31.67 -30.21
N LEU F 646 20.50 32.51 -30.61
CA LEU F 646 20.50 33.90 -30.18
C LEU F 646 19.21 34.57 -30.58
N ASP F 647 18.84 34.43 -31.86
CA ASP F 647 17.63 35.08 -32.33
C ASP F 647 16.40 34.68 -31.54
N PHE F 648 16.23 33.37 -31.33
CA PHE F 648 15.09 32.90 -30.59
C PHE F 648 14.97 33.60 -29.25
N PHE F 649 16.01 33.48 -28.43
CA PHE F 649 16.00 34.09 -27.11
C PHE F 649 15.94 35.60 -27.06
N LEU F 650 16.53 36.29 -28.03
CA LEU F 650 16.45 37.74 -28.01
C LEU F 650 15.00 38.15 -28.25
N ARG F 651 14.29 37.40 -29.08
CA ARG F 651 12.89 37.72 -29.36
C ARG F 651 11.97 37.11 -28.31
N THR F 652 12.54 36.77 -27.18
CA THR F 652 11.81 36.19 -26.07
C THR F 652 11.67 37.29 -25.05
N VAL F 653 12.60 38.23 -25.14
CA VAL F 653 12.64 39.37 -24.22
C VAL F 653 11.54 40.37 -24.55
N ASP F 654 10.77 40.72 -23.53
CA ASP F 654 9.70 41.70 -23.70
C ASP F 654 10.35 43.08 -23.68
N LEU F 655 10.15 43.84 -24.74
CA LEU F 655 10.74 45.16 -24.82
C LEU F 655 9.74 46.31 -24.63
N THR F 656 9.55 46.71 -23.37
CA THR F 656 8.65 47.81 -22.95
C THR F 656 8.61 47.95 -21.43
#